data_1E6Y
#
_entry.id   1E6Y
#
_cell.length_a   113.678
_cell.length_b   153.099
_cell.length_c   153.288
_cell.angle_alpha   90.00
_cell.angle_beta   90.00
_cell.angle_gamma   90.00
#
_symmetry.space_group_name_H-M   'P 21 21 21'
#
loop_
_entity.id
_entity.type
_entity.pdbx_description
1 polymer 'METHYL-COENZYME M REDUCTASE SUBUNIT ALPHA'
2 polymer 'METHYL-COENZYME M REDUCTASE I BETA SUBUNIT'
3 polymer 'METHYL-COENZYME M REDUCTASE SUBUNIT GAMMA'
4 non-polymer 'FACTOR 430'
5 non-polymer 'Coenzyme B'
6 non-polymer '1-THIOETHANESULFONIC ACID'
7 non-polymer GLYCEROL
8 water water
#
loop_
_entity_poly.entity_id
_entity_poly.type
_entity_poly.pdbx_seq_one_letter_code
_entity_poly.pdbx_strand_id
1 'polypeptide(L)'
;AADIFSKFKKDMEVKFAQEFGSNKQTGGDITDKTAKFLRLGPEQDPRKVEMIKAGKEIAEKRGIAFYNPMMHSGAPLGQR
AITPYTISGTDIVCEPDDLHYVNNAAMQQMWDDIRRTCIVGLDMAHETLEKRLGKEVTPETINHYLEVLNHAMPGAAVVQ
EMMVETHPALVDDCYVKVFTGDDALADEIDKQFLIDINKEFSEEQAAQIKASIGKTSWQAIHIPTIVSRTTDGAQTSRWA
AMQIGMSFISAYAMCAGEAAVADLSFAAK(MHS)AALVSMGEMLPAR(AGM)ARGPNEPGGLSFGHLSDIVQTSRVSEDP
AKIALEVVGAGCMLYDQIWLGSYMSGGVGFTQYATAAYTDDILDNNTYYDVDYINDKYNGAATVGKDNKVKASLEVVKDI
ATESTLYGIETYEKFPTALEDHFGGSQRATVLAAAAGVACSLATGNANAGLSGWYLSMYLHKEAWGRLGFF(GL3)FDLQ
DQ(SMC)GATNVLSYQGDEGLPDELRGPNYPNYAMNVGHQGGYAGIAQAAHSGRGDAFTVNPLLKVCFADDLLPFNFAEP
RREFGRGAIREFVPAGERSLVIPAK
;
A,D
2 'polypeptide(L)'
;SDTVDIYDDRGKLLESNVDIMSLAPTRNAAIQSIIMDTKRSVAVNLAGIQGALASGKMGGKGRQILGRGLNYDIVGNADA
IAENVKKLVQVDEGDDTNVIKVKGGKSLLIQSPKSRIIAGADFMSATTVGAAAVTQTIMDMFGTDPYDAPIVKSAVWGSY
PQTMDLMGGQVQGILSIPQNNEGLGFSLRNIMANHVAAISNRNAMNASALSSIYEQSGIFEMGGAVGMFERHQLLGLAYQ
GLNANNLLYDIVKENGKDGTIGTVIESVVRRAIEAGIISVDKTAPSGYNFYKANDVPKWNACAAVGTLAATLVNCGAGRA
AQNVSSTLLYFNDILEKETGLPGCDYGKVEGTAVGFSFFSHSIYGGGGPGVFNGNHVVTRHSRGFAIPCVCAAVALDAGT
QMFSIESTSGLIGDVFGAIPEFREPIKAVAGVL
;
B,E
3 'polypeptide(L)'
;AYERQYYPGATSVAANRRKHMSGKLEKLREISDEDLTAVLGHRAPGSDYPSTHPPLAEMGEPA(OCS)STRENVAATPGA
AAGDRVRYIQFADSMYNAPATPYFRSYFAAINFRGVDPGTLSGRQIVEARERDMEQCAKVQMETEITDHALAGVRGATVH
GHSVRLQEDGVMFDMLDRRRLENGTIIMDKDQVAIPLDRKVDLGKPMSSEEAAKRTTIYRVDNVAFRDDAEVVEWVHRIF
DQRTKFGFQPK
;
C,F
#
loop_
_chem_comp.id
_chem_comp.type
_chem_comp.name
_chem_comp.formula
COM non-polymer '1-THIOETHANESULFONIC ACID' 'C2 H6 O3 S2'
F43 non-polymer 'FACTOR 430' 'C42 H51 N6 Ni O13 1'
GOL non-polymer GLYCEROL 'C3 H8 O3'
TP7 non-polymer 'Coenzyme B' 'C11 H22 N O7 P S'
#
# COMPACT_ATOMS: atom_id res chain seq x y z
N ALA A 1 -21.13 35.23 19.43
CA ALA A 1 -20.49 36.46 19.96
C ALA A 1 -20.53 37.60 18.94
N ALA A 2 -20.66 38.82 19.46
CA ALA A 2 -20.96 39.99 18.65
C ALA A 2 -19.88 40.36 17.63
N ASP A 3 -18.62 40.29 18.05
CA ASP A 3 -17.49 40.67 17.21
C ASP A 3 -17.42 39.79 15.96
N ILE A 4 -17.64 38.49 16.12
CA ILE A 4 -17.57 37.54 15.01
C ILE A 4 -18.76 37.70 14.07
N PHE A 5 -19.93 38.01 14.64
CA PHE A 5 -21.13 38.27 13.84
C PHE A 5 -20.93 39.49 12.93
N SER A 6 -20.29 40.53 13.47
CA SER A 6 -19.98 41.73 12.70
C SER A 6 -18.99 41.43 11.58
N LYS A 7 -18.03 40.55 11.87
CA LYS A 7 -17.05 40.12 10.89
C LYS A 7 -17.71 39.33 9.75
N PHE A 8 -18.63 38.46 10.13
CA PHE A 8 -19.40 37.68 9.15
C PHE A 8 -20.18 38.58 8.20
N LYS A 9 -20.84 39.61 8.74
CA LYS A 9 -21.62 40.54 7.93
C LYS A 9 -20.74 41.38 7.00
N LYS A 10 -19.58 41.77 7.50
CA LYS A 10 -18.59 42.49 6.70
C LYS A 10 -18.11 41.63 5.53
N ASP A 11 -17.94 40.33 5.79
CA ASP A 11 -17.55 39.40 4.75
C ASP A 11 -18.60 39.31 3.65
N MET A 12 -19.86 39.26 4.06
CA MET A 12 -20.97 39.21 3.11
C MET A 12 -21.05 40.49 2.28
N GLU A 13 -20.77 41.63 2.91
CA GLU A 13 -20.72 42.91 2.21
C GLU A 13 -19.60 42.93 1.17
N VAL A 14 -18.40 42.52 1.58
CA VAL A 14 -17.25 42.48 0.68
C VAL A 14 -17.49 41.51 -0.48
N LYS A 15 -18.11 40.37 -0.18
CA LYS A 15 -18.30 39.31 -1.17
C LYS A 15 -19.39 39.66 -2.19
N PHE A 16 -20.48 40.27 -1.72
CA PHE A 16 -21.69 40.39 -2.53
C PHE A 16 -22.12 41.81 -2.86
N ALA A 17 -21.70 42.79 -2.06
CA ALA A 17 -22.23 44.15 -2.17
C ALA A 17 -21.20 45.19 -2.60
N GLN A 18 -19.98 44.75 -2.90
CA GLN A 18 -19.01 45.61 -3.58
C GLN A 18 -18.29 44.81 -4.66
N GLU A 19 -17.98 45.48 -5.76
CA GLU A 19 -17.51 44.81 -6.96
C GLU A 19 -16.19 44.06 -6.76
N PHE A 20 -16.12 42.88 -7.35
CA PHE A 20 -14.86 42.13 -7.40
C PHE A 20 -14.47 41.93 -8.84
N GLY A 21 -13.31 42.47 -9.22
CA GLY A 21 -12.92 42.50 -10.62
C GLY A 21 -13.88 43.36 -11.41
N SER A 22 -14.60 42.74 -12.35
CA SER A 22 -15.59 43.45 -13.14
C SER A 22 -16.96 42.79 -13.04
N ASN A 23 -17.28 42.23 -11.87
CA ASN A 23 -18.54 41.51 -11.71
C ASN A 23 -19.74 42.41 -11.49
N LYS A 24 -19.48 43.72 -11.39
CA LYS A 24 -20.52 44.74 -11.30
C LYS A 24 -21.49 44.57 -10.13
N GLN A 25 -21.04 43.84 -9.10
CA GLN A 25 -21.82 43.72 -7.88
C GLN A 25 -21.54 44.93 -7.00
N THR A 26 -22.02 46.09 -7.45
CA THR A 26 -21.60 47.38 -6.93
C THR A 26 -22.41 47.85 -5.72
N GLY A 27 -23.43 47.09 -5.35
CA GLY A 27 -24.26 47.45 -4.21
C GLY A 27 -25.13 46.31 -3.73
N GLY A 28 -25.99 46.58 -2.77
CA GLY A 28 -26.96 45.59 -2.33
C GLY A 28 -27.06 45.42 -0.82
N ASP A 29 -28.19 44.90 -0.38
CA ASP A 29 -28.42 44.56 1.03
C ASP A 29 -28.14 43.07 1.21
N ILE A 30 -27.34 42.73 2.21
CA ILE A 30 -26.92 41.34 2.42
C ILE A 30 -28.02 40.45 3.01
N THR A 31 -29.16 41.05 3.33
CA THR A 31 -30.32 40.30 3.79
C THR A 31 -31.39 40.16 2.69
N ASP A 32 -31.13 40.75 1.52
CA ASP A 32 -32.06 40.66 0.40
C ASP A 32 -32.13 39.25 -0.18
N LYS A 33 -33.35 38.79 -0.44
CA LYS A 33 -33.59 37.46 -0.97
C LYS A 33 -33.43 37.39 -2.49
N THR A 34 -33.42 38.54 -3.14
CA THR A 34 -33.33 38.60 -4.59
C THR A 34 -32.05 39.26 -5.08
N ALA A 35 -31.71 39.01 -6.33
CA ALA A 35 -30.52 39.58 -6.95
C ALA A 35 -30.69 39.65 -8.46
N LYS A 36 -29.85 40.43 -9.11
CA LYS A 36 -29.79 40.46 -10.58
C LYS A 36 -28.56 39.71 -11.05
N PHE A 37 -28.77 38.83 -12.02
CA PHE A 37 -27.69 38.00 -12.56
C PHE A 37 -27.34 38.50 -13.95
N LEU A 38 -26.08 38.86 -14.13
CA LEU A 38 -25.67 39.68 -15.27
C LEU A 38 -25.14 38.89 -16.46
N ARG A 39 -24.95 37.58 -16.30
CA ARG A 39 -24.51 36.75 -17.43
C ARG A 39 -23.27 37.29 -18.13
N LEU A 40 -22.28 37.68 -17.33
CA LEU A 40 -21.05 38.29 -17.84
C LEU A 40 -20.04 37.24 -18.31
N GLY A 41 -20.15 36.02 -17.79
CA GLY A 41 -19.18 35.00 -18.10
C GLY A 41 -17.89 35.15 -17.31
N PRO A 42 -16.83 34.40 -17.66
CA PRO A 42 -15.61 34.33 -16.85
C PRO A 42 -14.78 35.62 -16.87
N GLU A 43 -15.00 36.45 -17.90
CA GLU A 43 -14.22 37.68 -18.08
C GLU A 43 -14.45 38.72 -16.98
N GLN A 44 -15.49 38.52 -16.18
CA GLN A 44 -15.75 39.40 -15.03
C GLN A 44 -14.69 39.25 -13.95
N ASP A 45 -13.97 38.12 -13.99
CA ASP A 45 -12.95 37.81 -12.98
C ASP A 45 -11.55 37.93 -13.59
N PRO A 46 -10.71 38.81 -13.01
CA PRO A 46 -9.37 39.02 -13.55
C PRO A 46 -8.47 37.78 -13.55
N ARG A 47 -8.60 36.91 -12.54
CA ARG A 47 -7.84 35.65 -12.55
C ARG A 47 -8.30 34.74 -13.66
N LYS A 48 -9.61 34.66 -13.87
CA LYS A 48 -10.14 33.86 -14.98
C LYS A 48 -9.66 34.37 -16.34
N VAL A 49 -9.61 35.69 -16.51
CA VAL A 49 -9.10 36.29 -17.74
C VAL A 49 -7.65 35.90 -17.98
N GLU A 50 -6.84 35.96 -16.92
CA GLU A 50 -5.45 35.52 -16.95
C GLU A 50 -5.32 34.06 -17.38
N MET A 51 -6.20 33.22 -16.83
CA MET A 51 -6.21 31.78 -17.14
C MET A 51 -6.60 31.50 -18.58
N ILE A 52 -7.63 32.19 -19.06
CA ILE A 52 -8.08 32.08 -20.45
C ILE A 52 -6.95 32.42 -21.41
N LYS A 53 -6.25 33.51 -21.13
CA LYS A 53 -5.14 33.97 -21.98
C LYS A 53 -4.02 32.94 -22.01
N ALA A 54 -3.64 32.44 -20.84
CA ALA A 54 -2.62 31.40 -20.73
C ALA A 54 -3.03 30.13 -21.46
N GLY A 55 -4.29 29.73 -21.27
CA GLY A 55 -4.80 28.54 -21.92
C GLY A 55 -4.73 28.60 -23.43
N LYS A 56 -5.13 29.74 -23.99
CA LYS A 56 -5.11 29.99 -25.43
C LYS A 56 -3.68 29.94 -25.99
N GLU A 57 -2.79 30.69 -25.35
CA GLU A 57 -1.40 30.76 -25.80
C GLU A 57 -0.68 29.42 -25.73
N ILE A 58 -0.92 28.68 -24.64
CA ILE A 58 -0.28 27.38 -24.46
C ILE A 58 -0.80 26.35 -25.45
N ALA A 59 -2.12 26.39 -25.72
CA ALA A 59 -2.72 25.50 -26.70
C ALA A 59 -2.11 25.74 -28.09
N GLU A 60 -1.98 27.01 -28.45
CA GLU A 60 -1.35 27.43 -29.71
C GLU A 60 0.10 26.96 -29.78
N LYS A 61 0.82 27.14 -28.68
CA LYS A 61 2.23 26.81 -28.63
C LYS A 61 2.49 25.31 -28.72
N ARG A 62 1.72 24.53 -27.96
CA ARG A 62 2.06 23.10 -27.79
C ARG A 62 1.40 22.25 -28.86
N GLY A 63 0.37 22.79 -29.49
CA GLY A 63 -0.23 22.12 -30.64
C GLY A 63 -1.28 21.09 -30.32
N ILE A 64 -1.84 21.15 -29.11
CA ILE A 64 -3.00 20.34 -28.76
C ILE A 64 -3.89 21.12 -27.79
N ALA A 65 -5.20 20.95 -27.95
CA ALA A 65 -6.20 21.72 -27.21
C ALA A 65 -5.96 21.72 -25.71
N PHE A 66 -6.35 22.81 -25.07
CA PHE A 66 -6.04 23.05 -23.65
C PHE A 66 -7.22 23.76 -22.99
N TYR A 67 -6.93 24.52 -21.94
CA TYR A 67 -7.96 25.28 -21.22
C TYR A 67 -8.72 26.20 -22.17
N ASN A 68 -10.05 26.09 -22.14
CA ASN A 68 -10.93 26.85 -23.03
C ASN A 68 -12.33 26.85 -22.41
N PRO A 69 -12.71 27.95 -21.74
CA PRO A 69 -13.98 28.03 -21.01
C PRO A 69 -15.22 27.76 -21.88
N MET A 70 -15.07 27.91 -23.19
CA MET A 70 -16.18 27.65 -24.11
C MET A 70 -16.47 26.16 -24.30
N MET A 71 -15.62 25.30 -23.74
CA MET A 71 -15.86 23.85 -23.77
C MET A 71 -16.85 23.41 -22.69
N HIS A 72 -17.14 24.31 -21.76
CA HIS A 72 -18.16 24.08 -20.72
C HIS A 72 -19.53 23.92 -21.39
N SER A 73 -20.29 22.94 -20.93
CA SER A 73 -21.65 22.71 -21.45
C SER A 73 -22.51 23.97 -21.34
N GLY A 74 -23.21 24.28 -22.43
CA GLY A 74 -24.23 25.31 -22.40
C GLY A 74 -23.73 26.74 -22.40
N ALA A 75 -22.87 27.06 -21.42
CA ALA A 75 -22.35 28.41 -21.24
C ALA A 75 -21.09 28.35 -20.39
N PRO A 76 -20.22 29.36 -20.51
CA PRO A 76 -19.02 29.41 -19.67
C PRO A 76 -19.32 29.85 -18.23
N LEU A 77 -18.40 29.52 -17.33
CA LEU A 77 -18.52 29.85 -15.91
C LEU A 77 -18.82 31.32 -15.68
N GLY A 78 -19.69 31.60 -14.70
CA GLY A 78 -19.94 32.96 -14.30
C GLY A 78 -21.12 33.62 -14.98
N GLN A 79 -22.24 32.91 -15.07
CA GLN A 79 -23.48 33.50 -15.55
C GLN A 79 -24.20 34.24 -14.42
N ARG A 80 -23.96 33.82 -13.17
CA ARG A 80 -24.18 34.70 -12.03
C ARG A 80 -22.85 35.35 -11.64
N ALA A 81 -22.75 35.94 -10.46
CA ALA A 81 -21.55 36.67 -10.09
C ALA A 81 -20.47 35.75 -9.54
N ILE A 82 -19.24 35.91 -10.05
CA ILE A 82 -18.07 35.33 -9.43
C ILE A 82 -17.57 36.26 -8.33
N THR A 83 -17.62 35.79 -7.09
CA THR A 83 -17.34 36.63 -5.93
C THR A 83 -16.24 36.03 -5.06
N PRO A 84 -15.53 36.87 -4.28
CA PRO A 84 -14.32 36.43 -3.58
C PRO A 84 -14.63 35.71 -2.27
N TYR A 85 -13.59 35.18 -1.65
CA TYR A 85 -13.70 34.63 -0.30
C TYR A 85 -12.72 35.34 0.62
N THR A 86 -13.18 35.65 1.83
CA THR A 86 -12.30 36.19 2.86
C THR A 86 -11.89 35.07 3.79
N ILE A 87 -10.58 34.90 3.99
CA ILE A 87 -10.10 33.90 4.94
C ILE A 87 -10.61 34.28 6.33
N SER A 88 -11.28 33.34 6.99
CA SER A 88 -11.88 33.60 8.29
C SER A 88 -10.85 34.06 9.31
N GLY A 89 -11.25 35.04 10.11
CA GLY A 89 -10.37 35.60 11.11
C GLY A 89 -9.36 36.57 10.56
N THR A 90 -9.40 36.82 9.24
CA THR A 90 -8.46 37.73 8.58
C THR A 90 -9.21 38.70 7.68
N ASP A 91 -8.47 39.64 7.09
CA ASP A 91 -9.03 40.54 6.09
C ASP A 91 -8.48 40.22 4.70
N ILE A 92 -7.98 39.00 4.53
CA ILE A 92 -7.40 38.58 3.26
C ILE A 92 -8.51 38.14 2.30
N VAL A 93 -8.75 38.96 1.28
CA VAL A 93 -9.77 38.69 0.28
C VAL A 93 -9.16 37.98 -0.92
N CYS A 94 -9.69 36.80 -1.24
CA CYS A 94 -9.07 35.89 -2.20
C CYS A 94 -9.86 35.72 -3.49
N GLU A 95 -9.14 35.70 -4.60
CA GLU A 95 -9.62 35.10 -5.84
C GLU A 95 -9.99 33.64 -5.55
N PRO A 96 -11.20 33.22 -5.93
CA PRO A 96 -11.64 31.84 -5.68
C PRO A 96 -10.65 30.79 -6.21
N ASP A 97 -10.14 31.01 -7.42
CA ASP A 97 -9.21 30.08 -8.05
C ASP A 97 -7.89 29.96 -7.31
N ASP A 98 -7.53 31.02 -6.58
CA ASP A 98 -6.27 31.05 -5.84
C ASP A 98 -6.29 30.18 -4.58
N LEU A 99 -7.45 29.58 -4.30
CA LEU A 99 -7.59 28.68 -3.16
C LEU A 99 -7.63 27.21 -3.57
N HIS A 100 -7.54 26.95 -4.88
CA HIS A 100 -7.31 25.58 -5.34
C HIS A 100 -5.88 25.21 -4.96
N TYR A 101 -5.70 24.01 -4.41
CA TYR A 101 -4.40 23.61 -3.88
C TYR A 101 -3.29 23.66 -4.93
N VAL A 102 -3.64 23.36 -6.18
CA VAL A 102 -2.68 23.38 -7.28
C VAL A 102 -2.10 24.78 -7.49
N ASN A 103 -2.93 25.79 -7.21
CA ASN A 103 -2.57 27.18 -7.45
C ASN A 103 -2.02 27.86 -6.19
N ASN A 104 -1.88 27.09 -5.13
CA ASN A 104 -1.57 27.66 -3.82
C ASN A 104 -0.39 26.92 -3.19
N ALA A 105 0.76 27.60 -3.15
CA ALA A 105 2.00 27.01 -2.66
C ALA A 105 1.96 26.78 -1.15
N ALA A 106 1.18 27.60 -0.43
CA ALA A 106 1.02 27.43 1.02
C ALA A 106 0.35 26.11 1.34
N MET A 107 -0.69 25.79 0.58
CA MET A 107 -1.42 24.53 0.75
C MET A 107 -0.54 23.34 0.42
N GLN A 108 0.21 23.42 -0.68
CA GLN A 108 1.10 22.34 -1.05
C GLN A 108 2.22 22.16 -0.04
N GLN A 109 2.74 23.27 0.48
CA GLN A 109 3.83 23.19 1.45
C GLN A 109 3.39 22.68 2.82
N MET A 110 2.14 22.93 3.20
CA MET A 110 1.63 22.38 4.45
C MET A 110 1.64 20.87 4.40
N TRP A 111 1.20 20.32 3.27
CA TRP A 111 1.22 18.87 3.10
C TRP A 111 2.64 18.34 3.04
N ASP A 112 3.52 19.02 2.29
CA ASP A 112 4.91 18.59 2.22
C ASP A 112 5.59 18.59 3.59
N ASP A 113 5.30 19.60 4.40
CA ASP A 113 5.88 19.69 5.75
C ASP A 113 5.42 18.56 6.66
N ILE A 114 4.20 18.06 6.44
CA ILE A 114 3.71 16.91 7.18
C ILE A 114 4.27 15.62 6.59
N ARG A 115 4.18 15.49 5.26
CA ARG A 115 4.64 14.30 4.56
C ARG A 115 6.12 14.02 4.80
N ARG A 116 6.95 15.06 4.78
CA ARG A 116 8.40 14.89 4.92
C ARG A 116 8.90 14.81 6.34
N THR A 117 7.98 14.64 7.29
CA THR A 117 8.34 14.66 8.70
C THR A 117 8.09 13.33 9.42
N CYS A 118 9.06 12.89 10.22
CA CYS A 118 8.84 11.80 11.16
C CYS A 118 9.64 12.03 12.43
N ILE A 119 9.33 11.25 13.46
CA ILE A 119 9.95 11.40 14.78
C ILE A 119 10.61 10.09 15.17
N VAL A 120 11.87 10.17 15.58
CA VAL A 120 12.65 8.98 15.91
C VAL A 120 13.31 9.11 17.29
N GLY A 121 13.05 8.15 18.15
CA GLY A 121 13.62 8.15 19.48
C GLY A 121 15.14 7.98 19.49
N LEU A 122 15.78 8.56 20.49
CA LEU A 122 17.24 8.49 20.62
C LEU A 122 17.66 7.47 21.65
N ASP A 123 16.80 7.22 22.63
CA ASP A 123 17.15 6.39 23.79
C ASP A 123 17.56 4.96 23.43
N MET A 124 16.80 4.34 22.53
CA MET A 124 17.12 2.98 22.06
C MET A 124 18.46 2.93 21.38
N ALA A 125 18.72 3.91 20.52
CA ALA A 125 19.97 4.02 19.79
C ALA A 125 21.14 4.17 20.76
N HIS A 126 20.94 5.01 21.77
CA HIS A 126 21.97 5.23 22.78
C HIS A 126 22.21 4.00 23.64
N GLU A 127 21.13 3.30 23.99
CA GLU A 127 21.24 2.03 24.70
C GLU A 127 22.01 1.00 23.89
N THR A 128 21.82 1.02 22.58
CA THR A 128 22.52 0.11 21.67
C THR A 128 24.03 0.36 21.71
N LEU A 129 24.43 1.63 21.64
CA LEU A 129 25.84 2.00 21.73
C LEU A 129 26.45 1.57 23.05
N GLU A 130 25.70 1.79 24.14
CA GLU A 130 26.16 1.43 25.48
C GLU A 130 26.30 -0.07 25.63
N LYS A 131 25.25 -0.81 25.30
CA LYS A 131 25.29 -2.26 25.48
C LYS A 131 26.25 -2.95 24.52
N ARG A 132 26.14 -2.67 23.22
CA ARG A 132 26.88 -3.51 22.28
C ARG A 132 28.31 -3.03 22.12
N LEU A 133 28.55 -1.73 22.18
CA LEU A 133 29.91 -1.20 21.96
C LEU A 133 30.59 -0.72 23.23
N GLY A 134 29.81 -0.51 24.29
CA GLY A 134 30.36 0.01 25.53
C GLY A 134 30.67 1.49 25.44
N LYS A 135 29.99 2.17 24.52
CA LYS A 135 30.17 3.60 24.32
C LYS A 135 29.51 4.40 25.44
N GLU A 136 30.14 5.50 25.82
CA GLU A 136 29.53 6.43 26.77
C GLU A 136 28.86 7.56 26.02
N VAL A 137 27.56 7.70 26.20
CA VAL A 137 26.78 8.75 25.56
C VAL A 137 26.65 9.93 26.51
N THR A 138 27.11 11.10 26.07
CA THR A 138 27.08 12.32 26.86
C THR A 138 26.42 13.43 26.05
N PRO A 139 26.11 14.57 26.69
CA PRO A 139 25.71 15.77 25.95
C PRO A 139 26.69 16.16 24.85
N GLU A 140 27.99 15.96 25.11
CA GLU A 140 29.03 16.27 24.12
C GLU A 140 28.92 15.38 22.89
N THR A 141 28.75 14.08 23.10
CA THR A 141 28.67 13.14 21.97
C THR A 141 27.35 13.32 21.22
N ILE A 142 26.30 13.69 21.94
CA ILE A 142 25.00 13.94 21.33
C ILE A 142 25.04 15.19 20.45
N ASN A 143 25.66 16.27 20.95
CA ASN A 143 25.78 17.51 20.20
C ASN A 143 26.65 17.34 18.97
N HIS A 144 27.73 16.56 19.09
CA HIS A 144 28.56 16.25 17.94
C HIS A 144 27.77 15.42 16.93
N TYR A 145 27.03 14.43 17.43
CA TYR A 145 26.16 13.60 16.60
C TYR A 145 25.15 14.44 15.82
N LEU A 146 24.58 15.45 16.48
CA LEU A 146 23.55 16.29 15.87
C LEU A 146 24.10 17.20 14.78
N GLU A 147 25.35 17.65 14.93
CA GLU A 147 25.98 18.44 13.88
C GLU A 147 26.33 17.55 12.68
N VAL A 148 26.82 16.34 12.96
CA VAL A 148 27.07 15.36 11.91
C VAL A 148 25.75 15.03 11.19
N LEU A 149 24.70 14.85 11.98
CA LEU A 149 23.39 14.49 11.44
C LEU A 149 22.82 15.58 10.54
N ASN A 150 23.04 16.84 10.90
CA ASN A 150 22.50 17.95 10.12
C ASN A 150 23.34 18.26 8.88
N HIS A 151 24.52 17.64 8.81
CA HIS A 151 25.26 17.57 7.56
C HIS A 151 24.75 16.41 6.71
N ALA A 152 24.55 15.26 7.32
CA ALA A 152 24.21 14.04 6.60
C ALA A 152 22.77 14.01 6.09
N MET A 153 21.84 14.48 6.91
CA MET A 153 20.41 14.32 6.63
C MET A 153 19.94 14.89 5.29
N PRO A 154 20.42 16.07 4.88
CA PRO A 154 20.01 16.60 3.57
C PRO A 154 20.53 15.79 2.38
N GLY A 155 21.50 14.92 2.64
CA GLY A 155 22.00 14.03 1.60
C GLY A 155 23.49 14.21 1.34
N ALA A 156 24.28 14.24 2.41
CA ALA A 156 25.71 14.46 2.30
C ALA A 156 26.49 13.37 3.03
N ALA A 157 27.76 13.19 2.63
CA ALA A 157 28.55 12.03 3.03
C ALA A 157 29.37 12.27 4.29
N VAL A 158 29.53 11.21 5.09
CA VAL A 158 30.33 11.28 6.31
C VAL A 158 31.36 10.16 6.46
N VAL A 159 31.29 9.12 5.63
CA VAL A 159 32.17 7.97 5.77
C VAL A 159 32.99 7.62 4.52
N GLN A 160 32.32 7.41 3.40
CA GLN A 160 33.00 6.90 2.21
C GLN A 160 33.74 7.97 1.42
N GLU A 161 34.73 7.53 0.65
CA GLU A 161 35.41 8.39 -0.30
C GLU A 161 34.69 8.35 -1.64
N MET A 162 34.76 9.46 -2.37
CA MET A 162 34.21 9.56 -3.73
C MET A 162 32.68 9.49 -3.77
N MET A 163 32.05 10.23 -2.86
CA MET A 163 30.61 10.32 -2.81
C MET A 163 30.09 11.56 -3.53
N VAL A 164 28.99 11.41 -4.24
CA VAL A 164 28.23 12.57 -4.71
C VAL A 164 27.15 12.90 -3.69
N GLU A 165 26.70 14.15 -3.68
CA GLU A 165 25.82 14.63 -2.63
C GLU A 165 24.75 15.56 -3.21
N THR A 166 23.65 15.71 -2.50
CA THR A 166 22.60 16.65 -2.90
C THR A 166 23.14 18.07 -2.79
N HIS A 167 22.72 18.94 -3.70
CA HIS A 167 23.14 20.33 -3.65
C HIS A 167 22.43 21.04 -2.49
N PRO A 168 23.21 21.63 -1.57
CA PRO A 168 22.66 22.30 -0.39
C PRO A 168 21.58 23.32 -0.70
N ALA A 169 21.70 23.99 -1.84
CA ALA A 169 20.73 25.01 -2.26
C ALA A 169 19.36 24.40 -2.59
N LEU A 170 19.34 23.10 -2.90
CA LEU A 170 18.11 22.41 -3.27
C LEU A 170 17.41 21.78 -2.08
N VAL A 171 18.12 21.64 -0.96
CA VAL A 171 17.63 20.89 0.19
C VAL A 171 17.77 21.68 1.50
N ASP A 172 17.64 23.00 1.41
CA ASP A 172 17.88 23.87 2.56
C ASP A 172 16.79 23.82 3.63
N ASP A 173 15.67 23.18 3.29
CA ASP A 173 14.54 23.02 4.22
C ASP A 173 14.69 21.75 5.06
N CYS A 174 15.70 20.95 4.75
CA CYS A 174 15.95 19.71 5.48
C CYS A 174 16.80 19.97 6.72
N TYR A 175 16.33 19.49 7.86
CA TYR A 175 17.09 19.56 9.10
C TYR A 175 16.54 18.60 10.16
N VAL A 176 17.30 18.42 11.23
CA VAL A 176 16.86 17.63 12.38
C VAL A 176 17.06 18.42 13.65
N LYS A 177 16.01 18.50 14.46
CA LYS A 177 16.12 19.03 15.81
C LYS A 177 15.77 17.94 16.82
N VAL A 178 16.08 18.18 18.09
CA VAL A 178 15.72 17.24 19.14
C VAL A 178 14.90 17.90 20.24
N PHE A 179 14.09 17.08 20.92
CA PHE A 179 13.44 17.50 22.14
C PHE A 179 13.48 16.35 23.15
N THR A 180 13.33 16.70 24.42
CA THR A 180 13.50 15.72 25.49
C THR A 180 12.70 16.11 26.72
N GLY A 181 12.08 15.12 27.36
CA GLY A 181 11.41 15.34 28.62
C GLY A 181 12.37 15.35 29.80
N ASP A 182 13.65 15.12 29.51
CA ASP A 182 14.72 15.22 30.49
C ASP A 182 15.26 16.65 30.49
N ASP A 183 14.85 17.44 31.49
CA ASP A 183 15.27 18.83 31.59
C ASP A 183 16.78 19.00 31.74
N ALA A 184 17.42 18.07 32.45
CA ALA A 184 18.86 18.09 32.64
C ALA A 184 19.62 17.96 31.32
N LEU A 185 19.12 17.09 30.43
CA LEU A 185 19.72 16.93 29.12
C LEU A 185 19.43 18.13 28.22
N ALA A 186 18.21 18.65 28.28
CA ALA A 186 17.81 19.80 27.48
C ALA A 186 18.70 21.01 27.75
N ASP A 187 19.13 21.16 29.01
CA ASP A 187 20.02 22.25 29.39
C ASP A 187 21.40 22.12 28.75
N GLU A 188 21.74 20.92 28.30
CA GLU A 188 23.07 20.64 27.77
C GLU A 188 23.11 20.56 26.25
N ILE A 189 21.95 20.54 25.62
CA ILE A 189 21.86 20.46 24.16
C ILE A 189 22.17 21.81 23.53
N ASP A 190 23.04 21.81 22.53
CA ASP A 190 23.31 23.01 21.74
C ASP A 190 21.98 23.57 21.23
N LYS A 191 21.70 24.82 21.59
CA LYS A 191 20.39 25.42 21.36
C LYS A 191 19.97 25.47 19.89
N GLN A 192 20.94 25.40 18.98
CA GLN A 192 20.62 25.39 17.56
C GLN A 192 19.86 24.11 17.15
N PHE A 193 19.97 23.07 17.96
CA PHE A 193 19.31 21.79 17.68
C PHE A 193 18.05 21.58 18.51
N LEU A 194 17.82 22.44 19.49
CA LEU A 194 16.82 22.16 20.52
C LEU A 194 15.45 22.75 20.22
N ILE A 195 14.42 21.92 20.32
CA ILE A 195 13.06 22.42 20.53
C ILE A 195 12.81 22.39 22.04
N ASP A 196 12.78 23.57 22.64
CA ASP A 196 12.67 23.71 24.09
C ASP A 196 11.21 23.66 24.52
N ILE A 197 10.84 22.56 25.19
CA ILE A 197 9.46 22.35 25.62
C ILE A 197 9.05 23.37 26.68
N ASN A 198 9.97 23.69 27.58
CA ASN A 198 9.72 24.66 28.64
C ASN A 198 9.58 26.08 28.10
N LYS A 199 10.25 26.35 26.99
CA LYS A 199 10.19 27.66 26.34
C LYS A 199 8.95 27.79 25.45
N GLU A 200 8.68 26.74 24.67
CA GLU A 200 7.65 26.82 23.64
C GLU A 200 6.22 26.65 24.18
N PHE A 201 6.07 26.05 25.35
CA PHE A 201 4.75 25.77 25.91
C PHE A 201 4.57 26.45 27.25
N SER A 202 3.31 26.73 27.61
CA SER A 202 2.96 27.23 28.93
C SER A 202 3.38 26.20 29.98
N GLU A 203 3.47 26.61 31.24
CA GLU A 203 3.95 25.72 32.29
C GLU A 203 3.05 24.49 32.47
N GLU A 204 1.74 24.69 32.37
CA GLU A 204 0.79 23.58 32.49
C GLU A 204 0.89 22.61 31.32
N GLN A 205 0.99 23.15 30.12
CA GLN A 205 1.06 22.32 28.92
C GLN A 205 2.41 21.59 28.82
N ALA A 206 3.48 22.27 29.20
CA ALA A 206 4.81 21.64 29.24
C ALA A 206 4.81 20.48 30.23
N ALA A 207 4.13 20.67 31.36
CA ALA A 207 4.05 19.63 32.38
C ALA A 207 3.32 18.39 31.86
N GLN A 208 2.24 18.60 31.12
CA GLN A 208 1.47 17.50 30.54
C GLN A 208 2.30 16.72 29.52
N ILE A 209 3.01 17.45 28.66
CA ILE A 209 3.87 16.85 27.66
C ILE A 209 4.98 16.03 28.30
N LYS A 210 5.66 16.60 29.29
CA LYS A 210 6.80 15.97 29.93
C LYS A 210 6.39 14.79 30.79
N ALA A 211 5.23 14.87 31.42
CA ALA A 211 4.67 13.76 32.18
C ALA A 211 4.27 12.62 31.24
N SER A 212 3.81 12.99 30.04
CA SER A 212 3.41 12.00 29.05
C SER A 212 4.60 11.22 28.51
N ILE A 213 5.64 11.92 28.08
CA ILE A 213 6.75 11.27 27.40
C ILE A 213 7.87 10.83 28.34
N GLY A 214 7.82 11.31 29.58
CA GLY A 214 8.84 10.95 30.55
C GLY A 214 10.19 11.52 30.20
N LYS A 215 11.25 10.91 30.72
CA LYS A 215 12.61 11.39 30.46
C LYS A 215 13.17 10.76 29.18
N THR A 216 12.42 10.90 28.09
CA THR A 216 12.83 10.33 26.80
C THR A 216 13.20 11.43 25.81
N SER A 217 14.07 11.10 24.86
CA SER A 217 14.58 12.06 23.91
C SER A 217 14.27 11.64 22.47
N TRP A 218 13.99 12.63 21.62
CA TRP A 218 13.42 12.38 20.30
C TRP A 218 14.00 13.30 19.24
N GLN A 219 14.10 12.79 18.01
CA GLN A 219 14.54 13.58 16.86
C GLN A 219 13.34 13.95 16.00
N ALA A 220 13.18 15.25 15.76
CA ALA A 220 12.19 15.74 14.80
C ALA A 220 12.87 15.93 13.45
N ILE A 221 12.62 14.98 12.54
CA ILE A 221 13.30 14.97 11.24
C ILE A 221 12.40 15.52 10.15
N HIS A 222 12.95 16.41 9.34
CA HIS A 222 12.26 16.95 8.19
C HIS A 222 13.15 16.78 6.97
N ILE A 223 12.80 15.82 6.13
CA ILE A 223 13.61 15.52 4.95
C ILE A 223 13.29 16.53 3.84
N PRO A 224 14.14 16.58 2.79
CA PRO A 224 13.96 17.61 1.75
C PRO A 224 12.61 17.54 1.05
N THR A 225 11.97 18.70 0.87
CA THR A 225 10.70 18.78 0.15
C THR A 225 10.85 18.26 -1.28
N ILE A 226 11.98 18.57 -1.92
CA ILE A 226 12.23 18.14 -3.29
C ILE A 226 12.25 16.62 -3.41
N VAL A 227 12.70 15.94 -2.35
CA VAL A 227 12.70 14.48 -2.29
C VAL A 227 11.28 13.96 -2.06
N SER A 228 10.58 14.58 -1.11
CA SER A 228 9.21 14.21 -0.79
C SER A 228 8.30 14.30 -2.02
N ARG A 229 8.49 15.36 -2.81
CA ARG A 229 7.78 15.55 -4.05
C ARG A 229 8.13 14.57 -5.15
N THR A 230 9.41 14.21 -5.24
CA THR A 230 9.83 13.21 -6.23
C THR A 230 9.31 11.81 -5.85
N THR A 231 9.23 11.53 -4.56
CA THR A 231 8.88 10.21 -4.08
C THR A 231 7.49 10.19 -3.43
N ASP A 232 7.42 9.78 -2.17
CA ASP A 232 6.13 9.68 -1.47
C ASP A 232 6.28 9.80 0.04
N GLY A 233 5.20 9.55 0.76
CA GLY A 233 5.24 9.62 2.21
C GLY A 233 6.07 8.52 2.85
N ALA A 234 6.02 7.32 2.28
CA ALA A 234 6.70 6.15 2.82
C ALA A 234 8.23 6.27 2.70
N GLN A 235 8.66 7.24 1.90
CA GLN A 235 10.07 7.61 1.78
C GLN A 235 10.63 8.15 3.11
N THR A 236 9.80 8.89 3.83
CA THR A 236 10.28 9.73 4.93
C THR A 236 11.03 8.98 6.03
N SER A 237 10.41 7.96 6.60
CA SER A 237 11.04 7.22 7.70
C SER A 237 12.29 6.48 7.24
N ARG A 238 12.31 6.07 5.98
CA ARG A 238 13.48 5.38 5.43
C ARG A 238 14.63 6.37 5.27
N TRP A 239 14.34 7.53 4.69
CA TRP A 239 15.35 8.58 4.51
C TRP A 239 15.97 8.97 5.86
N ALA A 240 15.11 9.25 6.83
CA ALA A 240 15.57 9.62 8.17
C ALA A 240 16.50 8.54 8.76
N ALA A 241 16.08 7.29 8.64
CA ALA A 241 16.82 6.18 9.22
C ALA A 241 18.21 6.00 8.60
N MET A 242 18.29 6.16 7.28
CA MET A 242 19.56 5.98 6.59
C MET A 242 20.62 6.94 7.12
N GLN A 243 20.24 8.20 7.28
CA GLN A 243 21.18 9.25 7.67
C GLN A 243 21.41 9.32 9.17
N ILE A 244 20.43 8.86 9.95
CA ILE A 244 20.63 8.63 11.38
C ILE A 244 21.69 7.52 11.57
N GLY A 245 21.57 6.46 10.79
CA GLY A 245 22.51 5.36 10.86
C GLY A 245 23.92 5.77 10.48
N MET A 246 24.04 6.54 9.40
CA MET A 246 25.34 7.03 8.95
C MET A 246 25.97 7.94 10.00
N SER A 247 25.14 8.78 10.62
CA SER A 247 25.64 9.74 11.60
C SER A 247 26.07 9.09 12.90
N PHE A 248 25.38 8.03 13.31
CA PHE A 248 25.81 7.23 14.46
C PHE A 248 27.13 6.51 14.19
N ILE A 249 27.25 5.96 12.98
CA ILE A 249 28.48 5.29 12.55
C ILE A 249 29.67 6.25 12.64
N SER A 250 29.50 7.43 12.05
CA SER A 250 30.56 8.43 11.99
C SER A 250 30.85 9.04 13.37
N ALA A 251 29.80 9.50 14.05
CA ALA A 251 29.96 10.26 15.29
C ALA A 251 30.53 9.43 16.43
N TYR A 252 30.26 8.13 16.41
CA TYR A 252 30.69 7.25 17.49
C TYR A 252 31.76 6.24 17.05
N ALA A 253 32.37 6.49 15.89
CA ALA A 253 33.49 5.70 15.40
C ALA A 253 33.22 4.19 15.41
N MET A 254 32.00 3.82 15.06
CA MET A 254 31.63 2.41 14.93
C MET A 254 32.35 1.83 13.72
N CYS A 255 32.31 0.51 13.56
CA CYS A 255 32.59 -0.06 12.26
C CYS A 255 31.52 0.45 11.33
N ALA A 256 31.92 0.94 10.16
CA ALA A 256 30.97 1.41 9.15
C ALA A 256 30.26 0.21 8.54
N GLY A 257 29.34 -0.36 9.32
CA GLY A 257 28.64 -1.57 8.89
C GLY A 257 28.98 -2.79 9.75
N GLU A 258 28.47 -2.80 10.98
CA GLU A 258 28.59 -3.97 11.85
C GLU A 258 27.20 -4.35 12.40
N ALA A 259 27.13 -5.48 13.09
CA ALA A 259 25.85 -6.01 13.57
C ALA A 259 25.07 -5.02 14.43
N ALA A 260 25.79 -4.23 15.22
CA ALA A 260 25.15 -3.25 16.10
C ALA A 260 24.44 -2.15 15.32
N VAL A 261 24.94 -1.86 14.12
CA VAL A 261 24.32 -0.88 13.24
C VAL A 261 22.89 -1.31 12.85
N ALA A 262 22.70 -2.60 12.69
CA ALA A 262 21.38 -3.16 12.34
C ALA A 262 20.33 -2.91 13.43
N ASP A 263 20.77 -2.88 14.68
CA ASP A 263 19.89 -2.54 15.79
C ASP A 263 19.48 -1.08 15.75
N LEU A 264 20.41 -0.20 15.36
CA LEU A 264 20.11 1.21 15.17
C LEU A 264 19.11 1.39 14.04
N SER A 265 19.24 0.56 13.00
CA SER A 265 18.32 0.58 11.87
C SER A 265 16.91 0.23 12.28
N PHE A 266 16.77 -0.90 12.98
CA PHE A 266 15.45 -1.36 13.44
C PHE A 266 14.83 -0.38 14.43
N ALA A 267 15.67 0.22 15.26
CA ALA A 267 15.22 1.26 16.19
C ALA A 267 14.69 2.48 15.43
N ALA A 268 15.39 2.88 14.38
CA ALA A 268 15.02 4.09 13.63
C ALA A 268 13.85 3.86 12.69
N LYS A 269 13.74 2.66 12.13
CA LYS A 269 12.75 2.36 11.12
C LYS A 269 11.45 1.80 11.69
N MHS A 270 11.52 1.28 12.91
CA MHS A 270 10.39 0.54 13.47
C MHS A 270 10.18 0.80 14.95
O MHS A 270 9.17 1.38 15.38
CB MHS A 270 10.57 -0.98 13.23
CG MHS A 270 10.63 -1.32 11.76
ND1 MHS A 270 9.58 -1.25 10.87
CD2 MHS A 270 11.74 -1.65 11.04
CE1 MHS A 270 10.05 -1.57 9.66
NE2 MHS A 270 11.34 -1.81 9.74
CM MHS A 270 8.08 -0.95 11.23
N ALA A 271 11.16 0.37 15.74
CA ALA A 271 10.97 0.27 17.20
C ALA A 271 10.80 1.62 17.90
N ALA A 272 11.48 2.64 17.40
CA ALA A 272 11.40 3.98 18.00
C ALA A 272 10.97 5.03 16.99
N LEU A 273 10.29 4.59 15.93
CA LEU A 273 9.74 5.49 14.92
C LEU A 273 8.31 5.88 15.26
N VAL A 274 8.00 7.16 15.10
CA VAL A 274 6.62 7.62 15.13
C VAL A 274 6.31 8.32 13.82
N SER A 275 5.47 7.68 13.00
CA SER A 275 5.04 8.23 11.72
C SER A 275 3.87 9.18 11.91
N MET A 276 3.66 10.06 10.94
CA MET A 276 2.48 10.93 10.93
C MET A 276 1.22 10.08 10.75
N GLY A 277 1.33 9.04 9.92
CA GLY A 277 0.21 8.16 9.70
C GLY A 277 0.66 6.80 9.20
N GLU A 278 -0.18 5.79 9.40
CA GLU A 278 0.17 4.42 9.03
C GLU A 278 -0.40 4.06 7.66
N MET A 279 -0.03 2.88 7.16
CA MET A 279 -0.41 2.45 5.82
C MET A 279 -1.91 2.22 5.65
N LEU A 280 -2.34 2.16 4.39
CA LEU A 280 -3.76 2.04 4.04
C LEU A 280 -4.00 0.76 3.26
N PRO A 281 -5.23 0.22 3.34
CA PRO A 281 -5.54 -1.09 2.74
C PRO A 281 -5.55 -1.06 1.20
N ALA A 282 -5.66 -2.24 0.61
CA ALA A 282 -5.36 -2.43 -0.81
C ALA A 282 -6.10 -1.50 -1.77
N ARG A 283 -7.41 -1.33 -1.57
CA ARG A 283 -8.20 -0.52 -2.50
C ARG A 283 -7.67 0.93 -2.54
N AGM A 284 -7.18 1.47 -1.43
CA AGM A 284 -6.58 2.79 -1.44
CB AGM A 284 -7.38 3.74 -0.52
CG AGM A 284 -7.77 3.16 0.84
CD AGM A 284 -8.88 3.95 1.54
CE2 AGM A 284 -8.42 5.37 1.89
NE1 AGM A 284 -9.33 3.25 2.75
CZ AGM A 284 -10.16 2.22 2.72
NH1 AGM A 284 -10.61 1.74 1.56
NH2 AGM A 284 -10.54 1.63 3.85
C AGM A 284 -5.12 2.69 -1.00
O AGM A 284 -4.63 3.51 -0.23
N ALA A 285 -4.43 1.71 -1.57
CA ALA A 285 -3.07 1.36 -1.14
C ALA A 285 -2.13 2.55 -1.14
N ARG A 286 -1.53 2.77 0.02
CA ARG A 286 -0.53 3.79 0.23
C ARG A 286 0.29 3.35 1.44
N GLY A 287 1.57 3.72 1.43
CA GLY A 287 2.43 3.51 2.58
C GLY A 287 2.21 4.55 3.65
N PRO A 288 3.04 4.55 4.71
CA PRO A 288 2.96 5.53 5.81
C PRO A 288 3.11 6.99 5.35
N ASN A 289 2.70 7.91 6.22
CA ASN A 289 2.86 9.35 5.99
C ASN A 289 2.12 9.88 4.76
N GLU A 290 0.94 9.31 4.49
CA GLU A 290 0.03 9.87 3.50
C GLU A 290 -1.22 10.37 4.22
N PRO A 291 -2.01 11.24 3.57
CA PRO A 291 -3.07 11.95 4.31
C PRO A 291 -4.10 11.01 4.91
N GLY A 292 -4.36 9.90 4.23
CA GLY A 292 -5.35 8.94 4.70
C GLY A 292 -4.98 8.27 6.02
N GLY A 293 -3.69 8.14 6.27
CA GLY A 293 -3.24 7.54 7.52
C GLY A 293 -3.16 8.52 8.67
N LEU A 294 -3.31 9.81 8.38
CA LEU A 294 -3.15 10.86 9.39
C LEU A 294 -4.39 10.95 10.28
N SER A 295 -4.28 10.44 11.51
CA SER A 295 -5.40 10.46 12.44
C SER A 295 -5.79 11.88 12.80
N PHE A 296 -7.05 12.06 13.18
CA PHE A 296 -7.57 13.37 13.53
C PHE A 296 -6.85 13.98 14.74
N GLY A 297 -6.46 13.14 15.68
CA GLY A 297 -5.66 13.59 16.80
C GLY A 297 -4.30 14.10 16.36
N HIS A 298 -3.68 13.38 15.43
CA HIS A 298 -2.36 13.76 14.94
C HIS A 298 -2.35 15.10 14.20
N LEU A 299 -3.38 15.37 13.41
CA LEU A 299 -3.49 16.68 12.75
C LEU A 299 -3.70 17.78 13.77
N SER A 300 -4.56 17.52 14.76
CA SER A 300 -4.79 18.46 15.85
C SER A 300 -3.50 18.83 16.57
N ASP A 301 -2.54 17.90 16.59
CA ASP A 301 -1.28 18.12 17.28
C ASP A 301 -0.20 18.73 16.40
N ILE A 302 -0.31 18.51 15.09
CA ILE A 302 0.56 19.18 14.12
C ILE A 302 0.24 20.68 14.08
N VAL A 303 -1.05 21.00 13.99
CA VAL A 303 -1.51 22.39 14.11
C VAL A 303 -1.09 22.93 15.47
N GLN A 304 -0.52 24.14 15.47
CA GLN A 304 0.14 24.70 16.66
C GLN A 304 -0.66 25.76 17.40
N THR A 305 -1.91 25.96 16.99
CA THR A 305 -2.74 27.00 17.57
C THR A 305 -3.01 26.77 19.07
N SER A 306 -3.04 25.51 19.48
CA SER A 306 -3.25 25.17 20.89
C SER A 306 -2.14 25.71 21.80
N ARG A 307 -0.96 25.90 21.22
CA ARG A 307 0.21 26.34 21.95
C ARG A 307 0.23 27.84 22.13
N VAL A 308 -0.36 28.58 21.18
CA VAL A 308 -0.21 30.03 21.14
C VAL A 308 -1.50 30.79 21.44
N SER A 309 -2.59 30.05 21.61
CA SER A 309 -3.89 30.66 21.89
C SER A 309 -4.50 30.07 23.15
N GLU A 310 -5.28 30.87 23.86
CA GLU A 310 -6.05 30.40 25.00
C GLU A 310 -7.54 30.36 24.69
N ASP A 311 -7.87 30.64 23.42
CA ASP A 311 -9.24 30.60 22.93
C ASP A 311 -9.52 29.21 22.38
N PRO A 312 -10.32 28.40 23.11
CA PRO A 312 -10.55 27.00 22.74
C PRO A 312 -11.29 26.84 21.42
N ALA A 313 -12.14 27.81 21.10
CA ALA A 313 -12.88 27.81 19.84
C ALA A 313 -11.94 28.12 18.66
N LYS A 314 -11.11 29.15 18.84
CA LYS A 314 -10.10 29.53 17.84
C LYS A 314 -9.17 28.35 17.52
N ILE A 315 -8.74 27.64 18.56
CA ILE A 315 -7.85 26.49 18.39
C ILE A 315 -8.54 25.40 17.57
N ALA A 316 -9.77 25.10 17.92
CA ALA A 316 -10.56 24.10 17.18
C ALA A 316 -10.79 24.53 15.73
N LEU A 317 -11.06 25.81 15.54
CA LEU A 317 -11.39 26.32 14.21
C LEU A 317 -10.20 26.33 13.25
N GLU A 318 -9.01 26.58 13.77
CA GLU A 318 -7.80 26.50 12.97
C GLU A 318 -7.53 25.06 12.51
N VAL A 319 -7.82 24.10 13.39
CA VAL A 319 -7.67 22.69 13.06
C VAL A 319 -8.72 22.25 12.02
N VAL A 320 -9.94 22.77 12.14
CA VAL A 320 -10.97 22.53 11.12
C VAL A 320 -10.50 23.04 9.77
N GLY A 321 -9.96 24.25 9.74
CA GLY A 321 -9.47 24.84 8.50
C GLY A 321 -8.34 24.05 7.86
N ALA A 322 -7.35 23.68 8.67
CA ALA A 322 -6.21 22.88 8.20
C ALA A 322 -6.67 21.51 7.70
N GLY A 323 -7.59 20.91 8.44
CA GLY A 323 -8.11 19.59 8.08
C GLY A 323 -8.95 19.59 6.83
N CYS A 324 -9.83 20.56 6.69
CA CYS A 324 -10.68 20.64 5.50
C CYS A 324 -9.84 20.85 4.24
N MET A 325 -8.80 21.67 4.35
CA MET A 325 -7.89 21.87 3.23
C MET A 325 -7.16 20.56 2.89
N LEU A 326 -6.48 19.99 3.87
CA LEU A 326 -5.68 18.79 3.61
C LEU A 326 -6.52 17.59 3.22
N TYR A 327 -7.52 17.28 4.05
CA TYR A 327 -8.31 16.06 3.85
C TYR A 327 -9.22 16.13 2.64
N ASP A 328 -9.77 17.30 2.34
CA ASP A 328 -10.72 17.41 1.23
C ASP A 328 -10.10 17.90 -0.07
N GLN A 329 -9.23 18.90 0.00
CA GLN A 329 -8.66 19.47 -1.21
C GLN A 329 -7.54 18.60 -1.78
N ILE A 330 -6.61 18.17 -0.93
CA ILE A 330 -5.46 17.41 -1.39
C ILE A 330 -5.71 15.89 -1.33
N TRP A 331 -6.20 15.40 -0.20
CA TRP A 331 -6.44 13.98 -0.02
C TRP A 331 -7.62 13.47 -0.85
N LEU A 332 -8.84 13.80 -0.46
CA LEU A 332 -10.01 13.32 -1.16
C LEU A 332 -10.16 13.97 -2.53
N GLY A 333 -9.75 15.23 -2.63
CA GLY A 333 -9.90 15.99 -3.87
C GLY A 333 -8.81 15.74 -4.90
N SER A 334 -7.73 15.07 -4.50
CA SER A 334 -6.69 14.73 -5.44
C SER A 334 -6.26 13.27 -5.33
N TYR A 335 -5.55 12.93 -4.25
CA TYR A 335 -5.12 11.55 -4.02
C TYR A 335 -6.20 10.51 -4.34
N MET A 336 -7.42 10.76 -3.87
CA MET A 336 -8.51 9.80 -3.99
C MET A 336 -9.46 10.09 -5.14
N SER A 337 -9.23 11.20 -5.84
CA SER A 337 -9.99 11.51 -7.05
C SER A 337 -9.16 12.34 -8.03
N GLY A 338 -9.35 13.66 -8.01
CA GLY A 338 -8.59 14.52 -8.91
C GLY A 338 -9.47 15.38 -9.80
N GLY A 339 -8.85 16.10 -10.71
CA GLY A 339 -9.57 17.01 -11.58
C GLY A 339 -9.74 18.38 -10.94
N VAL A 340 -10.85 19.05 -11.26
CA VAL A 340 -11.18 20.31 -10.60
C VAL A 340 -11.18 20.15 -9.08
N GLY A 341 -11.70 19.03 -8.59
CA GLY A 341 -11.56 18.69 -7.19
C GLY A 341 -12.50 19.45 -6.27
N PHE A 342 -12.08 19.61 -5.02
CA PHE A 342 -13.01 19.98 -3.95
C PHE A 342 -12.58 21.22 -3.16
N THR A 343 -12.19 22.26 -3.87
CA THR A 343 -11.74 23.50 -3.23
C THR A 343 -12.80 24.09 -2.29
N GLN A 344 -13.99 24.33 -2.82
CA GLN A 344 -15.03 25.05 -2.09
C GLN A 344 -15.79 24.19 -1.09
N TYR A 345 -15.74 22.86 -1.25
CA TYR A 345 -16.18 21.95 -0.19
C TYR A 345 -15.38 22.24 1.08
N ALA A 346 -14.13 22.65 0.91
CA ALA A 346 -13.26 22.96 2.03
C ALA A 346 -13.32 24.42 2.48
N THR A 347 -13.33 25.34 1.51
CA THR A 347 -13.30 26.77 1.83
C THR A 347 -14.50 27.21 2.67
N ALA A 348 -15.61 26.49 2.53
CA ALA A 348 -16.81 26.78 3.31
C ALA A 348 -16.53 26.73 4.82
N ALA A 349 -15.51 25.96 5.20
CA ALA A 349 -15.17 25.77 6.61
C ALA A 349 -14.01 26.65 7.09
N TYR A 350 -13.42 27.44 6.21
CA TYR A 350 -12.35 28.36 6.61
C TYR A 350 -12.40 29.74 5.96
N THR A 351 -13.52 30.08 5.34
CA THR A 351 -13.72 31.43 4.79
C THR A 351 -15.05 32.06 5.19
N ASP A 352 -15.07 33.40 5.14
CA ASP A 352 -16.28 34.21 5.34
C ASP A 352 -16.92 34.11 6.72
N ASP A 353 -16.16 33.57 7.68
CA ASP A 353 -16.51 33.61 9.09
C ASP A 353 -17.91 33.08 9.45
N ILE A 354 -18.42 32.19 8.61
CA ILE A 354 -19.75 31.63 8.82
C ILE A 354 -19.72 30.52 9.87
N LEU A 355 -18.73 29.63 9.75
CA LEU A 355 -18.53 28.60 10.77
C LEU A 355 -18.15 29.22 12.11
N ASP A 356 -17.30 30.25 12.07
CA ASP A 356 -16.86 30.95 13.27
C ASP A 356 -18.04 31.60 14.00
N ASN A 357 -18.95 32.20 13.23
CA ASN A 357 -20.14 32.83 13.78
C ASN A 357 -21.00 31.84 14.54
N ASN A 358 -21.28 30.68 13.92
CA ASN A 358 -22.10 29.64 14.54
C ASN A 358 -21.39 29.11 15.79
N THR A 359 -20.07 28.94 15.71
CA THR A 359 -19.31 28.36 16.80
C THR A 359 -19.25 29.28 18.02
N TYR A 360 -18.98 30.57 17.78
CA TYR A 360 -18.88 31.52 18.88
C TYR A 360 -20.23 31.82 19.52
N TYR A 361 -21.30 31.71 18.74
CA TYR A 361 -22.65 31.76 19.29
C TYR A 361 -22.85 30.61 20.27
N ASP A 362 -22.40 29.43 19.88
CA ASP A 362 -22.53 28.23 20.71
C ASP A 362 -21.78 28.39 22.03
N VAL A 363 -20.57 28.96 21.95
CA VAL A 363 -19.75 29.18 23.14
C VAL A 363 -20.49 30.04 24.15
N ASP A 364 -21.10 31.13 23.68
CA ASP A 364 -21.89 32.02 24.53
C ASP A 364 -23.12 31.31 25.12
N TYR A 365 -23.76 30.50 24.30
CA TYR A 365 -24.92 29.71 24.74
C TYR A 365 -24.52 28.73 25.84
N ILE A 366 -23.43 28.01 25.60
CA ILE A 366 -22.93 27.02 26.56
C ILE A 366 -22.51 27.69 27.87
N ASN A 367 -21.76 28.78 27.77
CA ASN A 367 -21.29 29.49 28.96
C ASN A 367 -22.46 30.01 29.79
N ASP A 368 -23.52 30.43 29.11
CA ASP A 368 -24.70 30.98 29.75
C ASP A 368 -25.54 29.90 30.44
N LYS A 369 -25.73 28.78 29.75
CA LYS A 369 -26.59 27.71 30.27
C LYS A 369 -25.87 26.73 31.19
N TYR A 370 -24.56 26.59 31.00
CA TYR A 370 -23.81 25.56 31.72
C TYR A 370 -22.64 26.11 32.53
N ASN A 371 -22.87 27.26 33.17
CA ASN A 371 -21.89 27.86 34.09
C ASN A 371 -20.48 27.94 33.52
N GLY A 372 -20.37 28.50 32.31
CA GLY A 372 -19.06 28.75 31.72
C GLY A 372 -18.30 27.50 31.32
N ALA A 373 -19.03 26.46 30.90
CA ALA A 373 -18.42 25.17 30.57
C ALA A 373 -17.51 25.22 29.35
N ALA A 374 -17.75 26.19 28.48
CA ALA A 374 -16.95 26.34 27.26
C ALA A 374 -15.70 27.18 27.47
N THR A 375 -15.53 27.73 28.66
CA THR A 375 -14.27 28.37 29.03
C THR A 375 -13.24 27.32 29.43
N VAL A 376 -11.97 27.63 29.27
CA VAL A 376 -10.90 26.67 29.50
C VAL A 376 -10.88 26.17 30.94
N GLY A 377 -10.87 24.86 31.09
CA GLY A 377 -10.88 24.25 32.40
C GLY A 377 -11.13 22.76 32.32
N LYS A 378 -10.66 22.02 33.32
CA LYS A 378 -10.81 20.57 33.33
C LYS A 378 -11.96 20.11 34.23
N ASP A 379 -12.34 20.97 35.17
CA ASP A 379 -13.34 20.60 36.18
C ASP A 379 -14.63 21.39 36.05
N ASN A 380 -14.74 22.22 35.01
CA ASN A 380 -15.95 23.00 34.76
C ASN A 380 -16.79 22.44 33.60
N LYS A 381 -16.50 21.20 33.21
CA LYS A 381 -17.14 20.59 32.05
C LYS A 381 -18.43 19.84 32.42
N VAL A 382 -19.34 19.74 31.46
CA VAL A 382 -20.59 19.03 31.65
C VAL A 382 -20.41 17.56 31.30
N LYS A 383 -20.97 16.68 32.13
CA LYS A 383 -20.89 15.24 31.88
C LYS A 383 -21.57 14.89 30.57
N ALA A 384 -20.84 14.19 29.69
CA ALA A 384 -21.36 13.82 28.39
C ALA A 384 -22.59 12.95 28.53
N SER A 385 -23.66 13.33 27.83
CA SER A 385 -24.91 12.59 27.85
C SER A 385 -25.72 12.89 26.60
N LEU A 386 -26.70 12.05 26.30
CA LEU A 386 -27.62 12.30 25.20
C LEU A 386 -28.37 13.62 25.40
N GLU A 387 -28.69 13.94 26.65
CA GLU A 387 -29.42 15.16 26.98
C GLU A 387 -28.64 16.43 26.64
N VAL A 388 -27.38 16.48 27.07
CA VAL A 388 -26.52 17.63 26.83
C VAL A 388 -26.22 17.80 25.35
N VAL A 389 -25.95 16.69 24.67
CA VAL A 389 -25.70 16.70 23.23
C VAL A 389 -26.92 17.22 22.47
N LYS A 390 -28.09 16.71 22.80
CA LYS A 390 -29.34 17.14 22.16
C LYS A 390 -29.58 18.63 22.38
N ASP A 391 -29.31 19.11 23.58
CA ASP A 391 -29.50 20.53 23.89
C ASP A 391 -28.59 21.42 23.06
N ILE A 392 -27.28 21.19 23.16
CA ILE A 392 -26.30 22.04 22.50
C ILE A 392 -26.34 21.92 20.98
N ALA A 393 -26.41 20.69 20.48
CA ALA A 393 -26.38 20.44 19.04
C ALA A 393 -27.62 20.97 18.33
N THR A 394 -28.77 20.88 19.00
CA THR A 394 -30.03 21.37 18.42
C THR A 394 -30.03 22.88 18.38
N GLU A 395 -29.59 23.51 19.47
CA GLU A 395 -29.50 24.96 19.54
C GLU A 395 -28.51 25.50 18.52
N SER A 396 -27.35 24.85 18.42
CA SER A 396 -26.32 25.22 17.46
C SER A 396 -26.84 25.18 16.03
N THR A 397 -27.50 24.07 15.68
CA THR A 397 -27.96 23.83 14.31
C THR A 397 -29.10 24.76 13.93
N LEU A 398 -30.02 25.00 14.86
CA LEU A 398 -31.14 25.89 14.63
C LEU A 398 -30.66 27.32 14.39
N TYR A 399 -29.67 27.75 15.17
CA TYR A 399 -29.12 29.09 14.99
C TYR A 399 -28.41 29.22 13.64
N GLY A 400 -27.61 28.21 13.29
CA GLY A 400 -26.90 28.25 12.04
C GLY A 400 -27.81 28.25 10.83
N ILE A 401 -28.87 27.44 10.89
CA ILE A 401 -29.86 27.38 9.83
C ILE A 401 -30.60 28.72 9.70
N GLU A 402 -30.94 29.32 10.85
CA GLU A 402 -31.63 30.61 10.86
C GLU A 402 -30.75 31.74 10.31
N THR A 403 -29.44 31.63 10.52
CA THR A 403 -28.49 32.61 10.00
C THR A 403 -28.39 32.51 8.48
N TYR A 404 -28.40 31.29 7.95
CA TYR A 404 -28.42 31.07 6.50
C TYR A 404 -29.71 31.62 5.89
N GLU A 405 -30.79 31.55 6.65
CA GLU A 405 -32.11 31.98 6.19
C GLU A 405 -32.31 33.48 6.31
N LYS A 406 -31.71 34.09 7.33
CA LYS A 406 -31.79 35.54 7.53
C LYS A 406 -30.78 36.30 6.68
N PHE A 407 -29.76 35.60 6.21
CA PHE A 407 -28.77 36.18 5.30
C PHE A 407 -28.68 35.33 4.04
N PRO A 408 -29.49 35.66 3.02
CA PRO A 408 -29.48 34.96 1.74
C PRO A 408 -28.10 34.95 1.07
N THR A 409 -27.29 35.93 1.43
CA THR A 409 -25.90 35.99 0.95
C THR A 409 -25.08 34.80 1.47
N ALA A 410 -25.31 34.43 2.73
CA ALA A 410 -24.62 33.30 3.33
C ALA A 410 -25.05 31.98 2.69
N LEU A 411 -26.32 31.89 2.31
CA LEU A 411 -26.86 30.70 1.65
C LEU A 411 -26.29 30.54 0.23
N GLU A 412 -26.19 31.66 -0.49
CA GLU A 412 -25.61 31.66 -1.83
C GLU A 412 -24.11 31.40 -1.78
N ASP A 413 -23.47 31.94 -0.74
CA ASP A 413 -22.06 31.68 -0.44
C ASP A 413 -21.82 30.18 -0.36
N HIS A 414 -22.45 29.55 0.61
CA HIS A 414 -22.37 28.10 0.78
C HIS A 414 -23.48 27.44 -0.02
N PHE A 415 -23.36 27.51 -1.33
CA PHE A 415 -24.43 27.11 -2.24
C PHE A 415 -24.71 25.61 -2.23
N GLY A 416 -23.68 24.82 -1.92
CA GLY A 416 -23.88 23.39 -1.80
C GLY A 416 -24.38 22.98 -0.43
N GLY A 417 -25.35 22.07 -0.40
CA GLY A 417 -25.85 21.55 0.86
C GLY A 417 -24.76 20.94 1.72
N SER A 418 -23.78 20.29 1.09
CA SER A 418 -22.66 19.69 1.79
C SER A 418 -21.87 20.72 2.57
N GLN A 419 -21.65 21.88 1.95
CA GLN A 419 -20.94 22.98 2.60
C GLN A 419 -21.66 23.44 3.86
N ARG A 420 -22.97 23.68 3.73
CA ARG A 420 -23.79 24.02 4.89
C ARG A 420 -23.82 22.94 5.95
N ALA A 421 -23.88 21.68 5.53
CA ALA A 421 -23.84 20.55 6.45
C ALA A 421 -22.52 20.49 7.22
N THR A 422 -21.40 20.72 6.53
CA THR A 422 -20.10 20.73 7.17
C THR A 422 -20.01 21.83 8.22
N VAL A 423 -20.50 23.02 7.87
CA VAL A 423 -20.45 24.17 8.77
C VAL A 423 -21.32 23.98 10.00
N LEU A 424 -22.58 23.59 9.78
CA LEU A 424 -23.54 23.41 10.87
C LEU A 424 -23.11 22.30 11.82
N ALA A 425 -22.65 21.18 11.24
CA ALA A 425 -22.27 20.02 12.05
C ALA A 425 -20.94 20.24 12.77
N ALA A 426 -20.00 20.93 12.12
CA ALA A 426 -18.72 21.27 12.74
C ALA A 426 -18.93 22.16 13.96
N ALA A 427 -19.78 23.17 13.82
CA ALA A 427 -20.10 24.06 14.93
C ALA A 427 -20.76 23.28 16.07
N ALA A 428 -21.74 22.45 15.74
CA ALA A 428 -22.47 21.67 16.73
C ALA A 428 -21.56 20.64 17.41
N GLY A 429 -20.70 20.00 16.63
CA GLY A 429 -19.78 19.01 17.17
C GLY A 429 -18.70 19.64 18.03
N VAL A 430 -18.11 20.73 17.54
CA VAL A 430 -17.11 21.47 18.30
C VAL A 430 -17.70 21.99 19.61
N ALA A 431 -18.94 22.46 19.55
CA ALA A 431 -19.64 22.95 20.74
C ALA A 431 -19.79 21.87 21.80
N CYS A 432 -20.25 20.69 21.36
CA CYS A 432 -20.46 19.56 22.26
C CYS A 432 -19.14 19.07 22.86
N SER A 433 -18.08 19.12 22.07
CA SER A 433 -16.75 18.76 22.56
C SER A 433 -16.23 19.77 23.58
N LEU A 434 -16.41 21.06 23.29
CA LEU A 434 -15.99 22.12 24.20
C LEU A 434 -16.65 21.99 25.56
N ALA A 435 -17.95 21.70 25.57
CA ALA A 435 -18.75 21.66 26.79
C ALA A 435 -18.49 20.43 27.65
N THR A 436 -18.12 19.32 27.03
CA THR A 436 -18.04 18.04 27.72
C THR A 436 -16.63 17.52 27.96
N GLY A 437 -15.68 17.97 27.15
CA GLY A 437 -14.34 17.39 27.17
C GLY A 437 -14.32 15.94 26.68
N ASN A 438 -15.32 15.59 25.86
CA ASN A 438 -15.47 14.24 25.34
C ASN A 438 -15.63 14.34 23.82
N ALA A 439 -14.61 13.89 23.08
CA ALA A 439 -14.60 14.05 21.63
C ALA A 439 -15.73 13.30 20.94
N ASN A 440 -16.15 12.16 21.50
CA ASN A 440 -17.22 11.39 20.89
C ASN A 440 -18.61 11.93 21.20
N ALA A 441 -18.72 12.69 22.28
CA ALA A 441 -19.90 13.53 22.50
C ALA A 441 -19.95 14.60 21.41
N GLY A 442 -18.78 15.07 21.00
CA GLY A 442 -18.67 15.95 19.85
C GLY A 442 -19.13 15.31 18.55
N LEU A 443 -18.74 14.06 18.34
CA LEU A 443 -19.21 13.30 17.17
C LEU A 443 -20.74 13.14 17.19
N SER A 444 -21.30 12.84 18.35
CA SER A 444 -22.75 12.70 18.49
C SER A 444 -23.46 14.00 18.12
N GLY A 445 -22.89 15.13 18.52
CA GLY A 445 -23.43 16.44 18.17
C GLY A 445 -23.35 16.71 16.68
N TRP A 446 -22.26 16.28 16.05
CA TRP A 446 -22.09 16.39 14.60
C TRP A 446 -23.22 15.68 13.87
N TYR A 447 -23.49 14.43 14.26
CA TYR A 447 -24.47 13.62 13.56
C TYR A 447 -25.91 14.08 13.82
N LEU A 448 -26.18 14.53 15.05
CA LEU A 448 -27.51 15.06 15.37
C LEU A 448 -27.79 16.31 14.55
N SER A 449 -26.77 17.14 14.35
CA SER A 449 -26.89 18.31 13.48
C SER A 449 -27.34 17.91 12.08
N MET A 450 -26.69 16.91 11.52
CA MET A 450 -27.04 16.39 10.19
C MET A 450 -28.50 15.95 10.13
N TYR A 451 -28.96 15.29 11.18
CA TYR A 451 -30.32 14.77 11.22
C TYR A 451 -31.35 15.88 11.27
N LEU A 452 -31.07 16.91 12.07
CA LEU A 452 -31.94 18.07 12.18
C LEU A 452 -31.96 18.86 10.88
N HIS A 453 -30.75 19.09 10.34
CA HIS A 453 -30.56 19.74 9.04
C HIS A 453 -31.43 19.09 7.95
N LYS A 454 -31.36 17.77 7.84
CA LYS A 454 -32.09 17.03 6.82
C LYS A 454 -33.60 17.28 6.90
N GLU A 455 -34.15 17.24 8.11
CA GLU A 455 -35.58 17.44 8.29
C GLU A 455 -35.98 18.91 8.16
N ALA A 456 -35.07 19.82 8.48
CA ALA A 456 -35.35 21.25 8.38
C ALA A 456 -35.54 21.69 6.93
N TRP A 457 -34.65 21.26 6.05
CA TRP A 457 -34.63 21.76 4.68
C TRP A 457 -35.07 20.75 3.62
N GLY A 458 -35.38 19.53 4.05
CA GLY A 458 -35.74 18.49 3.12
C GLY A 458 -34.62 18.13 2.15
N ARG A 459 -33.39 18.32 2.61
CA ARG A 459 -32.18 18.09 1.83
C ARG A 459 -31.04 18.15 2.83
N LEU A 460 -29.91 17.57 2.43
CA LEU A 460 -28.69 17.60 3.24
C LEU A 460 -27.48 17.95 2.37
N GLY A 461 -26.71 16.93 1.97
CA GLY A 461 -25.56 17.17 1.12
C GLY A 461 -25.68 16.56 -0.27
N PHE A 462 -24.55 16.23 -0.88
CA PHE A 462 -24.56 15.56 -2.18
C PHE A 462 -25.04 14.11 -2.07
N PHE A 463 -25.13 13.44 -3.22
CA PHE A 463 -25.70 12.09 -3.34
C PHE A 463 -25.26 11.14 -2.21
CA GL3 A 464 -23.44 10.17 -0.94
N GL3 A 464 -23.96 11.10 -1.95
C GL3 A 464 -22.77 10.88 0.21
S GL3 A 464 -21.76 9.94 1.07
N PHE A 465 -23.32 12.03 0.60
CA PHE A 465 -22.74 12.82 1.69
C PHE A 465 -22.88 12.12 3.03
N ASP A 466 -24.09 11.62 3.29
CA ASP A 466 -24.40 11.10 4.62
C ASP A 466 -24.41 9.57 4.71
N LEU A 467 -23.47 8.92 4.03
CA LEU A 467 -23.19 7.51 4.30
C LEU A 467 -22.74 7.41 5.74
N GLN A 468 -21.70 8.15 6.10
CA GLN A 468 -21.17 8.09 7.45
C GLN A 468 -22.12 8.74 8.46
N ASP A 469 -22.93 9.69 8.01
CA ASP A 469 -23.80 10.39 8.95
C ASP A 469 -25.02 9.58 9.35
N GLN A 470 -25.49 8.70 8.47
CA GLN A 470 -26.57 7.80 8.85
C GLN A 470 -26.04 6.60 9.64
N SMC A 471 -24.82 6.20 9.35
CA SMC A 471 -24.08 5.24 10.18
CB SMC A 471 -22.91 4.65 9.40
SG SMC A 471 -23.35 3.46 8.14
CS SMC A 471 -22.20 3.89 6.86
C SMC A 471 -23.54 5.91 11.44
O SMC A 471 -23.05 5.23 12.35
N GLY A 472 -23.66 7.23 11.49
CA GLY A 472 -22.90 8.03 12.43
C GLY A 472 -23.27 7.86 13.90
N ALA A 473 -24.48 8.28 14.25
CA ALA A 473 -24.91 8.28 15.65
C ALA A 473 -24.72 6.90 16.29
N THR A 474 -25.03 5.85 15.54
CA THR A 474 -24.97 4.50 16.08
C THR A 474 -23.54 3.97 16.26
N ASN A 475 -22.60 4.51 15.50
CA ASN A 475 -21.21 4.09 15.58
C ASN A 475 -20.34 4.97 16.49
N VAL A 476 -20.94 6.00 17.08
CA VAL A 476 -20.21 6.89 17.98
C VAL A 476 -19.78 6.17 19.25
N LEU A 477 -20.70 5.41 19.84
CA LEU A 477 -20.42 4.72 21.10
C LEU A 477 -20.44 3.20 20.95
N SER A 478 -20.39 2.73 19.71
CA SER A 478 -20.22 1.31 19.47
C SER A 478 -18.84 0.87 19.95
N TYR A 479 -18.76 -0.35 20.49
CA TYR A 479 -17.48 -0.92 20.84
C TYR A 479 -17.19 -2.16 20.01
N GLN A 480 -17.93 -2.33 18.92
CA GLN A 480 -17.65 -3.40 17.96
C GLN A 480 -16.33 -3.13 17.26
N GLY A 481 -15.61 -4.20 16.91
CA GLY A 481 -14.25 -4.11 16.43
C GLY A 481 -13.95 -3.05 15.38
N ASP A 482 -14.70 -3.04 14.29
CA ASP A 482 -14.45 -2.08 13.22
C ASP A 482 -15.44 -0.91 13.24
N GLU A 483 -16.00 -0.64 14.43
CA GLU A 483 -16.92 0.46 14.62
C GLU A 483 -16.46 1.39 15.74
N GLY A 484 -15.99 0.81 16.84
CA GLY A 484 -15.61 1.59 18.00
C GLY A 484 -14.24 2.25 17.87
N LEU A 485 -14.15 3.49 18.33
CA LEU A 485 -12.89 4.24 18.35
C LEU A 485 -13.16 5.65 18.91
N PRO A 486 -12.32 6.11 19.86
CA PRO A 486 -12.31 7.54 20.22
C PRO A 486 -11.95 8.40 19.00
N ASP A 487 -12.61 9.54 18.88
CA ASP A 487 -12.41 10.40 17.71
C ASP A 487 -10.95 10.82 17.53
N GLU A 488 -10.23 10.93 18.65
CA GLU A 488 -8.81 11.29 18.64
C GLU A 488 -7.99 10.29 17.81
N LEU A 489 -8.43 9.04 17.84
CA LEU A 489 -7.73 7.96 17.12
C LEU A 489 -8.35 7.66 15.75
N ARG A 490 -9.57 8.14 15.52
CA ARG A 490 -10.17 8.02 14.21
C ARG A 490 -9.35 8.82 13.17
N GLY A 491 -9.62 8.55 11.91
CA GLY A 491 -8.96 9.27 10.82
C GLY A 491 -9.64 8.95 9.50
N PRO A 492 -9.02 9.32 8.37
CA PRO A 492 -9.60 9.10 7.04
C PRO A 492 -9.74 7.63 6.63
N ASN A 493 -9.16 6.73 7.41
CA ASN A 493 -9.29 5.29 7.13
C ASN A 493 -10.28 4.57 8.04
N TYR A 494 -10.83 5.29 9.02
CA TYR A 494 -11.98 4.77 9.76
C TYR A 494 -13.08 4.51 8.74
N PRO A 495 -13.59 3.27 8.69
CA PRO A 495 -14.29 2.74 7.51
C PRO A 495 -15.38 3.67 6.97
N ASN A 496 -16.25 4.15 7.86
CA ASN A 496 -17.34 5.05 7.48
C ASN A 496 -16.81 6.32 6.81
N TYR A 497 -15.61 6.75 7.19
CA TYR A 497 -15.08 8.06 6.80
C TYR A 497 -14.23 8.02 5.54
N ALA A 498 -14.02 6.83 4.99
CA ALA A 498 -12.95 6.59 4.02
C ALA A 498 -13.13 7.24 2.64
N MET A 499 -14.31 7.79 2.38
CA MET A 499 -14.66 8.21 1.02
C MET A 499 -14.98 9.70 0.83
N ASN A 500 -15.72 10.29 1.76
CA ASN A 500 -16.53 11.46 1.42
C ASN A 500 -16.05 12.79 1.97
N VAL A 501 -16.19 13.83 1.17
CA VAL A 501 -15.81 15.19 1.55
C VAL A 501 -16.71 15.73 2.67
N GLY A 502 -16.26 16.81 3.29
CA GLY A 502 -17.11 17.59 4.17
C GLY A 502 -17.18 17.09 5.61
N HIS A 503 -16.25 16.20 5.98
CA HIS A 503 -16.32 15.55 7.28
C HIS A 503 -15.00 15.54 8.04
N GLN A 504 -13.96 15.03 7.40
CA GLN A 504 -12.71 14.71 8.08
C GLN A 504 -12.09 15.92 8.79
N GLY A 505 -12.13 17.09 8.16
CA GLY A 505 -11.66 18.30 8.81
C GLY A 505 -12.49 18.66 10.03
N GLY A 506 -13.80 18.41 9.95
CA GLY A 506 -14.69 18.65 11.07
C GLY A 506 -14.39 17.73 12.24
N TYR A 507 -14.11 16.47 11.96
CA TYR A 507 -13.80 15.50 13.01
C TYR A 507 -12.48 15.83 13.72
N ALA A 508 -11.52 16.34 12.95
CA ALA A 508 -10.25 16.82 13.51
C ALA A 508 -10.51 17.99 14.46
N GLY A 509 -11.37 18.91 14.06
CA GLY A 509 -11.72 20.03 14.92
C GLY A 509 -12.47 19.60 16.16
N ILE A 510 -13.28 18.56 16.04
CA ILE A 510 -14.02 17.99 17.17
C ILE A 510 -13.09 17.30 18.17
N ALA A 511 -12.08 16.60 17.65
CA ALA A 511 -11.06 15.99 18.51
C ALA A 511 -10.30 17.08 19.27
N GLN A 512 -9.87 18.10 18.55
CA GLN A 512 -9.13 19.21 19.15
C GLN A 512 -9.97 19.94 20.18
N ALA A 513 -11.23 20.18 19.85
CA ALA A 513 -12.13 20.96 20.72
C ALA A 513 -12.30 20.33 22.10
N ALA A 514 -12.34 19.01 22.15
CA ALA A 514 -12.51 18.30 23.42
C ALA A 514 -11.34 18.60 24.35
N HIS A 515 -10.18 18.87 23.76
CA HIS A 515 -8.96 19.07 24.54
C HIS A 515 -8.57 20.54 24.68
N SER A 516 -8.94 21.38 23.71
CA SER A 516 -8.72 22.81 23.84
C SER A 516 -9.64 23.41 24.90
N GLY A 517 -10.85 22.85 25.02
CA GLY A 517 -11.76 23.28 26.07
C GLY A 517 -11.22 22.99 27.46
N ARG A 518 -10.39 21.95 27.57
CA ARG A 518 -9.76 21.58 28.80
C ARG A 518 -8.43 22.30 29.03
N GLY A 519 -7.92 22.94 27.97
CA GLY A 519 -6.59 23.54 28.02
C GLY A 519 -5.47 22.53 27.86
N ASP A 520 -5.78 21.36 27.32
CA ASP A 520 -4.79 20.30 27.14
C ASP A 520 -3.67 20.70 26.18
N ALA A 521 -2.46 20.21 26.46
CA ALA A 521 -1.30 20.49 25.63
C ALA A 521 -1.40 19.84 24.26
N PHE A 522 -2.06 18.68 24.22
CA PHE A 522 -2.19 17.92 22.97
C PHE A 522 -3.50 17.15 22.94
N THR A 523 -3.85 16.67 21.75
CA THR A 523 -5.09 15.95 21.53
C THR A 523 -4.87 14.44 21.58
N VAL A 524 -3.72 13.96 21.11
CA VAL A 524 -3.43 12.53 21.20
C VAL A 524 -1.96 12.14 21.22
N ASN A 525 -1.08 13.02 20.75
CA ASN A 525 0.34 12.68 20.67
C ASN A 525 1.24 13.88 20.93
N PRO A 526 1.82 13.96 22.14
CA PRO A 526 2.75 15.03 22.53
C PRO A 526 3.97 15.12 21.62
N LEU A 527 4.40 13.99 21.08
CA LEU A 527 5.58 13.95 20.21
C LEU A 527 5.39 14.79 18.95
N LEU A 528 4.19 14.74 18.38
CA LEU A 528 3.88 15.54 17.20
C LEU A 528 3.69 17.00 17.57
N LYS A 529 3.07 17.26 18.71
CA LYS A 529 2.84 18.61 19.20
C LYS A 529 4.15 19.38 19.38
N VAL A 530 5.15 18.72 19.96
CA VAL A 530 6.47 19.33 20.14
C VAL A 530 7.25 19.40 18.83
N CYS A 531 7.13 18.36 18.02
CA CYS A 531 7.83 18.27 16.74
C CYS A 531 7.54 19.49 15.85
N PHE A 532 6.29 19.92 15.83
CA PHE A 532 5.90 21.02 14.96
C PHE A 532 5.87 22.38 15.67
N ALA A 533 6.31 22.40 16.93
CA ALA A 533 6.49 23.65 17.67
C ALA A 533 7.82 24.28 17.28
N ASP A 534 7.92 24.72 16.03
CA ASP A 534 9.20 25.05 15.42
C ASP A 534 8.97 26.01 14.25
N ASP A 535 9.43 27.24 14.41
CA ASP A 535 9.22 28.30 13.44
C ASP A 535 10.09 28.18 12.19
N LEU A 536 11.02 27.24 12.19
CA LEU A 536 11.92 27.06 11.04
C LEU A 536 11.21 26.43 9.85
N LEU A 537 10.17 25.62 10.11
CA LEU A 537 9.34 25.06 9.05
C LEU A 537 8.72 26.18 8.22
N PRO A 538 8.70 26.04 6.89
CA PRO A 538 8.18 27.08 6.00
C PRO A 538 6.70 27.40 6.21
N PHE A 539 5.91 26.40 6.60
CA PHE A 539 4.50 26.62 6.88
C PHE A 539 4.29 26.96 8.36
N ASN A 540 3.56 28.05 8.61
CA ASN A 540 3.23 28.44 9.98
C ASN A 540 2.02 27.66 10.47
N PHE A 541 2.29 26.57 11.17
CA PHE A 541 1.24 25.67 11.64
C PHE A 541 0.40 26.23 12.79
N ALA A 542 0.79 27.40 13.29
CA ALA A 542 0.00 28.09 14.31
C ALA A 542 -1.15 28.87 13.69
N GLU A 543 -1.02 29.20 12.41
CA GLU A 543 -2.01 30.03 11.71
C GLU A 543 -2.38 29.44 10.34
N PRO A 544 -2.88 28.18 10.30
CA PRO A 544 -3.04 27.54 9.00
C PRO A 544 -3.97 28.26 8.03
N ARG A 545 -5.08 28.83 8.54
CA ARG A 545 -6.04 29.50 7.66
C ARG A 545 -5.40 30.71 6.99
N ARG A 546 -4.76 31.56 7.80
CA ARG A 546 -4.05 32.73 7.32
C ARG A 546 -2.95 32.36 6.33
N GLU A 547 -2.27 31.24 6.57
CA GLU A 547 -1.27 30.75 5.63
C GLU A 547 -1.86 30.45 4.25
N PHE A 548 -3.07 29.91 4.20
CA PHE A 548 -3.76 29.69 2.94
C PHE A 548 -4.03 31.01 2.21
N GLY A 549 -4.33 32.04 2.99
CA GLY A 549 -4.50 33.37 2.43
C GLY A 549 -3.20 33.94 1.88
N ARG A 550 -2.10 33.71 2.59
CA ARG A 550 -0.78 34.14 2.10
C ARG A 550 -0.40 33.44 0.82
N GLY A 551 -0.78 32.17 0.71
CA GLY A 551 -0.62 31.45 -0.54
C GLY A 551 -1.44 32.05 -1.68
N ALA A 552 -2.68 32.44 -1.36
CA ALA A 552 -3.59 33.01 -2.36
C ALA A 552 -3.06 34.31 -2.95
N ILE A 553 -2.45 35.14 -2.10
CA ILE A 553 -1.89 36.41 -2.56
C ILE A 553 -0.44 36.29 -3.01
N ARG A 554 0.03 35.05 -3.17
CA ARG A 554 1.32 34.77 -3.77
C ARG A 554 2.45 35.34 -2.95
N GLU A 555 2.33 35.27 -1.63
CA GLU A 555 3.39 35.75 -0.74
C GLU A 555 3.99 34.61 0.09
N PHE A 556 3.63 33.38 -0.25
CA PHE A 556 4.20 32.21 0.42
C PHE A 556 5.35 31.61 -0.38
N VAL A 557 6.51 31.46 0.27
CA VAL A 557 7.67 30.86 -0.35
C VAL A 557 7.77 29.38 0.03
N PRO A 558 7.55 28.48 -0.95
CA PRO A 558 7.66 27.03 -0.70
C PRO A 558 9.09 26.54 -0.83
N ALA A 559 9.32 25.31 -0.37
CA ALA A 559 10.59 24.64 -0.56
C ALA A 559 10.51 23.69 -1.77
N GLY A 560 11.66 23.18 -2.19
CA GLY A 560 11.69 22.10 -3.16
C GLY A 560 11.74 22.49 -4.62
N GLU A 561 11.81 23.79 -4.91
CA GLU A 561 11.87 24.26 -6.30
C GLU A 561 13.24 23.97 -6.92
N ARG A 562 13.25 23.86 -8.24
CA ARG A 562 14.44 23.41 -8.96
C ARG A 562 15.08 24.46 -9.84
N SER A 563 14.78 25.73 -9.60
CA SER A 563 15.28 26.79 -10.48
C SER A 563 16.80 26.83 -10.60
N LEU A 564 17.50 26.34 -9.57
CA LEU A 564 18.95 26.28 -9.58
C LEU A 564 19.51 25.51 -10.78
N VAL A 565 18.84 24.42 -11.16
CA VAL A 565 19.35 23.55 -12.21
C VAL A 565 18.54 23.66 -13.51
N ILE A 566 17.58 24.58 -13.53
CA ILE A 566 16.78 24.88 -14.72
C ILE A 566 17.47 25.96 -15.55
N PRO A 567 17.44 25.82 -16.89
CA PRO A 567 17.98 26.84 -17.81
C PRO A 567 17.28 28.19 -17.73
N ALA A 568 17.91 29.20 -18.33
CA ALA A 568 17.35 30.55 -18.39
C ALA A 568 16.29 30.64 -19.50
N SER B 1 -33.56 -19.21 23.56
CA SER B 1 -34.54 -19.98 22.75
C SER B 1 -35.34 -19.07 21.83
N ASP B 2 -34.75 -18.76 20.68
CA ASP B 2 -35.53 -18.25 19.55
C ASP B 2 -35.52 -19.32 18.46
N THR B 3 -36.72 -19.74 18.07
CA THR B 3 -36.85 -20.70 16.97
C THR B 3 -37.58 -20.07 15.78
N VAL B 4 -37.28 -20.59 14.61
CA VAL B 4 -37.96 -20.20 13.38
C VAL B 4 -38.32 -21.45 12.58
N ASP B 5 -39.26 -21.29 11.66
CA ASP B 5 -39.48 -22.28 10.61
C ASP B 5 -38.79 -21.80 9.37
N ILE B 6 -38.04 -22.69 8.72
CA ILE B 6 -37.31 -22.34 7.51
C ILE B 6 -38.15 -22.70 6.28
N TYR B 7 -38.38 -21.70 5.43
CA TYR B 7 -39.09 -21.90 4.17
C TYR B 7 -38.14 -21.65 3.02
N ASP B 8 -38.33 -22.36 1.91
CA ASP B 8 -37.45 -22.19 0.75
C ASP B 8 -37.81 -20.96 -0.09
N ASP B 9 -37.14 -20.84 -1.23
CA ASP B 9 -37.32 -19.70 -2.12
C ASP B 9 -38.71 -19.63 -2.74
N ARG B 10 -39.42 -20.75 -2.77
CA ARG B 10 -40.77 -20.77 -3.32
C ARG B 10 -41.83 -20.76 -2.22
N GLY B 11 -41.44 -20.42 -1.00
CA GLY B 11 -42.39 -20.28 0.10
C GLY B 11 -42.92 -21.58 0.66
N LYS B 12 -42.18 -22.68 0.47
CA LYS B 12 -42.58 -23.98 0.99
C LYS B 12 -41.82 -24.32 2.26
N LEU B 13 -42.53 -24.85 3.25
CA LEU B 13 -41.93 -25.20 4.54
C LEU B 13 -40.88 -26.28 4.38
N LEU B 14 -39.68 -26.02 4.91
CA LEU B 14 -38.60 -26.99 4.86
C LEU B 14 -38.39 -27.66 6.20
N GLU B 15 -38.33 -26.87 7.26
CA GLU B 15 -38.03 -27.39 8.60
C GLU B 15 -38.66 -26.50 9.66
N SER B 16 -39.27 -27.13 10.65
CA SER B 16 -39.94 -26.41 11.72
C SER B 16 -39.11 -26.39 12.99
N ASN B 17 -39.32 -25.36 13.80
CA ASN B 17 -38.76 -25.27 15.14
C ASN B 17 -37.24 -25.39 15.14
N VAL B 18 -36.61 -24.61 14.27
CA VAL B 18 -35.15 -24.55 14.20
C VAL B 18 -34.65 -23.45 15.14
N ASP B 19 -33.82 -23.83 16.10
CA ASP B 19 -33.16 -22.86 16.98
C ASP B 19 -32.23 -22.01 16.13
N ILE B 20 -32.34 -20.69 16.23
CA ILE B 20 -31.52 -19.80 15.42
C ILE B 20 -30.03 -19.97 15.74
N MET B 21 -29.72 -20.45 16.94
CA MET B 21 -28.33 -20.72 17.34
C MET B 21 -27.70 -21.82 16.49
N SER B 22 -28.53 -22.72 15.98
CA SER B 22 -28.06 -23.81 15.13
C SER B 22 -27.74 -23.32 13.72
N LEU B 23 -28.09 -22.07 13.43
CA LEU B 23 -27.85 -21.48 12.13
C LEU B 23 -26.54 -20.68 12.11
N ALA B 24 -25.90 -20.56 13.27
CA ALA B 24 -24.63 -19.87 13.37
C ALA B 24 -23.58 -20.54 12.47
N PRO B 25 -22.79 -19.73 11.75
CA PRO B 25 -21.66 -20.27 10.98
C PRO B 25 -20.75 -21.16 11.82
N THR B 26 -20.69 -20.85 13.11
CA THR B 26 -19.83 -21.57 14.04
C THR B 26 -20.43 -22.91 14.51
N ARG B 27 -21.69 -23.17 14.18
CA ARG B 27 -22.33 -24.42 14.58
C ARG B 27 -22.94 -25.19 13.43
N ASN B 28 -23.30 -24.48 12.36
CA ASN B 28 -24.06 -25.10 11.28
C ASN B 28 -23.18 -25.85 10.29
N ALA B 29 -23.44 -27.14 10.14
CA ALA B 29 -22.62 -28.02 9.30
C ALA B 29 -22.72 -27.66 7.82
N ALA B 30 -23.91 -27.28 7.38
CA ALA B 30 -24.12 -26.91 5.99
C ALA B 30 -23.37 -25.62 5.63
N ILE B 31 -23.47 -24.62 6.51
CA ILE B 31 -22.76 -23.35 6.31
C ILE B 31 -21.26 -23.59 6.30
N GLN B 32 -20.77 -24.41 7.22
CA GLN B 32 -19.36 -24.74 7.28
C GLN B 32 -18.91 -25.51 6.05
N SER B 33 -19.80 -26.33 5.50
CA SER B 33 -19.53 -27.05 4.27
C SER B 33 -19.42 -26.10 3.08
N ILE B 34 -20.30 -25.11 3.01
CA ILE B 34 -20.24 -24.07 1.99
C ILE B 34 -18.95 -23.27 2.09
N ILE B 35 -18.57 -22.91 3.32
CA ILE B 35 -17.34 -22.17 3.57
C ILE B 35 -16.12 -22.99 3.17
N MET B 36 -16.09 -24.26 3.56
CA MET B 36 -14.98 -25.15 3.21
C MET B 36 -14.84 -25.31 1.70
N ASP B 37 -15.96 -25.50 1.02
CA ASP B 37 -15.96 -25.67 -0.44
C ASP B 37 -15.55 -24.38 -1.14
N THR B 38 -15.99 -23.25 -0.61
CA THR B 38 -15.59 -21.95 -1.13
C THR B 38 -14.08 -21.75 -0.97
N LYS B 39 -13.56 -22.14 0.19
CA LYS B 39 -12.13 -21.99 0.49
C LYS B 39 -11.26 -22.89 -0.38
N ARG B 40 -11.70 -24.13 -0.60
CA ARG B 40 -10.84 -25.16 -1.19
C ARG B 40 -10.92 -25.28 -2.69
N SER B 41 -11.78 -24.48 -3.30
CA SER B 41 -12.09 -24.63 -4.72
C SER B 41 -11.65 -23.44 -5.59
N VAL B 42 -11.14 -23.75 -6.78
CA VAL B 42 -10.86 -22.73 -7.79
C VAL B 42 -11.29 -23.20 -9.18
N ALA B 43 -11.48 -22.24 -10.08
CA ALA B 43 -11.74 -22.52 -11.48
C ALA B 43 -10.46 -22.24 -12.27
N VAL B 44 -10.16 -23.12 -13.23
CA VAL B 44 -9.04 -22.90 -14.14
C VAL B 44 -9.55 -22.85 -15.57
N ASN B 45 -9.21 -21.77 -16.27
CA ASN B 45 -9.64 -21.57 -17.66
C ASN B 45 -8.64 -22.23 -18.63
N LEU B 46 -8.95 -23.44 -19.06
CA LEU B 46 -8.07 -24.21 -19.94
C LEU B 46 -7.94 -23.58 -21.33
N ALA B 47 -9.05 -23.08 -21.86
CA ALA B 47 -9.04 -22.38 -23.14
C ALA B 47 -8.20 -21.11 -23.05
N GLY B 48 -8.27 -20.44 -21.90
CA GLY B 48 -7.45 -19.27 -21.68
C GLY B 48 -5.96 -19.58 -21.65
N ILE B 49 -5.59 -20.66 -20.96
CA ILE B 49 -4.20 -21.12 -20.93
C ILE B 49 -3.70 -21.43 -22.33
N GLN B 50 -4.50 -22.16 -23.10
CA GLN B 50 -4.13 -22.55 -24.46
C GLN B 50 -3.90 -21.33 -25.34
N GLY B 51 -4.81 -20.36 -25.23
CA GLY B 51 -4.69 -19.12 -25.99
C GLY B 51 -3.48 -18.30 -25.57
N ALA B 52 -3.25 -18.24 -24.25
CA ALA B 52 -2.10 -17.51 -23.71
C ALA B 52 -0.78 -18.12 -24.16
N LEU B 53 -0.72 -19.45 -24.15
CA LEU B 53 0.46 -20.18 -24.61
C LEU B 53 0.79 -19.88 -26.08
N ALA B 54 -0.26 -19.85 -26.91
CA ALA B 54 -0.09 -19.69 -28.35
C ALA B 54 0.29 -18.27 -28.73
N SER B 55 -0.26 -17.29 -28.03
CA SER B 55 -0.12 -15.89 -28.41
C SER B 55 0.95 -15.15 -27.62
N GLY B 56 1.25 -15.67 -26.43
CA GLY B 56 2.15 -14.96 -25.53
C GLY B 56 1.43 -13.92 -24.68
N LYS B 57 0.10 -13.86 -24.84
CA LYS B 57 -0.72 -12.90 -24.09
C LYS B 57 -1.04 -13.41 -22.71
N MET B 58 -0.20 -13.04 -21.75
CA MET B 58 -0.30 -13.49 -20.37
C MET B 58 0.28 -12.40 -19.47
N GLY B 59 -0.23 -12.32 -18.24
CA GLY B 59 0.39 -11.45 -17.25
C GLY B 59 -0.28 -10.11 -17.04
N GLY B 60 -1.36 -9.84 -17.78
CA GLY B 60 -2.13 -8.64 -17.53
C GLY B 60 -2.63 -7.95 -18.78
N LYS B 61 -3.43 -6.89 -18.58
CA LYS B 61 -4.02 -6.12 -19.66
C LYS B 61 -2.97 -5.59 -20.64
N GLY B 62 -3.13 -5.95 -21.91
CA GLY B 62 -2.22 -5.46 -22.95
C GLY B 62 -0.97 -6.30 -23.14
N ARG B 63 -0.68 -7.19 -22.20
CA ARG B 63 0.58 -7.93 -22.20
C ARG B 63 0.64 -8.94 -23.34
N GLN B 64 1.79 -8.96 -24.00
CA GLN B 64 2.12 -10.02 -24.95
C GLN B 64 3.63 -10.17 -25.05
N ILE B 65 4.11 -11.39 -24.82
CA ILE B 65 5.51 -11.71 -25.02
C ILE B 65 5.65 -12.33 -26.41
N LEU B 66 6.29 -11.60 -27.32
CA LEU B 66 6.44 -12.03 -28.70
C LEU B 66 7.50 -13.12 -28.87
N GLY B 67 7.27 -14.01 -29.83
CA GLY B 67 8.29 -14.94 -30.26
C GLY B 67 8.53 -16.13 -29.36
N ARG B 68 7.55 -16.44 -28.51
CA ARG B 68 7.71 -17.49 -27.52
C ARG B 68 6.52 -18.45 -27.54
N GLY B 69 5.86 -18.53 -28.70
CA GLY B 69 4.61 -19.24 -28.81
C GLY B 69 4.73 -20.75 -28.61
N LEU B 70 3.82 -21.29 -27.82
CA LEU B 70 3.73 -22.74 -27.62
C LEU B 70 2.33 -23.20 -28.01
N ASN B 71 2.27 -24.14 -28.93
CA ASN B 71 0.99 -24.64 -29.44
C ASN B 71 0.64 -25.97 -28.81
N TYR B 72 0.01 -25.90 -27.63
CA TYR B 72 -0.40 -27.08 -26.90
C TYR B 72 -1.93 -27.20 -26.96
N ASP B 73 -2.41 -28.38 -27.30
CA ASP B 73 -3.85 -28.64 -27.30
C ASP B 73 -4.32 -28.95 -25.90
N ILE B 74 -4.53 -27.89 -25.12
CA ILE B 74 -4.95 -28.02 -23.72
C ILE B 74 -6.37 -28.57 -23.62
N VAL B 75 -7.28 -27.94 -24.36
CA VAL B 75 -8.71 -28.29 -24.30
C VAL B 75 -8.98 -29.70 -24.85
N GLY B 76 -8.28 -30.07 -25.91
CA GLY B 76 -8.44 -31.39 -26.48
C GLY B 76 -7.94 -32.51 -25.57
N ASN B 77 -7.11 -32.16 -24.60
CA ASN B 77 -6.57 -33.11 -23.64
C ASN B 77 -7.13 -32.88 -22.24
N ALA B 78 -8.28 -32.22 -22.17
CA ALA B 78 -8.87 -31.78 -20.90
C ALA B 78 -9.08 -32.90 -19.89
N ASP B 79 -9.52 -34.07 -20.37
CA ASP B 79 -9.77 -35.21 -19.50
C ASP B 79 -8.49 -35.76 -18.88
N ALA B 80 -7.47 -35.94 -19.72
CA ALA B 80 -6.16 -36.40 -19.25
C ALA B 80 -5.54 -35.38 -18.29
N ILE B 81 -5.75 -34.09 -18.58
CA ILE B 81 -5.24 -33.03 -17.72
C ILE B 81 -5.95 -33.03 -16.37
N ALA B 82 -7.27 -33.17 -16.40
CA ALA B 82 -8.06 -33.24 -15.16
C ALA B 82 -7.59 -34.40 -14.29
N GLU B 83 -7.29 -35.53 -14.91
CA GLU B 83 -6.86 -36.72 -14.19
C GLU B 83 -5.52 -36.51 -13.51
N ASN B 84 -4.57 -35.93 -14.24
CA ASN B 84 -3.23 -35.71 -13.70
C ASN B 84 -3.22 -34.60 -12.66
N VAL B 85 -4.08 -33.60 -12.86
CA VAL B 85 -4.24 -32.52 -11.89
C VAL B 85 -4.76 -33.06 -10.56
N LYS B 86 -5.73 -33.98 -10.62
CA LYS B 86 -6.25 -34.60 -9.41
C LYS B 86 -5.18 -35.37 -8.64
N LYS B 87 -4.33 -36.10 -9.37
CA LYS B 87 -3.22 -36.83 -8.76
C LYS B 87 -2.26 -35.89 -8.01
N LEU B 88 -2.08 -34.69 -8.53
CA LEU B 88 -1.17 -33.71 -7.92
C LEU B 88 -1.84 -32.90 -6.81
N VAL B 89 -3.12 -32.61 -6.98
CA VAL B 89 -3.88 -31.84 -5.98
C VAL B 89 -4.22 -32.68 -4.75
N GLN B 90 -4.47 -33.97 -4.95
CA GLN B 90 -4.88 -34.84 -3.85
C GLN B 90 -3.74 -35.05 -2.86
N VAL B 91 -4.12 -35.31 -1.61
CA VAL B 91 -3.16 -35.53 -0.54
C VAL B 91 -3.07 -37.03 -0.24
N ASP B 92 -4.22 -37.69 -0.16
CA ASP B 92 -4.24 -39.14 -0.03
C ASP B 92 -5.16 -39.77 -1.06
N GLU B 93 -4.83 -41.00 -1.45
CA GLU B 93 -5.65 -41.76 -2.39
C GLU B 93 -7.07 -41.92 -1.86
N GLY B 94 -8.05 -41.51 -2.66
CA GLY B 94 -9.44 -41.64 -2.28
C GLY B 94 -9.95 -40.60 -1.30
N ASP B 95 -9.24 -39.48 -1.15
CA ASP B 95 -9.71 -38.39 -0.32
C ASP B 95 -10.75 -37.53 -1.05
N ASP B 96 -11.09 -36.38 -0.48
CA ASP B 96 -12.19 -35.56 -1.00
C ASP B 96 -11.79 -34.58 -2.09
N THR B 97 -10.62 -34.79 -2.71
CA THR B 97 -10.21 -34.03 -3.88
C THR B 97 -11.20 -34.26 -5.01
N ASN B 98 -11.61 -33.19 -5.67
CA ASN B 98 -12.53 -33.29 -6.79
C ASN B 98 -12.09 -32.37 -7.92
N VAL B 99 -11.69 -32.98 -9.04
CA VAL B 99 -11.33 -32.21 -10.24
C VAL B 99 -12.25 -32.60 -11.38
N ILE B 100 -13.02 -31.63 -11.86
CA ILE B 100 -14.09 -31.88 -12.82
C ILE B 100 -13.94 -31.01 -14.08
N LYS B 101 -14.06 -31.65 -15.23
CA LYS B 101 -14.05 -30.95 -16.52
C LYS B 101 -15.36 -30.22 -16.74
N VAL B 102 -15.27 -28.94 -17.10
CA VAL B 102 -16.42 -28.06 -17.24
C VAL B 102 -16.48 -27.49 -18.66
N LYS B 103 -17.70 -27.31 -19.18
CA LYS B 103 -17.93 -26.64 -20.48
C LYS B 103 -17.17 -27.29 -21.64
N GLY B 104 -17.31 -28.60 -21.79
CA GLY B 104 -16.67 -29.30 -22.90
C GLY B 104 -15.16 -29.20 -22.90
N GLY B 105 -14.56 -29.07 -21.72
CA GLY B 105 -13.12 -29.05 -21.62
C GLY B 105 -12.49 -27.68 -21.65
N LYS B 106 -13.31 -26.63 -21.64
CA LYS B 106 -12.81 -25.26 -21.66
C LYS B 106 -12.31 -24.78 -20.30
N SER B 107 -12.73 -25.47 -19.24
CA SER B 107 -12.32 -25.12 -17.88
C SER B 107 -12.40 -26.31 -16.92
N LEU B 108 -11.75 -26.18 -15.78
CA LEU B 108 -11.77 -27.20 -14.74
C LEU B 108 -12.28 -26.60 -13.43
N LEU B 109 -13.00 -27.41 -12.67
CA LEU B 109 -13.21 -27.16 -11.24
C LEU B 109 -12.17 -27.96 -10.48
N ILE B 110 -11.31 -27.27 -9.73
CA ILE B 110 -10.34 -27.93 -8.88
C ILE B 110 -10.67 -27.69 -7.42
N GLN B 111 -11.15 -28.74 -6.75
CA GLN B 111 -11.44 -28.70 -5.33
C GLN B 111 -10.36 -29.45 -4.57
N SER B 112 -9.49 -28.71 -3.90
CA SER B 112 -8.47 -29.30 -3.03
C SER B 112 -9.14 -30.12 -1.95
N PRO B 113 -8.47 -31.19 -1.47
CA PRO B 113 -8.96 -31.88 -0.27
C PRO B 113 -8.98 -30.94 0.94
N LYS B 114 -9.94 -31.14 1.83
CA LYS B 114 -10.07 -30.28 2.99
C LYS B 114 -8.82 -30.28 3.87
N SER B 115 -7.97 -31.31 3.71
CA SER B 115 -6.70 -31.37 4.44
C SER B 115 -5.78 -30.18 4.12
N ARG B 116 -5.86 -29.65 2.91
CA ARG B 116 -5.02 -28.49 2.55
C ARG B 116 -5.52 -27.24 3.26
N ILE B 117 -6.82 -27.17 3.49
CA ILE B 117 -7.40 -26.05 4.23
C ILE B 117 -7.16 -26.20 5.73
N ILE B 118 -7.25 -27.44 6.21
CA ILE B 118 -7.01 -27.75 7.62
C ILE B 118 -5.56 -27.44 8.02
N ALA B 119 -4.63 -27.73 7.11
CA ALA B 119 -3.21 -27.49 7.36
C ALA B 119 -2.75 -26.09 6.95
N GLY B 120 -3.68 -25.28 6.44
CA GLY B 120 -3.35 -23.94 6.02
C GLY B 120 -3.86 -22.88 6.98
N ALA B 121 -3.28 -21.69 6.90
CA ALA B 121 -3.72 -20.55 7.70
C ALA B 121 -4.94 -19.88 7.09
N ASP B 122 -5.05 -19.94 5.76
CA ASP B 122 -6.20 -19.36 5.07
C ASP B 122 -6.68 -20.24 3.91
N PHE B 123 -6.87 -19.65 2.74
CA PHE B 123 -7.55 -20.33 1.64
C PHE B 123 -6.78 -20.33 0.32
N MET B 124 -5.59 -19.74 0.32
CA MET B 124 -4.85 -19.56 -0.93
C MET B 124 -4.21 -20.85 -1.46
N SER B 125 -4.16 -21.90 -0.65
CA SER B 125 -3.62 -23.18 -1.11
C SER B 125 -4.43 -23.75 -2.28
N ALA B 126 -5.73 -23.46 -2.31
CA ALA B 126 -6.58 -23.91 -3.41
C ALA B 126 -6.09 -23.35 -4.74
N THR B 127 -5.68 -22.07 -4.69
CA THR B 127 -5.17 -21.37 -5.86
C THR B 127 -3.75 -21.82 -6.22
N THR B 128 -2.87 -21.85 -5.21
CA THR B 128 -1.46 -22.14 -5.46
C THR B 128 -1.21 -23.59 -5.86
N VAL B 129 -1.88 -24.51 -5.17
CA VAL B 129 -1.79 -25.94 -5.50
C VAL B 129 -2.51 -26.25 -6.81
N GLY B 130 -3.67 -25.61 -7.01
CA GLY B 130 -4.37 -25.76 -8.27
C GLY B 130 -3.54 -25.30 -9.46
N ALA B 131 -2.92 -24.13 -9.31
CA ALA B 131 -2.08 -23.56 -10.36
C ALA B 131 -0.81 -24.40 -10.57
N ALA B 132 -0.22 -24.87 -9.47
CA ALA B 132 0.97 -25.70 -9.53
C ALA B 132 0.67 -27.03 -10.21
N ALA B 133 -0.46 -27.62 -9.88
CA ALA B 133 -0.88 -28.90 -10.47
C ALA B 133 -1.06 -28.77 -11.98
N VAL B 134 -1.72 -27.70 -12.41
CA VAL B 134 -1.92 -27.46 -13.83
C VAL B 134 -0.60 -27.18 -14.54
N THR B 135 0.26 -26.39 -13.90
CA THR B 135 1.55 -26.03 -14.48
C THR B 135 2.43 -27.27 -14.68
N GLN B 136 2.52 -28.12 -13.66
CA GLN B 136 3.29 -29.35 -13.73
C GLN B 136 2.72 -30.30 -14.79
N THR B 137 1.38 -30.38 -14.85
CA THR B 137 0.71 -31.28 -15.77
C THR B 137 1.00 -30.91 -17.22
N ILE B 138 0.94 -29.62 -17.53
CA ILE B 138 1.21 -29.14 -18.88
C ILE B 138 2.68 -29.32 -19.24
N MET B 139 3.55 -29.07 -18.28
CA MET B 139 5.00 -29.24 -18.47
C MET B 139 5.33 -30.66 -18.87
N ASP B 140 4.71 -31.62 -18.19
CA ASP B 140 4.93 -33.04 -18.47
C ASP B 140 4.25 -33.49 -19.76
N MET B 141 2.97 -33.17 -19.89
CA MET B 141 2.16 -33.68 -20.99
C MET B 141 2.70 -33.27 -22.35
N PHE B 142 3.19 -32.03 -22.44
CA PHE B 142 3.61 -31.47 -23.72
C PHE B 142 5.12 -31.36 -23.84
N GLY B 143 5.83 -31.92 -22.86
CA GLY B 143 7.28 -32.06 -22.94
C GLY B 143 8.02 -30.75 -23.10
N THR B 144 7.63 -29.75 -22.32
CA THR B 144 8.19 -28.41 -22.42
C THR B 144 9.69 -28.40 -22.12
N ASP B 145 10.47 -27.78 -23.01
CA ASP B 145 11.89 -27.54 -22.75
C ASP B 145 12.03 -26.63 -21.54
N PRO B 146 13.03 -26.89 -20.67
CA PRO B 146 13.25 -26.07 -19.48
C PRO B 146 13.28 -24.57 -19.76
N TYR B 147 13.90 -24.16 -20.87
CA TYR B 147 13.96 -22.74 -21.20
C TYR B 147 12.65 -22.15 -21.70
N ASP B 148 11.61 -22.99 -21.80
CA ASP B 148 10.26 -22.53 -22.10
C ASP B 148 9.35 -22.63 -20.88
N ALA B 149 9.88 -23.19 -19.80
CA ALA B 149 9.13 -23.35 -18.55
C ALA B 149 8.50 -22.05 -18.03
N PRO B 150 9.23 -20.91 -18.11
CA PRO B 150 8.65 -19.64 -17.65
C PRO B 150 7.36 -19.25 -18.38
N ILE B 151 7.29 -19.61 -19.66
CA ILE B 151 6.13 -19.31 -20.49
C ILE B 151 4.91 -20.13 -20.07
N VAL B 152 5.11 -21.43 -19.85
CA VAL B 152 4.04 -22.31 -19.40
C VAL B 152 3.54 -21.87 -18.02
N LYS B 153 4.48 -21.52 -17.15
CA LYS B 153 4.16 -21.11 -15.79
C LYS B 153 3.27 -19.87 -15.77
N SER B 154 3.67 -18.85 -16.52
CA SER B 154 2.93 -17.59 -16.52
C SER B 154 1.65 -17.62 -17.34
N ALA B 155 1.50 -18.61 -18.22
CA ALA B 155 0.23 -18.84 -18.88
C ALA B 155 -0.82 -19.16 -17.84
N VAL B 156 -0.40 -19.82 -16.77
CA VAL B 156 -1.29 -20.21 -15.68
C VAL B 156 -1.33 -19.15 -14.58
N TRP B 157 -0.15 -18.69 -14.16
CA TRP B 157 0.00 -17.84 -12.98
C TRP B 157 -0.03 -16.35 -13.28
N GLY B 158 0.08 -15.97 -14.55
CA GLY B 158 0.12 -14.57 -14.92
C GLY B 158 1.39 -13.87 -14.45
N SER B 159 1.22 -12.72 -13.80
CA SER B 159 2.36 -11.89 -13.40
C SER B 159 2.84 -12.16 -11.97
N TYR B 160 2.22 -13.11 -11.30
CA TYR B 160 2.68 -13.54 -9.98
C TYR B 160 4.04 -14.21 -10.12
N PRO B 161 5.06 -13.81 -9.33
CA PRO B 161 4.98 -12.99 -8.10
C PRO B 161 5.38 -11.52 -8.19
N GLN B 162 5.54 -10.97 -9.40
CA GLN B 162 5.76 -9.53 -9.54
C GLN B 162 4.53 -8.77 -9.03
N THR B 163 3.35 -9.25 -9.42
CA THR B 163 2.09 -8.77 -8.84
C THR B 163 1.74 -9.63 -7.62
N MET B 164 0.89 -9.10 -6.75
CA MET B 164 0.49 -9.81 -5.54
C MET B 164 -0.53 -10.91 -5.82
N ASP B 165 -1.23 -10.78 -6.94
CA ASP B 165 -2.20 -11.76 -7.38
C ASP B 165 -1.73 -12.43 -8.67
N LEU B 166 -2.51 -13.39 -9.16
CA LEU B 166 -2.23 -14.02 -10.44
C LEU B 166 -2.79 -13.18 -11.59
N MET B 167 -2.32 -11.93 -11.69
CA MET B 167 -2.83 -10.99 -12.69
C MET B 167 -2.51 -11.50 -14.08
N GLY B 168 -3.54 -11.60 -14.91
CA GLY B 168 -3.36 -12.12 -16.26
C GLY B 168 -3.08 -13.61 -16.28
N GLY B 169 -3.44 -14.27 -15.19
CA GLY B 169 -3.37 -15.72 -15.13
C GLY B 169 -4.70 -16.35 -15.51
N GLN B 170 -4.85 -17.64 -15.20
CA GLN B 170 -6.04 -18.36 -15.63
C GLN B 170 -6.67 -19.15 -14.48
N VAL B 171 -6.42 -18.72 -13.25
CA VAL B 171 -6.99 -19.35 -12.07
C VAL B 171 -7.82 -18.33 -11.28
N GLN B 172 -9.06 -18.70 -10.97
CA GLN B 172 -9.98 -17.83 -10.26
C GLN B 172 -10.69 -18.63 -9.17
N GLY B 173 -11.04 -17.97 -8.07
CA GLY B 173 -11.93 -18.55 -7.10
C GLY B 173 -13.09 -17.61 -6.80
N ILE B 174 -13.94 -18.00 -5.86
CA ILE B 174 -15.02 -17.13 -5.38
C ILE B 174 -14.47 -16.01 -4.50
N LEU B 175 -13.40 -16.30 -3.77
CA LEU B 175 -12.77 -15.33 -2.89
C LEU B 175 -11.70 -14.54 -3.62
N SER B 176 -11.12 -13.55 -2.94
CA SER B 176 -10.04 -12.74 -3.49
C SER B 176 -8.71 -13.27 -2.91
N ILE B 177 -7.73 -12.37 -2.74
CA ILE B 177 -6.53 -12.71 -1.98
C ILE B 177 -6.59 -11.99 -0.63
N PRO B 178 -6.02 -12.60 0.42
CA PRO B 178 -6.19 -12.11 1.79
C PRO B 178 -5.74 -10.66 1.97
N GLN B 179 -4.74 -10.24 1.20
CA GLN B 179 -4.19 -8.89 1.31
C GLN B 179 -5.16 -7.81 0.87
N ASN B 180 -6.22 -8.20 0.19
CA ASN B 180 -7.23 -7.25 -0.25
C ASN B 180 -8.25 -6.92 0.84
N ASN B 181 -8.20 -7.63 1.95
CA ASN B 181 -9.09 -7.37 3.08
C ASN B 181 -8.90 -5.95 3.62
N GLU B 182 -10.00 -5.23 3.78
CA GLU B 182 -9.97 -3.94 4.45
C GLU B 182 -9.79 -4.13 5.95
N GLY B 183 -10.52 -5.09 6.50
CA GLY B 183 -10.48 -5.31 7.94
C GLY B 183 -10.14 -6.74 8.31
N LEU B 184 -10.17 -7.02 9.61
CA LEU B 184 -9.84 -8.33 10.14
C LEU B 184 -11.09 -9.19 10.22
N GLY B 185 -11.07 -10.31 9.52
CA GLY B 185 -12.26 -11.16 9.43
C GLY B 185 -13.09 -10.87 8.20
N PHE B 186 -12.48 -10.26 7.19
CA PHE B 186 -13.19 -9.78 6.02
C PHE B 186 -13.09 -10.66 4.77
N SER B 187 -12.35 -11.77 4.84
CA SER B 187 -12.12 -12.59 3.65
C SER B 187 -13.40 -13.07 2.98
N LEU B 188 -14.34 -13.57 3.78
CA LEU B 188 -15.60 -14.09 3.25
C LEU B 188 -16.56 -12.98 2.83
N ARG B 189 -16.22 -11.73 3.16
CA ARG B 189 -16.97 -10.59 2.67
C ARG B 189 -16.49 -10.07 1.33
N ASN B 190 -15.32 -10.50 0.89
CA ASN B 190 -14.78 -10.03 -0.39
C ASN B 190 -15.23 -10.95 -1.52
N ILE B 191 -16.55 -11.03 -1.70
CA ILE B 191 -17.15 -11.83 -2.75
C ILE B 191 -18.08 -10.96 -3.59
N MET B 192 -17.69 -10.77 -4.84
CA MET B 192 -18.39 -9.93 -5.79
C MET B 192 -19.86 -10.34 -5.94
N ALA B 193 -20.77 -9.37 -5.86
CA ALA B 193 -22.21 -9.64 -5.94
C ALA B 193 -22.58 -10.43 -7.20
N ASN B 194 -21.93 -10.12 -8.31
CA ASN B 194 -22.15 -10.86 -9.56
C ASN B 194 -21.81 -12.35 -9.44
N HIS B 195 -20.79 -12.67 -8.63
CA HIS B 195 -20.41 -14.07 -8.38
C HIS B 195 -21.56 -14.83 -7.73
N VAL B 196 -22.13 -14.25 -6.68
CA VAL B 196 -23.21 -14.88 -5.92
C VAL B 196 -24.46 -15.07 -6.77
N ALA B 197 -24.84 -14.04 -7.52
CA ALA B 197 -25.96 -14.12 -8.44
C ALA B 197 -25.74 -15.16 -9.55
N ALA B 198 -24.50 -15.24 -10.05
CA ALA B 198 -24.13 -16.26 -11.03
C ALA B 198 -24.31 -17.67 -10.47
N ILE B 199 -23.77 -17.90 -9.28
CA ILE B 199 -23.85 -19.19 -8.61
C ILE B 199 -25.30 -19.60 -8.32
N SER B 200 -26.13 -18.61 -8.01
CA SER B 200 -27.54 -18.83 -7.69
C SER B 200 -28.39 -19.10 -8.93
N ASN B 201 -27.77 -19.00 -10.11
CA ASN B 201 -28.47 -19.13 -11.39
C ASN B 201 -29.58 -18.07 -11.54
N ARG B 202 -29.27 -16.86 -11.07
CA ARG B 202 -30.17 -15.72 -11.16
C ARG B 202 -31.48 -15.97 -10.42
N ASN B 203 -31.40 -16.75 -9.35
CA ASN B 203 -32.51 -16.91 -8.41
C ASN B 203 -32.31 -15.92 -7.28
N ALA B 204 -33.19 -14.91 -7.20
CA ALA B 204 -33.02 -13.76 -6.32
C ALA B 204 -32.88 -14.12 -4.85
N MET B 205 -33.80 -14.93 -4.33
CA MET B 205 -33.79 -15.25 -2.91
C MET B 205 -32.68 -16.22 -2.53
N ASN B 206 -32.32 -17.11 -3.45
CA ASN B 206 -31.19 -18.00 -3.22
C ASN B 206 -29.87 -17.24 -3.29
N ALA B 207 -29.85 -16.17 -4.09
CA ALA B 207 -28.71 -15.27 -4.14
C ALA B 207 -28.55 -14.50 -2.83
N SER B 208 -29.64 -13.92 -2.34
CA SER B 208 -29.60 -13.22 -1.06
C SER B 208 -29.35 -14.19 0.11
N ALA B 209 -29.79 -15.43 -0.03
CA ALA B 209 -29.56 -16.46 0.98
C ALA B 209 -28.08 -16.81 1.08
N LEU B 210 -27.46 -17.11 -0.06
CA LEU B 210 -26.05 -17.45 -0.11
C LEU B 210 -25.18 -16.28 0.33
N SER B 211 -25.55 -15.07 -0.12
CA SER B 211 -24.84 -13.86 0.29
C SER B 211 -24.93 -13.65 1.80
N SER B 212 -26.10 -13.89 2.36
CA SER B 212 -26.30 -13.77 3.81
C SER B 212 -25.39 -14.73 4.57
N ILE B 213 -25.29 -15.96 4.08
CA ILE B 213 -24.42 -16.97 4.67
C ILE B 213 -22.95 -16.50 4.68
N TYR B 214 -22.49 -15.96 3.55
CA TYR B 214 -21.13 -15.43 3.45
C TYR B 214 -20.94 -14.22 4.35
N GLU B 215 -21.87 -13.27 4.27
CA GLU B 215 -21.78 -12.03 5.03
C GLU B 215 -21.76 -12.26 6.54
N GLN B 216 -22.66 -13.11 7.02
CA GLN B 216 -22.71 -13.39 8.46
C GLN B 216 -21.55 -14.26 8.93
N SER B 217 -21.08 -15.16 8.06
CA SER B 217 -19.83 -15.86 8.34
C SER B 217 -18.67 -14.87 8.50
N GLY B 218 -18.71 -13.81 7.70
CA GLY B 218 -17.77 -12.71 7.87
C GLY B 218 -17.94 -11.96 9.18
N ILE B 219 -19.17 -11.56 9.50
CA ILE B 219 -19.44 -10.84 10.74
C ILE B 219 -19.02 -11.67 11.95
N PHE B 220 -19.24 -12.98 11.87
CA PHE B 220 -18.79 -13.89 12.94
C PHE B 220 -17.28 -13.92 13.04
N GLU B 221 -16.59 -13.98 11.91
CA GLU B 221 -15.12 -13.98 11.90
C GLU B 221 -14.55 -12.63 12.34
N MET B 222 -15.33 -11.57 12.11
CA MET B 222 -14.98 -10.21 12.56
C MET B 222 -15.11 -10.03 14.07
N GLY B 223 -15.72 -11.01 14.73
CA GLY B 223 -16.03 -10.87 16.15
C GLY B 223 -17.18 -9.90 16.37
N GLY B 224 -18.04 -9.79 15.37
CA GLY B 224 -19.19 -8.90 15.46
C GLY B 224 -20.47 -9.61 15.89
N ALA B 225 -20.34 -10.86 16.34
CA ALA B 225 -21.49 -11.64 16.79
C ALA B 225 -21.18 -12.32 18.12
N VAL B 226 -20.57 -11.56 19.02
CA VAL B 226 -20.18 -12.07 20.34
C VAL B 226 -21.20 -11.61 21.37
N GLY B 227 -21.54 -12.51 22.30
CA GLY B 227 -22.48 -12.16 23.35
C GLY B 227 -23.86 -11.87 22.82
N MET B 228 -24.43 -10.74 23.24
CA MET B 228 -25.78 -10.35 22.82
C MET B 228 -25.85 -10.14 21.31
N PHE B 229 -24.70 -9.92 20.69
CA PHE B 229 -24.66 -9.65 19.25
C PHE B 229 -24.80 -10.91 18.41
N GLU B 230 -24.66 -12.08 19.04
CA GLU B 230 -24.90 -13.32 18.32
C GLU B 230 -26.39 -13.50 17.99
N ARG B 231 -27.24 -13.41 19.02
CA ARG B 231 -28.69 -13.42 18.78
C ARG B 231 -29.07 -12.36 17.76
N HIS B 232 -28.50 -11.17 17.91
CA HIS B 232 -28.77 -10.05 17.01
C HIS B 232 -28.52 -10.40 15.54
N GLN B 233 -27.33 -10.91 15.24
CA GLN B 233 -26.96 -11.27 13.87
C GLN B 233 -27.71 -12.49 13.35
N LEU B 234 -27.98 -13.45 14.23
CA LEU B 234 -28.66 -14.69 13.83
C LEU B 234 -30.14 -14.49 13.51
N LEU B 235 -30.80 -13.58 14.20
CA LEU B 235 -32.16 -13.20 13.84
C LEU B 235 -32.19 -12.59 12.43
N GLY B 236 -31.18 -11.79 12.13
CA GLY B 236 -31.05 -11.21 10.79
C GLY B 236 -30.80 -12.28 9.74
N LEU B 237 -29.88 -13.19 10.01
CA LEU B 237 -29.59 -14.29 9.09
C LEU B 237 -30.84 -15.15 8.86
N ALA B 238 -31.54 -15.49 9.94
CA ALA B 238 -32.70 -16.36 9.86
C ALA B 238 -33.82 -15.73 9.03
N TYR B 239 -34.17 -14.49 9.37
CA TYR B 239 -35.31 -13.83 8.75
C TYR B 239 -35.01 -13.23 7.38
N GLN B 240 -33.94 -12.43 7.28
CA GLN B 240 -33.59 -11.82 6.00
C GLN B 240 -32.95 -12.84 5.05
N GLY B 241 -32.04 -13.64 5.59
CA GLY B 241 -31.29 -14.56 4.75
C GLY B 241 -32.03 -15.84 4.39
N LEU B 242 -32.71 -16.44 5.36
CA LEU B 242 -33.23 -17.80 5.20
C LEU B 242 -34.75 -17.90 5.18
N ASN B 243 -35.42 -16.76 4.96
CA ASN B 243 -36.87 -16.71 4.80
C ASN B 243 -37.61 -17.32 6.00
N ALA B 244 -37.13 -17.02 7.20
CA ALA B 244 -37.71 -17.56 8.43
C ALA B 244 -39.20 -17.20 8.53
N ASN B 245 -40.01 -18.23 8.83
CA ASN B 245 -41.46 -18.09 8.98
C ASN B 245 -42.16 -17.58 7.72
N ASN B 246 -41.48 -17.69 6.58
CA ASN B 246 -42.00 -17.26 5.28
C ASN B 246 -42.31 -15.78 5.24
N LEU B 247 -41.73 -15.01 6.16
CA LEU B 247 -42.02 -13.58 6.29
C LEU B 247 -41.56 -12.81 5.04
N LEU B 248 -40.31 -13.06 4.63
CA LEU B 248 -39.75 -12.45 3.43
C LEU B 248 -40.61 -12.75 2.20
N TYR B 249 -40.90 -14.03 1.99
CA TYR B 249 -41.66 -14.49 0.84
C TYR B 249 -43.07 -13.89 0.81
N ASP B 250 -43.72 -13.88 1.97
CA ASP B 250 -45.10 -13.41 2.08
C ASP B 250 -45.22 -11.90 1.86
N ILE B 251 -44.27 -11.15 2.39
CA ILE B 251 -44.25 -9.69 2.22
C ILE B 251 -44.03 -9.33 0.75
N VAL B 252 -43.11 -10.04 0.10
CA VAL B 252 -42.86 -9.84 -1.33
C VAL B 252 -44.09 -10.20 -2.15
N LYS B 253 -44.73 -11.33 -1.80
CA LYS B 253 -45.89 -11.80 -2.55
C LYS B 253 -47.07 -10.82 -2.48
N GLU B 254 -47.35 -10.29 -1.29
CA GLU B 254 -48.50 -9.41 -1.12
C GLU B 254 -48.22 -7.99 -1.64
N ASN B 255 -46.98 -7.74 -2.03
CA ASN B 255 -46.60 -6.47 -2.65
C ASN B 255 -46.14 -6.64 -4.09
N GLY B 256 -46.25 -7.86 -4.60
CA GLY B 256 -45.65 -8.18 -5.88
C GLY B 256 -46.36 -7.60 -7.09
N LYS B 257 -47.69 -7.58 -7.05
CA LYS B 257 -48.48 -7.13 -8.19
C LYS B 257 -48.43 -5.62 -8.40
N ASP B 258 -48.71 -4.86 -7.33
CA ASP B 258 -48.85 -3.41 -7.43
C ASP B 258 -48.00 -2.67 -6.41
N GLY B 259 -47.11 -3.39 -5.74
CA GLY B 259 -46.42 -2.83 -4.60
C GLY B 259 -45.24 -1.93 -4.92
N THR B 260 -44.86 -1.11 -3.94
CA THR B 260 -43.75 -0.19 -4.07
C THR B 260 -42.89 -0.33 -2.80
N ILE B 261 -41.81 0.45 -2.72
CA ILE B 261 -41.05 0.57 -1.48
C ILE B 261 -41.99 1.01 -0.35
N GLY B 262 -42.91 1.91 -0.68
CA GLY B 262 -43.84 2.44 0.30
C GLY B 262 -44.83 1.43 0.86
N THR B 263 -45.38 0.57 0.00
CA THR B 263 -46.37 -0.41 0.45
C THR B 263 -45.72 -1.54 1.25
N VAL B 264 -44.46 -1.84 0.96
CA VAL B 264 -43.70 -2.82 1.72
C VAL B 264 -43.54 -2.35 3.18
N ILE B 265 -43.40 -1.05 3.36
CA ILE B 265 -43.33 -0.47 4.70
C ILE B 265 -44.62 -0.71 5.49
N GLU B 266 -45.76 -0.62 4.81
CA GLU B 266 -47.04 -0.93 5.46
C GLU B 266 -47.10 -2.39 5.90
N SER B 267 -46.65 -3.30 5.03
CA SER B 267 -46.58 -4.72 5.35
C SER B 267 -45.70 -4.99 6.56
N VAL B 268 -44.52 -4.36 6.58
CA VAL B 268 -43.55 -4.55 7.65
C VAL B 268 -44.06 -4.05 9.00
N VAL B 269 -44.60 -2.83 9.01
CA VAL B 269 -45.11 -2.23 10.24
C VAL B 269 -46.36 -2.95 10.74
N ARG B 270 -47.26 -3.32 9.83
CA ARG B 270 -48.45 -4.06 10.22
C ARG B 270 -48.10 -5.38 10.88
N ARG B 271 -47.19 -6.12 10.23
CA ARG B 271 -46.78 -7.43 10.76
C ARG B 271 -45.99 -7.33 12.05
N ALA B 272 -45.20 -6.28 12.20
CA ALA B 272 -44.44 -6.07 13.42
C ALA B 272 -45.35 -5.78 14.61
N ILE B 273 -46.42 -5.02 14.36
CA ILE B 273 -47.43 -4.73 15.38
C ILE B 273 -48.24 -5.99 15.71
N GLU B 274 -48.63 -6.74 14.69
CA GLU B 274 -49.36 -7.99 14.87
C GLU B 274 -48.56 -9.00 15.71
N ALA B 275 -47.25 -9.03 15.50
CA ALA B 275 -46.38 -9.95 16.22
C ALA B 275 -46.02 -9.47 17.62
N GLY B 276 -46.38 -8.23 17.93
CA GLY B 276 -46.09 -7.66 19.24
C GLY B 276 -44.66 -7.21 19.41
N ILE B 277 -43.93 -7.10 18.30
CA ILE B 277 -42.53 -6.70 18.32
C ILE B 277 -42.39 -5.21 18.58
N ILE B 278 -43.34 -4.42 18.07
CA ILE B 278 -43.42 -3.00 18.37
C ILE B 278 -44.82 -2.59 18.84
N SER B 279 -44.90 -1.52 19.61
CA SER B 279 -46.17 -0.96 20.02
C SER B 279 -46.08 0.56 20.15
N VAL B 280 -47.23 1.22 20.17
CA VAL B 280 -47.26 2.68 20.33
C VAL B 280 -46.70 3.07 21.70
N ASP B 281 -45.72 3.98 21.68
CA ASP B 281 -45.13 4.50 22.91
C ASP B 281 -45.84 5.78 23.33
N LYS B 282 -46.08 6.66 22.36
CA LYS B 282 -46.70 7.96 22.62
C LYS B 282 -47.41 8.44 21.35
N THR B 283 -48.56 9.08 21.54
CA THR B 283 -49.27 9.72 20.43
C THR B 283 -49.17 11.23 20.57
N ALA B 284 -48.68 11.87 19.51
CA ALA B 284 -48.50 13.32 19.49
C ALA B 284 -49.82 14.04 19.15
N PRO B 285 -49.88 15.36 19.38
CA PRO B 285 -51.07 16.17 19.08
C PRO B 285 -51.64 16.00 17.67
N SER B 286 -50.76 15.79 16.69
CA SER B 286 -51.19 15.61 15.30
C SER B 286 -51.85 14.26 15.08
N GLY B 287 -51.70 13.37 16.06
CA GLY B 287 -52.18 12.01 15.93
C GLY B 287 -51.07 11.04 15.57
N TYR B 288 -49.86 11.56 15.33
CA TYR B 288 -48.72 10.72 14.97
C TYR B 288 -48.33 9.83 16.14
N ASN B 289 -48.24 8.53 15.87
CA ASN B 289 -47.85 7.56 16.88
C ASN B 289 -46.35 7.28 16.84
N PHE B 290 -45.65 7.67 17.90
CA PHE B 290 -44.26 7.25 18.10
C PHE B 290 -44.25 5.83 18.66
N TYR B 291 -43.58 4.92 17.97
CA TYR B 291 -43.53 3.52 18.40
C TYR B 291 -42.31 3.22 19.25
N LYS B 292 -42.37 2.12 20.00
CA LYS B 292 -41.21 1.58 20.70
C LYS B 292 -41.01 0.11 20.34
N ALA B 293 -39.75 -0.30 20.24
CA ALA B 293 -39.41 -1.69 19.94
C ALA B 293 -39.35 -2.49 21.24
N ASN B 294 -40.22 -3.49 21.36
CA ASN B 294 -40.27 -4.33 22.56
C ASN B 294 -39.15 -5.38 22.53
N ASP B 295 -38.76 -5.77 21.34
CA ASP B 295 -37.60 -6.63 21.14
C ASP B 295 -36.74 -5.98 20.06
N VAL B 296 -35.66 -5.32 20.48
CA VAL B 296 -34.85 -4.53 19.56
C VAL B 296 -34.16 -5.34 18.47
N PRO B 297 -33.51 -6.47 18.84
CA PRO B 297 -32.95 -7.34 17.79
C PRO B 297 -34.00 -7.91 16.82
N LYS B 298 -35.19 -8.20 17.31
CA LYS B 298 -36.26 -8.69 16.46
C LYS B 298 -36.80 -7.60 15.54
N TRP B 299 -36.89 -6.37 16.05
CA TRP B 299 -37.29 -5.24 15.22
C TRP B 299 -36.26 -5.03 14.09
N ASN B 300 -34.99 -5.12 14.45
CA ASN B 300 -33.91 -5.01 13.45
C ASN B 300 -34.08 -6.05 12.35
N ALA B 301 -34.43 -7.28 12.75
CA ALA B 301 -34.66 -8.36 11.81
C ALA B 301 -35.88 -8.08 10.91
N CYS B 302 -36.92 -7.47 11.48
CA CYS B 302 -38.08 -7.05 10.70
C CYS B 302 -37.67 -6.04 9.63
N ALA B 303 -36.86 -5.07 10.03
CA ALA B 303 -36.36 -4.05 9.12
C ALA B 303 -35.43 -4.65 8.06
N ALA B 304 -34.66 -5.67 8.45
CA ALA B 304 -33.77 -6.38 7.53
C ALA B 304 -34.57 -7.11 6.46
N VAL B 305 -35.62 -7.82 6.89
CA VAL B 305 -36.55 -8.48 5.98
C VAL B 305 -37.20 -7.48 5.05
N GLY B 306 -37.69 -6.37 5.61
CA GLY B 306 -38.34 -5.35 4.81
C GLY B 306 -37.43 -4.75 3.75
N THR B 307 -36.15 -4.58 4.10
CA THR B 307 -35.15 -4.03 3.18
C THR B 307 -34.97 -4.95 1.96
N LEU B 308 -34.87 -6.25 2.22
CA LEU B 308 -34.76 -7.23 1.15
C LEU B 308 -36.07 -7.38 0.38
N ALA B 309 -37.18 -7.41 1.10
CA ALA B 309 -38.50 -7.51 0.46
C ALA B 309 -38.74 -6.34 -0.49
N ALA B 310 -38.35 -5.14 -0.04
CA ALA B 310 -38.49 -3.94 -0.87
C ALA B 310 -37.58 -4.00 -2.10
N THR B 311 -36.41 -4.62 -1.94
CA THR B 311 -35.49 -4.81 -3.07
C THR B 311 -36.09 -5.75 -4.10
N LEU B 312 -36.64 -6.88 -3.64
CA LEU B 312 -37.24 -7.86 -4.53
C LEU B 312 -38.45 -7.26 -5.26
N VAL B 313 -39.18 -6.38 -4.57
CA VAL B 313 -40.35 -5.72 -5.16
C VAL B 313 -39.96 -4.61 -6.14
N ASN B 314 -39.01 -3.76 -5.75
CA ASN B 314 -38.66 -2.58 -6.54
C ASN B 314 -37.71 -2.90 -7.69
N CYS B 315 -36.68 -3.71 -7.41
CA CYS B 315 -35.82 -4.22 -8.48
C CYS B 315 -36.57 -5.23 -9.35
N GLY B 316 -37.47 -5.98 -8.72
CA GLY B 316 -38.28 -6.94 -9.46
C GLY B 316 -39.19 -6.27 -10.47
N ALA B 317 -39.87 -5.21 -10.05
CA ALA B 317 -40.78 -4.47 -10.92
C ALA B 317 -40.01 -3.87 -12.11
N GLY B 318 -38.84 -3.30 -11.83
CA GLY B 318 -38.04 -2.71 -12.88
C GLY B 318 -37.21 -3.70 -13.66
N ARG B 319 -37.10 -4.93 -13.14
CA ARG B 319 -36.14 -5.92 -13.63
C ARG B 319 -34.78 -5.23 -13.85
N ALA B 320 -34.43 -4.39 -12.87
CA ALA B 320 -33.26 -3.52 -12.97
C ALA B 320 -32.50 -3.53 -11.66
N ALA B 321 -31.22 -3.85 -11.74
CA ALA B 321 -30.37 -3.98 -10.55
C ALA B 321 -30.14 -2.65 -9.84
N GLN B 322 -30.09 -1.56 -10.59
CA GLN B 322 -29.69 -0.27 -10.02
C GLN B 322 -30.64 0.25 -8.95
N ASN B 323 -31.88 -0.23 -8.96
CA ASN B 323 -32.90 0.23 -8.02
C ASN B 323 -32.58 -0.16 -6.57
N VAL B 324 -31.65 -1.07 -6.38
CA VAL B 324 -31.32 -1.57 -5.03
C VAL B 324 -30.71 -0.50 -4.12
N SER B 325 -29.90 0.39 -4.68
CA SER B 325 -29.21 1.39 -3.86
C SER B 325 -30.21 2.37 -3.23
N SER B 326 -31.16 2.85 -4.03
CA SER B 326 -32.21 3.74 -3.53
C SER B 326 -33.20 2.99 -2.64
N THR B 327 -33.46 1.72 -2.96
CA THR B 327 -34.39 0.91 -2.19
C THR B 327 -33.91 0.76 -0.75
N LEU B 328 -32.65 0.42 -0.58
CA LEU B 328 -32.08 0.24 0.76
C LEU B 328 -32.09 1.55 1.54
N LEU B 329 -31.84 2.65 0.85
CA LEU B 329 -31.86 3.98 1.46
C LEU B 329 -33.28 4.33 1.91
N TYR B 330 -34.20 4.32 0.96
CA TYR B 330 -35.53 4.86 1.19
C TYR B 330 -36.49 3.96 1.94
N PHE B 331 -36.31 2.64 1.84
CA PHE B 331 -37.10 1.75 2.67
C PHE B 331 -36.87 2.08 4.14
N ASN B 332 -35.60 2.19 4.52
CA ASN B 332 -35.23 2.43 5.91
C ASN B 332 -35.49 3.87 6.36
N ASP B 333 -35.21 4.83 5.47
CA ASP B 333 -35.48 6.23 5.74
C ASP B 333 -36.98 6.45 5.96
N ILE B 334 -37.79 5.92 5.06
CA ILE B 334 -39.24 6.08 5.15
C ILE B 334 -39.83 5.25 6.30
N LEU B 335 -39.23 4.11 6.59
CA LEU B 335 -39.64 3.30 7.74
C LEU B 335 -39.47 4.07 9.05
N GLU B 336 -38.35 4.77 9.19
CA GLU B 336 -38.09 5.58 10.38
C GLU B 336 -39.12 6.70 10.52
N LYS B 337 -39.46 7.33 9.40
CA LYS B 337 -40.43 8.43 9.40
C LYS B 337 -41.87 7.95 9.64
N GLU B 338 -42.12 6.68 9.33
CA GLU B 338 -43.43 6.07 9.54
C GLU B 338 -43.65 5.68 10.99
N THR B 339 -42.57 5.35 11.69
CA THR B 339 -42.66 4.66 12.99
C THR B 339 -42.03 5.40 14.16
N GLY B 340 -41.00 6.19 13.90
CA GLY B 340 -40.21 6.77 14.99
C GLY B 340 -39.20 5.78 15.54
N LEU B 341 -39.02 4.67 14.82
CA LEU B 341 -38.07 3.63 15.19
C LEU B 341 -36.88 3.68 14.24
N PRO B 342 -35.69 3.27 14.71
CA PRO B 342 -34.51 3.23 13.82
C PRO B 342 -34.65 2.16 12.75
N GLY B 343 -34.11 2.47 11.56
CA GLY B 343 -34.10 1.50 10.49
C GLY B 343 -33.13 0.37 10.73
N CYS B 344 -32.98 -0.50 9.73
CA CYS B 344 -32.14 -1.68 9.86
C CYS B 344 -30.70 -1.31 10.17
N ASP B 345 -30.13 -2.00 11.16
CA ASP B 345 -28.77 -1.76 11.61
C ASP B 345 -28.61 -0.35 12.19
N TYR B 346 -29.73 0.22 12.63
CA TYR B 346 -29.76 1.48 13.36
C TYR B 346 -29.13 2.62 12.56
N GLY B 347 -29.46 2.62 11.27
CA GLY B 347 -28.97 3.65 10.36
C GLY B 347 -27.96 3.16 9.35
N LYS B 348 -27.32 2.03 9.62
CA LYS B 348 -26.16 1.61 8.83
C LYS B 348 -26.50 1.01 7.47
N VAL B 349 -27.71 0.47 7.33
CA VAL B 349 -28.17 0.07 5.99
C VAL B 349 -28.48 1.31 5.15
N GLU B 350 -29.18 2.27 5.75
CA GLU B 350 -29.46 3.54 5.10
C GLU B 350 -28.16 4.26 4.72
N GLY B 351 -27.22 4.31 5.66
CA GLY B 351 -25.95 4.95 5.41
C GLY B 351 -25.18 4.29 4.30
N THR B 352 -25.04 2.97 4.37
CA THR B 352 -24.41 2.20 3.30
C THR B 352 -25.07 2.51 1.96
N ALA B 353 -26.40 2.62 1.97
CA ALA B 353 -27.17 2.87 0.76
C ALA B 353 -26.96 4.28 0.20
N VAL B 354 -26.69 5.24 1.07
CA VAL B 354 -26.40 6.61 0.63
C VAL B 354 -25.12 6.65 -0.22
N GLY B 355 -24.05 6.06 0.32
CA GLY B 355 -22.79 6.00 -0.42
C GLY B 355 -22.84 5.05 -1.60
N PHE B 356 -23.54 3.94 -1.43
CA PHE B 356 -23.74 2.96 -2.48
C PHE B 356 -24.50 3.57 -3.67
N SER B 357 -25.54 4.36 -3.40
CA SER B 357 -26.25 5.10 -4.44
C SER B 357 -25.29 6.04 -5.16
N PHE B 358 -24.55 6.82 -4.37
CA PHE B 358 -23.59 7.77 -4.92
C PHE B 358 -22.56 7.08 -5.81
N PHE B 359 -21.99 5.99 -5.32
CA PHE B 359 -20.94 5.27 -6.04
C PHE B 359 -21.48 4.26 -7.06
N SER B 360 -22.79 4.32 -7.33
CA SER B 360 -23.34 3.61 -8.48
C SER B 360 -24.08 4.58 -9.42
N HIS B 361 -23.77 5.87 -9.28
CA HIS B 361 -24.41 6.90 -10.11
C HIS B 361 -23.48 8.10 -10.35
N SER B 362 -22.18 7.94 -10.08
CA SER B 362 -21.24 9.06 -10.16
C SER B 362 -19.95 8.73 -10.89
N ILE B 363 -19.05 9.70 -10.95
CA ILE B 363 -17.79 9.56 -11.67
C ILE B 363 -16.68 8.98 -10.80
N TYR B 364 -16.90 8.92 -9.50
CA TYR B 364 -15.80 8.78 -8.55
C TYR B 364 -15.30 7.37 -8.31
N GLY B 365 -16.12 6.38 -8.63
CA GLY B 365 -15.74 5.00 -8.41
C GLY B 365 -16.93 4.08 -8.39
N GLY B 366 -16.80 2.94 -7.71
CA GLY B 366 -17.88 1.97 -7.66
C GLY B 366 -18.18 1.34 -9.00
N GLY B 367 -19.42 1.50 -9.45
CA GLY B 367 -19.86 0.85 -10.67
C GLY B 367 -21.30 0.41 -10.53
N GLY B 368 -21.72 -0.54 -11.37
CA GLY B 368 -23.03 -1.14 -11.21
C GLY B 368 -23.09 -1.97 -9.94
N PRO B 369 -24.30 -2.31 -9.46
CA PRO B 369 -24.48 -3.07 -8.23
C PRO B 369 -23.63 -4.36 -8.15
N GLY B 370 -23.38 -4.97 -9.29
CA GLY B 370 -22.69 -6.24 -9.34
C GLY B 370 -21.23 -6.25 -8.92
N VAL B 371 -20.57 -5.10 -8.93
CA VAL B 371 -19.15 -5.05 -8.58
C VAL B 371 -18.91 -4.95 -7.08
N PHE B 372 -19.98 -4.67 -6.34
CA PHE B 372 -19.86 -4.44 -4.90
C PHE B 372 -19.84 -5.72 -4.10
N ASN B 373 -19.34 -5.61 -2.86
CA ASN B 373 -19.19 -6.76 -1.97
C ASN B 373 -19.02 -6.25 -0.54
N GLY B 374 -19.08 -7.16 0.43
CA GLY B 374 -18.99 -6.77 1.83
C GLY B 374 -17.64 -6.22 2.25
N ASN B 375 -16.61 -6.41 1.44
CA ASN B 375 -15.28 -5.87 1.73
C ASN B 375 -15.02 -4.57 0.97
N HIS B 376 -15.93 -4.22 0.06
CA HIS B 376 -15.82 -2.97 -0.70
C HIS B 376 -15.95 -1.78 0.25
N VAL B 377 -15.09 -0.78 0.07
CA VAL B 377 -15.08 0.40 0.93
C VAL B 377 -16.45 1.07 1.00
N VAL B 378 -17.22 0.97 -0.10
CA VAL B 378 -18.52 1.62 -0.18
C VAL B 378 -19.60 0.85 0.59
N THR B 379 -19.54 -0.48 0.55
CA THR B 379 -20.65 -1.29 1.01
C THR B 379 -20.33 -2.23 2.17
N ARG B 380 -19.23 -1.97 2.88
CA ARG B 380 -18.87 -2.78 4.03
C ARG B 380 -19.63 -2.45 5.31
N HIS B 381 -20.23 -1.28 5.37
CA HIS B 381 -20.53 -0.66 6.66
C HIS B 381 -21.61 -1.37 7.47
N SER B 382 -22.68 -1.78 6.79
CA SER B 382 -23.73 -2.55 7.44
C SER B 382 -23.24 -3.96 7.77
N ARG B 383 -23.74 -4.50 8.89
CA ARG B 383 -23.33 -5.81 9.35
C ARG B 383 -24.02 -6.97 8.66
N GLY B 384 -23.84 -7.00 7.33
CA GLY B 384 -24.31 -8.13 6.54
C GLY B 384 -25.71 -7.97 5.96
N PHE B 385 -26.36 -6.84 6.24
CA PHE B 385 -27.77 -6.69 5.90
C PHE B 385 -28.04 -5.96 4.59
N ALA B 386 -26.97 -5.52 3.91
CA ALA B 386 -27.12 -4.76 2.67
C ALA B 386 -26.74 -5.58 1.43
N ILE B 387 -25.60 -6.23 1.48
CA ILE B 387 -25.06 -6.96 0.32
C ILE B 387 -25.97 -8.09 -0.19
N PRO B 388 -26.68 -8.80 0.71
CA PRO B 388 -27.63 -9.80 0.23
C PRO B 388 -28.69 -9.24 -0.71
N CYS B 389 -29.13 -8.01 -0.44
CA CYS B 389 -30.07 -7.30 -1.31
C CYS B 389 -29.45 -6.99 -2.66
N VAL B 390 -28.17 -6.61 -2.64
CA VAL B 390 -27.43 -6.32 -3.87
C VAL B 390 -27.33 -7.56 -4.76
N CYS B 391 -27.07 -8.71 -4.15
CA CYS B 391 -27.01 -9.97 -4.88
C CYS B 391 -28.35 -10.35 -5.50
N ALA B 392 -29.43 -10.15 -4.74
CA ALA B 392 -30.77 -10.40 -5.25
C ALA B 392 -31.11 -9.45 -6.40
N ALA B 393 -30.73 -8.18 -6.23
CA ALA B 393 -30.99 -7.15 -7.25
C ALA B 393 -30.31 -7.50 -8.57
N VAL B 394 -29.07 -7.94 -8.47
CA VAL B 394 -28.30 -8.35 -9.64
C VAL B 394 -28.94 -9.56 -10.32
N ALA B 395 -29.47 -10.47 -9.51
CA ALA B 395 -30.14 -11.67 -10.03
C ALA B 395 -31.42 -11.33 -10.81
N LEU B 396 -32.06 -10.22 -10.43
CA LEU B 396 -33.35 -9.82 -11.03
C LEU B 396 -33.20 -8.97 -12.29
N ASP B 397 -31.98 -8.54 -12.58
CA ASP B 397 -31.74 -7.65 -13.70
C ASP B 397 -31.94 -8.38 -15.03
N ALA B 398 -32.68 -7.76 -15.93
CA ALA B 398 -33.05 -8.39 -17.20
C ALA B 398 -32.11 -8.01 -18.34
N GLY B 399 -31.16 -7.12 -18.08
CA GLY B 399 -30.15 -6.80 -19.07
C GLY B 399 -29.88 -5.31 -19.24
N THR B 400 -29.75 -4.59 -18.14
CA THR B 400 -29.52 -3.15 -18.16
C THR B 400 -28.05 -2.79 -17.91
N GLN B 401 -27.29 -3.76 -17.44
CA GLN B 401 -25.92 -3.52 -16.96
C GLN B 401 -24.86 -3.73 -18.03
N MET B 402 -23.80 -2.92 -17.96
CA MET B 402 -22.61 -3.14 -18.77
C MET B 402 -21.76 -4.26 -18.17
N PHE B 403 -21.60 -4.19 -16.85
CA PHE B 403 -20.82 -5.20 -16.13
C PHE B 403 -21.76 -6.22 -15.54
N SER B 404 -22.32 -7.03 -16.43
CA SER B 404 -23.31 -8.03 -16.09
C SER B 404 -22.67 -9.23 -15.41
N ILE B 405 -23.51 -10.16 -14.97
CA ILE B 405 -23.07 -11.43 -14.38
C ILE B 405 -22.12 -12.18 -15.33
N GLU B 406 -22.51 -12.25 -16.60
CA GLU B 406 -21.71 -12.93 -17.61
C GLU B 406 -20.36 -12.25 -17.82
N SER B 407 -20.36 -10.92 -17.77
CA SER B 407 -19.16 -10.11 -17.98
C SER B 407 -18.07 -10.39 -16.95
N THR B 408 -18.47 -10.45 -15.68
CA THR B 408 -17.51 -10.51 -14.58
C THR B 408 -17.38 -11.90 -13.97
N SER B 409 -18.42 -12.72 -14.15
CA SER B 409 -18.59 -13.94 -13.35
C SER B 409 -19.06 -15.12 -14.18
N GLY B 410 -18.77 -15.10 -15.48
CA GLY B 410 -19.17 -16.19 -16.35
C GLY B 410 -18.53 -17.51 -15.98
N LEU B 411 -17.21 -17.49 -15.76
CA LEU B 411 -16.47 -18.68 -15.37
C LEU B 411 -16.94 -19.22 -14.02
N ILE B 412 -17.12 -18.32 -13.05
CA ILE B 412 -17.55 -18.68 -11.71
C ILE B 412 -18.93 -19.34 -11.69
N GLY B 413 -19.88 -18.76 -12.42
CA GLY B 413 -21.21 -19.34 -12.50
C GLY B 413 -21.22 -20.71 -13.15
N ASP B 414 -20.40 -20.88 -14.19
CA ASP B 414 -20.31 -22.16 -14.90
C ASP B 414 -19.62 -23.23 -14.07
N VAL B 415 -18.60 -22.84 -13.32
CA VAL B 415 -17.78 -23.77 -12.54
C VAL B 415 -18.39 -24.10 -11.17
N PHE B 416 -19.10 -23.14 -10.58
CA PHE B 416 -19.55 -23.26 -9.19
C PHE B 416 -21.07 -23.38 -9.03
N GLY B 417 -21.81 -23.00 -10.07
CA GLY B 417 -23.27 -23.00 -9.98
C GLY B 417 -23.91 -24.38 -9.90
N ALA B 418 -23.13 -25.41 -10.21
CA ALA B 418 -23.63 -26.79 -10.23
C ALA B 418 -23.51 -27.47 -8.87
N ILE B 419 -22.81 -26.81 -7.94
CA ILE B 419 -22.68 -27.31 -6.58
C ILE B 419 -23.99 -27.09 -5.81
N PRO B 420 -24.64 -28.19 -5.38
CA PRO B 420 -26.01 -28.20 -4.86
C PRO B 420 -26.23 -27.23 -3.70
N GLU B 421 -25.35 -27.28 -2.72
CA GLU B 421 -25.45 -26.45 -1.52
C GLU B 421 -25.33 -24.97 -1.86
N PHE B 422 -24.57 -24.67 -2.90
CA PHE B 422 -24.39 -23.30 -3.36
C PHE B 422 -25.63 -22.81 -4.10
N ARG B 423 -26.21 -23.66 -4.93
CA ARG B 423 -27.33 -23.21 -5.77
C ARG B 423 -28.61 -23.20 -4.95
N GLU B 424 -28.71 -24.08 -3.95
CA GLU B 424 -29.89 -24.12 -3.09
C GLU B 424 -29.52 -24.05 -1.61
N PRO B 425 -29.10 -22.85 -1.14
CA PRO B 425 -28.51 -22.71 0.19
C PRO B 425 -29.50 -22.81 1.35
N ILE B 426 -30.74 -22.39 1.11
CA ILE B 426 -31.76 -22.46 2.13
C ILE B 426 -32.10 -23.92 2.42
N LYS B 427 -32.23 -24.71 1.37
CA LYS B 427 -32.46 -26.15 1.49
C LYS B 427 -31.27 -26.85 2.15
N ALA B 428 -30.06 -26.38 1.82
CA ALA B 428 -28.84 -26.94 2.42
C ALA B 428 -28.80 -26.69 3.92
N VAL B 429 -29.08 -25.45 4.32
CA VAL B 429 -29.04 -25.08 5.74
C VAL B 429 -30.17 -25.75 6.52
N ALA B 430 -31.29 -26.02 5.84
CA ALA B 430 -32.44 -26.68 6.46
C ALA B 430 -32.24 -28.19 6.60
N GLY B 431 -31.36 -28.76 5.77
CA GLY B 431 -30.98 -30.14 5.94
C GLY B 431 -31.64 -31.12 4.98
N VAL B 432 -31.85 -30.69 3.73
CA VAL B 432 -32.33 -31.60 2.69
C VAL B 432 -31.20 -31.91 1.71
N ALA C 1 -55.07 -4.40 9.62
CA ALA C 1 -54.83 -3.46 8.49
C ALA C 1 -54.24 -2.15 8.99
N TYR C 2 -53.00 -1.88 8.58
CA TYR C 2 -52.26 -0.72 9.07
C TYR C 2 -52.46 0.52 8.20
N GLU C 3 -52.91 1.61 8.82
CA GLU C 3 -53.04 2.90 8.14
C GLU C 3 -51.75 3.71 8.31
N ARG C 4 -51.05 3.94 7.20
CA ARG C 4 -49.79 4.70 7.26
C ARG C 4 -50.01 6.14 7.73
N GLN C 5 -49.07 6.64 8.52
CA GLN C 5 -49.11 8.02 9.00
C GLN C 5 -48.02 8.89 8.35
N TYR C 6 -47.00 8.25 7.79
CA TYR C 6 -46.01 8.89 6.91
C TYR C 6 -44.97 9.76 7.61
N TYR C 7 -45.41 10.79 8.32
CA TYR C 7 -44.51 11.81 8.84
C TYR C 7 -45.15 12.52 10.03
N PRO C 8 -44.33 12.88 11.03
CA PRO C 8 -44.82 13.64 12.19
C PRO C 8 -45.06 15.12 11.86
N GLY C 9 -45.45 15.88 12.87
CA GLY C 9 -45.58 17.32 12.70
C GLY C 9 -47.01 17.78 12.51
N ALA C 10 -47.27 19.01 12.91
CA ALA C 10 -48.62 19.55 12.87
C ALA C 10 -48.69 20.94 12.23
N THR C 11 -47.66 21.29 11.45
CA THR C 11 -47.65 22.56 10.71
C THR C 11 -48.09 22.32 9.27
N SER C 12 -48.19 23.42 8.51
CA SER C 12 -48.49 23.33 7.09
C SER C 12 -47.41 22.58 6.33
N VAL C 13 -46.17 22.76 6.77
CA VAL C 13 -45.03 22.09 6.16
C VAL C 13 -45.11 20.57 6.33
N ALA C 14 -45.42 20.13 7.54
CA ALA C 14 -45.60 18.71 7.84
C ALA C 14 -46.79 18.13 7.08
N ALA C 15 -47.86 18.90 6.99
CA ALA C 15 -49.05 18.50 6.25
C ALA C 15 -48.75 18.36 4.76
N ASN C 16 -47.96 19.30 4.24
CA ASN C 16 -47.54 19.25 2.84
C ASN C 16 -46.59 18.08 2.59
N ARG C 17 -45.69 17.82 3.53
CA ARG C 17 -44.82 16.64 3.44
C ARG C 17 -45.63 15.35 3.37
N ARG C 18 -46.64 15.19 4.24
CA ARG C 18 -47.52 14.03 4.09
C ARG C 18 -48.28 13.94 2.79
N LYS C 19 -48.65 15.09 2.22
CA LYS C 19 -49.30 15.11 0.91
C LYS C 19 -48.37 14.59 -0.18
N HIS C 20 -47.11 15.01 -0.14
CA HIS C 20 -46.11 14.59 -1.12
C HIS C 20 -45.79 13.10 -0.98
N MET C 21 -45.59 12.65 0.25
CA MET C 21 -45.26 11.25 0.53
C MET C 21 -46.40 10.32 0.13
N SER C 22 -47.63 10.70 0.45
CA SER C 22 -48.80 9.87 0.15
C SER C 22 -49.29 10.03 -1.28
N GLY C 23 -48.73 11.00 -2.00
CA GLY C 23 -49.10 11.20 -3.39
C GLY C 23 -50.44 11.90 -3.59
N LYS C 24 -50.96 12.48 -2.51
CA LYS C 24 -52.20 13.23 -2.58
C LYS C 24 -51.91 14.67 -2.96
N LEU C 25 -51.71 14.90 -4.25
CA LEU C 25 -51.23 16.16 -4.78
C LEU C 25 -52.27 16.77 -5.72
N GLU C 26 -52.59 18.04 -5.49
CA GLU C 26 -53.52 18.75 -6.35
C GLU C 26 -52.92 18.98 -7.74
N LYS C 27 -53.66 18.58 -8.77
CA LYS C 27 -53.28 18.89 -10.15
C LYS C 27 -53.53 20.36 -10.42
N LEU C 28 -52.50 21.06 -10.89
CA LEU C 28 -52.58 22.51 -11.07
C LEU C 28 -52.47 22.94 -12.52
N ARG C 29 -51.99 22.05 -13.38
CA ARG C 29 -51.71 22.41 -14.75
C ARG C 29 -51.60 21.14 -15.58
N GLU C 30 -51.57 21.33 -16.90
CA GLU C 30 -51.53 20.24 -17.86
C GLU C 30 -50.25 20.30 -18.70
N ILE C 31 -49.70 19.13 -19.01
CA ILE C 31 -48.66 19.03 -20.02
C ILE C 31 -48.97 17.86 -20.95
N SER C 32 -48.91 18.12 -22.25
CA SER C 32 -49.19 17.08 -23.24
C SER C 32 -48.10 16.01 -23.23
N ASP C 33 -48.42 14.83 -23.74
CA ASP C 33 -47.45 13.74 -23.79
C ASP C 33 -46.22 14.12 -24.61
N GLU C 34 -46.43 14.80 -25.73
CA GLU C 34 -45.35 15.18 -26.62
C GLU C 34 -44.46 16.27 -26.02
N ASP C 35 -45.07 17.21 -25.30
CA ASP C 35 -44.32 18.27 -24.63
C ASP C 35 -43.49 17.73 -23.49
N LEU C 36 -44.04 16.76 -22.76
CA LEU C 36 -43.31 16.07 -21.70
C LEU C 36 -42.10 15.35 -22.27
N THR C 37 -42.31 14.62 -23.37
CA THR C 37 -41.22 13.94 -24.05
C THR C 37 -40.17 14.91 -24.56
N ALA C 38 -40.62 16.10 -24.98
CA ALA C 38 -39.73 17.13 -25.50
C ALA C 38 -38.81 17.69 -24.42
N VAL C 39 -39.38 18.02 -23.26
CA VAL C 39 -38.59 18.60 -22.17
C VAL C 39 -37.62 17.59 -21.56
N LEU C 40 -37.98 16.31 -21.61
CA LEU C 40 -37.13 15.25 -21.06
C LEU C 40 -35.92 14.97 -21.96
N GLY C 41 -36.13 15.06 -23.27
CA GLY C 41 -35.01 15.07 -24.21
C GLY C 41 -34.34 13.74 -24.50
N HIS C 42 -35.04 12.63 -24.24
CA HIS C 42 -34.47 11.30 -24.44
C HIS C 42 -34.79 10.70 -25.81
N ARG C 43 -35.81 11.24 -26.47
CA ARG C 43 -36.22 10.77 -27.77
C ARG C 43 -37.16 11.80 -28.42
N ALA C 44 -37.35 11.74 -29.73
CA ALA C 44 -38.24 12.66 -30.43
C ALA C 44 -39.67 12.46 -29.95
N PRO C 45 -40.42 13.54 -29.72
CA PRO C 45 -41.82 13.44 -29.31
C PRO C 45 -42.64 12.51 -30.21
N GLY C 46 -43.35 11.58 -29.58
CA GLY C 46 -44.22 10.68 -30.31
C GLY C 46 -43.55 9.45 -30.88
N SER C 47 -42.23 9.37 -30.76
CA SER C 47 -41.49 8.21 -31.27
C SER C 47 -41.58 7.02 -30.32
N ASP C 48 -41.27 5.83 -30.84
CA ASP C 48 -41.24 4.61 -30.03
C ASP C 48 -40.14 4.71 -28.99
N TYR C 49 -40.37 4.11 -27.81
CA TYR C 49 -39.35 4.01 -26.78
C TYR C 49 -38.22 3.11 -27.26
N PRO C 50 -36.98 3.62 -27.30
CA PRO C 50 -35.81 2.78 -27.56
C PRO C 50 -35.64 1.73 -26.47
N SER C 51 -34.90 0.67 -26.78
CA SER C 51 -34.72 -0.41 -25.82
C SER C 51 -33.24 -0.60 -25.49
N THR C 52 -32.97 -1.12 -24.29
CA THR C 52 -31.62 -1.51 -23.91
C THR C 52 -31.44 -3.03 -23.96
N HIS C 53 -32.56 -3.76 -23.91
CA HIS C 53 -32.57 -5.20 -24.13
C HIS C 53 -33.93 -5.61 -24.69
N PRO C 54 -34.03 -6.83 -25.26
CA PRO C 54 -35.31 -7.30 -25.83
C PRO C 54 -36.43 -7.35 -24.80
N PRO C 55 -37.69 -7.31 -25.25
CA PRO C 55 -38.83 -7.48 -24.34
C PRO C 55 -38.72 -8.78 -23.54
N LEU C 56 -39.16 -8.72 -22.28
CA LEU C 56 -39.12 -9.87 -21.39
C LEU C 56 -39.84 -11.08 -22.01
N ALA C 57 -40.94 -10.80 -22.72
CA ALA C 57 -41.74 -11.84 -23.35
C ALA C 57 -41.00 -12.50 -24.51
N GLU C 58 -40.05 -11.78 -25.10
CA GLU C 58 -39.28 -12.32 -26.21
C GLU C 58 -38.13 -13.22 -25.77
N MET C 59 -37.31 -12.72 -24.84
CA MET C 59 -36.13 -13.46 -24.43
C MET C 59 -36.39 -14.45 -23.31
N GLY C 60 -37.52 -14.29 -22.62
CA GLY C 60 -37.84 -15.15 -21.50
C GLY C 60 -37.09 -14.79 -20.24
N GLU C 61 -37.48 -15.40 -19.12
CA GLU C 61 -36.87 -15.10 -17.82
C GLU C 61 -36.60 -16.40 -17.06
N PRO C 62 -35.62 -16.38 -16.14
CA PRO C 62 -35.49 -17.41 -15.11
C PRO C 62 -36.78 -17.61 -14.32
N ALA C 63 -37.11 -18.86 -14.04
CA ALA C 63 -38.29 -19.18 -13.24
C ALA C 63 -37.89 -19.22 -11.77
N OCS C 64 -38.09 -18.09 -11.09
CA OCS C 64 -38.05 -18.08 -9.63
CB OCS C 64 -36.74 -17.45 -9.11
SG OCS C 64 -36.54 -15.76 -9.60
C OCS C 64 -39.26 -17.33 -9.11
O OCS C 64 -39.94 -16.63 -9.87
OD1 OCS C 64 -36.53 -15.68 -11.11
OD2 OCS C 64 -35.24 -15.22 -9.06
OD3 OCS C 64 -37.67 -14.93 -9.05
N SER C 65 -39.54 -17.49 -7.82
CA SER C 65 -40.78 -17.02 -7.23
C SER C 65 -40.94 -15.50 -7.28
N THR C 66 -39.82 -14.77 -7.20
CA THR C 66 -39.87 -13.32 -7.21
C THR C 66 -40.31 -12.76 -8.57
N ARG C 67 -39.77 -13.29 -9.65
CA ARG C 67 -40.13 -12.88 -10.98
C ARG C 67 -41.58 -13.26 -11.24
N GLU C 68 -42.01 -14.39 -10.70
CA GLU C 68 -43.39 -14.83 -10.86
C GLU C 68 -44.37 -14.00 -10.02
N ASN C 69 -43.97 -13.67 -8.80
CA ASN C 69 -44.83 -12.96 -7.86
C ASN C 69 -44.80 -11.45 -8.03
N VAL C 70 -43.67 -10.91 -8.49
CA VAL C 70 -43.53 -9.48 -8.71
C VAL C 70 -43.71 -9.13 -10.18
N ALA C 71 -44.79 -8.40 -10.49
CA ALA C 71 -45.10 -8.01 -11.86
C ALA C 71 -44.11 -6.97 -12.36
N ALA C 72 -43.52 -7.24 -13.53
CA ALA C 72 -42.71 -6.24 -14.20
C ALA C 72 -43.58 -5.07 -14.64
N THR C 73 -43.03 -3.87 -14.51
CA THR C 73 -43.68 -2.66 -15.02
C THR C 73 -43.79 -2.74 -16.55
N PRO C 74 -44.63 -1.89 -17.16
CA PRO C 74 -44.69 -1.82 -18.63
C PRO C 74 -43.35 -1.49 -19.27
N GLY C 75 -42.56 -0.65 -18.61
CA GLY C 75 -41.25 -0.29 -19.11
C GLY C 75 -40.23 -1.41 -19.04
N ALA C 76 -40.28 -2.20 -17.96
CA ALA C 76 -39.43 -3.36 -17.82
C ALA C 76 -39.82 -4.43 -18.85
N ALA C 77 -41.12 -4.67 -18.98
CA ALA C 77 -41.66 -5.63 -19.93
C ALA C 77 -41.20 -5.30 -21.34
N ALA C 78 -41.14 -4.02 -21.66
CA ALA C 78 -40.77 -3.56 -22.99
C ALA C 78 -39.26 -3.52 -23.21
N GLY C 79 -38.49 -3.56 -22.13
CA GLY C 79 -37.04 -3.50 -22.23
C GLY C 79 -36.52 -2.09 -22.50
N ASP C 80 -37.28 -1.09 -22.06
CA ASP C 80 -36.90 0.32 -22.21
C ASP C 80 -35.51 0.59 -21.63
N ARG C 81 -34.80 1.56 -22.20
CA ARG C 81 -33.69 2.17 -21.48
C ARG C 81 -34.16 2.72 -20.13
N VAL C 82 -33.25 2.78 -19.17
CA VAL C 82 -33.48 3.54 -17.95
C VAL C 82 -33.09 5.00 -18.22
N ARG C 83 -34.08 5.89 -18.20
CA ARG C 83 -33.80 7.32 -18.34
C ARG C 83 -34.36 8.06 -17.13
N TYR C 84 -34.36 9.39 -17.17
CA TYR C 84 -34.53 10.17 -15.94
C TYR C 84 -35.32 11.46 -16.10
N ILE C 85 -35.84 11.95 -14.98
CA ILE C 85 -36.22 13.35 -14.84
C ILE C 85 -35.59 13.91 -13.57
N GLN C 86 -34.99 15.09 -13.68
CA GLN C 86 -34.28 15.70 -12.56
C GLN C 86 -34.75 17.13 -12.33
N PHE C 87 -34.94 17.48 -11.05
CA PHE C 87 -35.42 18.80 -10.67
C PHE C 87 -34.41 19.51 -9.76
N ALA C 88 -34.30 20.83 -9.93
CA ALA C 88 -33.75 21.70 -8.89
C ALA C 88 -34.91 22.48 -8.28
N ASP C 89 -34.90 22.63 -6.96
CA ASP C 89 -35.97 23.29 -6.23
C ASP C 89 -35.43 24.38 -5.32
N SER C 90 -35.94 25.59 -5.47
CA SER C 90 -35.48 26.72 -4.65
C SER C 90 -35.74 26.50 -3.17
N MET C 91 -34.80 26.93 -2.34
CA MET C 91 -34.96 26.88 -0.89
C MET C 91 -35.86 28.01 -0.39
N TYR C 92 -36.23 28.91 -1.31
CA TYR C 92 -37.19 29.96 -1.00
C TYR C 92 -38.61 29.48 -1.29
N ASN C 93 -39.01 28.46 -0.56
CA ASN C 93 -40.39 27.97 -0.50
C ASN C 93 -40.92 27.37 -1.80
N ALA C 94 -40.06 26.72 -2.57
CA ALA C 94 -40.51 25.83 -3.63
C ALA C 94 -41.36 24.76 -2.96
N PRO C 95 -42.49 24.39 -3.59
CA PRO C 95 -43.36 23.35 -3.01
C PRO C 95 -42.57 22.09 -2.62
N ALA C 96 -41.65 21.69 -3.48
CA ALA C 96 -40.89 20.46 -3.28
C ALA C 96 -39.55 20.69 -2.56
N THR C 97 -39.16 19.70 -1.78
CA THR C 97 -37.79 19.58 -1.30
C THR C 97 -37.27 18.21 -1.74
N PRO C 98 -35.95 18.08 -1.95
CA PRO C 98 -35.38 16.89 -2.60
C PRO C 98 -35.78 15.54 -1.99
N TYR C 99 -35.66 15.40 -0.66
CA TYR C 99 -35.97 14.13 -0.02
C TYR C 99 -37.44 13.77 -0.19
N PHE C 100 -38.30 14.78 -0.21
CA PHE C 100 -39.72 14.53 -0.29
C PHE C 100 -40.24 14.30 -1.69
N ARG C 101 -39.50 14.75 -2.70
CA ARG C 101 -39.71 14.22 -4.04
C ARG C 101 -39.33 12.73 -4.10
N SER C 102 -38.23 12.36 -3.46
CA SER C 102 -37.77 10.97 -3.48
C SER C 102 -38.74 10.05 -2.74
N TYR C 103 -39.30 10.52 -1.63
CA TYR C 103 -40.31 9.77 -0.89
C TYR C 103 -41.57 9.60 -1.74
N PHE C 104 -41.98 10.68 -2.39
CA PHE C 104 -43.09 10.65 -3.33
C PHE C 104 -42.91 9.54 -4.37
N ALA C 105 -41.71 9.46 -4.96
CA ALA C 105 -41.43 8.48 -6.00
C ALA C 105 -41.38 7.06 -5.44
N ALA C 106 -40.68 6.88 -4.31
CA ALA C 106 -40.50 5.57 -3.71
C ALA C 106 -41.82 4.94 -3.22
N ILE C 107 -42.70 5.78 -2.69
CA ILE C 107 -43.96 5.32 -2.11
C ILE C 107 -45.05 5.07 -3.15
N ASN C 108 -45.05 5.85 -4.22
CA ASN C 108 -46.19 5.88 -5.13
C ASN C 108 -45.96 5.28 -6.51
N PHE C 109 -44.71 4.98 -6.83
CA PHE C 109 -44.37 4.42 -8.14
C PHE C 109 -43.56 3.14 -8.03
N ARG C 110 -43.82 2.20 -8.95
CA ARG C 110 -43.12 0.92 -8.95
C ARG C 110 -41.85 1.00 -9.79
N GLY C 111 -40.81 0.30 -9.35
CA GLY C 111 -39.60 0.18 -10.15
C GLY C 111 -38.90 1.49 -10.39
N VAL C 112 -38.68 2.25 -9.32
CA VAL C 112 -38.03 3.56 -9.43
C VAL C 112 -36.69 3.61 -8.70
N ASP C 113 -35.82 4.49 -9.17
CA ASP C 113 -34.50 4.66 -8.60
C ASP C 113 -34.29 6.14 -8.28
N PRO C 114 -34.91 6.63 -7.20
CA PRO C 114 -34.78 8.04 -6.82
C PRO C 114 -33.45 8.36 -6.15
N GLY C 115 -32.94 9.55 -6.44
CA GLY C 115 -31.73 10.03 -5.80
C GLY C 115 -31.92 11.44 -5.26
N THR C 116 -31.49 11.65 -4.01
CA THR C 116 -31.63 12.96 -3.37
C THR C 116 -30.27 13.65 -3.18
N LEU C 117 -30.20 14.88 -3.64
CA LEU C 117 -29.05 15.75 -3.39
C LEU C 117 -29.59 17.13 -3.03
N SER C 118 -28.72 18.03 -2.56
CA SER C 118 -29.17 19.35 -2.12
C SER C 118 -29.67 20.22 -3.28
N GLY C 119 -28.99 20.12 -4.42
CA GLY C 119 -29.32 20.98 -5.55
C GLY C 119 -30.04 20.29 -6.70
N ARG C 120 -30.25 18.98 -6.57
CA ARG C 120 -30.89 18.22 -7.63
C ARG C 120 -31.57 16.99 -7.00
N GLN C 121 -32.70 16.61 -7.57
CA GLN C 121 -33.35 15.36 -7.19
C GLN C 121 -33.72 14.65 -8.48
N ILE C 122 -33.49 13.35 -8.52
CA ILE C 122 -33.65 12.60 -9.76
C ILE C 122 -34.48 11.33 -9.55
N VAL C 123 -35.30 11.01 -10.54
CA VAL C 123 -35.89 9.68 -10.63
C VAL C 123 -35.41 9.01 -11.90
N GLU C 124 -34.65 7.93 -11.74
CA GLU C 124 -34.33 7.04 -12.86
C GLU C 124 -35.29 5.86 -12.87
N ALA C 125 -35.77 5.51 -14.06
CA ALA C 125 -36.67 4.38 -14.22
C ALA C 125 -36.74 4.03 -15.71
N ARG C 126 -37.27 2.85 -16.03
CA ARG C 126 -37.53 2.48 -17.41
C ARG C 126 -38.27 3.65 -18.07
N GLU C 127 -37.85 4.04 -19.27
CA GLU C 127 -38.28 5.33 -19.81
C GLU C 127 -39.78 5.61 -19.74
N ARG C 128 -40.61 4.64 -20.14
CA ARG C 128 -42.06 4.88 -20.13
C ARG C 128 -42.56 4.97 -18.70
N ASP C 129 -41.98 4.21 -17.77
CA ASP C 129 -42.36 4.30 -16.36
C ASP C 129 -41.97 5.66 -15.79
N MET C 130 -40.76 6.11 -16.15
CA MET C 130 -40.26 7.41 -15.72
C MET C 130 -41.18 8.54 -16.18
N GLU C 131 -41.70 8.43 -17.41
CA GLU C 131 -42.58 9.46 -17.96
C GLU C 131 -43.90 9.59 -17.20
N GLN C 132 -44.39 8.47 -16.67
CA GLN C 132 -45.59 8.48 -15.83
C GLN C 132 -45.34 9.30 -14.56
N CYS C 133 -44.21 9.04 -13.92
CA CYS C 133 -43.82 9.76 -12.71
C CYS C 133 -43.55 11.22 -13.02
N ALA C 134 -42.85 11.46 -14.13
CA ALA C 134 -42.53 12.81 -14.60
C ALA C 134 -43.78 13.65 -14.80
N LYS C 135 -44.82 13.05 -15.39
CA LYS C 135 -46.05 13.76 -15.69
C LYS C 135 -46.73 14.29 -14.43
N VAL C 136 -46.76 13.47 -13.39
CA VAL C 136 -47.35 13.87 -12.12
C VAL C 136 -46.54 15.00 -11.48
N GLN C 137 -45.22 14.89 -11.56
CA GLN C 137 -44.35 15.92 -11.00
C GLN C 137 -44.47 17.25 -11.75
N MET C 138 -44.73 17.17 -13.06
CA MET C 138 -44.86 18.36 -13.89
C MET C 138 -46.20 19.06 -13.70
N GLU C 139 -47.25 18.28 -13.46
CA GLU C 139 -48.62 18.79 -13.48
C GLU C 139 -49.17 19.19 -12.12
N THR C 140 -48.66 18.57 -11.06
CA THR C 140 -49.23 18.77 -9.73
C THR C 140 -48.47 19.79 -8.90
N GLU C 141 -48.99 20.05 -7.70
CA GLU C 141 -48.49 21.11 -6.83
C GLU C 141 -47.07 20.86 -6.33
N ILE C 142 -46.57 19.63 -6.49
CA ILE C 142 -45.21 19.30 -6.05
C ILE C 142 -44.18 20.16 -6.79
N THR C 143 -44.56 20.70 -7.94
CA THR C 143 -43.69 21.59 -8.68
C THR C 143 -44.33 22.95 -8.96
N ASP C 144 -43.65 24.01 -8.51
CA ASP C 144 -43.86 25.32 -9.09
C ASP C 144 -42.74 25.58 -10.10
N HIS C 145 -43.11 25.97 -11.31
CA HIS C 145 -42.14 26.05 -12.39
C HIS C 145 -41.35 27.35 -12.46
N ALA C 146 -41.62 28.27 -11.54
CA ALA C 146 -40.76 29.43 -11.34
C ALA C 146 -39.68 29.08 -10.31
N LEU C 147 -40.11 28.51 -9.19
CA LEU C 147 -39.22 28.18 -8.08
C LEU C 147 -38.45 26.89 -8.30
N ALA C 148 -38.89 26.10 -9.28
CA ALA C 148 -38.19 24.86 -9.64
C ALA C 148 -37.83 24.86 -11.12
N GLY C 149 -36.98 23.91 -11.50
CA GLY C 149 -36.64 23.74 -12.91
C GLY C 149 -36.22 22.32 -13.20
N VAL C 150 -36.61 21.81 -14.37
CA VAL C 150 -36.17 20.49 -14.83
C VAL C 150 -34.78 20.61 -15.42
N ARG C 151 -33.79 20.04 -14.73
CA ARG C 151 -32.38 20.25 -15.10
C ARG C 151 -31.62 18.92 -14.98
N GLY C 152 -31.22 18.34 -16.11
CA GLY C 152 -30.46 17.10 -16.09
C GLY C 152 -28.96 17.33 -15.92
N ALA C 153 -28.55 18.59 -16.04
CA ALA C 153 -27.16 18.98 -15.85
C ALA C 153 -27.08 20.49 -15.60
N THR C 154 -26.01 20.92 -14.92
CA THR C 154 -25.81 22.32 -14.55
C THR C 154 -26.98 22.83 -13.71
N VAL C 155 -27.10 22.32 -12.49
CA VAL C 155 -28.33 22.46 -11.71
C VAL C 155 -28.33 23.67 -10.78
N HIS C 156 -27.16 24.32 -10.65
CA HIS C 156 -26.96 25.44 -9.73
C HIS C 156 -28.15 26.39 -9.68
N GLY C 157 -28.68 26.62 -8.47
CA GLY C 157 -29.78 27.54 -8.32
C GLY C 157 -30.59 27.45 -7.03
N HIS C 158 -30.65 26.26 -6.44
CA HIS C 158 -31.53 26.01 -5.29
C HIS C 158 -31.26 26.94 -4.11
N SER C 159 -30.00 27.34 -3.96
CA SER C 159 -29.55 28.13 -2.81
C SER C 159 -29.19 29.56 -3.19
N VAL C 160 -29.29 29.87 -4.48
CA VAL C 160 -28.98 31.20 -5.00
C VAL C 160 -30.17 32.12 -4.76
N ARG C 161 -29.91 33.39 -4.44
CA ARG C 161 -31.01 34.37 -4.37
C ARG C 161 -31.89 34.30 -5.60
N LEU C 162 -33.18 34.46 -5.35
CA LEU C 162 -34.16 34.47 -6.43
C LEU C 162 -33.96 35.67 -7.33
N GLN C 163 -34.36 35.54 -8.60
CA GLN C 163 -34.48 36.71 -9.48
C GLN C 163 -35.66 37.55 -9.00
N GLU C 164 -35.66 38.82 -9.37
CA GLU C 164 -36.66 39.76 -8.87
C GLU C 164 -38.07 39.43 -9.39
N ASP C 165 -38.15 38.65 -10.46
CA ASP C 165 -39.43 38.16 -10.96
C ASP C 165 -39.86 36.85 -10.31
N GLY C 166 -39.08 36.39 -9.32
CA GLY C 166 -39.47 35.23 -8.54
C GLY C 166 -39.04 33.89 -9.12
N VAL C 167 -38.26 33.92 -10.18
CA VAL C 167 -37.80 32.71 -10.84
C VAL C 167 -36.40 32.35 -10.36
N MET C 168 -36.17 31.06 -10.11
CA MET C 168 -34.87 30.58 -9.67
C MET C 168 -33.85 30.62 -10.80
N PHE C 169 -32.67 31.16 -10.50
CA PHE C 169 -31.55 31.24 -11.44
C PHE C 169 -31.27 29.92 -12.16
N ASP C 170 -31.13 30.01 -13.47
CA ASP C 170 -30.65 28.90 -14.29
C ASP C 170 -29.47 29.42 -15.11
N MET C 171 -28.31 28.78 -14.93
CA MET C 171 -27.11 29.15 -15.68
C MET C 171 -27.36 29.04 -17.19
N LEU C 172 -28.18 28.07 -17.57
CA LEU C 172 -28.39 27.75 -18.98
C LEU C 172 -29.75 28.22 -19.50
N ASP C 173 -30.48 28.94 -18.65
CA ASP C 173 -31.69 29.66 -19.07
C ASP C 173 -32.66 28.78 -19.88
N ARG C 174 -33.10 27.68 -19.28
CA ARG C 174 -33.95 26.72 -19.97
C ARG C 174 -35.43 27.12 -19.89
N ARG C 175 -35.75 27.87 -18.86
CA ARG C 175 -37.15 28.26 -18.61
C ARG C 175 -37.14 29.61 -17.92
N ARG C 176 -38.17 30.41 -18.25
CA ARG C 176 -38.26 31.73 -17.64
C ARG C 176 -39.70 32.25 -17.70
N LEU C 177 -39.94 33.36 -17.01
CA LEU C 177 -41.22 34.06 -17.01
C LEU C 177 -41.39 34.88 -18.29
N GLU C 178 -42.44 34.58 -19.04
CA GLU C 178 -42.77 35.34 -20.24
C GLU C 178 -44.27 35.63 -20.28
N ASN C 179 -44.62 36.92 -20.19
CA ASN C 179 -46.02 37.35 -20.21
C ASN C 179 -46.83 36.72 -19.07
N GLY C 180 -46.20 36.62 -17.89
CA GLY C 180 -46.89 36.12 -16.72
C GLY C 180 -47.01 34.61 -16.65
N THR C 181 -46.37 33.91 -17.58
CA THR C 181 -46.38 32.45 -17.58
C THR C 181 -44.97 31.89 -17.77
N ILE C 182 -44.74 30.68 -17.24
CA ILE C 182 -43.44 30.04 -17.37
C ILE C 182 -43.32 29.31 -18.70
N ILE C 183 -42.32 29.72 -19.48
CA ILE C 183 -42.04 29.12 -20.77
C ILE C 183 -40.72 28.34 -20.69
N MET C 184 -40.77 27.07 -21.09
CA MET C 184 -39.56 26.27 -21.24
C MET C 184 -39.34 25.97 -22.71
N ASP C 185 -38.24 26.49 -23.27
CA ASP C 185 -37.95 26.36 -24.69
C ASP C 185 -36.66 25.60 -24.98
N LYS C 186 -36.12 24.94 -23.95
CA LYS C 186 -35.01 23.99 -24.11
C LYS C 186 -35.36 22.75 -23.30
N ASP C 187 -34.75 21.61 -23.64
CA ASP C 187 -34.96 20.40 -22.83
C ASP C 187 -34.14 20.48 -21.54
N GLN C 188 -34.15 19.42 -20.75
CA GLN C 188 -33.53 19.48 -19.42
C GLN C 188 -32.02 19.49 -19.43
N VAL C 189 -31.40 19.20 -20.59
CA VAL C 189 -29.98 19.43 -20.76
C VAL C 189 -29.68 20.62 -21.69
N ALA C 190 -30.65 21.53 -21.77
CA ALA C 190 -30.48 22.85 -22.40
C ALA C 190 -30.31 22.84 -23.92
N ILE C 191 -30.76 21.78 -24.57
CA ILE C 191 -30.85 21.76 -26.03
C ILE C 191 -32.17 22.38 -26.47
N PRO C 192 -32.11 23.42 -27.32
CA PRO C 192 -33.29 24.20 -27.70
C PRO C 192 -34.40 23.34 -28.33
N LEU C 193 -35.63 23.60 -27.90
CA LEU C 193 -36.79 22.87 -28.39
C LEU C 193 -37.33 23.49 -29.68
N ASP C 194 -37.94 22.67 -30.52
CA ASP C 194 -38.67 23.14 -31.69
C ASP C 194 -39.84 24.01 -31.27
N ARG C 195 -40.54 23.58 -30.22
CA ARG C 195 -41.71 24.32 -29.75
C ARG C 195 -41.61 24.54 -28.24
N LYS C 196 -41.80 25.78 -27.82
CA LYS C 196 -41.76 26.10 -26.41
C LYS C 196 -42.96 25.52 -25.66
N VAL C 197 -42.74 25.21 -24.39
CA VAL C 197 -43.73 24.54 -23.57
C VAL C 197 -44.22 25.50 -22.49
N ASP C 198 -45.52 25.75 -22.49
CA ASP C 198 -46.14 26.59 -21.47
C ASP C 198 -46.33 25.77 -20.20
N LEU C 199 -45.60 26.13 -19.16
CA LEU C 199 -45.66 25.42 -17.88
C LEU C 199 -46.55 26.17 -16.89
N GLY C 200 -47.35 27.10 -17.39
CA GLY C 200 -48.38 27.73 -16.59
C GLY C 200 -47.90 28.91 -15.76
N LYS C 201 -48.85 29.63 -15.18
CA LYS C 201 -48.54 30.76 -14.31
C LYS C 201 -47.97 30.28 -12.99
N PRO C 202 -46.88 30.92 -12.52
CA PRO C 202 -46.26 30.58 -11.24
C PRO C 202 -47.16 30.89 -10.04
N MET C 203 -46.92 30.19 -8.94
CA MET C 203 -47.56 30.49 -7.67
C MET C 203 -47.06 31.85 -7.18
N SER C 204 -47.92 32.57 -6.48
CA SER C 204 -47.49 33.75 -5.74
C SER C 204 -46.57 33.28 -4.61
N SER C 205 -45.76 34.20 -4.09
CA SER C 205 -44.91 33.89 -2.95
C SER C 205 -45.75 33.42 -1.78
N GLU C 206 -46.98 33.95 -1.70
CA GLU C 206 -47.92 33.61 -0.64
C GLU C 206 -48.39 32.16 -0.75
N GLU C 207 -48.75 31.74 -1.96
CA GLU C 207 -49.21 30.37 -2.19
C GLU C 207 -48.09 29.36 -2.02
N ALA C 208 -46.90 29.71 -2.53
CA ALA C 208 -45.71 28.87 -2.37
C ALA C 208 -45.41 28.63 -0.90
N ALA C 209 -45.52 29.67 -0.08
CA ALA C 209 -45.28 29.57 1.36
C ALA C 209 -46.27 28.63 2.04
N LYS C 210 -47.49 28.56 1.49
CA LYS C 210 -48.52 27.67 2.01
C LYS C 210 -48.36 26.23 1.55
N ARG C 211 -47.80 26.05 0.35
CA ARG C 211 -47.68 24.72 -0.25
C ARG C 211 -46.33 24.07 0.00
N THR C 212 -45.37 24.81 0.56
CA THR C 212 -43.98 24.33 0.62
C THR C 212 -43.76 23.25 1.66
N THR C 213 -42.84 22.34 1.35
CA THR C 213 -42.41 21.31 2.28
C THR C 213 -41.11 21.69 2.98
N ILE C 214 -40.61 22.90 2.73
CA ILE C 214 -39.42 23.38 3.41
C ILE C 214 -39.78 24.28 4.60
N TYR C 215 -39.04 24.11 5.69
CA TYR C 215 -39.14 25.03 6.82
C TYR C 215 -38.21 26.22 6.61
N ARG C 216 -38.67 27.38 7.03
CA ARG C 216 -37.83 28.58 7.05
C ARG C 216 -38.27 29.46 8.23
N VAL C 217 -37.33 30.16 8.85
CA VAL C 217 -37.61 30.98 10.02
C VAL C 217 -38.61 32.11 9.72
N ASP C 218 -38.70 32.52 8.46
CA ASP C 218 -39.58 33.61 8.05
C ASP C 218 -40.87 33.13 7.38
N ASN C 219 -41.16 31.84 7.51
CA ASN C 219 -42.45 31.29 7.09
C ASN C 219 -42.98 30.38 8.20
N VAL C 220 -42.65 29.09 8.10
CA VAL C 220 -42.92 28.14 9.17
C VAL C 220 -41.58 27.61 9.66
N ALA C 221 -41.18 28.02 10.85
CA ALA C 221 -39.88 27.64 11.41
C ALA C 221 -39.84 26.18 11.84
N PHE C 222 -38.73 25.51 11.56
CA PHE C 222 -38.52 24.12 11.94
C PHE C 222 -38.59 23.96 13.47
N ARG C 223 -37.93 24.87 14.16
CA ARG C 223 -37.96 24.99 15.60
C ARG C 223 -39.37 24.98 16.19
N ASP C 224 -40.36 25.43 15.43
CA ASP C 224 -41.73 25.54 15.90
C ASP C 224 -42.56 24.27 15.72
N ASP C 225 -42.05 23.33 14.93
CA ASP C 225 -42.73 22.04 14.78
C ASP C 225 -42.10 21.03 15.75
N ALA C 226 -42.60 21.05 16.98
CA ALA C 226 -42.01 20.30 18.08
C ALA C 226 -41.98 18.79 17.82
N GLU C 227 -43.01 18.29 17.15
CA GLU C 227 -43.14 16.86 16.87
C GLU C 227 -42.02 16.33 16.00
N VAL C 228 -41.61 17.14 15.01
CA VAL C 228 -40.57 16.75 14.07
C VAL C 228 -39.18 16.81 14.73
N VAL C 229 -38.96 17.82 15.55
CA VAL C 229 -37.72 17.92 16.32
C VAL C 229 -37.63 16.75 17.31
N GLU C 230 -38.76 16.39 17.92
CA GLU C 230 -38.78 15.26 18.83
C GLU C 230 -38.53 13.94 18.10
N TRP C 231 -39.09 13.81 16.90
CA TRP C 231 -38.86 12.64 16.06
C TRP C 231 -37.35 12.46 15.80
N VAL C 232 -36.68 13.56 15.45
CA VAL C 232 -35.23 13.52 15.23
C VAL C 232 -34.51 13.09 16.50
N HIS C 233 -34.92 13.65 17.64
CA HIS C 233 -34.33 13.33 18.92
C HIS C 233 -34.51 11.87 19.29
N ARG C 234 -35.70 11.32 19.02
CA ARG C 234 -35.96 9.91 19.28
C ARG C 234 -35.13 9.00 18.37
N ILE C 235 -35.03 9.32 17.08
CA ILE C 235 -34.24 8.53 16.15
C ILE C 235 -32.76 8.57 16.55
N PHE C 236 -32.28 9.76 16.88
CA PHE C 236 -30.91 9.96 17.34
C PHE C 236 -30.60 9.14 18.60
N ASP C 237 -31.46 9.28 19.62
CA ASP C 237 -31.30 8.56 20.88
C ASP C 237 -31.25 7.06 20.67
N GLN C 238 -32.23 6.54 19.94
CA GLN C 238 -32.32 5.11 19.70
C GLN C 238 -31.16 4.59 18.90
N ARG C 239 -30.78 5.30 17.84
CA ARG C 239 -29.62 4.86 17.03
C ARG C 239 -28.37 4.81 17.90
N THR C 240 -28.17 5.81 18.74
CA THR C 240 -26.98 5.89 19.59
C THR C 240 -26.96 4.76 20.61
N LYS C 241 -28.08 4.55 21.30
CA LYS C 241 -28.20 3.50 22.31
C LYS C 241 -27.97 2.11 21.75
N PHE C 242 -28.62 1.82 20.63
CA PHE C 242 -28.60 0.47 20.07
C PHE C 242 -27.27 0.15 19.39
N GLY C 243 -26.52 1.19 19.02
CA GLY C 243 -25.17 1.00 18.52
C GLY C 243 -24.21 0.55 19.61
N PHE C 244 -24.43 1.06 20.82
CA PHE C 244 -23.72 0.58 21.99
C PHE C 244 -24.17 -0.84 22.33
N GLN C 245 -25.47 -1.00 22.61
CA GLN C 245 -26.06 -2.31 22.86
C GLN C 245 -27.52 -2.32 22.41
N PRO C 246 -27.86 -3.18 21.44
CA PRO C 246 -29.22 -3.25 20.88
C PRO C 246 -30.23 -3.85 21.85
N LYS C 247 -30.59 -3.08 22.87
CA LYS C 247 -31.53 -3.51 23.90
C LYS C 247 -32.22 -2.29 24.52
N ALA D 1 33.77 -4.45 -30.27
CA ALA D 1 33.90 -3.77 -31.59
C ALA D 1 34.68 -2.45 -31.50
N ALA D 2 35.42 -2.16 -32.57
CA ALA D 2 36.52 -1.20 -32.54
C ALA D 2 36.12 0.21 -32.14
N ASP D 3 35.04 0.72 -32.73
CA ASP D 3 34.61 2.10 -32.50
C ASP D 3 34.25 2.37 -31.05
N ILE D 4 33.59 1.41 -30.41
CA ILE D 4 33.17 1.55 -29.02
C ILE D 4 34.35 1.43 -28.07
N PHE D 5 35.30 0.57 -28.43
CA PHE D 5 36.55 0.44 -27.66
C PHE D 5 37.33 1.76 -27.65
N SER D 6 37.30 2.46 -28.79
CA SER D 6 37.93 3.77 -28.89
C SER D 6 37.22 4.83 -28.05
N LYS D 7 35.89 4.75 -27.99
CA LYS D 7 35.11 5.63 -27.13
C LYS D 7 35.45 5.39 -25.66
N PHE D 8 35.51 4.11 -25.29
CA PHE D 8 35.91 3.71 -23.95
C PHE D 8 37.26 4.32 -23.54
N LYS D 9 38.27 4.13 -24.38
CA LYS D 9 39.61 4.63 -24.09
C LYS D 9 39.63 6.15 -24.01
N LYS D 10 38.88 6.80 -24.90
CA LYS D 10 38.73 8.25 -24.88
C LYS D 10 38.16 8.72 -23.54
N ASP D 11 37.14 8.03 -23.06
CA ASP D 11 36.49 8.36 -21.78
C ASP D 11 37.46 8.23 -20.61
N MET D 12 38.33 7.22 -20.66
CA MET D 12 39.34 7.03 -19.63
C MET D 12 40.35 8.18 -19.64
N GLU D 13 40.72 8.65 -20.83
CA GLU D 13 41.60 9.80 -20.98
C GLU D 13 40.99 11.05 -20.36
N VAL D 14 39.74 11.33 -20.74
CA VAL D 14 39.02 12.49 -20.25
C VAL D 14 38.86 12.44 -18.73
N LYS D 15 38.54 11.26 -18.20
CA LYS D 15 38.29 11.12 -16.78
C LYS D 15 39.56 11.21 -15.94
N PHE D 16 40.65 10.63 -16.42
CA PHE D 16 41.82 10.39 -15.57
C PHE D 16 43.09 11.09 -15.98
N ALA D 17 43.20 11.45 -17.26
CA ALA D 17 44.46 11.91 -17.82
C ALA D 17 44.49 13.39 -18.22
N GLN D 18 43.38 14.10 -18.00
CA GLN D 18 43.37 15.55 -18.17
C GLN D 18 42.50 16.11 -17.05
N GLU D 19 42.97 17.19 -16.44
CA GLU D 19 42.46 17.61 -15.14
C GLU D 19 41.02 18.15 -15.24
N PHE D 20 40.24 17.79 -14.23
CA PHE D 20 38.88 18.28 -14.13
C PHE D 20 38.80 19.23 -12.95
N GLY D 21 38.29 20.43 -13.21
CA GLY D 21 38.35 21.49 -12.23
C GLY D 21 39.79 21.82 -11.88
N SER D 22 40.16 21.59 -10.62
CA SER D 22 41.52 21.82 -10.17
C SER D 22 42.13 20.57 -9.55
N ASN D 23 41.77 19.39 -10.08
CA ASN D 23 42.23 18.13 -9.50
C ASN D 23 43.65 17.75 -9.91
N LYS D 24 44.25 18.55 -10.79
CA LYS D 24 45.65 18.41 -11.20
C LYS D 24 46.01 17.06 -11.79
N GLN D 25 45.04 16.39 -12.40
CA GLN D 25 45.29 15.14 -13.11
C GLN D 25 45.62 15.47 -14.57
N THR D 26 46.86 15.87 -14.81
CA THR D 26 47.24 16.51 -16.07
C THR D 26 47.85 15.58 -17.11
N GLY D 27 48.16 14.35 -16.70
CA GLY D 27 48.75 13.41 -17.64
C GLY D 27 48.54 11.98 -17.23
N GLY D 28 49.35 11.09 -17.79
CA GLY D 28 49.29 9.70 -17.39
C GLY D 28 48.82 8.80 -18.51
N ASP D 29 49.24 7.54 -18.44
CA ASP D 29 48.83 6.51 -19.38
C ASP D 29 47.63 5.80 -18.77
N ILE D 30 46.53 5.66 -19.52
CA ILE D 30 45.32 5.03 -19.00
C ILE D 30 45.49 3.55 -18.69
N THR D 31 46.64 2.98 -19.05
CA THR D 31 46.97 1.61 -18.70
C THR D 31 47.92 1.53 -17.50
N ASP D 32 48.36 2.68 -16.99
CA ASP D 32 49.25 2.74 -15.82
C ASP D 32 48.55 2.19 -14.58
N LYS D 33 49.28 1.38 -13.81
CA LYS D 33 48.75 0.76 -12.59
C LYS D 33 48.92 1.63 -11.36
N THR D 34 49.73 2.67 -11.49
CA THR D 34 50.05 3.53 -10.35
C THR D 34 49.55 4.97 -10.56
N ALA D 35 49.39 5.70 -9.47
CA ALA D 35 49.00 7.10 -9.52
C ALA D 35 49.53 7.83 -8.30
N LYS D 36 49.51 9.16 -8.37
CA LYS D 36 49.80 10.00 -7.20
C LYS D 36 48.49 10.60 -6.69
N PHE D 37 48.31 10.55 -5.38
CA PHE D 37 47.11 11.08 -4.74
C PHE D 37 47.43 12.35 -3.98
N LEU D 38 46.80 13.45 -4.38
CA LEU D 38 47.25 14.77 -4.01
C LEU D 38 46.60 15.35 -2.75
N ARG D 39 45.60 14.65 -2.22
CA ARG D 39 44.95 15.05 -0.97
C ARG D 39 44.49 16.51 -1.03
N LEU D 40 43.83 16.90 -2.10
CA LEU D 40 43.41 18.29 -2.29
C LEU D 40 42.09 18.59 -1.56
N GLY D 41 41.32 17.56 -1.28
CA GLY D 41 40.00 17.76 -0.66
C GLY D 41 38.96 18.21 -1.67
N PRO D 42 37.77 18.62 -1.21
CA PRO D 42 36.63 18.83 -2.11
C PRO D 42 36.77 20.06 -3.00
N GLU D 43 37.68 20.96 -2.62
CA GLU D 43 37.91 22.20 -3.34
C GLU D 43 38.50 22.03 -4.74
N GLN D 44 38.98 20.83 -5.04
CA GLN D 44 39.49 20.52 -6.37
C GLN D 44 38.36 20.48 -7.39
N ASP D 45 37.13 20.35 -6.91
CA ASP D 45 35.96 20.23 -7.78
C ASP D 45 35.09 21.49 -7.67
N PRO D 46 34.90 22.21 -8.79
CA PRO D 46 34.14 23.47 -8.76
C PRO D 46 32.68 23.35 -8.31
N ARG D 47 32.03 22.22 -8.59
CA ARG D 47 30.68 22.00 -8.04
C ARG D 47 30.72 21.84 -6.54
N LYS D 48 31.70 21.09 -6.04
CA LYS D 48 31.85 20.94 -4.59
C LYS D 48 32.10 22.29 -3.89
N VAL D 49 32.90 23.15 -4.52
CA VAL D 49 33.16 24.49 -3.98
C VAL D 49 31.87 25.31 -3.90
N GLU D 50 31.05 25.20 -4.94
CA GLU D 50 29.75 25.86 -5.00
C GLU D 50 28.82 25.36 -3.89
N MET D 51 28.84 24.05 -3.68
CA MET D 51 28.03 23.42 -2.64
C MET D 51 28.48 23.82 -1.24
N ILE D 52 29.80 23.85 -1.03
CA ILE D 52 30.37 24.26 0.25
C ILE D 52 29.92 25.68 0.60
N LYS D 53 30.03 26.59 -0.36
CA LYS D 53 29.65 27.98 -0.16
C LYS D 53 28.17 28.11 0.17
N ALA D 54 27.34 27.38 -0.57
CA ALA D 54 25.89 27.38 -0.34
C ALA D 54 25.55 26.85 1.05
N GLY D 55 26.16 25.75 1.43
CA GLY D 55 25.92 25.16 2.74
C GLY D 55 26.31 26.07 3.88
N LYS D 56 27.46 26.73 3.73
CA LYS D 56 27.96 27.68 4.72
C LYS D 56 26.97 28.82 4.91
N GLU D 57 26.53 29.42 3.81
CA GLU D 57 25.64 30.59 3.86
C GLU D 57 24.26 30.24 4.38
N ILE D 58 23.74 29.09 3.97
CA ILE D 58 22.42 28.66 4.39
C ILE D 58 22.41 28.30 5.89
N ALA D 59 23.48 27.68 6.36
CA ALA D 59 23.61 27.36 7.78
C ALA D 59 23.58 28.65 8.61
N GLU D 60 24.32 29.65 8.15
CA GLU D 60 24.39 30.96 8.79
C GLU D 60 23.02 31.64 8.78
N LYS D 61 22.35 31.57 7.63
CA LYS D 61 21.05 32.23 7.46
C LYS D 61 19.95 31.59 8.30
N ARG D 62 19.87 30.26 8.31
CA ARG D 62 18.73 29.59 8.93
C ARG D 62 18.95 29.32 10.41
N GLY D 63 20.21 29.35 10.84
CA GLY D 63 20.52 29.24 12.25
C GLY D 63 20.65 27.83 12.80
N ILE D 64 20.77 26.85 11.93
CA ILE D 64 21.08 25.48 12.35
C ILE D 64 22.03 24.83 11.35
N ALA D 65 22.96 24.03 11.87
CA ALA D 65 24.04 23.43 11.09
C ALA D 65 23.53 22.74 9.83
N PHE D 66 24.36 22.73 8.80
CA PHE D 66 23.96 22.28 7.48
C PHE D 66 25.15 21.57 6.80
N TYR D 67 25.17 21.60 5.47
CA TYR D 67 26.25 20.99 4.70
C TYR D 67 27.62 21.55 5.08
N ASN D 68 28.53 20.65 5.42
CA ASN D 68 29.86 21.02 5.90
C ASN D 68 30.77 19.80 5.73
N PRO D 69 31.58 19.78 4.66
CA PRO D 69 32.42 18.62 4.32
C PRO D 69 33.38 18.20 5.41
N MET D 70 33.67 19.12 6.35
CA MET D 70 34.56 18.80 7.46
C MET D 70 33.90 17.92 8.52
N MET D 71 32.59 17.68 8.37
CA MET D 71 31.88 16.75 9.25
C MET D 71 32.09 15.30 8.81
N HIS D 72 32.71 15.11 7.65
CA HIS D 72 33.11 13.78 7.20
C HIS D 72 34.17 13.21 8.14
N SER D 73 34.04 11.93 8.45
CA SER D 73 35.02 11.24 9.30
C SER D 73 36.43 11.32 8.71
N GLY D 74 37.39 11.63 9.56
CA GLY D 74 38.80 11.55 9.17
C GLY D 74 39.29 12.68 8.29
N ALA D 75 38.60 12.91 7.18
CA ALA D 75 39.00 13.90 6.19
C ALA D 75 37.82 14.19 5.27
N PRO D 76 37.81 15.36 4.61
CA PRO D 76 36.76 15.66 3.63
C PRO D 76 36.94 14.89 2.31
N LEU D 77 35.88 14.83 1.52
CA LEU D 77 35.88 14.10 0.25
C LEU D 77 36.98 14.57 -0.69
N GLY D 78 37.55 13.64 -1.44
CA GLY D 78 38.52 14.00 -2.47
C GLY D 78 39.96 14.04 -1.99
N GLN D 79 40.37 13.04 -1.23
CA GLN D 79 41.79 12.87 -0.89
C GLN D 79 42.55 12.21 -2.05
N ARG D 80 41.83 11.44 -2.87
CA ARG D 80 42.30 11.16 -4.22
C ARG D 80 41.62 12.12 -5.20
N ALA D 81 41.67 11.83 -6.49
CA ALA D 81 41.15 12.77 -7.48
C ALA D 81 39.63 12.62 -7.66
N ILE D 82 38.94 13.76 -7.69
CA ILE D 82 37.54 13.78 -8.11
C ILE D 82 37.49 13.99 -9.62
N THR D 83 36.94 13.00 -10.32
CA THR D 83 37.01 12.96 -11.77
C THR D 83 35.62 12.81 -12.39
N PRO D 84 35.44 13.30 -13.63
CA PRO D 84 34.10 13.42 -14.23
C PRO D 84 33.57 12.10 -14.79
N TYR D 85 32.33 12.12 -15.26
CA TYR D 85 31.77 10.99 -16.00
C TYR D 85 31.25 11.47 -17.33
N THR D 86 31.53 10.71 -18.38
CA THR D 86 30.98 10.98 -19.71
C THR D 86 29.78 10.06 -19.94
N ILE D 87 28.64 10.63 -20.28
CA ILE D 87 27.46 9.84 -20.61
C ILE D 87 27.79 8.96 -21.81
N SER D 88 27.59 7.66 -21.67
CA SER D 88 27.95 6.70 -22.72
C SER D 88 27.23 7.02 -24.04
N GLY D 89 27.96 6.88 -25.14
CA GLY D 89 27.42 7.20 -26.45
C GLY D 89 27.40 8.68 -26.77
N THR D 90 27.90 9.51 -25.85
CA THR D 90 27.87 10.96 -26.04
C THR D 90 29.23 11.56 -25.68
N ASP D 91 29.37 12.87 -25.93
CA ASP D 91 30.54 13.59 -25.44
C ASP D 91 30.22 14.52 -24.27
N ILE D 92 29.11 14.23 -23.59
CA ILE D 92 28.71 15.04 -22.46
C ILE D 92 29.49 14.64 -21.20
N VAL D 93 30.41 15.52 -20.80
CA VAL D 93 31.23 15.30 -19.61
C VAL D 93 30.60 15.97 -18.39
N CYS D 94 30.32 15.17 -17.37
CA CYS D 94 29.51 15.62 -16.24
C CYS D 94 30.28 15.74 -14.93
N GLU D 95 29.95 16.78 -14.17
CA GLU D 95 30.21 16.81 -12.74
C GLU D 95 29.52 15.62 -12.09
N PRO D 96 30.25 14.84 -11.28
CA PRO D 96 29.66 13.68 -10.61
C PRO D 96 28.39 14.01 -9.82
N ASP D 97 28.42 15.13 -9.09
CA ASP D 97 27.27 15.52 -8.27
C ASP D 97 26.04 15.85 -9.12
N ASP D 98 26.28 16.26 -10.37
CA ASP D 98 25.20 16.66 -11.27
C ASP D 98 24.41 15.46 -11.79
N LEU D 99 24.85 14.26 -11.42
CA LEU D 99 24.14 13.05 -11.80
C LEU D 99 23.34 12.43 -10.65
N HIS D 100 23.36 13.08 -9.49
CA HIS D 100 22.45 12.74 -8.41
C HIS D 100 21.04 13.16 -8.83
N TYR D 101 20.06 12.30 -8.61
CA TYR D 101 18.72 12.58 -9.12
C TYR D 101 18.14 13.88 -8.55
N VAL D 102 18.50 14.19 -7.31
CA VAL D 102 18.01 15.41 -6.65
C VAL D 102 18.50 16.65 -7.39
N ASN D 103 19.69 16.55 -7.98
CA ASN D 103 20.33 17.68 -8.64
C ASN D 103 20.08 17.70 -10.14
N ASN D 104 19.23 16.79 -10.61
CA ASN D 104 19.08 16.56 -12.05
C ASN D 104 17.60 16.54 -12.44
N ALA D 105 17.15 17.60 -13.11
CA ALA D 105 15.74 17.75 -13.45
C ALA D 105 15.28 16.75 -14.52
N ALA D 106 16.22 16.30 -15.35
CA ALA D 106 15.92 15.31 -16.38
C ALA D 106 15.52 13.98 -15.74
N MET D 107 16.25 13.59 -14.71
CA MET D 107 15.98 12.35 -14.00
C MET D 107 14.65 12.41 -13.27
N GLN D 108 14.40 13.51 -12.57
CA GLN D 108 13.13 13.71 -11.88
C GLN D 108 11.95 13.74 -12.85
N GLN D 109 12.14 14.40 -13.99
CA GLN D 109 11.07 14.47 -14.98
C GLN D 109 10.78 13.14 -15.65
N MET D 110 11.81 12.30 -15.84
CA MET D 110 11.58 10.98 -16.41
C MET D 110 10.64 10.18 -15.53
N TRP D 111 10.88 10.22 -14.22
CA TRP D 111 10.01 9.53 -13.28
C TRP D 111 8.62 10.15 -13.28
N ASP D 112 8.55 11.48 -13.26
CA ASP D 112 7.25 12.15 -13.27
C ASP D 112 6.43 11.82 -14.51
N ASP D 113 7.10 11.71 -15.66
CA ASP D 113 6.44 11.37 -16.92
C ASP D 113 5.87 9.96 -16.92
N ILE D 114 6.53 9.05 -16.20
CA ILE D 114 6.02 7.69 -16.04
C ILE D 114 4.93 7.66 -14.97
N ARG D 115 5.22 8.28 -13.82
CA ARG D 115 4.29 8.30 -12.70
C ARG D 115 2.95 8.93 -13.07
N ARG D 116 2.96 10.02 -13.84
CA ARG D 116 1.72 10.73 -14.13
C ARG D 116 0.97 10.21 -15.32
N THR D 117 1.38 9.03 -15.80
CA THR D 117 0.80 8.47 -17.02
C THR D 117 0.01 7.19 -16.77
N CYS D 118 -1.15 7.08 -17.41
CA CYS D 118 -1.88 5.81 -17.49
C CYS D 118 -2.61 5.72 -18.83
N ILE D 119 -3.10 4.52 -19.13
CA ILE D 119 -3.75 4.25 -20.41
C ILE D 119 -5.15 3.70 -20.15
N VAL D 120 -6.15 4.29 -20.80
CA VAL D 120 -7.54 3.90 -20.55
C VAL D 120 -8.25 3.64 -21.88
N GLY D 121 -8.83 2.46 -22.00
CA GLY D 121 -9.56 2.11 -23.21
C GLY D 121 -10.78 2.96 -23.45
N LEU D 122 -11.15 3.11 -24.72
CA LEU D 122 -12.32 3.89 -25.10
C LEU D 122 -13.51 3.00 -25.44
N ASP D 123 -13.24 1.78 -25.88
CA ASP D 123 -14.28 0.91 -26.44
C ASP D 123 -15.40 0.56 -25.47
N MET D 124 -15.05 0.23 -24.23
CA MET D 124 -16.04 -0.12 -23.21
C MET D 124 -16.90 1.08 -22.83
N ALA D 125 -16.29 2.26 -22.78
CA ALA D 125 -17.01 3.51 -22.50
C ALA D 125 -18.00 3.79 -23.63
N HIS D 126 -17.56 3.57 -24.87
CA HIS D 126 -18.43 3.77 -26.02
C HIS D 126 -19.56 2.74 -26.07
N GLU D 127 -19.24 1.51 -25.68
CA GLU D 127 -20.26 0.47 -25.57
C GLU D 127 -21.30 0.77 -24.50
N THR D 128 -20.85 1.42 -23.43
CA THR D 128 -21.75 1.87 -22.35
C THR D 128 -22.77 2.88 -22.86
N LEU D 129 -22.28 3.88 -23.60
CA LEU D 129 -23.15 4.91 -24.16
C LEU D 129 -24.13 4.31 -25.15
N GLU D 130 -23.64 3.37 -25.95
CA GLU D 130 -24.48 2.66 -26.92
C GLU D 130 -25.59 1.90 -26.23
N LYS D 131 -25.21 1.01 -25.31
CA LYS D 131 -26.18 0.12 -24.70
C LYS D 131 -27.17 0.85 -23.79
N ARG D 132 -26.65 1.72 -22.92
CA ARG D 132 -27.52 2.23 -21.85
C ARG D 132 -28.29 3.46 -22.27
N LEU D 133 -27.68 4.29 -23.12
CA LEU D 133 -28.29 5.54 -23.55
C LEU D 133 -28.73 5.53 -25.01
N GLY D 134 -28.29 4.54 -25.77
CA GLY D 134 -28.64 4.46 -27.18
C GLY D 134 -27.88 5.48 -28.02
N LYS D 135 -26.77 5.99 -27.48
CA LYS D 135 -25.93 6.96 -28.18
C LYS D 135 -25.25 6.34 -29.39
N GLU D 136 -25.09 7.15 -30.43
CA GLU D 136 -24.27 6.75 -31.58
C GLU D 136 -22.91 7.42 -31.47
N VAL D 137 -21.86 6.62 -31.40
CA VAL D 137 -20.50 7.12 -31.30
C VAL D 137 -19.85 7.17 -32.69
N THR D 138 -19.43 8.36 -33.09
CA THR D 138 -18.81 8.58 -34.39
C THR D 138 -17.45 9.25 -34.19
N PRO D 139 -16.63 9.33 -35.25
CA PRO D 139 -15.39 10.12 -35.19
C PRO D 139 -15.65 11.57 -34.79
N GLU D 140 -16.80 12.09 -35.19
CA GLU D 140 -17.20 13.46 -34.85
C GLU D 140 -17.42 13.62 -33.34
N THR D 141 -18.17 12.70 -32.73
CA THR D 141 -18.44 12.78 -31.29
C THR D 141 -17.17 12.51 -30.49
N ILE D 142 -16.31 11.64 -31.00
CA ILE D 142 -15.02 11.32 -30.37
C ILE D 142 -14.10 12.54 -30.37
N ASN D 143 -13.99 13.22 -31.51
CA ASN D 143 -13.16 14.41 -31.62
C ASN D 143 -13.65 15.55 -30.73
N HIS D 144 -14.97 15.71 -30.64
CA HIS D 144 -15.55 16.67 -29.71
C HIS D 144 -15.23 16.29 -28.27
N TYR D 145 -15.45 15.03 -27.93
CA TYR D 145 -15.10 14.50 -26.61
C TYR D 145 -13.64 14.76 -26.25
N LEU D 146 -12.75 14.60 -27.22
CA LEU D 146 -11.32 14.75 -26.99
C LEU D 146 -10.91 16.20 -26.74
N GLU D 147 -11.62 17.14 -27.36
CA GLU D 147 -11.38 18.55 -27.10
C GLU D 147 -11.94 18.96 -25.74
N VAL D 148 -13.12 18.45 -25.40
CA VAL D 148 -13.66 18.63 -24.05
C VAL D 148 -12.69 18.04 -23.02
N LEU D 149 -12.17 16.85 -23.33
CA LEU D 149 -11.29 16.13 -22.42
C LEU D 149 -9.99 16.90 -22.16
N ASN D 150 -9.46 17.54 -23.19
CA ASN D 150 -8.20 18.26 -23.06
C ASN D 150 -8.36 19.64 -22.42
N HIS D 151 -9.60 20.10 -22.29
CA HIS D 151 -9.92 21.22 -21.42
C HIS D 151 -10.08 20.74 -19.98
N ALA D 152 -10.75 19.61 -19.81
CA ALA D 152 -11.12 19.12 -18.49
C ALA D 152 -9.96 18.48 -17.73
N MET D 153 -9.14 17.71 -18.45
CA MET D 153 -8.12 16.87 -17.80
C MET D 153 -7.11 17.64 -16.95
N PRO D 154 -6.64 18.82 -17.42
CA PRO D 154 -5.70 19.61 -16.60
C PRO D 154 -6.32 20.13 -15.29
N GLY D 155 -7.64 20.10 -15.21
CA GLY D 155 -8.32 20.52 -14.00
C GLY D 155 -9.28 21.68 -14.21
N ALA D 156 -10.12 21.57 -15.24
CA ALA D 156 -11.06 22.65 -15.57
C ALA D 156 -12.49 22.12 -15.74
N ALA D 157 -13.45 23.01 -15.55
CA ALA D 157 -14.86 22.62 -15.41
C ALA D 157 -15.62 22.56 -16.73
N VAL D 158 -16.56 21.63 -16.81
CA VAL D 158 -17.39 21.48 -18.00
C VAL D 158 -18.91 21.42 -17.73
N VAL D 159 -19.30 21.27 -16.46
CA VAL D 159 -20.72 21.11 -16.14
C VAL D 159 -21.26 22.13 -15.14
N GLN D 160 -20.61 22.24 -13.97
CA GLN D 160 -21.17 23.02 -12.87
C GLN D 160 -20.90 24.52 -12.98
N GLU D 161 -21.79 25.31 -12.38
CA GLU D 161 -21.54 26.74 -12.22
C GLU D 161 -20.70 26.98 -10.97
N MET D 162 -19.91 28.05 -11.01
CA MET D 162 -19.14 28.53 -9.85
C MET D 162 -18.01 27.58 -9.45
N MET D 163 -17.31 27.06 -10.45
CA MET D 163 -16.18 26.17 -10.21
C MET D 163 -14.87 26.96 -10.22
N VAL D 164 -13.95 26.58 -9.34
CA VAL D 164 -12.58 27.04 -9.44
C VAL D 164 -11.78 25.99 -10.20
N GLU D 165 -10.69 26.42 -10.83
CA GLU D 165 -9.95 25.56 -11.73
C GLU D 165 -8.44 25.74 -11.54
N THR D 166 -7.68 24.74 -11.99
CA THR D 166 -6.23 24.82 -11.96
C THR D 166 -5.76 25.88 -12.97
N HIS D 167 -4.73 26.62 -12.59
CA HIS D 167 -4.17 27.62 -13.49
C HIS D 167 -3.44 26.94 -14.65
N PRO D 168 -3.87 27.20 -15.90
CA PRO D 168 -3.30 26.56 -17.08
C PRO D 168 -1.78 26.66 -17.17
N ALA D 169 -1.23 27.76 -16.67
CA ALA D 169 0.22 27.98 -16.69
C ALA D 169 0.97 27.04 -15.75
N LEU D 170 0.25 26.44 -14.80
CA LEU D 170 0.84 25.48 -13.85
C LEU D 170 0.71 24.03 -14.30
N VAL D 171 -0.14 23.79 -15.31
CA VAL D 171 -0.49 22.43 -15.70
C VAL D 171 -0.36 22.21 -17.22
N ASP D 172 0.54 22.94 -17.87
CA ASP D 172 0.64 22.92 -19.33
C ASP D 172 1.18 21.61 -19.92
N ASP D 173 1.69 20.76 -19.04
CA ASP D 173 2.24 19.47 -19.43
C ASP D 173 1.18 18.37 -19.42
N CYS D 174 -0.02 18.71 -18.98
CA CYS D 174 -1.12 17.76 -18.95
C CYS D 174 -1.88 17.73 -20.27
N TYR D 175 -2.10 16.52 -20.79
CA TYR D 175 -2.91 16.35 -21.99
C TYR D 175 -3.34 14.90 -22.18
N VAL D 176 -4.28 14.68 -23.09
CA VAL D 176 -4.68 13.34 -23.48
C VAL D 176 -4.63 13.19 -25.00
N LYS D 177 -3.90 12.18 -25.45
CA LYS D 177 -3.95 11.78 -26.86
C LYS D 177 -4.59 10.40 -26.98
N VAL D 178 -4.91 10.01 -28.20
CA VAL D 178 -5.45 8.67 -28.45
C VAL D 178 -4.65 7.92 -29.50
N PHE D 179 -4.70 6.60 -29.41
CA PHE D 179 -4.21 5.75 -30.48
C PHE D 179 -5.16 4.57 -30.65
N THR D 180 -5.14 3.97 -31.84
CA THR D 180 -6.09 2.93 -32.17
C THR D 180 -5.54 1.95 -33.21
N GLY D 181 -5.82 0.67 -33.01
CA GLY D 181 -5.45 -0.33 -33.99
C GLY D 181 -6.44 -0.37 -35.15
N ASP D 182 -7.48 0.46 -35.06
CA ASP D 182 -8.43 0.64 -36.15
C ASP D 182 -7.95 1.76 -37.06
N ASP D 183 -7.35 1.39 -38.19
CA ASP D 183 -6.85 2.35 -39.17
C ASP D 183 -7.93 3.29 -39.71
N ALA D 184 -9.14 2.75 -39.90
CA ALA D 184 -10.25 3.55 -40.43
C ALA D 184 -10.63 4.66 -39.46
N LEU D 185 -10.60 4.36 -38.16
CA LEU D 185 -10.87 5.37 -37.14
C LEU D 185 -9.71 6.35 -37.03
N ALA D 186 -8.48 5.85 -37.09
CA ALA D 186 -7.28 6.68 -37.00
C ALA D 186 -7.29 7.76 -38.06
N ASP D 187 -7.79 7.43 -39.25
CA ASP D 187 -7.86 8.37 -40.36
C ASP D 187 -8.83 9.52 -40.09
N GLU D 188 -9.73 9.32 -39.13
CA GLU D 188 -10.79 10.30 -38.85
C GLU D 188 -10.58 11.09 -37.56
N ILE D 189 -9.58 10.71 -36.78
CA ILE D 189 -9.25 11.42 -35.55
C ILE D 189 -8.51 12.72 -35.89
N ASP D 190 -8.97 13.82 -35.31
CA ASP D 190 -8.26 15.11 -35.40
C ASP D 190 -6.80 14.88 -35.02
N LYS D 191 -5.90 15.23 -35.93
CA LYS D 191 -4.49 14.89 -35.80
C LYS D 191 -3.82 15.47 -34.55
N GLN D 192 -4.38 16.53 -34.00
CA GLN D 192 -3.82 17.11 -32.77
C GLN D 192 -3.92 16.16 -31.59
N PHE D 193 -4.84 15.20 -31.68
CA PHE D 193 -5.07 14.25 -30.59
C PHE D 193 -4.43 12.88 -30.86
N LEU D 194 -3.93 12.66 -32.06
CA LEU D 194 -3.56 11.32 -32.48
C LEU D 194 -2.09 10.99 -32.27
N ILE D 195 -1.84 9.82 -31.69
CA ILE D 195 -0.54 9.17 -31.81
C ILE D 195 -0.65 8.15 -32.95
N ASP D 196 -0.08 8.50 -34.09
CA ASP D 196 -0.23 7.72 -35.31
C ASP D 196 0.74 6.54 -35.32
N ILE D 197 0.20 5.34 -35.12
CA ILE D 197 1.01 4.12 -35.06
C ILE D 197 1.72 3.85 -36.38
N ASN D 198 1.04 4.08 -37.49
CA ASN D 198 1.60 3.87 -38.82
C ASN D 198 2.71 4.88 -39.16
N LYS D 199 2.58 6.08 -38.60
CA LYS D 199 3.57 7.12 -38.82
C LYS D 199 4.79 6.96 -37.90
N GLU D 200 4.54 6.59 -36.65
CA GLU D 200 5.58 6.59 -35.63
C GLU D 200 6.45 5.35 -35.64
N PHE D 201 5.93 4.25 -36.18
CA PHE D 201 6.65 2.99 -36.20
C PHE D 201 6.92 2.53 -37.63
N SER D 202 7.98 1.74 -37.80
CA SER D 202 8.22 1.04 -39.06
C SER D 202 7.01 0.17 -39.38
N GLU D 203 6.90 -0.27 -40.63
CA GLU D 203 5.74 -1.05 -41.05
C GLU D 203 5.64 -2.40 -40.37
N GLU D 204 6.78 -3.06 -40.16
CA GLU D 204 6.82 -4.32 -39.44
C GLU D 204 6.38 -4.15 -38.00
N GLN D 205 6.92 -3.14 -37.34
CA GLN D 205 6.61 -2.89 -35.93
C GLN D 205 5.18 -2.41 -35.74
N ALA D 206 4.69 -1.57 -36.66
CA ALA D 206 3.30 -1.13 -36.64
C ALA D 206 2.35 -2.31 -36.81
N ALA D 207 2.73 -3.26 -37.66
CA ALA D 207 1.92 -4.46 -37.87
C ALA D 207 1.83 -5.31 -36.61
N GLN D 208 2.97 -5.49 -35.93
CA GLN D 208 3.01 -6.26 -34.69
C GLN D 208 2.12 -5.62 -33.62
N ILE D 209 2.22 -4.31 -33.48
CA ILE D 209 1.44 -3.55 -32.52
C ILE D 209 -0.06 -3.67 -32.81
N LYS D 210 -0.43 -3.45 -34.07
CA LYS D 210 -1.84 -3.47 -34.46
C LYS D 210 -2.43 -4.88 -34.40
N ALA D 211 -1.60 -5.89 -34.67
CA ALA D 211 -2.02 -7.28 -34.56
C ALA D 211 -2.27 -7.62 -33.10
N SER D 212 -1.44 -7.06 -32.22
CA SER D 212 -1.52 -7.33 -30.79
C SER D 212 -2.78 -6.73 -30.16
N ILE D 213 -3.02 -5.46 -30.41
CA ILE D 213 -4.12 -4.76 -29.73
C ILE D 213 -5.44 -4.88 -30.48
N GLY D 214 -5.39 -5.32 -31.73
CA GLY D 214 -6.60 -5.43 -32.53
C GLY D 214 -7.18 -4.08 -32.88
N LYS D 215 -8.47 -4.07 -33.21
CA LYS D 215 -9.16 -2.83 -33.55
C LYS D 215 -9.71 -2.15 -32.30
N THR D 216 -8.82 -1.87 -31.35
CA THR D 216 -9.20 -1.24 -30.08
C THR D 216 -8.59 0.15 -29.96
N SER D 217 -9.27 1.02 -29.21
CA SER D 217 -8.87 2.42 -29.10
C SER D 217 -8.55 2.77 -27.65
N TRP D 218 -7.54 3.63 -27.48
CA TRP D 218 -6.96 3.87 -26.16
C TRP D 218 -6.62 5.35 -25.96
N GLN D 219 -6.78 5.81 -24.72
CA GLN D 219 -6.36 7.15 -24.32
C GLN D 219 -5.02 7.09 -23.59
N ALA D 220 -4.07 7.87 -24.07
CA ALA D 220 -2.80 8.07 -23.39
C ALA D 220 -2.90 9.34 -22.54
N ILE D 221 -3.06 9.16 -21.23
CA ILE D 221 -3.30 10.28 -20.34
C ILE D 221 -2.04 10.64 -19.55
N HIS D 222 -1.73 11.92 -19.52
CA HIS D 222 -0.61 12.43 -18.74
C HIS D 222 -1.11 13.58 -17.88
N ILE D 223 -1.28 13.30 -16.59
CA ILE D 223 -1.82 14.30 -15.66
C ILE D 223 -0.72 15.28 -15.23
N PRO D 224 -1.09 16.39 -14.60
CA PRO D 224 -0.09 17.44 -14.35
C PRO D 224 1.04 16.97 -13.42
N THR D 225 2.27 17.31 -13.79
CA THR D 225 3.44 16.99 -12.97
C THR D 225 3.34 17.60 -11.57
N ILE D 226 2.78 18.81 -11.48
CA ILE D 226 2.61 19.48 -10.19
C ILE D 226 1.68 18.70 -9.26
N VAL D 227 0.71 18.00 -9.85
CA VAL D 227 -0.19 17.15 -9.08
C VAL D 227 0.51 15.85 -8.68
N SER D 228 1.25 15.28 -9.63
CA SER D 228 1.98 14.03 -9.38
C SER D 228 2.97 14.19 -8.24
N ARG D 229 3.65 15.34 -8.22
CA ARG D 229 4.59 15.67 -7.17
C ARG D 229 3.96 15.99 -5.82
N THR D 230 2.78 16.61 -5.85
CA THR D 230 2.05 16.87 -4.61
C THR D 230 1.51 15.57 -4.00
N THR D 231 1.13 14.63 -4.87
CA THR D 231 0.47 13.41 -4.44
C THR D 231 1.37 12.17 -4.64
N ASP D 232 0.89 11.20 -5.41
CA ASP D 232 1.65 9.98 -5.64
C ASP D 232 1.25 9.31 -6.96
N GLY D 233 1.75 8.10 -7.17
CA GLY D 233 1.45 7.37 -8.40
C GLY D 233 0.02 6.87 -8.46
N ALA D 234 -0.55 6.50 -7.31
CA ALA D 234 -1.90 5.96 -7.24
C ALA D 234 -2.95 7.03 -7.55
N GLN D 235 -2.50 8.28 -7.54
CA GLN D 235 -3.32 9.42 -7.94
C GLN D 235 -3.72 9.33 -9.41
N THR D 236 -2.79 8.87 -10.25
CA THR D 236 -2.89 9.05 -11.69
C THR D 236 -4.15 8.47 -12.32
N SER D 237 -4.44 7.20 -12.04
CA SER D 237 -5.60 6.55 -12.66
C SER D 237 -6.90 7.16 -12.16
N ARG D 238 -6.90 7.63 -10.92
CA ARG D 238 -8.10 8.29 -10.35
C ARG D 238 -8.32 9.63 -11.04
N TRP D 239 -7.26 10.43 -11.16
CA TRP D 239 -7.34 11.74 -11.80
C TRP D 239 -7.87 11.59 -13.22
N ALA D 240 -7.27 10.66 -13.96
CA ALA D 240 -7.67 10.39 -15.34
C ALA D 240 -9.15 10.03 -15.41
N ALA D 241 -9.60 9.13 -14.54
CA ALA D 241 -10.98 8.66 -14.57
C ALA D 241 -11.99 9.76 -14.26
N MET D 242 -11.67 10.64 -13.32
CA MET D 242 -12.59 11.72 -12.95
C MET D 242 -12.91 12.61 -14.15
N GLN D 243 -11.88 13.00 -14.89
CA GLN D 243 -12.06 13.94 -15.99
C GLN D 243 -12.50 13.28 -17.28
N ILE D 244 -12.19 11.99 -17.45
CA ILE D 244 -12.81 11.17 -18.49
C ILE D 244 -14.33 11.11 -18.27
N GLY D 245 -14.72 10.88 -17.01
CA GLY D 245 -16.13 10.84 -16.66
C GLY D 245 -16.85 12.15 -16.93
N MET D 246 -16.25 13.26 -16.50
CA MET D 246 -16.84 14.58 -16.71
C MET D 246 -16.98 14.89 -18.20
N SER D 247 -15.99 14.47 -18.99
CA SER D 247 -15.98 14.78 -20.41
C SER D 247 -17.00 13.95 -21.19
N PHE D 248 -17.24 12.72 -20.75
CA PHE D 248 -18.31 11.91 -21.33
C PHE D 248 -19.68 12.47 -21.00
N ILE D 249 -19.84 12.92 -19.75
CA ILE D 249 -21.08 13.55 -19.31
C ILE D 249 -21.40 14.78 -20.16
N SER D 250 -20.39 15.63 -20.37
CA SER D 250 -20.56 16.89 -21.08
C SER D 250 -20.72 16.68 -22.59
N ALA D 251 -19.80 15.92 -23.17
CA ALA D 251 -19.73 15.75 -24.61
C ALA D 251 -20.92 14.97 -25.18
N TYR D 252 -21.51 14.10 -24.36
CA TYR D 252 -22.61 13.26 -24.84
C TYR D 252 -23.94 13.60 -24.16
N ALA D 253 -23.99 14.74 -23.51
CA ALA D 253 -25.23 15.27 -22.93
C ALA D 253 -25.95 14.26 -22.05
N MET D 254 -25.19 13.50 -21.27
CA MET D 254 -25.76 12.58 -20.29
C MET D 254 -26.38 13.40 -19.16
N CYS D 255 -27.15 12.74 -18.30
CA CYS D 255 -27.41 13.31 -16.98
C CYS D 255 -26.07 13.45 -16.29
N ALA D 256 -25.82 14.61 -15.70
CA ALA D 256 -24.60 14.83 -14.95
C ALA D 256 -24.67 14.07 -13.64
N GLY D 257 -24.51 12.75 -13.74
CA GLY D 257 -24.64 11.88 -12.59
C GLY D 257 -25.84 10.94 -12.68
N GLU D 258 -25.71 9.90 -13.49
CA GLU D 258 -26.71 8.85 -13.56
C GLU D 258 -26.04 7.48 -13.51
N ALA D 259 -26.84 6.42 -13.42
CA ALA D 259 -26.31 5.06 -13.26
C ALA D 259 -25.28 4.69 -14.32
N ALA D 260 -25.53 5.10 -15.57
CA ALA D 260 -24.62 4.79 -16.68
C ALA D 260 -23.23 5.38 -16.47
N VAL D 261 -23.16 6.50 -15.76
CA VAL D 261 -21.89 7.15 -15.46
C VAL D 261 -20.99 6.27 -14.61
N ALA D 262 -21.59 5.49 -13.71
CA ALA D 262 -20.84 4.56 -12.85
C ALA D 262 -20.15 3.46 -13.66
N ASP D 263 -20.76 3.05 -14.76
CA ASP D 263 -20.14 2.07 -15.66
C ASP D 263 -18.91 2.66 -16.33
N LEU D 264 -18.99 3.92 -16.73
CA LEU D 264 -17.84 4.64 -17.28
C LEU D 264 -16.73 4.73 -16.24
N SER D 265 -17.11 4.95 -14.99
CA SER D 265 -16.15 5.03 -13.89
C SER D 265 -15.40 3.72 -13.70
N PHE D 266 -16.15 2.62 -13.60
CA PHE D 266 -15.54 1.31 -13.40
C PHE D 266 -14.65 0.93 -14.59
N ALA D 267 -15.10 1.29 -15.80
CA ALA D 267 -14.32 1.07 -17.01
C ALA D 267 -12.99 1.83 -16.96
N ALA D 268 -13.07 3.12 -16.62
CA ALA D 268 -11.89 3.98 -16.59
C ALA D 268 -10.93 3.62 -15.46
N LYS D 269 -11.49 3.23 -14.32
CA LYS D 269 -10.70 3.00 -13.12
C LYS D 269 -10.21 1.58 -12.98
N MHS D 270 -10.82 0.63 -13.69
CA MHS D 270 -10.53 -0.79 -13.41
C MHS D 270 -10.54 -1.59 -14.70
O MHS D 270 -9.49 -2.07 -15.14
CB MHS D 270 -11.53 -1.37 -12.41
CG MHS D 270 -11.46 -0.72 -11.05
ND1 MHS D 270 -10.44 -0.83 -10.14
CD2 MHS D 270 -12.36 0.18 -10.53
CE1 MHS D 270 -10.72 -0.03 -9.09
NE2 MHS D 270 -11.88 0.58 -9.32
CM MHS D 270 -9.23 -1.83 -10.23
N ALA D 271 -11.72 -1.71 -15.33
CA ALA D 271 -11.91 -2.71 -16.38
C ALA D 271 -11.15 -2.41 -17.67
N ALA D 272 -10.92 -1.14 -17.97
CA ALA D 272 -10.22 -0.74 -19.19
C ALA D 272 -8.96 0.07 -18.87
N LEU D 273 -8.49 -0.03 -17.63
CA LEU D 273 -7.28 0.68 -17.20
C LEU D 273 -6.03 -0.17 -17.38
N VAL D 274 -4.98 0.44 -17.92
CA VAL D 274 -3.64 -0.14 -17.90
C VAL D 274 -2.70 0.81 -17.16
N SER D 275 -2.26 0.38 -15.98
CA SER D 275 -1.33 1.16 -15.17
C SER D 275 0.10 0.87 -15.60
N MET D 276 1.00 1.78 -15.25
CA MET D 276 2.43 1.56 -15.47
C MET D 276 2.91 0.40 -14.59
N GLY D 277 2.35 0.32 -13.39
CA GLY D 277 2.66 -0.78 -12.50
C GLY D 277 1.61 -0.96 -11.43
N GLU D 278 1.59 -2.13 -10.80
CA GLU D 278 0.58 -2.45 -9.79
C GLU D 278 1.09 -2.21 -8.38
N MET D 279 0.20 -2.38 -7.41
CA MET D 279 0.52 -2.11 -6.00
C MET D 279 1.54 -3.09 -5.41
N LEU D 280 2.13 -2.69 -4.29
CA LEU D 280 3.19 -3.45 -3.64
C LEU D 280 2.76 -3.88 -2.24
N PRO D 281 3.33 -4.98 -1.71
CA PRO D 281 2.91 -5.54 -0.43
C PRO D 281 3.27 -4.68 0.78
N ALA D 282 2.75 -5.05 1.94
CA ALA D 282 2.71 -4.18 3.12
C ALA D 282 4.07 -3.61 3.55
N ARG D 283 5.10 -4.45 3.60
CA ARG D 283 6.40 -3.97 4.03
C ARG D 283 6.91 -2.82 3.14
N AGM D 284 6.61 -2.84 1.85
CA AGM D 284 6.96 -1.72 0.98
CB AGM D 284 7.95 -2.17 -0.11
CG AGM D 284 7.61 -3.49 -0.79
CD AGM D 284 8.79 -4.13 -1.53
CE2 AGM D 284 9.25 -3.27 -2.69
NE1 AGM D 284 8.45 -5.47 -2.00
CZ AGM D 284 8.44 -6.53 -1.19
NH1 AGM D 284 8.72 -6.39 0.10
NH2 AGM D 284 8.12 -7.72 -1.68
C AGM D 284 5.69 -1.13 0.36
O AGM D 284 5.65 -0.84 -0.83
N ALA D 285 4.70 -0.91 1.21
CA ALA D 285 3.37 -0.50 0.76
C ALA D 285 3.40 0.74 -0.12
N ARG D 286 2.82 0.59 -1.30
CA ARG D 286 2.63 1.66 -2.26
C ARG D 286 1.49 1.23 -3.17
N GLY D 287 0.76 2.24 -3.66
CA GLY D 287 -0.28 1.98 -4.65
C GLY D 287 0.29 1.84 -6.05
N PRO D 288 -0.58 1.80 -7.07
CA PRO D 288 -0.15 1.67 -8.47
C PRO D 288 0.72 2.85 -8.94
N ASN D 289 1.45 2.62 -10.04
CA ASN D 289 2.27 3.64 -10.69
C ASN D 289 3.40 4.16 -9.81
N GLU D 290 4.00 3.26 -9.03
CA GLU D 290 5.25 3.55 -8.35
C GLU D 290 6.36 2.68 -8.92
N PRO D 291 7.63 3.05 -8.71
CA PRO D 291 8.70 2.39 -9.46
C PRO D 291 8.80 0.90 -9.19
N GLY D 292 8.44 0.49 -7.97
CA GLY D 292 8.48 -0.92 -7.61
C GLY D 292 7.53 -1.80 -8.40
N GLY D 293 6.41 -1.24 -8.81
CA GLY D 293 5.45 -2.00 -9.59
C GLY D 293 5.75 -2.04 -11.07
N LEU D 294 6.72 -1.24 -11.51
CA LEU D 294 7.04 -1.12 -12.93
C LEU D 294 7.83 -2.32 -13.43
N SER D 295 7.16 -3.22 -14.15
CA SER D 295 7.81 -4.43 -14.66
C SER D 295 8.91 -4.07 -15.66
N PHE D 296 9.87 -4.97 -15.81
CA PHE D 296 11.00 -4.73 -16.70
C PHE D 296 10.59 -4.60 -18.17
N GLY D 297 9.55 -5.35 -18.55
CA GLY D 297 8.99 -5.21 -19.89
C GLY D 297 8.34 -3.86 -20.10
N HIS D 298 7.63 -3.37 -19.08
CA HIS D 298 6.99 -2.07 -19.18
C HIS D 298 7.97 -0.92 -19.34
N LEU D 299 9.08 -0.96 -18.61
CA LEU D 299 10.11 0.07 -18.78
C LEU D 299 10.73 -0.01 -20.17
N SER D 300 10.98 -1.23 -20.64
CA SER D 300 11.52 -1.44 -21.97
C SER D 300 10.63 -0.84 -23.05
N ASP D 301 9.33 -0.78 -22.78
CA ASP D 301 8.38 -0.28 -23.75
C ASP D 301 8.13 1.21 -23.62
N ILE D 302 8.31 1.74 -22.42
CA ILE D 302 8.27 3.19 -22.20
C ILE D 302 9.45 3.85 -22.93
N VAL D 303 10.64 3.28 -22.75
CA VAL D 303 11.82 3.71 -23.50
C VAL D 303 11.58 3.50 -24.99
N GLN D 304 11.89 4.53 -25.78
CA GLN D 304 11.45 4.60 -27.17
C GLN D 304 12.56 4.32 -28.18
N THR D 305 13.71 3.88 -27.70
CA THR D 305 14.86 3.63 -28.56
C THR D 305 14.58 2.53 -29.60
N SER D 306 13.76 1.57 -29.23
CA SER D 306 13.39 0.45 -30.12
C SER D 306 12.73 0.94 -31.41
N ARG D 307 12.05 2.08 -31.32
CA ARG D 307 11.30 2.63 -32.42
C ARG D 307 12.18 3.42 -33.38
N VAL D 308 13.30 3.95 -32.90
CA VAL D 308 14.11 4.88 -33.67
C VAL D 308 15.51 4.35 -34.00
N SER D 309 15.81 3.15 -33.54
CA SER D 309 17.10 2.53 -33.81
C SER D 309 16.93 1.11 -34.34
N GLU D 310 17.88 0.68 -35.16
CA GLU D 310 17.92 -0.68 -35.67
C GLU D 310 19.08 -1.47 -35.05
N ASP D 311 19.76 -0.83 -34.10
CA ASP D 311 20.88 -1.45 -33.39
C ASP D 311 20.33 -2.07 -32.10
N PRO D 312 20.24 -3.42 -32.06
CA PRO D 312 19.62 -4.12 -30.93
C PRO D 312 20.38 -3.93 -29.62
N ALA D 313 21.69 -3.75 -29.71
CA ALA D 313 22.52 -3.50 -28.53
C ALA D 313 22.29 -2.10 -27.96
N LYS D 314 22.26 -1.10 -28.85
CA LYS D 314 21.94 0.28 -28.47
C LYS D 314 20.58 0.37 -27.78
N ILE D 315 19.59 -0.33 -28.32
CA ILE D 315 18.24 -0.33 -27.76
C ILE D 315 18.22 -0.91 -26.34
N ALA D 316 18.91 -2.04 -26.17
CA ALA D 316 19.02 -2.65 -24.85
C ALA D 316 19.80 -1.78 -23.87
N LEU D 317 20.85 -1.11 -24.36
CA LEU D 317 21.70 -0.29 -23.51
C LEU D 317 21.03 0.98 -23.00
N GLU D 318 20.15 1.55 -23.81
CA GLU D 318 19.37 2.71 -23.38
C GLU D 318 18.38 2.33 -22.29
N VAL D 319 17.77 1.15 -22.43
CA VAL D 319 16.86 0.62 -21.42
C VAL D 319 17.60 0.32 -20.11
N VAL D 320 18.82 -0.19 -20.23
CA VAL D 320 19.68 -0.41 -19.05
C VAL D 320 19.96 0.90 -18.34
N GLY D 321 20.30 1.93 -19.12
CA GLY D 321 20.57 3.24 -18.55
C GLY D 321 19.38 3.85 -17.85
N ALA D 322 18.23 3.87 -18.52
CA ALA D 322 16.99 4.39 -17.95
C ALA D 322 16.62 3.60 -16.69
N GLY D 323 16.79 2.29 -16.74
CA GLY D 323 16.44 1.42 -15.63
C GLY D 323 17.35 1.59 -14.43
N CYS D 324 18.65 1.68 -14.67
CA CYS D 324 19.60 1.85 -13.59
C CYS D 324 19.38 3.18 -12.87
N MET D 325 19.08 4.22 -13.65
CA MET D 325 18.74 5.51 -13.09
C MET D 325 17.47 5.42 -12.23
N LEU D 326 16.36 5.00 -12.84
CA LEU D 326 15.09 4.97 -12.14
C LEU D 326 15.09 4.00 -10.96
N TYR D 327 15.44 2.75 -11.23
CA TYR D 327 15.34 1.69 -10.23
C TYR D 327 16.33 1.83 -9.08
N ASP D 328 17.54 2.31 -9.38
CA ASP D 328 18.57 2.41 -8.34
C ASP D 328 18.68 3.78 -7.70
N GLN D 329 18.67 4.83 -8.51
CA GLN D 329 18.82 6.18 -7.97
C GLN D 329 17.56 6.68 -7.27
N ILE D 330 16.42 6.58 -7.96
CA ILE D 330 15.16 7.10 -7.42
C ILE D 330 14.40 6.06 -6.59
N TRP D 331 14.27 4.84 -7.10
CA TRP D 331 13.50 3.81 -6.41
C TRP D 331 14.26 3.26 -5.20
N LEU D 332 15.30 2.48 -5.43
CA LEU D 332 16.04 1.89 -4.31
C LEU D 332 16.82 2.92 -3.53
N GLY D 333 17.32 3.94 -4.25
CA GLY D 333 18.17 4.95 -3.63
C GLY D 333 17.41 6.07 -2.93
N SER D 334 16.10 6.13 -3.12
CA SER D 334 15.31 7.12 -2.42
C SER D 334 14.07 6.48 -1.79
N TYR D 335 13.08 6.13 -2.61
CA TYR D 335 11.85 5.50 -2.14
C TYR D 335 12.10 4.42 -1.07
N MET D 336 13.07 3.56 -1.32
CA MET D 336 13.34 2.42 -0.43
C MET D 336 14.49 2.66 0.55
N SER D 337 15.16 3.80 0.42
CA SER D 337 16.19 4.18 1.39
C SER D 337 16.31 5.70 1.52
N GLY D 338 17.23 6.30 0.77
CA GLY D 338 17.40 7.74 0.85
C GLY D 338 18.78 8.18 1.32
N GLY D 339 18.95 9.49 1.52
CA GLY D 339 20.24 10.05 1.84
C GLY D 339 21.07 10.33 0.60
N VAL D 340 22.38 10.20 0.73
CA VAL D 340 23.29 10.32 -0.42
C VAL D 340 22.84 9.39 -1.55
N GLY D 341 22.45 8.18 -1.20
CA GLY D 341 21.83 7.29 -2.17
C GLY D 341 22.80 6.60 -3.10
N PHE D 342 22.33 6.27 -4.29
CA PHE D 342 23.00 5.29 -5.15
C PHE D 342 23.29 5.81 -6.55
N THR D 343 23.80 7.03 -6.64
CA THR D 343 24.09 7.64 -7.94
C THR D 343 25.05 6.79 -8.76
N GLN D 344 26.18 6.41 -8.17
CA GLN D 344 27.26 5.78 -8.91
C GLN D 344 27.10 4.27 -9.10
N TYR D 345 26.27 3.65 -8.25
CA TYR D 345 25.79 2.30 -8.52
C TYR D 345 25.09 2.26 -9.88
N ALA D 346 24.42 3.35 -10.22
CA ALA D 346 23.68 3.47 -11.47
C ALA D 346 24.53 3.98 -12.63
N THR D 347 25.33 5.03 -12.37
CA THR D 347 26.13 5.65 -13.44
C THR D 347 27.12 4.67 -14.06
N ALA D 348 27.53 3.67 -13.28
CA ALA D 348 28.45 2.64 -13.77
C ALA D 348 27.92 1.96 -15.03
N ALA D 349 26.59 1.92 -15.16
CA ALA D 349 25.95 1.26 -16.28
C ALA D 349 25.65 2.18 -17.47
N TYR D 350 25.69 3.50 -17.28
CA TYR D 350 25.40 4.42 -18.37
C TYR D 350 26.44 5.51 -18.61
N THR D 351 27.63 5.36 -18.04
CA THR D 351 28.72 6.30 -18.29
C THR D 351 30.04 5.62 -18.68
N ASP D 352 30.87 6.37 -19.41
CA ASP D 352 32.24 5.99 -19.73
C ASP D 352 32.36 4.77 -20.64
N ASP D 353 31.26 4.42 -21.31
CA ASP D 353 31.22 3.41 -22.37
C ASP D 353 31.84 2.07 -22.03
N ILE D 354 31.92 1.76 -20.74
CA ILE D 354 32.52 0.50 -20.30
C ILE D 354 31.57 -0.68 -20.54
N LEU D 355 30.30 -0.51 -20.16
CA LEU D 355 29.28 -1.50 -20.44
C LEU D 355 29.07 -1.66 -21.94
N ASP D 356 29.06 -0.53 -22.66
CA ASP D 356 28.91 -0.54 -24.10
C ASP D 356 30.05 -1.31 -24.78
N ASN D 357 31.27 -1.10 -24.31
CA ASN D 357 32.44 -1.82 -24.83
C ASN D 357 32.28 -3.33 -24.70
N ASN D 358 31.94 -3.79 -23.50
CA ASN D 358 31.76 -5.23 -23.25
C ASN D 358 30.62 -5.80 -24.09
N THR D 359 29.54 -5.04 -24.22
CA THR D 359 28.36 -5.48 -24.96
C THR D 359 28.63 -5.60 -26.46
N TYR D 360 29.32 -4.62 -27.03
CA TYR D 360 29.60 -4.64 -28.47
C TYR D 360 30.70 -5.61 -28.85
N TYR D 361 31.60 -5.89 -27.92
CA TYR D 361 32.53 -7.00 -28.08
C TYR D 361 31.74 -8.30 -28.20
N ASP D 362 30.73 -8.46 -27.33
CA ASP D 362 29.88 -9.65 -27.34
C ASP D 362 29.13 -9.82 -28.65
N VAL D 363 28.56 -8.73 -29.16
CA VAL D 363 27.84 -8.73 -30.42
C VAL D 363 28.71 -9.28 -31.56
N ASP D 364 29.96 -8.83 -31.62
CA ASP D 364 30.89 -9.30 -32.65
C ASP D 364 31.27 -10.76 -32.45
N TYR D 365 31.47 -11.15 -31.19
CA TYR D 365 31.76 -12.55 -30.85
C TYR D 365 30.61 -13.47 -31.26
N ILE D 366 29.39 -13.07 -30.91
CA ILE D 366 28.20 -13.85 -31.26
C ILE D 366 28.02 -13.96 -32.78
N ASN D 367 28.17 -12.83 -33.48
CA ASN D 367 27.97 -12.80 -34.93
C ASN D 367 28.98 -13.66 -35.65
N ASP D 368 30.21 -13.70 -35.13
CA ASP D 368 31.28 -14.47 -35.74
C ASP D 368 31.21 -15.96 -35.44
N LYS D 369 30.66 -16.32 -34.28
CA LYS D 369 30.58 -17.72 -33.88
C LYS D 369 29.22 -18.36 -34.18
N TYR D 370 28.18 -17.55 -34.23
CA TYR D 370 26.81 -18.06 -34.39
C TYR D 370 26.11 -17.49 -35.62
N ASN D 371 26.84 -17.37 -36.72
CA ASN D 371 26.29 -16.94 -38.01
C ASN D 371 25.41 -15.69 -37.90
N GLY D 372 25.94 -14.66 -37.23
CA GLY D 372 25.25 -13.39 -37.16
C GLY D 372 23.99 -13.39 -36.31
N ALA D 373 23.96 -14.20 -35.26
CA ALA D 373 22.77 -14.35 -34.43
C ALA D 373 22.37 -13.06 -33.68
N ALA D 374 23.33 -12.16 -33.48
CA ALA D 374 23.07 -10.91 -32.78
C ALA D 374 22.64 -9.78 -33.70
N THR D 375 22.54 -10.07 -35.00
CA THR D 375 21.93 -9.14 -35.95
C THR D 375 20.41 -9.30 -35.91
N VAL D 376 19.68 -8.25 -36.25
CA VAL D 376 18.23 -8.25 -36.13
C VAL D 376 17.57 -9.29 -37.01
N GLY D 377 16.77 -10.16 -36.38
CA GLY D 377 16.07 -11.20 -37.09
C GLY D 377 15.40 -12.17 -36.15
N LYS D 378 14.35 -12.84 -36.62
CA LYS D 378 13.60 -13.77 -35.79
C LYS D 378 13.99 -15.22 -36.02
N ASP D 379 14.60 -15.49 -37.18
CA ASP D 379 14.91 -16.85 -37.59
C ASP D 379 16.40 -17.16 -37.61
N ASN D 380 17.21 -16.21 -37.18
CA ASN D 380 18.66 -16.37 -37.16
C ASN D 380 19.21 -16.56 -35.75
N LYS D 381 18.32 -16.84 -34.80
CA LYS D 381 18.69 -16.92 -33.39
C LYS D 381 19.13 -18.33 -32.99
N VAL D 382 19.93 -18.41 -31.94
CA VAL D 382 20.41 -19.68 -31.41
C VAL D 382 19.42 -20.21 -30.37
N LYS D 383 19.13 -21.51 -30.42
CA LYS D 383 18.24 -22.13 -29.44
C LYS D 383 18.82 -22.00 -28.03
N ALA D 384 18.00 -21.49 -27.12
CA ALA D 384 18.42 -21.29 -25.73
C ALA D 384 18.82 -22.63 -25.10
N SER D 385 20.02 -22.65 -24.52
CA SER D 385 20.52 -23.84 -23.85
C SER D 385 21.61 -23.46 -22.84
N LEU D 386 21.90 -24.37 -21.92
CA LEU D 386 23.02 -24.20 -20.98
C LEU D 386 24.33 -24.05 -21.74
N GLU D 387 24.45 -24.78 -22.86
CA GLU D 387 25.63 -24.72 -23.73
C GLU D 387 25.90 -23.29 -24.23
N VAL D 388 24.89 -22.70 -24.86
CA VAL D 388 25.04 -21.39 -25.48
C VAL D 388 25.25 -20.29 -24.44
N VAL D 389 24.50 -20.37 -23.34
CA VAL D 389 24.65 -19.43 -22.24
C VAL D 389 26.06 -19.50 -21.66
N LYS D 390 26.55 -20.70 -21.39
CA LYS D 390 27.90 -20.87 -20.86
C LYS D 390 28.96 -20.32 -21.80
N ASP D 391 28.79 -20.53 -23.09
CA ASP D 391 29.75 -20.03 -24.06
C ASP D 391 29.78 -18.50 -24.11
N ILE D 392 28.62 -17.89 -24.32
CA ILE D 392 28.52 -16.44 -24.46
C ILE D 392 28.82 -15.69 -23.17
N ALA D 393 28.23 -16.12 -22.06
CA ALA D 393 28.38 -15.41 -20.79
C ALA D 393 29.80 -15.53 -20.24
N THR D 394 30.46 -16.66 -20.51
CA THR D 394 31.84 -16.86 -20.05
C THR D 394 32.81 -16.00 -20.85
N GLU D 395 32.63 -15.99 -22.18
CA GLU D 395 33.47 -15.17 -23.03
C GLU D 395 33.27 -13.68 -22.74
N SER D 396 32.01 -13.28 -22.55
CA SER D 396 31.67 -11.90 -22.21
C SER D 396 32.35 -11.46 -20.92
N THR D 397 32.22 -12.28 -19.88
CA THR D 397 32.71 -11.93 -18.55
C THR D 397 34.23 -11.91 -18.48
N LEU D 398 34.87 -12.87 -19.15
CA LEU D 398 36.32 -12.93 -19.19
C LEU D 398 36.90 -11.71 -19.90
N TYR D 399 36.26 -11.30 -21.00
CA TYR D 399 36.69 -10.10 -21.73
C TYR D 399 36.53 -8.85 -20.87
N GLY D 400 35.37 -8.70 -20.24
CA GLY D 400 35.11 -7.55 -19.40
C GLY D 400 36.07 -7.47 -18.23
N ILE D 401 36.32 -8.61 -17.58
CA ILE D 401 37.27 -8.68 -16.47
C ILE D 401 38.67 -8.30 -16.93
N GLU D 402 39.10 -8.86 -18.05
CA GLU D 402 40.43 -8.58 -18.59
C GLU D 402 40.58 -7.12 -19.02
N THR D 403 39.48 -6.50 -19.42
CA THR D 403 39.49 -5.07 -19.77
C THR D 403 39.69 -4.20 -18.54
N TYR D 404 39.05 -4.59 -17.43
CA TYR D 404 39.25 -3.91 -16.15
C TYR D 404 40.69 -4.05 -15.66
N GLU D 405 41.31 -5.18 -16.01
CA GLU D 405 42.67 -5.48 -15.58
C GLU D 405 43.73 -4.84 -16.47
N LYS D 406 43.41 -4.68 -17.76
CA LYS D 406 44.31 -4.05 -18.71
C LYS D 406 44.23 -2.52 -18.63
N PHE D 407 43.10 -2.02 -18.14
CA PHE D 407 42.92 -0.59 -17.93
C PHE D 407 42.60 -0.31 -16.46
N PRO D 408 43.64 -0.09 -15.64
CA PRO D 408 43.48 0.28 -14.23
C PRO D 408 42.57 1.49 -14.02
N THR D 409 42.48 2.34 -15.04
CA THR D 409 41.57 3.48 -15.01
C THR D 409 40.12 3.02 -14.96
N ALA D 410 39.78 2.00 -15.75
CA ALA D 410 38.44 1.43 -15.76
C ALA D 410 38.09 0.82 -14.39
N LEU D 411 39.07 0.18 -13.75
CA LEU D 411 38.87 -0.45 -12.44
C LEU D 411 38.65 0.60 -11.34
N GLU D 412 39.41 1.68 -11.40
CA GLU D 412 39.30 2.79 -10.44
C GLU D 412 38.01 3.57 -10.68
N ASP D 413 37.57 3.61 -11.94
CA ASP D 413 36.31 4.22 -12.33
C ASP D 413 35.18 3.50 -11.61
N HIS D 414 35.05 2.21 -11.90
CA HIS D 414 34.05 1.38 -11.25
C HIS D 414 34.66 0.77 -10.00
N PHE D 415 34.87 1.63 -9.01
CA PHE D 415 35.67 1.27 -7.84
C PHE D 415 34.96 0.29 -6.92
N GLY D 416 33.64 0.23 -7.01
CA GLY D 416 32.88 -0.74 -6.25
C GLY D 416 32.66 -2.01 -7.02
N GLY D 417 32.84 -3.15 -6.36
CA GLY D 417 32.63 -4.43 -7.00
C GLY D 417 31.23 -4.60 -7.55
N SER D 418 30.24 -4.00 -6.88
CA SER D 418 28.87 -4.03 -7.34
C SER D 418 28.75 -3.38 -8.72
N GLN D 419 29.47 -2.28 -8.92
CA GLN D 419 29.47 -1.58 -10.20
C GLN D 419 30.02 -2.47 -11.30
N ARG D 420 31.18 -3.07 -11.05
CA ARG D 420 31.75 -4.02 -11.99
C ARG D 420 30.86 -5.21 -12.27
N ALA D 421 30.20 -5.72 -11.23
CA ALA D 421 29.29 -6.86 -11.36
C ALA D 421 28.09 -6.52 -12.24
N THR D 422 27.52 -5.34 -12.04
CA THR D 422 26.41 -4.86 -12.85
C THR D 422 26.80 -4.77 -14.32
N VAL D 423 27.98 -4.21 -14.59
CA VAL D 423 28.45 -4.04 -15.95
C VAL D 423 28.73 -5.37 -16.63
N LEU D 424 29.49 -6.24 -15.97
CA LEU D 424 29.85 -7.54 -16.54
C LEU D 424 28.63 -8.40 -16.78
N ALA D 425 27.72 -8.44 -15.80
CA ALA D 425 26.55 -9.29 -15.89
C ALA D 425 25.52 -8.73 -16.87
N ALA D 426 25.41 -7.41 -16.96
CA ALA D 426 24.51 -6.79 -17.93
C ALA D 426 24.97 -7.09 -19.35
N ALA D 427 26.27 -7.02 -19.60
CA ALA D 427 26.82 -7.33 -20.91
C ALA D 427 26.57 -8.79 -21.27
N ALA D 428 26.87 -9.69 -20.33
CA ALA D 428 26.71 -11.12 -20.55
C ALA D 428 25.25 -11.50 -20.73
N GLY D 429 24.37 -10.87 -19.96
CA GLY D 429 22.95 -11.15 -20.05
C GLY D 429 22.31 -10.61 -21.31
N VAL D 430 22.61 -9.36 -21.63
CA VAL D 430 22.15 -8.77 -22.89
C VAL D 430 22.64 -9.59 -24.09
N ALA D 431 23.89 -10.01 -24.04
CA ALA D 431 24.48 -10.85 -25.08
C ALA D 431 23.71 -12.16 -25.28
N CYS D 432 23.40 -12.84 -24.17
CA CYS D 432 22.67 -14.10 -24.24
C CYS D 432 21.24 -13.90 -24.74
N SER D 433 20.62 -12.79 -24.33
CA SER D 433 19.30 -12.42 -24.83
C SER D 433 19.32 -12.13 -26.33
N LEU D 434 20.32 -11.36 -26.77
CA LEU D 434 20.45 -11.00 -28.18
C LEU D 434 20.62 -12.25 -29.05
N ALA D 435 21.40 -13.21 -28.56
CA ALA D 435 21.73 -14.40 -29.34
C ALA D 435 20.57 -15.39 -29.45
N THR D 436 19.71 -15.42 -28.43
CA THR D 436 18.70 -16.48 -28.33
C THR D 436 17.26 -16.03 -28.54
N GLY D 437 17.01 -14.74 -28.32
CA GLY D 437 15.63 -14.26 -28.31
C GLY D 437 14.84 -14.77 -27.12
N ASN D 438 15.54 -15.15 -26.06
CA ASN D 438 14.93 -15.71 -24.87
C ASN D 438 15.44 -14.93 -23.67
N ALA D 439 14.56 -14.13 -23.06
CA ALA D 439 14.97 -13.22 -21.99
C ALA D 439 15.50 -13.94 -20.75
N ASN D 440 15.01 -15.16 -20.51
CA ASN D 440 15.48 -15.92 -19.35
C ASN D 440 16.81 -16.63 -19.59
N ALA D 441 17.13 -16.88 -20.87
CA ALA D 441 18.50 -17.24 -21.23
C ALA D 441 19.43 -16.07 -20.91
N GLY D 442 18.92 -14.85 -21.14
CA GLY D 442 19.64 -13.66 -20.71
C GLY D 442 19.86 -13.61 -19.21
N LEU D 443 18.83 -13.92 -18.43
CA LEU D 443 18.97 -14.01 -16.98
C LEU D 443 20.01 -15.05 -16.56
N SER D 444 19.99 -16.20 -17.21
CA SER D 444 20.99 -17.25 -16.94
C SER D 444 22.40 -16.72 -17.15
N GLY D 445 22.59 -15.97 -18.24
CA GLY D 445 23.89 -15.40 -18.54
C GLY D 445 24.33 -14.37 -17.52
N TRP D 446 23.39 -13.55 -17.05
CA TRP D 446 23.62 -12.60 -15.96
C TRP D 446 24.19 -13.31 -14.73
N TYR D 447 23.52 -14.38 -14.30
CA TYR D 447 23.92 -15.08 -13.08
C TYR D 447 25.24 -15.83 -13.21
N LEU D 448 25.46 -16.47 -14.36
CA LEU D 448 26.73 -17.14 -14.61
C LEU D 448 27.90 -16.14 -14.57
N SER D 449 27.68 -14.96 -15.15
CA SER D 449 28.66 -13.88 -15.08
C SER D 449 29.07 -13.57 -13.63
N MET D 450 28.07 -13.47 -12.75
CA MET D 450 28.32 -13.22 -11.34
C MET D 450 29.17 -14.32 -10.70
N TYR D 451 28.88 -15.57 -11.03
CA TYR D 451 29.59 -16.70 -10.44
C TYR D 451 31.05 -16.73 -10.90
N LEU D 452 31.29 -16.44 -12.17
CA LEU D 452 32.63 -16.38 -12.73
C LEU D 452 33.40 -15.22 -12.11
N HIS D 453 32.73 -14.07 -12.05
CA HIS D 453 33.27 -12.86 -11.43
C HIS D 453 33.78 -13.15 -10.02
N LYS D 454 32.94 -13.81 -9.23
CA LYS D 454 33.27 -14.11 -7.84
C LYS D 454 34.56 -14.90 -7.71
N GLU D 455 34.70 -15.95 -8.52
CA GLU D 455 35.89 -16.81 -8.44
C GLU D 455 37.12 -16.16 -9.07
N ALA D 456 36.89 -15.28 -10.03
CA ALA D 456 37.99 -14.57 -10.70
C ALA D 456 38.72 -13.65 -9.73
N TRP D 457 37.97 -12.85 -8.98
CA TRP D 457 38.56 -11.82 -8.14
C TRP D 457 38.49 -12.08 -6.64
N GLY D 458 37.87 -13.18 -6.24
CA GLY D 458 37.74 -13.50 -4.82
C GLY D 458 36.89 -12.48 -4.09
N ARG D 459 35.99 -11.88 -4.85
CA ARG D 459 35.08 -10.84 -4.39
C ARG D 459 34.04 -10.65 -5.49
N LEU D 460 32.92 -10.06 -5.06
CA LEU D 460 31.85 -9.70 -5.98
C LEU D 460 31.38 -8.27 -5.72
N GLY D 461 30.21 -8.11 -5.10
CA GLY D 461 29.71 -6.77 -4.81
C GLY D 461 29.70 -6.44 -3.32
N PHE D 462 28.76 -5.60 -2.91
CA PHE D 462 28.61 -5.27 -1.49
C PHE D 462 28.06 -6.44 -0.68
N PHE D 463 27.96 -6.23 0.64
CA PHE D 463 27.58 -7.26 1.61
C PHE D 463 26.42 -8.13 1.12
CA GL3 D 464 24.19 -8.23 0.21
N GL3 D 464 25.36 -7.49 0.63
C GL3 D 464 23.87 -8.10 -1.27
S GL3 D 464 22.33 -8.46 -1.64
N PHE D 465 24.91 -7.94 -2.08
CA PHE D 465 24.74 -7.77 -3.52
C PHE D 465 24.11 -8.99 -4.17
N ASP D 466 24.64 -10.17 -3.82
CA ASP D 466 24.26 -11.39 -4.54
C ASP D 466 23.33 -12.31 -3.77
N LEU D 467 22.36 -11.73 -3.06
CA LEU D 467 21.23 -12.50 -2.57
C LEU D 467 20.49 -13.09 -3.77
N GLN D 468 20.10 -12.22 -4.70
CA GLN D 468 19.36 -12.69 -5.87
C GLN D 468 20.24 -13.46 -6.84
N ASP D 469 21.54 -13.18 -6.82
CA ASP D 469 22.42 -13.86 -7.77
C ASP D 469 22.75 -15.29 -7.38
N GLN D 470 22.74 -15.59 -6.08
CA GLN D 470 22.92 -16.96 -5.63
C GLN D 470 21.62 -17.74 -5.70
N SMC D 471 20.50 -17.05 -5.50
CA SMC D 471 19.18 -17.59 -5.80
CB SMC D 471 18.09 -16.76 -5.12
SG SMC D 471 17.99 -16.96 -3.33
CS SMC D 471 17.55 -15.30 -2.86
C SMC D 471 18.93 -17.59 -7.29
O SMC D 471 17.97 -18.20 -7.77
N GLY D 472 19.80 -16.91 -8.04
CA GLY D 472 19.51 -16.55 -9.41
C GLY D 472 19.39 -17.68 -10.42
N ALA D 473 20.48 -18.42 -10.62
CA ALA D 473 20.53 -19.46 -11.65
C ALA D 473 19.40 -20.45 -11.47
N THR D 474 19.14 -20.83 -10.22
CA THR D 474 18.14 -21.83 -9.91
C THR D 474 16.70 -21.34 -10.11
N ASN D 475 16.49 -20.02 -9.98
CA ASN D 475 15.16 -19.45 -10.13
C ASN D 475 14.85 -18.95 -11.53
N VAL D 476 15.81 -19.05 -12.44
CA VAL D 476 15.59 -18.61 -13.82
C VAL D 476 14.54 -19.46 -14.52
N LEU D 477 14.66 -20.79 -14.39
CA LEU D 477 13.77 -21.71 -15.06
C LEU D 477 12.87 -22.49 -14.11
N SER D 478 12.83 -22.07 -12.85
CA SER D 478 11.86 -22.63 -11.91
C SER D 478 10.46 -22.29 -12.39
N TYR D 479 9.51 -23.20 -12.15
CA TYR D 479 8.11 -22.89 -12.39
C TYR D 479 7.30 -22.92 -11.11
N GLN D 480 7.98 -22.83 -9.97
CA GLN D 480 7.31 -22.74 -8.68
C GLN D 480 6.62 -21.38 -8.54
N GLY D 481 5.51 -21.37 -7.80
CA GLY D 481 4.63 -20.21 -7.72
C GLY D 481 5.29 -18.85 -7.60
N ASP D 482 6.12 -18.68 -6.57
CA ASP D 482 6.77 -17.38 -6.35
C ASP D 482 8.23 -17.37 -6.80
N GLU D 483 8.58 -18.26 -7.73
CA GLU D 483 9.91 -18.32 -8.31
C GLU D 483 9.87 -18.13 -9.82
N GLY D 484 8.93 -18.80 -10.48
CA GLY D 484 8.88 -18.78 -11.93
C GLY D 484 8.25 -17.50 -12.48
N LEU D 485 8.85 -16.99 -13.55
CA LEU D 485 8.32 -15.83 -14.27
C LEU D 485 9.25 -15.48 -15.43
N PRO D 486 8.70 -15.21 -16.63
CA PRO D 486 9.49 -14.61 -17.71
C PRO D 486 10.05 -13.26 -17.28
N ASP D 487 11.27 -12.96 -17.69
CA ASP D 487 11.92 -11.71 -17.30
C ASP D 487 11.10 -10.48 -17.70
N GLU D 488 10.38 -10.59 -18.81
CA GLU D 488 9.53 -9.51 -19.32
C GLU D 488 8.47 -9.11 -18.30
N LEU D 489 8.04 -10.09 -17.49
CA LEU D 489 7.00 -9.86 -16.48
C LEU D 489 7.56 -9.64 -15.08
N ARG D 490 8.84 -9.98 -14.89
CA ARG D 490 9.53 -9.70 -13.65
C ARG D 490 9.64 -8.17 -13.46
N GLY D 491 9.94 -7.76 -12.24
CA GLY D 491 10.12 -6.36 -11.92
C GLY D 491 10.70 -6.22 -10.53
N PRO D 492 10.71 -5.00 -9.96
CA PRO D 492 11.31 -4.75 -8.65
C PRO D 492 10.62 -5.44 -7.48
N ASN D 493 9.44 -6.02 -7.71
CA ASN D 493 8.72 -6.73 -6.66
C ASN D 493 8.85 -8.25 -6.77
N TYR D 494 9.50 -8.73 -7.83
CA TYR D 494 9.87 -10.14 -7.88
C TYR D 494 10.76 -10.40 -6.65
N PRO D 495 10.35 -11.38 -5.81
CA PRO D 495 10.83 -11.50 -4.43
C PRO D 495 12.35 -11.37 -4.26
N ASN D 496 13.11 -12.11 -5.05
CA ASN D 496 14.58 -12.05 -5.01
C ASN D 496 15.11 -10.65 -5.32
N TYR D 497 14.36 -9.88 -6.12
CA TYR D 497 14.83 -8.59 -6.65
C TYR D 497 14.42 -7.39 -5.80
N ALA D 498 13.67 -7.64 -4.73
CA ALA D 498 12.93 -6.58 -4.05
C ALA D 498 13.78 -5.55 -3.30
N MET D 499 15.07 -5.82 -3.12
CA MET D 499 15.89 -5.02 -2.22
C MET D 499 17.08 -4.30 -2.82
N ASN D 500 17.80 -4.96 -3.73
CA ASN D 500 19.21 -4.61 -3.94
C ASN D 500 19.55 -3.88 -5.24
N VAL D 501 20.48 -2.94 -5.12
CA VAL D 501 20.96 -2.17 -6.27
C VAL D 501 21.74 -3.01 -7.25
N GLY D 502 21.96 -2.47 -8.44
CA GLY D 502 22.88 -3.06 -9.39
C GLY D 502 22.31 -4.20 -10.22
N HIS D 503 20.99 -4.33 -10.23
CA HIS D 503 20.36 -5.47 -10.91
C HIS D 503 19.19 -5.09 -11.81
N GLN D 504 18.24 -4.34 -11.26
CA GLN D 504 16.95 -4.15 -11.89
C GLN D 504 17.03 -3.49 -13.27
N GLY D 505 17.92 -2.51 -13.41
CA GLY D 505 18.17 -1.91 -14.71
C GLY D 505 18.75 -2.90 -15.70
N GLY D 506 19.61 -3.79 -15.21
CA GLY D 506 20.17 -4.84 -16.05
C GLY D 506 19.12 -5.81 -16.56
N TYR D 507 18.19 -6.18 -15.69
CA TYR D 507 17.13 -7.11 -16.06
C TYR D 507 16.19 -6.50 -17.08
N ALA D 508 15.95 -5.20 -16.96
CA ALA D 508 15.16 -4.47 -17.94
C ALA D 508 15.85 -4.51 -19.30
N GLY D 509 17.16 -4.30 -19.32
CA GLY D 509 17.92 -4.37 -20.56
C GLY D 509 17.93 -5.76 -21.17
N ILE D 510 17.99 -6.77 -20.30
CA ILE D 510 17.93 -8.17 -20.73
C ILE D 510 16.58 -8.51 -21.36
N ALA D 511 15.51 -7.99 -20.77
CA ALA D 511 14.16 -8.17 -21.32
C ALA D 511 14.07 -7.54 -22.70
N GLN D 512 14.52 -6.29 -22.80
CA GLN D 512 14.52 -5.56 -24.07
C GLN D 512 15.39 -6.26 -25.12
N ALA D 513 16.56 -6.74 -24.71
CA ALA D 513 17.53 -7.33 -25.63
C ALA D 513 17.00 -8.55 -26.37
N ALA D 514 16.20 -9.37 -25.68
CA ALA D 514 15.59 -10.55 -26.29
C ALA D 514 14.70 -10.15 -27.45
N HIS D 515 14.12 -8.96 -27.37
CA HIS D 515 13.15 -8.50 -28.35
C HIS D 515 13.75 -7.56 -29.38
N SER D 516 14.74 -6.78 -28.98
CA SER D 516 15.44 -5.90 -29.93
C SER D 516 16.30 -6.72 -30.90
N GLY D 517 16.85 -7.83 -30.41
CA GLY D 517 17.56 -8.75 -31.29
C GLY D 517 16.67 -9.37 -32.36
N ARG D 518 15.38 -9.52 -32.06
CA ARG D 518 14.41 -10.01 -33.00
C ARG D 518 13.78 -8.93 -33.87
N GLY D 519 13.96 -7.67 -33.47
CA GLY D 519 13.31 -6.57 -34.16
C GLY D 519 11.87 -6.36 -33.72
N ASP D 520 11.51 -6.91 -32.57
CA ASP D 520 10.15 -6.78 -32.05
C ASP D 520 9.78 -5.35 -31.75
N ALA D 521 8.52 -5.00 -32.01
CA ALA D 521 7.99 -3.66 -31.76
C ALA D 521 7.96 -3.33 -30.26
N PHE D 522 7.80 -4.37 -29.45
CA PHE D 522 7.67 -4.18 -28.01
C PHE D 522 8.18 -5.39 -27.24
N THR D 523 8.40 -5.19 -25.94
CA THR D 523 8.96 -6.22 -25.07
C THR D 523 7.86 -6.97 -24.31
N VAL D 524 6.80 -6.27 -23.91
CA VAL D 524 5.69 -6.93 -23.23
C VAL D 524 4.33 -6.25 -23.36
N ASN D 525 4.32 -4.95 -23.66
CA ASN D 525 3.05 -4.23 -23.75
C ASN D 525 3.06 -3.15 -24.84
N PRO D 526 2.37 -3.42 -25.96
CA PRO D 526 2.26 -2.47 -27.08
C PRO D 526 1.60 -1.16 -26.68
N LEU D 527 0.71 -1.22 -25.69
CA LEU D 527 -0.04 -0.04 -25.27
C LEU D 527 0.88 1.03 -24.68
N LEU D 528 1.86 0.59 -23.89
CA LEU D 528 2.85 1.51 -23.34
C LEU D 528 3.82 2.00 -24.41
N LYS D 529 4.20 1.09 -25.32
CA LYS D 529 5.09 1.43 -26.43
C LYS D 529 4.52 2.58 -27.28
N VAL D 530 3.23 2.51 -27.59
CA VAL D 530 2.59 3.56 -28.38
C VAL D 530 2.33 4.81 -27.53
N CYS D 531 1.93 4.60 -26.28
CA CYS D 531 1.62 5.70 -25.36
C CYS D 531 2.77 6.70 -25.27
N PHE D 532 4.00 6.18 -25.23
CA PHE D 532 5.18 7.02 -25.06
C PHE D 532 5.86 7.38 -26.38
N ALA D 533 5.29 6.95 -27.50
CA ALA D 533 5.76 7.35 -28.83
C ALA D 533 5.22 8.75 -29.16
N ASP D 534 5.69 9.75 -28.42
CA ASP D 534 5.05 11.05 -28.40
C ASP D 534 6.07 12.09 -27.91
N ASP D 535 6.45 12.99 -28.82
CA ASP D 535 7.50 13.97 -28.55
C ASP D 535 7.05 15.14 -27.69
N LEU D 536 5.76 15.21 -27.38
CA LEU D 536 5.25 16.31 -26.56
C LEU D 536 5.66 16.17 -25.10
N LEU D 537 5.93 14.95 -24.66
CA LEU D 537 6.41 14.71 -23.30
C LEU D 537 7.77 15.40 -23.10
N PRO D 538 7.97 16.03 -21.94
CA PRO D 538 9.21 16.78 -21.70
C PRO D 538 10.47 15.93 -21.70
N PHE D 539 10.35 14.66 -21.30
CA PHE D 539 11.49 13.75 -21.35
C PHE D 539 11.54 13.02 -22.67
N ASN D 540 12.72 13.01 -23.30
CA ASN D 540 12.92 12.29 -24.56
C ASN D 540 13.23 10.83 -24.28
N PHE D 541 12.20 9.99 -24.31
CA PHE D 541 12.34 8.58 -23.96
C PHE D 541 13.08 7.77 -25.03
N ALA D 542 13.37 8.39 -26.16
CA ALA D 542 14.15 7.75 -27.22
C ALA D 542 15.64 7.74 -26.89
N GLU D 543 16.08 8.71 -26.08
CA GLU D 543 17.49 8.79 -25.70
C GLU D 543 17.65 9.13 -24.22
N PRO D 544 17.24 8.21 -23.33
CA PRO D 544 17.30 8.46 -21.89
C PRO D 544 18.68 8.83 -21.37
N ARG D 545 19.73 8.16 -21.86
CA ARG D 545 21.06 8.44 -21.34
C ARG D 545 21.48 9.89 -21.66
N ARG D 546 21.33 10.28 -22.91
CA ARG D 546 21.66 11.65 -23.29
C ARG D 546 20.84 12.67 -22.50
N GLU D 547 19.58 12.33 -22.22
CA GLU D 547 18.73 13.20 -21.41
C GLU D 547 19.28 13.42 -20.00
N PHE D 548 19.89 12.40 -19.41
CA PHE D 548 20.51 12.54 -18.09
C PHE D 548 21.67 13.53 -18.17
N GLY D 549 22.37 13.51 -19.29
CA GLY D 549 23.42 14.48 -19.55
C GLY D 549 22.90 15.89 -19.76
N ARG D 550 21.77 16.04 -20.45
CA ARG D 550 21.12 17.34 -20.64
C ARG D 550 20.73 17.94 -19.30
N GLY D 551 20.30 17.04 -18.42
CA GLY D 551 20.01 17.42 -17.05
C GLY D 551 21.24 17.85 -16.26
N ALA D 552 22.34 17.13 -16.46
CA ALA D 552 23.58 17.43 -15.73
C ALA D 552 24.15 18.79 -16.13
N ILE D 553 23.98 19.16 -17.39
CA ILE D 553 24.45 20.46 -17.88
C ILE D 553 23.39 21.55 -17.76
N ARG D 554 22.33 21.26 -16.98
CA ARG D 554 21.32 22.25 -16.64
C ARG D 554 20.62 22.79 -17.87
N GLU D 555 20.34 21.90 -18.82
CA GLU D 555 19.65 22.33 -20.03
C GLU D 555 18.30 21.62 -20.21
N PHE D 556 17.87 20.91 -19.17
CA PHE D 556 16.57 20.27 -19.17
C PHE D 556 15.53 21.10 -18.44
N VAL D 557 14.44 21.41 -19.13
CA VAL D 557 13.34 22.15 -18.51
C VAL D 557 12.27 21.16 -18.02
N PRO D 558 12.11 21.05 -16.70
CA PRO D 558 11.08 20.18 -16.11
C PRO D 558 9.71 20.84 -16.12
N ALA D 559 8.68 20.03 -15.86
CA ALA D 559 7.32 20.53 -15.66
C ALA D 559 7.06 20.65 -14.16
N GLY D 560 5.97 21.34 -13.82
CA GLY D 560 5.46 21.30 -12.45
C GLY D 560 6.01 22.34 -11.49
N GLU D 561 6.85 23.26 -11.96
CA GLU D 561 7.38 24.33 -11.11
C GLU D 561 6.30 25.33 -10.72
N ARG D 562 6.48 25.97 -9.57
CA ARG D 562 5.46 26.85 -9.01
C ARG D 562 5.82 28.31 -9.08
N SER D 563 6.72 28.67 -10.00
CA SER D 563 7.24 30.04 -10.11
C SER D 563 6.14 31.09 -10.22
N LEU D 564 5.07 30.77 -10.95
CA LEU D 564 3.97 31.68 -11.21
C LEU D 564 3.35 32.26 -9.94
N VAL D 565 3.26 31.44 -8.90
CA VAL D 565 2.55 31.83 -7.70
C VAL D 565 3.47 32.11 -6.51
N ILE D 566 4.78 32.03 -6.75
CA ILE D 566 5.80 32.35 -5.74
C ILE D 566 6.17 33.82 -5.86
N PRO D 567 6.42 34.50 -4.71
CA PRO D 567 6.97 35.85 -4.73
C PRO D 567 8.37 35.94 -5.33
N ALA D 568 8.70 37.13 -5.82
CA ALA D 568 10.06 37.43 -6.27
C ALA D 568 10.88 38.05 -5.15
N SER E 1 9.62 -44.68 -2.01
CA SER E 1 9.22 -44.18 -0.67
C SER E 1 10.43 -43.97 0.22
N ASP E 2 10.26 -43.15 1.25
CA ASP E 2 11.36 -42.84 2.17
C ASP E 2 10.91 -42.90 3.61
N THR E 3 11.74 -43.53 4.45
CA THR E 3 11.50 -43.56 5.88
C THR E 3 12.71 -43.01 6.64
N VAL E 4 12.45 -42.51 7.83
CA VAL E 4 13.49 -42.02 8.72
C VAL E 4 13.17 -42.48 10.14
N ASP E 5 14.17 -42.46 11.01
CA ASP E 5 13.94 -42.61 12.44
C ASP E 5 13.95 -41.21 13.06
N ILE E 6 12.95 -40.91 13.87
CA ILE E 6 12.86 -39.60 14.51
C ILE E 6 13.52 -39.63 15.89
N TYR E 7 14.47 -38.72 16.10
CA TYR E 7 15.15 -38.57 17.39
C TYR E 7 14.81 -37.21 17.98
N ASP E 8 14.73 -37.13 19.31
CA ASP E 8 14.42 -35.85 19.96
C ASP E 8 15.63 -34.93 20.06
N ASP E 9 15.43 -33.79 20.73
CA ASP E 9 16.46 -32.77 20.85
C ASP E 9 17.69 -33.22 21.65
N ARG E 10 17.55 -34.29 22.43
CA ARG E 10 18.66 -34.83 23.19
C ARG E 10 19.24 -36.09 22.55
N GLY E 11 18.90 -36.36 21.29
CA GLY E 11 19.53 -37.45 20.57
C GLY E 11 19.00 -38.83 20.93
N LYS E 12 17.79 -38.88 21.50
CA LYS E 12 17.17 -40.15 21.86
C LYS E 12 16.12 -40.56 20.82
N LEU E 13 16.10 -41.84 20.47
CA LEU E 13 15.14 -42.37 19.50
C LEU E 13 13.71 -42.26 20.01
N LEU E 14 12.83 -41.67 19.20
CA LEU E 14 11.43 -41.54 19.55
C LEU E 14 10.58 -42.54 18.78
N GLU E 15 10.80 -42.63 17.48
CA GLU E 15 10.03 -43.53 16.63
C GLU E 15 10.86 -43.94 15.43
N SER E 16 10.80 -45.22 15.08
CA SER E 16 11.54 -45.75 13.95
C SER E 16 10.65 -45.90 12.72
N ASN E 17 11.27 -45.97 11.55
CA ASN E 17 10.59 -46.30 10.30
C ASN E 17 9.38 -45.40 10.05
N VAL E 18 9.59 -44.10 10.21
CA VAL E 18 8.57 -43.10 9.92
C VAL E 18 8.65 -42.69 8.44
N ASP E 19 7.57 -42.94 7.70
CA ASP E 19 7.48 -42.52 6.32
C ASP E 19 7.40 -40.99 6.29
N ILE E 20 8.24 -40.37 5.47
CA ILE E 20 8.29 -38.91 5.43
C ILE E 20 6.98 -38.28 4.95
N MET E 21 6.18 -39.05 4.22
CA MET E 21 4.86 -38.59 3.78
C MET E 21 3.91 -38.38 4.95
N SER E 22 4.11 -39.12 6.03
CA SER E 22 3.28 -38.99 7.23
C SER E 22 3.62 -37.72 8.00
N LEU E 23 4.74 -37.09 7.62
CA LEU E 23 5.20 -35.85 8.25
C LEU E 23 4.66 -34.61 7.55
N ALA E 24 3.98 -34.80 6.42
CA ALA E 24 3.40 -33.68 5.66
C ALA E 24 2.39 -32.94 6.52
N PRO E 25 2.43 -31.59 6.51
CA PRO E 25 1.41 -30.78 7.17
C PRO E 25 -0.02 -31.18 6.77
N THR E 26 -0.15 -31.69 5.56
CA THR E 26 -1.44 -32.08 5.00
C THR E 26 -1.92 -33.47 5.48
N ARG E 27 -1.04 -34.20 6.17
CA ARG E 27 -1.39 -35.54 6.67
C ARG E 27 -1.16 -35.69 8.16
N ASN E 28 -0.21 -34.95 8.71
CA ASN E 28 0.23 -35.16 10.09
C ASN E 28 -0.70 -34.48 11.10
N ALA E 29 -1.32 -35.29 11.96
CA ALA E 29 -2.28 -34.80 12.95
C ALA E 29 -1.64 -33.86 13.97
N ALA E 30 -0.42 -34.17 14.40
CA ALA E 30 0.29 -33.33 15.38
C ALA E 30 0.61 -31.94 14.81
N ILE E 31 1.11 -31.90 13.57
CA ILE E 31 1.39 -30.63 12.92
C ILE E 31 0.11 -29.82 12.70
N GLN E 32 -0.97 -30.50 12.30
CA GLN E 32 -2.25 -29.83 12.11
C GLN E 32 -2.80 -29.28 13.42
N SER E 33 -2.51 -29.96 14.53
CA SER E 33 -2.90 -29.51 15.85
C SER E 33 -2.12 -28.26 16.25
N ILE E 34 -0.82 -28.25 15.94
CA ILE E 34 0.02 -27.08 16.17
C ILE E 34 -0.46 -25.87 15.35
N ILE E 35 -0.81 -26.11 14.09
CA ILE E 35 -1.33 -25.07 13.21
C ILE E 35 -2.68 -24.54 13.71
N MET E 36 -3.58 -25.45 14.06
CA MET E 36 -4.89 -25.07 14.59
C MET E 36 -4.78 -24.25 15.87
N ASP E 37 -3.92 -24.69 16.80
CA ASP E 37 -3.73 -23.97 18.05
C ASP E 37 -3.08 -22.61 17.84
N THR E 38 -2.19 -22.53 16.85
CA THR E 38 -1.56 -21.27 16.47
C THR E 38 -2.60 -20.33 15.86
N LYS E 39 -3.48 -20.87 15.03
CA LYS E 39 -4.52 -20.08 14.40
C LYS E 39 -5.54 -19.57 15.41
N ARG E 40 -5.94 -20.41 16.36
CA ARG E 40 -7.11 -20.10 17.19
C ARG E 40 -6.77 -19.41 18.49
N SER E 41 -5.49 -19.14 18.74
CA SER E 41 -5.06 -18.62 20.03
C SER E 41 -4.46 -17.22 19.98
N VAL E 42 -4.79 -16.40 20.97
CA VAL E 42 -4.14 -15.10 21.17
C VAL E 42 -3.80 -14.86 22.64
N ALA E 43 -2.86 -13.94 22.87
CA ALA E 43 -2.53 -13.47 24.21
C ALA E 43 -3.14 -12.09 24.41
N VAL E 44 -3.63 -11.84 25.62
CA VAL E 44 -4.13 -10.52 25.97
C VAL E 44 -3.39 -10.01 27.20
N ASN E 45 -2.87 -8.79 27.11
CA ASN E 45 -2.13 -8.19 28.19
C ASN E 45 -3.07 -7.40 29.10
N LEU E 46 -3.53 -8.04 30.17
CA LEU E 46 -4.47 -7.43 31.11
C LEU E 46 -3.85 -6.26 31.85
N ALA E 47 -2.59 -6.42 32.25
CA ALA E 47 -1.84 -5.33 32.87
C ALA E 47 -1.75 -4.13 31.92
N GLY E 48 -1.55 -4.42 30.64
CA GLY E 48 -1.48 -3.38 29.63
C GLY E 48 -2.80 -2.64 29.46
N ILE E 49 -3.90 -3.36 29.44
CA ILE E 49 -5.22 -2.77 29.36
C ILE E 49 -5.47 -1.85 30.56
N GLN E 50 -5.17 -2.34 31.75
CA GLN E 50 -5.36 -1.58 32.99
C GLN E 50 -4.57 -0.27 32.96
N GLY E 51 -3.30 -0.35 32.56
CA GLY E 51 -2.48 0.84 32.44
C GLY E 51 -3.00 1.81 31.38
N ALA E 52 -3.41 1.26 30.24
CA ALA E 52 -3.95 2.06 29.15
C ALA E 52 -5.23 2.78 29.56
N LEU E 53 -6.10 2.08 30.28
CA LEU E 53 -7.35 2.67 30.77
C LEU E 53 -7.09 3.84 31.70
N ALA E 54 -6.11 3.68 32.59
CA ALA E 54 -5.82 4.68 33.61
C ALA E 54 -5.16 5.92 33.02
N SER E 55 -4.25 5.72 32.07
CA SER E 55 -3.41 6.81 31.56
C SER E 55 -3.93 7.41 30.26
N GLY E 56 -4.77 6.67 29.55
CA GLY E 56 -5.22 7.10 28.24
C GLY E 56 -4.20 6.80 27.15
N LYS E 57 -3.10 6.14 27.53
CA LYS E 57 -2.06 5.77 26.57
C LYS E 57 -2.45 4.52 25.81
N MET E 58 -3.04 4.74 24.63
CA MET E 58 -3.57 3.66 23.80
C MET E 58 -3.58 4.11 22.35
N GLY E 59 -3.39 3.17 21.43
CA GLY E 59 -3.56 3.48 20.02
C GLY E 59 -2.26 3.65 19.24
N GLY E 60 -1.12 3.58 19.92
CA GLY E 60 0.15 3.58 19.22
C GLY E 60 1.24 4.35 19.95
N LYS E 61 2.42 4.36 19.36
CA LYS E 61 3.60 5.01 19.95
C LYS E 61 3.33 6.50 20.19
N GLY E 62 3.52 6.92 21.43
CA GLY E 62 3.35 8.32 21.77
C GLY E 62 1.93 8.72 22.14
N ARG E 63 0.95 7.89 21.80
CA ARG E 63 -0.44 8.25 22.01
C ARG E 63 -0.83 8.31 23.49
N GLN E 64 -1.53 9.39 23.80
CA GLN E 64 -2.24 9.54 25.06
C GLN E 64 -3.45 10.43 24.87
N ILE E 65 -4.62 9.93 25.28
CA ILE E 65 -5.83 10.73 25.32
C ILE E 65 -6.00 11.25 26.74
N LEU E 66 -5.87 12.57 26.89
CA LEU E 66 -5.93 13.21 28.21
C LEU E 66 -7.35 13.35 28.73
N GLY E 67 -7.52 13.18 30.04
CA GLY E 67 -8.77 13.52 30.70
C GLY E 67 -9.89 12.51 30.58
N ARG E 68 -9.56 11.26 30.27
CA ARG E 68 -10.57 10.23 30.03
C ARG E 68 -10.21 8.98 30.83
N GLY E 69 -9.50 9.20 31.94
CA GLY E 69 -8.97 8.09 32.72
C GLY E 69 -10.03 7.21 33.35
N LEU E 70 -9.83 5.90 33.25
CA LEU E 70 -10.69 4.93 33.91
C LEU E 70 -9.84 4.02 34.79
N ASN E 71 -10.17 3.96 36.07
CA ASN E 71 -9.41 3.17 37.03
C ASN E 71 -10.12 1.86 37.33
N TYR E 72 -9.86 0.86 36.49
CA TYR E 72 -10.44 -0.47 36.65
C TYR E 72 -9.35 -1.42 37.11
N ASP E 73 -9.66 -2.25 38.10
CA ASP E 73 -8.72 -3.26 38.55
C ASP E 73 -8.84 -4.52 37.70
N ILE E 74 -8.23 -4.48 36.52
CA ILE E 74 -8.29 -5.60 35.58
C ILE E 74 -7.55 -6.81 36.13
N VAL E 75 -6.32 -6.60 36.56
CA VAL E 75 -5.46 -7.68 37.05
C VAL E 75 -6.03 -8.32 38.33
N GLY E 76 -6.58 -7.49 39.22
CA GLY E 76 -7.14 -8.00 40.46
C GLY E 76 -8.41 -8.81 40.27
N ASN E 77 -9.01 -8.69 39.09
CA ASN E 77 -10.23 -9.42 38.75
C ASN E 77 -9.97 -10.41 37.61
N ALA E 78 -8.71 -10.82 37.45
CA ALA E 78 -8.28 -11.63 36.31
C ALA E 78 -9.03 -12.95 36.17
N ASP E 79 -9.31 -13.59 37.30
CA ASP E 79 -10.01 -14.88 37.28
C ASP E 79 -11.45 -14.74 36.82
N ALA E 80 -12.15 -13.74 37.34
CA ALA E 80 -13.52 -13.46 36.94
C ALA E 80 -13.58 -13.03 35.47
N ILE E 81 -12.58 -12.27 35.05
CA ILE E 81 -12.48 -11.85 33.66
C ILE E 81 -12.25 -13.05 32.73
N ALA E 82 -11.33 -13.94 33.14
CA ALA E 82 -11.06 -15.16 32.38
C ALA E 82 -12.32 -16.01 32.22
N GLU E 83 -13.11 -16.12 33.29
CA GLU E 83 -14.35 -16.90 33.29
C GLU E 83 -15.33 -16.35 32.26
N ASN E 84 -15.55 -15.04 32.32
CA ASN E 84 -16.55 -14.39 31.48
C ASN E 84 -16.09 -14.34 30.02
N VAL E 85 -14.78 -14.17 29.82
CA VAL E 85 -14.20 -14.20 28.49
C VAL E 85 -14.41 -15.57 27.84
N LYS E 86 -14.23 -16.64 28.62
CA LYS E 86 -14.48 -17.99 28.11
C LYS E 86 -15.93 -18.18 27.69
N LYS E 87 -16.86 -17.62 28.46
CA LYS E 87 -18.28 -17.71 28.14
C LYS E 87 -18.63 -17.03 26.82
N LEU E 88 -17.93 -15.94 26.52
CA LEU E 88 -18.17 -15.17 25.30
C LEU E 88 -17.43 -15.73 24.10
N VAL E 89 -16.25 -16.32 24.34
CA VAL E 89 -15.44 -16.90 23.27
C VAL E 89 -15.98 -18.26 22.82
N GLN E 90 -16.49 -19.05 23.77
CA GLN E 90 -16.97 -20.40 23.47
C GLN E 90 -18.18 -20.38 22.54
N VAL E 91 -18.35 -21.46 21.79
CA VAL E 91 -19.45 -21.62 20.84
C VAL E 91 -20.46 -22.63 21.35
N ASP E 92 -19.96 -23.79 21.79
CA ASP E 92 -20.81 -24.82 22.40
C ASP E 92 -20.32 -25.04 23.82
N GLU E 93 -21.27 -25.31 24.72
CA GLU E 93 -20.93 -25.68 26.09
C GLU E 93 -20.09 -26.96 26.10
N GLY E 94 -18.93 -26.88 26.75
CA GLY E 94 -18.05 -28.03 26.82
C GLY E 94 -17.19 -28.25 25.60
N ASP E 95 -17.09 -27.24 24.73
CA ASP E 95 -16.20 -27.34 23.58
C ASP E 95 -14.75 -27.08 23.96
N ASP E 96 -13.90 -26.92 22.96
CA ASP E 96 -12.46 -26.84 23.15
C ASP E 96 -11.94 -25.43 23.38
N THR E 97 -12.85 -24.50 23.72
CA THR E 97 -12.44 -23.18 24.17
C THR E 97 -11.59 -23.30 25.44
N ASN E 98 -10.51 -22.53 25.49
CA ASN E 98 -9.61 -22.55 26.64
C ASN E 98 -9.11 -21.15 26.95
N VAL E 99 -9.46 -20.65 28.13
CA VAL E 99 -9.00 -19.34 28.58
C VAL E 99 -8.29 -19.48 29.92
N ILE E 100 -6.98 -19.20 29.90
CA ILE E 100 -6.12 -19.43 31.06
C ILE E 100 -5.50 -18.12 31.53
N LYS E 101 -5.52 -17.91 32.85
CA LYS E 101 -4.83 -16.81 33.48
C LYS E 101 -3.34 -17.15 33.62
N VAL E 102 -2.49 -16.25 33.14
CA VAL E 102 -1.03 -16.44 33.21
C VAL E 102 -0.35 -15.23 33.85
N LYS E 103 0.81 -15.47 34.48
CA LYS E 103 1.61 -14.42 35.12
C LYS E 103 0.89 -13.72 36.28
N GLY E 104 0.24 -14.52 37.14
CA GLY E 104 -0.48 -13.96 38.27
C GLY E 104 -1.56 -12.97 37.87
N GLY E 105 -2.11 -13.15 36.67
CA GLY E 105 -3.24 -12.33 36.25
C GLY E 105 -2.86 -11.14 35.38
N LYS E 106 -1.60 -11.06 34.98
CA LYS E 106 -1.14 -9.98 34.13
C LYS E 106 -1.48 -10.19 32.66
N SER E 107 -1.78 -11.43 32.29
CA SER E 107 -2.18 -11.74 30.92
C SER E 107 -3.06 -12.99 30.82
N LEU E 108 -3.73 -13.14 29.68
CA LEU E 108 -4.57 -14.30 29.42
C LEU E 108 -4.12 -15.02 28.15
N LEU E 109 -4.24 -16.34 28.16
CA LEU E 109 -4.28 -17.13 26.93
C LEU E 109 -5.74 -17.31 26.55
N ILE E 110 -6.11 -16.85 25.36
CA ILE E 110 -7.46 -17.07 24.84
C ILE E 110 -7.40 -17.96 23.61
N GLN E 111 -7.80 -19.22 23.77
CA GLN E 111 -7.89 -20.14 22.66
C GLN E 111 -9.35 -20.30 22.26
N SER E 112 -9.69 -19.76 21.09
CA SER E 112 -11.03 -19.93 20.52
C SER E 112 -11.26 -21.41 20.25
N PRO E 113 -12.53 -21.85 20.29
CA PRO E 113 -12.87 -23.21 19.82
C PRO E 113 -12.52 -23.38 18.35
N LYS E 114 -12.16 -24.60 17.96
CA LYS E 114 -11.82 -24.92 16.58
C LYS E 114 -12.91 -24.51 15.60
N SER E 115 -14.15 -24.49 16.09
CA SER E 115 -15.30 -24.11 15.26
C SER E 115 -15.18 -22.71 14.64
N ARG E 116 -14.53 -21.78 15.35
CA ARG E 116 -14.36 -20.44 14.81
C ARG E 116 -13.36 -20.43 13.65
N ILE E 117 -12.37 -21.31 13.71
CA ILE E 117 -11.40 -21.46 12.63
C ILE E 117 -12.01 -22.23 11.47
N ILE E 118 -12.82 -23.24 11.79
CA ILE E 118 -13.50 -24.05 10.77
C ILE E 118 -14.48 -23.21 9.96
N ALA E 119 -15.19 -22.32 10.66
CA ALA E 119 -16.17 -21.43 10.03
C ALA E 119 -15.55 -20.15 9.46
N GLY E 120 -14.24 -20.02 9.59
CA GLY E 120 -13.56 -18.81 9.13
C GLY E 120 -12.70 -19.04 7.91
N ALA E 121 -12.45 -17.97 7.16
CA ALA E 121 -11.58 -18.05 5.99
C ALA E 121 -10.10 -18.11 6.37
N ASP E 122 -9.75 -17.43 7.47
CA ASP E 122 -8.38 -17.46 7.97
C ASP E 122 -8.32 -17.61 9.49
N PHE E 123 -7.55 -16.75 10.15
CA PHE E 123 -7.23 -16.94 11.57
C PHE E 123 -7.54 -15.75 12.46
N MET E 124 -8.03 -14.66 11.88
CA MET E 124 -8.22 -13.43 12.64
C MET E 124 -9.37 -13.46 13.63
N SER E 125 -10.25 -14.47 13.53
CA SER E 125 -11.32 -14.62 14.50
C SER E 125 -10.81 -14.79 15.93
N ALA E 126 -9.63 -15.40 16.08
CA ALA E 126 -9.02 -15.54 17.40
C ALA E 126 -8.75 -14.18 18.04
N THR E 127 -8.30 -13.22 17.23
CA THR E 127 -8.00 -11.87 17.70
C THR E 127 -9.27 -11.05 17.92
N THR E 128 -10.16 -11.06 16.94
CA THR E 128 -11.35 -10.22 17.00
C THR E 128 -12.34 -10.69 18.07
N VAL E 129 -12.55 -12.01 18.14
CA VAL E 129 -13.41 -12.59 19.17
C VAL E 129 -12.77 -12.46 20.55
N GLY E 130 -11.47 -12.74 20.64
CA GLY E 130 -10.76 -12.54 21.90
C GLY E 130 -10.86 -11.11 22.41
N ALA E 131 -10.60 -10.14 21.52
CA ALA E 131 -10.67 -8.73 21.88
C ALA E 131 -12.10 -8.31 22.20
N ALA E 132 -13.07 -8.82 21.43
CA ALA E 132 -14.48 -8.51 21.65
C ALA E 132 -14.95 -9.05 23.01
N ALA E 133 -14.48 -10.25 23.34
CA ALA E 133 -14.84 -10.89 24.61
C ALA E 133 -14.29 -10.10 25.80
N VAL E 134 -13.02 -9.70 25.72
CA VAL E 134 -12.40 -8.88 26.76
C VAL E 134 -13.07 -7.51 26.87
N THR E 135 -13.36 -6.89 25.72
CA THR E 135 -14.01 -5.58 25.69
C THR E 135 -15.39 -5.63 26.35
N GLN E 136 -16.21 -6.61 25.97
CA GLN E 136 -17.54 -6.79 26.54
C GLN E 136 -17.47 -7.09 28.05
N THR E 137 -16.52 -7.92 28.45
CA THR E 137 -16.35 -8.31 29.85
C THR E 137 -16.01 -7.12 30.73
N ILE E 138 -15.11 -6.26 30.26
CA ILE E 138 -14.72 -5.06 31.00
C ILE E 138 -15.86 -4.05 31.08
N MET E 139 -16.58 -3.90 29.97
CA MET E 139 -17.72 -3.00 29.91
C MET E 139 -18.76 -3.36 30.97
N ASP E 140 -19.03 -4.66 31.11
CA ASP E 140 -20.01 -5.15 32.06
C ASP E 140 -19.51 -5.12 33.50
N MET E 141 -18.30 -5.63 33.72
CA MET E 141 -17.76 -5.82 35.07
C MET E 141 -17.58 -4.51 35.81
N PHE E 142 -17.23 -3.46 35.08
CA PHE E 142 -16.89 -2.18 35.70
C PHE E 142 -17.93 -1.10 35.41
N GLY E 143 -19.05 -1.51 34.81
CA GLY E 143 -20.19 -0.63 34.64
C GLY E 143 -19.91 0.63 33.84
N THR E 144 -19.18 0.49 32.75
CA THR E 144 -18.76 1.62 31.94
C THR E 144 -19.95 2.36 31.34
N ASP E 145 -19.99 3.68 31.54
CA ASP E 145 -20.99 4.54 30.91
C ASP E 145 -20.78 4.52 29.39
N PRO E 146 -21.88 4.50 28.62
CA PRO E 146 -21.78 4.42 27.15
C PRO E 146 -20.84 5.45 26.51
N TYR E 147 -20.79 6.66 27.07
CA TYR E 147 -19.89 7.69 26.54
C TYR E 147 -18.42 7.48 26.89
N ASP E 148 -18.13 6.42 27.66
CA ASP E 148 -16.75 6.01 27.93
C ASP E 148 -16.40 4.71 27.23
N ALA E 149 -17.37 4.12 26.51
CA ALA E 149 -17.16 2.88 25.79
C ALA E 149 -16.01 2.92 24.77
N PRO E 150 -15.83 4.05 24.07
CA PRO E 150 -14.71 4.14 23.12
C PRO E 150 -13.34 3.96 23.76
N ILE E 151 -13.21 4.45 25.00
CA ILE E 151 -11.96 4.36 25.76
C ILE E 151 -11.67 2.92 26.17
N VAL E 152 -12.69 2.20 26.64
CA VAL E 152 -12.53 0.80 26.98
C VAL E 152 -12.19 -0.03 25.74
N LYS E 153 -12.87 0.26 24.64
CA LYS E 153 -12.67 -0.46 23.39
C LYS E 153 -11.25 -0.32 22.88
N SER E 154 -10.73 0.90 22.86
CA SER E 154 -9.39 1.16 22.34
C SER E 154 -8.27 0.77 23.29
N ALA E 155 -8.58 0.64 24.57
CA ALA E 155 -7.61 0.08 25.52
C ALA E 155 -7.26 -1.35 25.09
N VAL E 156 -8.23 -2.02 24.47
CA VAL E 156 -8.06 -3.39 24.00
C VAL E 156 -7.61 -3.44 22.53
N TRP E 157 -8.32 -2.69 21.68
CA TRP E 157 -8.15 -2.79 20.23
C TRP E 157 -7.14 -1.78 19.65
N GLY E 158 -6.70 -0.83 20.45
CA GLY E 158 -5.80 0.20 19.97
C GLY E 158 -6.42 1.12 18.92
N SER E 159 -5.71 1.30 17.80
CA SER E 159 -6.15 2.22 16.76
C SER E 159 -7.00 1.58 15.66
N TYR E 160 -7.27 0.28 15.77
CA TYR E 160 -8.18 -0.39 14.86
C TYR E 160 -9.61 0.15 15.04
N PRO E 161 -10.27 0.60 13.95
CA PRO E 161 -9.97 0.29 12.54
C PRO E 161 -9.36 1.43 11.71
N GLN E 162 -8.87 2.50 12.36
CA GLN E 162 -8.12 3.51 11.61
C GLN E 162 -6.85 2.90 11.05
N THR E 163 -6.18 2.10 11.86
CA THR E 163 -5.07 1.26 11.39
C THR E 163 -5.61 -0.12 11.01
N MET E 164 -4.87 -0.83 10.18
CA MET E 164 -5.27 -2.15 9.70
C MET E 164 -5.10 -3.21 10.78
N ASP E 165 -4.22 -2.93 11.74
CA ASP E 165 -3.97 -3.82 12.86
C ASP E 165 -4.44 -3.19 14.17
N LEU E 166 -4.33 -3.95 15.26
CA LEU E 166 -4.63 -3.43 16.59
C LEU E 166 -3.42 -2.67 17.15
N MET E 167 -3.02 -1.61 16.45
CA MET E 167 -1.84 -0.85 16.83
C MET E 167 -2.07 -0.15 18.16
N GLY E 168 -1.17 -0.41 19.11
CA GLY E 168 -1.32 0.16 20.44
C GLY E 168 -2.45 -0.49 21.22
N GLY E 169 -2.83 -1.69 20.80
CA GLY E 169 -3.79 -2.49 21.56
C GLY E 169 -3.08 -3.46 22.48
N GLN E 170 -3.82 -4.42 23.02
CA GLN E 170 -3.25 -5.34 24.01
C GLN E 170 -3.52 -6.81 23.66
N VAL E 171 -3.72 -7.08 22.38
CA VAL E 171 -3.96 -8.44 21.91
C VAL E 171 -2.92 -8.80 20.86
N GLN E 172 -2.22 -9.92 21.07
CA GLN E 172 -1.23 -10.41 20.11
C GLN E 172 -1.40 -11.91 19.93
N GLY E 173 -1.04 -12.40 18.75
CA GLY E 173 -0.90 -13.83 18.56
C GLY E 173 0.48 -14.16 18.02
N ILE E 174 0.70 -15.43 17.69
CA ILE E 174 1.94 -15.86 17.07
C ILE E 174 2.06 -15.38 15.62
N LEU E 175 0.90 -15.26 14.96
CA LEU E 175 0.86 -14.82 13.56
C LEU E 175 0.68 -13.30 13.48
N SER E 176 0.70 -12.78 12.26
CA SER E 176 0.48 -11.36 12.02
C SER E 176 -0.97 -11.14 11.60
N ILE E 177 -1.20 -10.17 10.71
CA ILE E 177 -2.48 -10.06 10.01
C ILE E 177 -2.29 -10.46 8.55
N PRO E 178 -3.34 -11.00 7.92
CA PRO E 178 -3.19 -11.58 6.57
C PRO E 178 -2.67 -10.59 5.53
N GLN E 179 -3.02 -9.32 5.69
CA GLN E 179 -2.64 -8.28 4.73
C GLN E 179 -1.14 -8.00 4.72
N ASN E 180 -0.42 -8.51 5.72
CA ASN E 180 1.04 -8.34 5.74
C ASN E 180 1.76 -9.39 4.91
N ASN E 181 1.02 -10.39 4.41
CA ASN E 181 1.61 -11.42 3.55
C ASN E 181 2.21 -10.81 2.30
N GLU E 182 3.45 -11.20 2.00
CA GLU E 182 4.05 -10.82 0.73
C GLU E 182 3.48 -11.67 -0.39
N GLY E 183 3.33 -12.97 -0.14
CA GLY E 183 2.86 -13.87 -1.16
C GLY E 183 1.61 -14.64 -0.77
N LEU E 184 1.19 -15.53 -1.64
CA LEU E 184 0.01 -16.36 -1.40
C LEU E 184 0.44 -17.66 -0.72
N GLY E 185 -0.13 -17.92 0.46
CA GLY E 185 0.27 -19.06 1.26
C GLY E 185 1.34 -18.72 2.29
N PHE E 186 1.47 -17.43 2.61
CA PHE E 186 2.58 -16.95 3.42
C PHE E 186 2.25 -16.67 4.88
N SER E 187 1.00 -16.87 5.29
CA SER E 187 0.58 -16.50 6.64
C SER E 187 1.38 -17.20 7.74
N LEU E 188 1.61 -18.50 7.58
CA LEU E 188 2.37 -19.27 8.57
C LEU E 188 3.86 -18.99 8.51
N ARG E 189 4.28 -18.26 7.47
CA ARG E 189 5.67 -17.81 7.38
C ARG E 189 5.90 -16.48 8.07
N ASN E 190 4.83 -15.78 8.40
CA ASN E 190 4.98 -14.50 9.09
C ASN E 190 5.01 -14.66 10.62
N ILE E 191 6.05 -15.32 11.11
CA ILE E 191 6.24 -15.52 12.55
C ILE E 191 7.69 -15.18 12.88
N MET E 192 7.90 -14.11 13.64
CA MET E 192 9.27 -13.64 13.89
C MET E 192 10.05 -14.64 14.72
N ALA E 193 11.33 -14.79 14.39
CA ALA E 193 12.18 -15.81 14.99
C ALA E 193 12.20 -15.75 16.50
N ASN E 194 12.12 -14.55 17.06
CA ASN E 194 12.11 -14.37 18.51
C ASN E 194 10.90 -15.05 19.16
N HIS E 195 9.76 -15.06 18.46
CA HIS E 195 8.55 -15.73 18.95
C HIS E 195 8.80 -17.23 19.12
N VAL E 196 9.37 -17.84 18.08
CA VAL E 196 9.61 -19.27 18.06
C VAL E 196 10.62 -19.66 19.14
N ALA E 197 11.70 -18.89 19.25
CA ALA E 197 12.71 -19.11 20.29
C ALA E 197 12.12 -18.95 21.70
N ALA E 198 11.24 -17.98 21.87
CA ALA E 198 10.55 -17.76 23.14
C ALA E 198 9.71 -18.97 23.51
N ILE E 199 8.91 -19.45 22.56
CA ILE E 199 8.05 -20.61 22.76
C ILE E 199 8.85 -21.88 23.07
N SER E 200 10.04 -21.99 22.47
CA SER E 200 10.90 -23.16 22.66
C SER E 200 11.63 -23.14 24.00
N ASN E 201 11.48 -22.05 24.75
CA ASN E 201 12.19 -21.85 26.01
C ASN E 201 13.72 -21.85 25.79
N ARG E 202 14.13 -21.20 24.70
CA ARG E 202 15.52 -21.08 24.29
C ARG E 202 16.19 -22.45 24.09
N ASN E 203 15.41 -23.43 23.64
CA ASN E 203 15.94 -24.73 23.23
C ASN E 203 16.20 -24.67 21.74
N ALA E 204 17.48 -24.69 21.37
CA ALA E 204 17.90 -24.50 19.99
C ALA E 204 17.21 -25.43 18.99
N MET E 205 17.29 -26.74 19.23
CA MET E 205 16.77 -27.70 18.26
C MET E 205 15.25 -27.77 18.24
N ASN E 206 14.61 -27.49 19.37
CA ASN E 206 13.15 -27.41 19.40
C ASN E 206 12.66 -26.12 18.74
N ALA E 207 13.48 -25.08 18.79
CA ALA E 207 13.20 -23.83 18.09
C ALA E 207 13.26 -24.05 16.57
N SER E 208 14.31 -24.72 16.10
CA SER E 208 14.42 -25.01 14.68
C SER E 208 13.38 -26.03 14.22
N ALA E 209 12.98 -26.92 15.13
CA ALA E 209 11.95 -27.92 14.82
C ALA E 209 10.59 -27.26 14.61
N LEU E 210 10.20 -26.40 15.55
CA LEU E 210 8.92 -25.69 15.47
C LEU E 210 8.88 -24.77 14.25
N SER E 211 9.99 -24.07 14.01
CA SER E 211 10.11 -23.19 12.86
C SER E 211 9.99 -23.96 11.55
N SER E 212 10.59 -25.14 11.49
CA SER E 212 10.51 -26.00 10.32
C SER E 212 9.06 -26.42 10.03
N ILE E 213 8.34 -26.72 11.11
CA ILE E 213 6.92 -27.09 11.00
C ILE E 213 6.11 -25.93 10.42
N TYR E 214 6.36 -24.72 10.91
CA TYR E 214 5.67 -23.54 10.41
C TYR E 214 6.08 -23.23 8.97
N GLU E 215 7.39 -23.24 8.72
CA GLU E 215 7.93 -22.91 7.39
C GLU E 215 7.44 -23.88 6.33
N GLN E 216 7.52 -25.17 6.61
CA GLN E 216 7.09 -26.16 5.63
C GLN E 216 5.58 -26.21 5.47
N SER E 217 4.84 -25.89 6.53
CA SER E 217 3.40 -25.70 6.42
C SER E 217 3.09 -24.53 5.48
N GLY E 218 3.94 -23.51 5.54
CA GLY E 218 3.85 -22.41 4.61
C GLY E 218 4.17 -22.81 3.18
N ILE E 219 5.29 -23.51 2.98
CA ILE E 219 5.68 -23.99 1.65
C ILE E 219 4.58 -24.86 1.04
N PHE E 220 3.94 -25.68 1.87
CA PHE E 220 2.82 -26.50 1.41
C PHE E 220 1.63 -25.66 0.99
N GLU E 221 1.32 -24.62 1.78
CA GLU E 221 0.19 -23.75 1.45
C GLU E 221 0.51 -22.85 0.24
N MET E 222 1.80 -22.63 0.00
CA MET E 222 2.27 -21.90 -1.19
C MET E 222 2.17 -22.73 -2.46
N GLY E 223 1.88 -24.02 -2.31
CA GLY E 223 1.88 -24.93 -3.45
C GLY E 223 3.29 -25.25 -3.91
N GLY E 224 4.25 -25.14 -3.00
CA GLY E 224 5.64 -25.41 -3.32
C GLY E 224 6.09 -26.81 -2.94
N ALA E 225 5.12 -27.66 -2.60
CA ALA E 225 5.41 -29.06 -2.29
C ALA E 225 4.45 -29.96 -3.04
N VAL E 226 4.29 -29.68 -4.33
CA VAL E 226 3.39 -30.44 -5.19
C VAL E 226 4.20 -31.38 -6.08
N GLY E 227 3.67 -32.58 -6.30
CA GLY E 227 4.35 -33.55 -7.14
C GLY E 227 5.67 -33.99 -6.54
N MET E 228 6.73 -33.93 -7.35
CA MET E 228 8.06 -34.33 -6.91
C MET E 228 8.59 -33.44 -5.79
N PHE E 229 8.03 -32.23 -5.70
CA PHE E 229 8.50 -31.26 -4.71
C PHE E 229 8.01 -31.59 -3.30
N GLU E 230 7.02 -32.48 -3.19
CA GLU E 230 6.59 -32.93 -1.87
C GLU E 230 7.66 -33.76 -1.19
N ARG E 231 8.18 -34.79 -1.87
CA ARG E 231 9.30 -35.56 -1.31
C ARG E 231 10.47 -34.63 -0.97
N HIS E 232 10.74 -33.70 -1.88
CA HIS E 232 11.83 -32.74 -1.73
C HIS E 232 11.74 -31.96 -0.40
N GLN E 233 10.57 -31.39 -0.13
CA GLN E 233 10.38 -30.59 1.08
C GLN E 233 10.32 -31.43 2.35
N LEU E 234 9.75 -32.63 2.23
CA LEU E 234 9.58 -33.51 3.39
C LEU E 234 10.88 -34.16 3.85
N LEU E 235 11.81 -34.39 2.92
CA LEU E 235 13.16 -34.80 3.28
C LEU E 235 13.86 -33.68 4.07
N GLY E 236 13.64 -32.44 3.65
CA GLY E 236 14.15 -31.30 4.38
C GLY E 236 13.55 -31.19 5.78
N LEU E 237 12.23 -31.27 5.87
CA LEU E 237 11.53 -31.24 7.15
C LEU E 237 12.02 -32.36 8.08
N ALA E 238 12.08 -33.58 7.57
CA ALA E 238 12.48 -34.73 8.37
C ALA E 238 13.91 -34.60 8.90
N TYR E 239 14.84 -34.28 8.00
CA TYR E 239 16.25 -34.25 8.34
C TYR E 239 16.69 -32.97 9.06
N GLN E 240 16.39 -31.82 8.48
CA GLN E 240 16.75 -30.55 9.12
C GLN E 240 15.85 -30.23 10.31
N GLY E 241 14.55 -30.42 10.13
CA GLY E 241 13.60 -30.00 11.15
C GLY E 241 13.43 -30.96 12.31
N LEU E 242 13.41 -32.25 12.02
CA LEU E 242 13.00 -33.24 13.01
C LEU E 242 14.10 -34.24 13.35
N ASN E 243 15.35 -33.85 13.08
CA ASN E 243 16.53 -34.61 13.50
C ASN E 243 16.45 -36.08 13.06
N ALA E 244 16.08 -36.29 11.80
CA ALA E 244 15.96 -37.64 11.25
C ALA E 244 17.27 -38.40 11.33
N ASN E 245 17.18 -39.64 11.83
CA ASN E 245 18.33 -40.53 11.96
C ASN E 245 19.43 -39.99 12.86
N ASN E 246 19.08 -39.02 13.70
CA ASN E 246 20.01 -38.38 14.62
C ASN E 246 21.19 -37.71 13.91
N LEU E 247 21.03 -37.46 12.62
CA LEU E 247 22.10 -36.89 11.80
C LEU E 247 22.48 -35.49 12.28
N LEU E 248 21.46 -34.65 12.47
CA LEU E 248 21.68 -33.29 12.96
C LEU E 248 22.38 -33.30 14.32
N TYR E 249 21.82 -34.07 15.25
CA TYR E 249 22.37 -34.18 16.60
C TYR E 249 23.81 -34.70 16.60
N ASP E 250 24.06 -35.75 15.82
CA ASP E 250 25.38 -36.38 15.77
C ASP E 250 26.44 -35.49 15.15
N ILE E 251 26.06 -34.77 14.09
CA ILE E 251 26.99 -33.86 13.42
C ILE E 251 27.35 -32.71 14.35
N VAL E 252 26.36 -32.20 15.09
CA VAL E 252 26.60 -31.13 16.05
C VAL E 252 27.50 -31.65 17.19
N LYS E 253 27.21 -32.84 17.68
CA LYS E 253 27.96 -33.39 18.81
C LYS E 253 29.44 -33.62 18.49
N GLU E 254 29.72 -34.13 17.29
CA GLU E 254 31.11 -34.42 16.92
C GLU E 254 31.89 -33.18 16.50
N ASN E 255 31.18 -32.06 16.35
CA ASN E 255 31.83 -30.78 16.04
C ASN E 255 31.67 -29.77 17.17
N GLY E 256 31.10 -30.22 18.29
CA GLY E 256 30.74 -29.30 19.35
C GLY E 256 31.89 -28.76 20.18
N LYS E 257 32.90 -29.60 20.41
CA LYS E 257 34.00 -29.24 21.30
C LYS E 257 34.95 -28.23 20.66
N ASP E 258 35.40 -28.53 19.44
CA ASP E 258 36.44 -27.74 18.78
C ASP E 258 36.06 -27.38 17.34
N GLY E 259 34.82 -27.69 16.96
CA GLY E 259 34.42 -27.59 15.57
C GLY E 259 34.12 -26.20 15.06
N THR E 260 34.07 -26.07 13.74
CA THR E 260 33.83 -24.80 13.07
C THR E 260 32.84 -25.06 11.94
N ILE E 261 32.44 -24.01 11.22
CA ILE E 261 31.68 -24.17 9.99
C ILE E 261 32.41 -25.12 9.04
N GLY E 262 33.73 -25.00 8.98
CA GLY E 262 34.53 -25.82 8.09
C GLY E 262 34.54 -27.30 8.41
N THR E 263 34.65 -27.65 9.70
CA THR E 263 34.70 -29.06 10.10
C THR E 263 33.33 -29.73 10.00
N VAL E 264 32.26 -28.94 10.11
CA VAL E 264 30.91 -29.44 9.90
C VAL E 264 30.75 -29.90 8.44
N ILE E 265 31.41 -29.19 7.53
CA ILE E 265 31.41 -29.57 6.12
C ILE E 265 32.08 -30.93 5.91
N GLU E 266 33.16 -31.19 6.65
CA GLU E 266 33.83 -32.48 6.60
C GLU E 266 32.90 -33.60 7.04
N SER E 267 32.17 -33.35 8.13
CA SER E 267 31.17 -34.29 8.64
C SER E 267 30.08 -34.57 7.60
N VAL E 268 29.58 -33.50 6.98
CA VAL E 268 28.47 -33.60 6.03
C VAL E 268 28.89 -34.38 4.78
N VAL E 269 30.07 -34.06 4.25
CA VAL E 269 30.55 -34.73 3.04
C VAL E 269 30.90 -36.20 3.30
N ARG E 270 31.57 -36.45 4.43
CA ARG E 270 31.96 -37.81 4.80
C ARG E 270 30.71 -38.70 4.90
N ARG E 271 29.74 -38.21 5.68
CA ARG E 271 28.49 -38.97 5.84
C ARG E 271 27.68 -39.16 4.59
N ALA E 272 27.68 -38.14 3.73
CA ALA E 272 26.98 -38.24 2.44
C ALA E 272 27.61 -39.29 1.53
N ILE E 273 28.94 -39.40 1.58
CA ILE E 273 29.67 -40.39 0.81
C ILE E 273 29.44 -41.81 1.36
N GLU E 274 29.48 -41.93 2.69
CA GLU E 274 29.24 -43.20 3.36
C GLU E 274 27.84 -43.73 3.06
N ALA E 275 26.87 -42.83 2.96
CA ALA E 275 25.49 -43.21 2.69
C ALA E 275 25.22 -43.48 1.21
N GLY E 276 26.20 -43.19 0.35
CA GLY E 276 26.03 -43.39 -1.07
C GLY E 276 25.20 -42.32 -1.75
N ILE E 277 24.96 -41.21 -1.04
CA ILE E 277 24.14 -40.12 -1.57
C ILE E 277 24.89 -39.32 -2.62
N ILE E 278 26.21 -39.19 -2.44
CA ILE E 278 27.06 -38.58 -3.46
C ILE E 278 28.26 -39.47 -3.81
N SER E 279 28.73 -39.35 -5.04
CA SER E 279 29.88 -40.12 -5.53
C SER E 279 30.78 -39.19 -6.34
N VAL E 280 32.05 -39.56 -6.45
CA VAL E 280 32.95 -38.88 -7.38
C VAL E 280 32.44 -39.08 -8.80
N ASP E 281 32.26 -37.98 -9.52
CA ASP E 281 31.80 -38.00 -10.90
C ASP E 281 33.00 -37.98 -11.85
N LYS E 282 33.92 -37.06 -11.59
CA LYS E 282 35.12 -36.92 -12.41
C LYS E 282 36.22 -36.28 -11.58
N THR E 283 37.47 -36.64 -11.87
CA THR E 283 38.61 -36.02 -11.22
C THR E 283 39.33 -35.09 -12.20
N ALA E 284 39.56 -33.87 -11.75
CA ALA E 284 40.26 -32.86 -12.53
C ALA E 284 41.78 -33.07 -12.46
N PRO E 285 42.54 -32.40 -13.36
CA PRO E 285 44.00 -32.57 -13.40
C PRO E 285 44.73 -32.34 -12.08
N SER E 286 44.25 -31.40 -11.27
CA SER E 286 44.88 -31.09 -9.99
C SER E 286 44.71 -32.23 -8.98
N GLY E 287 43.73 -33.10 -9.25
CA GLY E 287 43.34 -34.10 -8.27
C GLY E 287 42.00 -33.79 -7.63
N TYR E 288 41.48 -32.59 -7.88
CA TYR E 288 40.18 -32.19 -7.34
C TYR E 288 39.06 -33.09 -7.86
N ASN E 289 38.27 -33.64 -6.94
CA ASN E 289 37.15 -34.51 -7.28
C ASN E 289 35.84 -33.73 -7.41
N PHE E 290 35.28 -33.74 -8.62
CA PHE E 290 33.93 -33.22 -8.84
C PHE E 290 32.94 -34.32 -8.48
N TYR E 291 32.09 -34.05 -7.49
CA TYR E 291 31.10 -35.03 -7.06
C TYR E 291 29.81 -34.91 -7.84
N LYS E 292 29.01 -35.98 -7.83
CA LYS E 292 27.65 -35.95 -8.33
C LYS E 292 26.71 -36.43 -7.23
N ALA E 293 25.49 -35.87 -7.21
CA ALA E 293 24.46 -36.32 -6.28
C ALA E 293 23.66 -37.45 -6.93
N ASN E 294 23.68 -38.61 -6.28
CA ASN E 294 22.95 -39.78 -6.77
C ASN E 294 21.46 -39.66 -6.43
N ASP E 295 21.15 -38.94 -5.36
CA ASP E 295 19.77 -38.60 -5.01
C ASP E 295 19.77 -37.11 -4.70
N VAL E 296 19.24 -36.32 -5.62
CA VAL E 296 19.34 -34.86 -5.52
C VAL E 296 18.56 -34.29 -4.34
N PRO E 297 17.28 -34.69 -4.15
CA PRO E 297 16.55 -34.21 -2.97
C PRO E 297 17.17 -34.65 -1.64
N LYS E 298 17.77 -35.83 -1.61
CA LYS E 298 18.45 -36.30 -0.40
C LYS E 298 19.72 -35.51 -0.11
N TRP E 299 20.49 -35.21 -1.15
CA TRP E 299 21.67 -34.37 -1.00
C TRP E 299 21.27 -33.00 -0.46
N ASN E 300 20.19 -32.45 -1.02
CA ASN E 300 19.65 -31.18 -0.53
C ASN E 300 19.32 -31.24 0.95
N ALA E 301 18.74 -32.35 1.39
CA ALA E 301 18.44 -32.57 2.81
C ALA E 301 19.73 -32.65 3.64
N CYS E 302 20.76 -33.28 3.08
CA CYS E 302 22.09 -33.32 3.71
C CYS E 302 22.64 -31.92 3.90
N ALA E 303 22.54 -31.09 2.86
CA ALA E 303 22.99 -29.71 2.93
C ALA E 303 22.15 -28.90 3.91
N ALA E 304 20.86 -29.21 3.99
CA ALA E 304 19.96 -28.56 4.93
C ALA E 304 20.36 -28.86 6.38
N VAL E 305 20.64 -30.14 6.65
CA VAL E 305 21.10 -30.55 7.97
C VAL E 305 22.43 -29.89 8.31
N GLY E 306 23.35 -29.88 7.35
CA GLY E 306 24.64 -29.25 7.55
C GLY E 306 24.54 -27.76 7.87
N THR E 307 23.61 -27.09 7.21
CA THR E 307 23.37 -25.66 7.42
C THR E 307 22.95 -25.39 8.86
N LEU E 308 22.02 -26.21 9.37
CA LEU E 308 21.55 -26.05 10.75
C LEU E 308 22.60 -26.53 11.76
N ALA E 309 23.28 -27.63 11.44
CA ALA E 309 24.34 -28.14 12.30
C ALA E 309 25.45 -27.11 12.47
N ALA E 310 25.83 -26.47 11.36
CA ALA E 310 26.84 -25.42 11.38
C ALA E 310 26.38 -24.23 12.20
N THR E 311 25.08 -23.91 12.12
CA THR E 311 24.50 -22.82 12.91
C THR E 311 24.61 -23.14 14.40
N LEU E 312 24.22 -24.35 14.78
CA LEU E 312 24.28 -24.77 16.17
C LEU E 312 25.71 -24.77 16.72
N VAL E 313 26.67 -25.10 15.85
CA VAL E 313 28.08 -25.13 16.23
C VAL E 313 28.68 -23.73 16.31
N ASN E 314 28.37 -22.89 15.30
CA ASN E 314 28.98 -21.56 15.22
C ASN E 314 28.30 -20.54 16.12
N CYS E 315 26.97 -20.52 16.13
CA CYS E 315 26.23 -19.68 17.06
C CYS E 315 26.36 -20.20 18.49
N GLY E 316 26.42 -21.53 18.63
CA GLY E 316 26.64 -22.14 19.93
C GLY E 316 27.97 -21.76 20.54
N ALA E 317 29.04 -21.82 19.74
CA ALA E 317 30.38 -21.47 20.22
C ALA E 317 30.44 -20.04 20.74
N GLY E 318 29.83 -19.11 19.99
CA GLY E 318 29.86 -17.72 20.38
C GLY E 318 28.73 -17.31 21.31
N ARG E 319 27.78 -18.23 21.54
CA ARG E 319 26.51 -17.93 22.21
C ARG E 319 25.99 -16.58 21.69
N ALA E 320 26.03 -16.41 20.37
CA ALA E 320 25.71 -15.15 19.72
C ALA E 320 24.87 -15.42 18.48
N ALA E 321 23.73 -14.77 18.40
CA ALA E 321 22.76 -15.01 17.34
C ALA E 321 23.27 -14.55 15.97
N GLN E 322 24.04 -13.48 15.94
CA GLN E 322 24.42 -12.84 14.67
C GLN E 322 25.23 -13.75 13.75
N ASN E 323 25.86 -14.77 14.33
CA ASN E 323 26.71 -15.69 13.56
C ASN E 323 25.93 -16.50 12.54
N VAL E 324 24.62 -16.55 12.69
CA VAL E 324 23.77 -17.37 11.82
C VAL E 324 23.76 -16.91 10.35
N SER E 325 23.82 -15.60 10.12
CA SER E 325 23.73 -15.10 8.74
C SER E 325 24.93 -15.52 7.91
N SER E 326 26.12 -15.41 8.49
CA SER E 326 27.35 -15.82 7.80
C SER E 326 27.50 -17.33 7.77
N THR E 327 26.96 -18.01 8.78
CA THR E 327 27.00 -19.47 8.83
C THR E 327 26.22 -20.08 7.66
N LEU E 328 25.02 -19.58 7.42
CA LEU E 328 24.18 -20.07 6.32
C LEU E 328 24.82 -19.79 4.97
N LEU E 329 25.49 -18.63 4.85
CA LEU E 329 26.19 -18.25 3.63
C LEU E 329 27.39 -19.17 3.40
N TYR E 330 28.28 -19.21 4.37
CA TYR E 330 29.57 -19.85 4.18
C TYR E 330 29.58 -21.36 4.28
N PHE E 331 28.65 -21.92 5.05
CA PHE E 331 28.53 -23.39 5.06
C PHE E 331 28.26 -23.88 3.64
N ASN E 332 27.31 -23.23 2.98
CA ASN E 332 26.88 -23.65 1.66
C ASN E 332 27.85 -23.25 0.56
N ASP E 333 28.41 -22.05 0.68
CA ASP E 333 29.44 -21.56 -0.22
C ASP E 333 30.65 -22.52 -0.21
N ILE E 334 31.15 -22.81 0.99
CA ILE E 334 32.32 -23.67 1.14
C ILE E 334 32.01 -25.12 0.81
N LEU E 335 30.77 -25.55 1.07
CA LEU E 335 30.34 -26.90 0.70
C LEU E 335 30.41 -27.10 -0.81
N GLU E 336 29.97 -26.09 -1.56
CA GLU E 336 30.03 -26.16 -3.02
C GLU E 336 31.47 -26.22 -3.51
N LYS E 337 32.33 -25.42 -2.88
CA LYS E 337 33.74 -25.38 -3.26
C LYS E 337 34.49 -26.64 -2.86
N GLU E 338 33.95 -27.34 -1.86
CA GLU E 338 34.51 -28.61 -1.40
C GLU E 338 34.12 -29.78 -2.31
N THR E 339 32.93 -29.73 -2.89
CA THR E 339 32.33 -30.89 -3.55
C THR E 339 32.05 -30.72 -5.04
N GLY E 340 31.81 -29.49 -5.48
CA GLY E 340 31.32 -29.27 -6.83
C GLY E 340 29.83 -29.54 -6.97
N LEU E 341 29.16 -29.65 -5.82
CA LEU E 341 27.71 -29.87 -5.78
C LEU E 341 27.04 -28.58 -5.31
N PRO E 342 25.76 -28.38 -5.71
CA PRO E 342 25.01 -27.20 -5.25
C PRO E 342 24.71 -27.24 -3.77
N GLY E 343 24.77 -26.08 -3.13
CA GLY E 343 24.43 -25.97 -1.72
C GLY E 343 22.94 -26.14 -1.50
N CYS E 344 22.51 -26.00 -0.25
CA CYS E 344 21.12 -26.23 0.12
C CYS E 344 20.18 -25.29 -0.63
N ASP E 345 19.11 -25.88 -1.17
CA ASP E 345 18.13 -25.15 -1.96
C ASP E 345 18.76 -24.58 -3.23
N TYR E 346 19.85 -25.21 -3.68
CA TYR E 346 20.50 -24.90 -4.95
C TYR E 346 20.90 -23.44 -5.08
N GLY E 347 21.45 -22.90 -4.00
CA GLY E 347 21.91 -21.54 -3.98
C GLY E 347 21.05 -20.61 -3.14
N LYS E 348 19.81 -21.01 -2.86
CA LYS E 348 18.84 -20.10 -2.24
C LYS E 348 19.05 -19.90 -0.74
N VAL E 349 19.64 -20.88 -0.06
CA VAL E 349 20.02 -20.66 1.34
C VAL E 349 21.21 -19.71 1.41
N GLU E 350 22.19 -19.92 0.53
CA GLU E 350 23.33 -19.02 0.42
C GLU E 350 22.86 -17.62 0.03
N GLY E 351 21.97 -17.54 -0.95
CA GLY E 351 21.43 -16.28 -1.41
C GLY E 351 20.68 -15.55 -0.31
N THR E 352 19.76 -16.26 0.34
CA THR E 352 19.04 -15.70 1.49
C THR E 352 20.04 -15.18 2.52
N ALA E 353 21.11 -15.93 2.75
CA ALA E 353 22.11 -15.59 3.75
C ALA E 353 22.93 -14.36 3.39
N VAL E 354 23.15 -14.16 2.10
CA VAL E 354 23.86 -12.96 1.62
C VAL E 354 23.09 -11.70 2.01
N GLY E 355 21.80 -11.65 1.65
CA GLY E 355 20.98 -10.50 1.99
C GLY E 355 20.71 -10.38 3.47
N PHE E 356 20.53 -11.54 4.12
CA PHE E 356 20.29 -11.60 5.56
C PHE E 356 21.51 -11.07 6.33
N SER E 357 22.71 -11.41 5.90
CA SER E 357 23.93 -10.85 6.49
C SER E 357 23.95 -9.32 6.33
N PHE E 358 23.73 -8.87 5.10
CA PHE E 358 23.67 -7.44 4.80
C PHE E 358 22.66 -6.71 5.69
N PHE E 359 21.44 -7.25 5.76
CA PHE E 359 20.36 -6.60 6.51
C PHE E 359 20.37 -6.91 8.00
N SER E 360 21.44 -7.55 8.48
CA SER E 360 21.68 -7.66 9.91
C SER E 360 23.02 -7.04 10.30
N HIS E 361 23.59 -6.24 9.41
CA HIS E 361 24.88 -5.58 9.64
C HIS E 361 24.98 -4.21 8.95
N SER E 362 23.84 -3.64 8.53
CA SER E 362 23.86 -2.40 7.75
C SER E 362 22.84 -1.37 8.23
N ILE E 363 22.80 -0.23 7.54
CA ILE E 363 21.90 0.86 7.90
C ILE E 363 20.48 0.72 7.33
N TYR E 364 20.32 -0.17 6.35
CA TYR E 364 19.19 -0.08 5.43
C TYR E 364 17.87 -0.70 5.90
N GLY E 365 17.94 -1.58 6.88
CA GLY E 365 16.76 -2.25 7.37
C GLY E 365 17.10 -3.51 8.13
N GLY E 366 16.16 -4.44 8.17
CA GLY E 366 16.35 -5.67 8.93
C GLY E 366 16.50 -5.45 10.41
N GLY E 367 17.60 -5.93 10.98
CA GLY E 367 17.81 -5.86 12.41
C GLY E 367 18.64 -7.05 12.87
N GLY E 368 18.56 -7.36 14.16
CA GLY E 368 19.16 -8.59 14.65
C GLY E 368 18.39 -9.80 14.15
N PRO E 369 18.99 -11.00 14.20
CA PRO E 369 18.38 -12.22 13.63
C PRO E 369 16.93 -12.45 14.08
N GLY E 370 16.61 -12.00 15.29
CA GLY E 370 15.31 -12.29 15.88
C GLY E 370 14.09 -11.64 15.24
N VAL E 371 14.31 -10.57 14.48
CA VAL E 371 13.19 -9.85 13.86
C VAL E 371 12.75 -10.44 12.53
N PHE E 372 13.55 -11.37 12.01
CA PHE E 372 13.29 -11.96 10.70
C PHE E 372 12.29 -13.10 10.75
N ASN E 373 11.73 -13.42 9.60
CA ASN E 373 10.73 -14.49 9.46
C ASN E 373 10.61 -14.91 8.01
N GLY E 374 9.87 -15.99 7.77
CA GLY E 374 9.72 -16.52 6.42
C GLY E 374 8.95 -15.62 5.47
N ASN E 375 8.27 -14.61 6.01
CA ASN E 375 7.54 -13.64 5.19
C ASN E 375 8.31 -12.32 5.03
N HIS E 376 9.43 -12.19 5.74
CA HIS E 376 10.27 -10.99 5.65
C HIS E 376 10.87 -10.93 4.25
N VAL E 377 10.87 -9.74 3.66
CA VAL E 377 11.41 -9.56 2.30
C VAL E 377 12.86 -10.06 2.18
N VAL E 378 13.59 -10.03 3.29
CA VAL E 378 15.00 -10.42 3.28
C VAL E 378 15.19 -11.94 3.34
N THR E 379 14.31 -12.62 4.05
CA THR E 379 14.54 -14.02 4.42
C THR E 379 13.47 -15.00 3.94
N ARG E 380 12.64 -14.58 2.99
CA ARG E 380 11.61 -15.42 2.43
C ARG E 380 12.12 -16.40 1.38
N HIS E 381 13.31 -16.16 0.85
CA HIS E 381 13.67 -16.71 -0.45
C HIS E 381 13.87 -18.22 -0.50
N SER E 382 14.55 -18.75 0.51
CA SER E 382 14.73 -20.20 0.62
C SER E 382 13.42 -20.87 1.02
N ARG E 383 13.21 -22.07 0.50
CA ARG E 383 11.98 -22.83 0.78
C ARG E 383 11.95 -23.47 2.14
N GLY E 384 12.08 -22.62 3.16
CA GLY E 384 11.91 -23.06 4.53
C GLY E 384 13.17 -23.55 5.21
N PHE E 385 14.31 -23.50 4.51
CA PHE E 385 15.54 -24.10 5.03
C PHE E 385 16.45 -23.12 5.75
N ALA E 386 16.07 -21.84 5.78
CA ALA E 386 16.91 -20.80 6.37
C ALA E 386 16.41 -20.36 7.75
N ILE E 387 15.13 -20.04 7.84
CA ILE E 387 14.55 -19.48 9.06
C ILE E 387 14.63 -20.39 10.30
N PRO E 388 14.54 -21.73 10.13
CA PRO E 388 14.74 -22.61 11.29
C PRO E 388 16.11 -22.44 11.96
N CYS E 389 17.14 -22.16 11.15
CA CYS E 389 18.47 -21.87 11.67
C CYS E 389 18.50 -20.56 12.45
N VAL E 390 17.76 -19.56 11.97
CA VAL E 390 17.65 -18.28 12.64
C VAL E 390 17.00 -18.42 14.01
N CYS E 391 15.94 -19.22 14.10
CA CYS E 391 15.26 -19.45 15.37
C CYS E 391 16.17 -20.15 16.38
N ALA E 392 16.95 -21.11 15.89
CA ALA E 392 17.94 -21.80 16.74
C ALA E 392 19.04 -20.85 17.19
N ALA E 393 19.48 -19.98 16.28
CA ALA E 393 20.53 -19.01 16.59
C ALA E 393 20.09 -18.04 17.69
N VAL E 394 18.85 -17.58 17.59
CA VAL E 394 18.26 -16.69 18.58
C VAL E 394 18.15 -17.38 19.94
N ALA E 395 17.77 -18.66 19.92
CA ALA E 395 17.66 -19.46 21.13
C ALA E 395 19.01 -19.62 21.85
N LEU E 396 20.10 -19.58 21.09
CA LEU E 396 21.44 -19.80 21.63
C LEU E 396 22.12 -18.53 22.12
N ASP E 397 21.52 -17.38 21.86
CA ASP E 397 22.12 -16.10 22.23
C ASP E 397 22.11 -15.89 23.74
N ALA E 398 23.25 -15.51 24.29
CA ALA E 398 23.41 -15.35 25.74
C ALA E 398 23.15 -13.93 26.23
N GLY E 399 22.95 -13.00 25.29
CA GLY E 399 22.58 -11.65 25.65
C GLY E 399 23.33 -10.56 24.91
N THR E 400 23.48 -10.73 23.60
CA THR E 400 24.20 -9.76 22.77
C THR E 400 23.26 -8.80 22.04
N GLN E 401 21.96 -9.11 22.05
CA GLN E 401 20.98 -8.42 21.22
C GLN E 401 20.25 -7.30 21.96
N MET E 402 19.96 -6.21 21.24
CA MET E 402 19.08 -5.17 21.77
C MET E 402 17.64 -5.61 21.68
N PHE E 403 17.29 -6.19 20.54
CA PHE E 403 15.93 -6.67 20.34
C PHE E 403 15.85 -8.16 20.62
N SER E 404 15.97 -8.46 21.92
CA SER E 404 16.03 -9.82 22.43
C SER E 404 14.66 -10.48 22.43
N ILE E 405 14.65 -11.77 22.78
CA ILE E 405 13.41 -12.53 22.93
C ILE E 405 12.46 -11.82 23.90
N GLU E 406 13.01 -11.37 25.02
CA GLU E 406 12.24 -10.67 26.05
C GLU E 406 11.68 -9.35 25.50
N SER E 407 12.47 -8.67 24.68
CA SER E 407 12.11 -7.37 24.12
C SER E 407 10.88 -7.45 23.22
N THR E 408 10.89 -8.43 22.31
CA THR E 408 9.87 -8.51 21.27
C THR E 408 8.78 -9.54 21.57
N SER E 409 9.11 -10.53 22.39
CA SER E 409 8.30 -11.75 22.48
C SER E 409 8.07 -12.23 23.90
N GLY E 410 8.17 -11.32 24.87
CA GLY E 410 7.98 -11.68 26.27
C GLY E 410 6.60 -12.25 26.55
N LEU E 411 5.57 -11.56 26.06
CA LEU E 411 4.19 -11.99 26.22
C LEU E 411 3.94 -13.34 25.53
N ILE E 412 4.48 -13.49 24.33
CA ILE E 412 4.30 -14.70 23.53
C ILE E 412 4.92 -15.91 24.22
N GLY E 413 6.11 -15.73 24.77
CA GLY E 413 6.77 -16.81 25.49
C GLY E 413 6.02 -17.18 26.75
N ASP E 414 5.54 -16.17 27.47
CA ASP E 414 4.80 -16.37 28.72
C ASP E 414 3.48 -17.10 28.48
N VAL E 415 2.80 -16.74 27.40
CA VAL E 415 1.46 -17.24 27.13
C VAL E 415 1.43 -18.55 26.33
N PHE E 416 2.40 -18.73 25.43
CA PHE E 416 2.40 -19.87 24.52
C PHE E 416 3.48 -20.90 24.83
N GLY E 417 4.46 -20.51 25.65
CA GLY E 417 5.60 -21.37 25.91
C GLY E 417 5.32 -22.59 26.77
N ALA E 418 4.12 -22.64 27.35
CA ALA E 418 3.74 -23.74 28.24
C ALA E 418 2.84 -24.76 27.54
N ILE E 419 2.56 -24.52 26.26
CA ILE E 419 1.82 -25.48 25.45
C ILE E 419 2.76 -26.62 25.01
N PRO E 420 2.47 -27.86 25.48
CA PRO E 420 3.43 -28.96 25.40
C PRO E 420 3.92 -29.25 23.97
N GLU E 421 3.00 -29.23 23.02
CA GLU E 421 3.33 -29.55 21.63
C GLU E 421 4.13 -28.44 20.97
N PHE E 422 3.99 -27.22 21.48
CA PHE E 422 4.75 -26.07 20.99
C PHE E 422 6.19 -26.12 21.51
N ARG E 423 6.36 -26.45 22.78
CA ARG E 423 7.70 -26.44 23.38
C ARG E 423 8.47 -27.71 23.03
N GLU E 424 7.76 -28.81 22.74
CA GLU E 424 8.42 -30.05 22.37
C GLU E 424 7.85 -30.65 21.08
N PRO E 425 8.11 -29.97 19.94
CA PRO E 425 7.42 -30.28 18.68
C PRO E 425 7.85 -31.59 18.04
N ILE E 426 9.09 -32.01 18.28
CA ILE E 426 9.59 -33.28 17.75
C ILE E 426 8.90 -34.45 18.45
N LYS E 427 8.81 -34.37 19.78
CA LYS E 427 8.07 -35.35 20.57
C LYS E 427 6.59 -35.36 20.20
N ALA E 428 6.05 -34.18 19.88
CA ALA E 428 4.66 -34.06 19.43
C ALA E 428 4.45 -34.83 18.13
N VAL E 429 5.34 -34.62 17.16
CA VAL E 429 5.24 -35.26 15.86
C VAL E 429 5.45 -36.77 15.94
N ALA E 430 6.33 -37.20 16.85
CA ALA E 430 6.57 -38.63 17.06
C ALA E 430 5.48 -39.30 17.90
N GLY E 431 4.54 -38.49 18.39
CA GLY E 431 3.39 -39.03 19.12
C GLY E 431 3.73 -39.55 20.51
N VAL E 432 4.79 -39.02 21.10
CA VAL E 432 5.29 -39.55 22.37
C VAL E 432 4.97 -38.63 23.56
N LEU E 433 4.19 -37.58 23.32
CA LEU E 433 3.71 -36.72 24.39
C LEU E 433 2.48 -37.32 25.07
N ALA F 1 37.10 -41.95 6.88
CA ALA F 1 37.41 -40.50 7.03
C ALA F 1 37.32 -39.76 5.70
N TYR F 2 37.19 -38.44 5.77
CA TYR F 2 37.15 -37.61 4.56
C TYR F 2 38.24 -36.55 4.59
N GLU F 3 39.08 -36.55 3.56
CA GLU F 3 40.15 -35.58 3.42
C GLU F 3 39.67 -34.40 2.58
N ARG F 4 39.53 -33.23 3.20
CA ARG F 4 39.00 -32.07 2.48
C ARG F 4 39.96 -31.63 1.37
N GLN F 5 39.39 -31.23 0.24
CA GLN F 5 40.17 -30.73 -0.90
C GLN F 5 40.00 -29.22 -1.10
N TYR F 6 38.99 -28.64 -0.46
CA TYR F 6 38.81 -27.19 -0.33
C TYR F 6 38.39 -26.42 -1.57
N TYR F 7 39.14 -26.56 -2.66
CA TYR F 7 38.98 -25.69 -3.81
C TYR F 7 39.66 -26.31 -5.03
N PRO F 8 39.07 -26.15 -6.23
CA PRO F 8 39.69 -26.65 -7.47
C PRO F 8 40.83 -25.75 -7.93
N GLY F 9 41.48 -26.16 -9.01
CA GLY F 9 42.48 -25.31 -9.63
C GLY F 9 43.89 -25.86 -9.55
N ALA F 10 44.68 -25.56 -10.58
CA ALA F 10 46.02 -26.11 -10.71
C ALA F 10 47.11 -25.03 -10.67
N THR F 11 46.70 -23.76 -10.64
CA THR F 11 47.65 -22.65 -10.64
C THR F 11 48.06 -22.25 -9.23
N SER F 12 49.02 -21.33 -9.14
CA SER F 12 49.49 -20.83 -7.86
C SER F 12 48.37 -20.12 -7.10
N VAL F 13 47.50 -19.43 -7.83
CA VAL F 13 46.36 -18.74 -7.23
C VAL F 13 45.47 -19.73 -6.49
N ALA F 14 45.19 -20.87 -7.13
CA ALA F 14 44.37 -21.91 -6.54
C ALA F 14 45.07 -22.55 -5.33
N ALA F 15 46.38 -22.78 -5.45
CA ALA F 15 47.16 -23.35 -4.37
C ALA F 15 47.17 -22.42 -3.16
N ASN F 16 47.28 -21.12 -3.42
CA ASN F 16 47.21 -20.12 -2.36
C ASN F 16 45.83 -20.05 -1.73
N ARG F 17 44.79 -20.22 -2.54
CA ARG F 17 43.41 -20.27 -2.03
C ARG F 17 43.22 -21.43 -1.06
N ARG F 18 43.73 -22.61 -1.45
CA ARG F 18 43.68 -23.75 -0.52
C ARG F 18 44.48 -23.52 0.74
N LYS F 19 45.60 -22.80 0.63
CA LYS F 19 46.37 -22.47 1.82
C LYS F 19 45.58 -21.59 2.80
N HIS F 20 44.92 -20.57 2.26
CA HIS F 20 44.13 -19.65 3.07
C HIS F 20 42.94 -20.35 3.72
N MET F 21 42.24 -21.19 2.95
CA MET F 21 41.06 -21.90 3.43
C MET F 21 41.42 -22.92 4.50
N SER F 22 42.51 -23.65 4.28
CA SER F 22 42.97 -24.66 5.23
C SER F 22 43.75 -24.05 6.41
N GLY F 23 44.04 -22.75 6.32
CA GLY F 23 44.76 -22.08 7.39
C GLY F 23 46.25 -22.38 7.43
N LYS F 24 46.76 -23.00 6.37
CA LYS F 24 48.19 -23.31 6.27
C LYS F 24 48.95 -22.09 5.76
N LEU F 25 49.16 -21.14 6.67
CA LEU F 25 49.73 -19.84 6.32
C LEU F 25 51.09 -19.64 6.95
N GLU F 26 52.06 -19.22 6.14
CA GLU F 26 53.40 -18.91 6.65
C GLU F 26 53.38 -17.65 7.47
N LYS F 27 53.90 -17.73 8.69
CA LYS F 27 54.09 -16.56 9.55
C LYS F 27 55.27 -15.73 9.01
N LEU F 28 55.03 -14.44 8.81
CA LEU F 28 56.01 -13.56 8.18
C LEU F 28 56.50 -12.44 9.09
N ARG F 29 55.79 -12.19 10.18
CA ARG F 29 56.08 -11.04 11.03
C ARG F 29 55.41 -11.26 12.38
N GLU F 30 55.75 -10.41 13.33
CA GLU F 30 55.21 -10.47 14.68
C GLU F 30 54.50 -9.16 15.00
N ILE F 31 53.39 -9.27 15.73
CA ILE F 31 52.78 -8.12 16.37
C ILE F 31 52.51 -8.46 17.84
N SER F 32 52.89 -7.54 18.74
CA SER F 32 52.67 -7.75 20.16
C SER F 32 51.18 -7.70 20.49
N ASP F 33 50.81 -8.25 21.64
CA ASP F 33 49.42 -8.26 22.07
C ASP F 33 48.90 -6.83 22.23
N GLU F 34 49.72 -5.96 22.80
CA GLU F 34 49.30 -4.58 23.07
C GLU F 34 49.21 -3.75 21.80
N ASP F 35 50.09 -4.03 20.84
CA ASP F 35 50.05 -3.34 19.55
C ASP F 35 48.83 -3.76 18.73
N LEU F 36 48.48 -5.03 18.81
CA LEU F 36 47.29 -5.55 18.14
C LEU F 36 46.02 -4.91 18.70
N THR F 37 45.91 -4.88 20.02
CA THR F 37 44.81 -4.21 20.70
C THR F 37 44.74 -2.73 20.33
N ALA F 38 45.91 -2.11 20.17
CA ALA F 38 46.01 -0.71 19.79
C ALA F 38 45.42 -0.46 18.40
N VAL F 39 45.82 -1.29 17.43
CA VAL F 39 45.37 -1.12 16.05
C VAL F 39 43.87 -1.39 15.91
N LEU F 40 43.36 -2.29 16.72
CA LEU F 40 41.94 -2.66 16.68
C LEU F 40 41.05 -1.56 17.26
N GLY F 41 41.54 -0.90 18.31
CA GLY F 41 40.91 0.32 18.80
C GLY F 41 39.63 0.14 19.61
N HIS F 42 39.44 -1.03 20.19
CA HIS F 42 38.23 -1.31 20.96
C HIS F 42 38.42 -1.07 22.45
N ARG F 43 39.67 -1.08 22.91
CA ARG F 43 39.95 -0.82 24.32
C ARG F 43 41.43 -0.46 24.46
N ALA F 44 41.82 0.08 25.61
CA ALA F 44 43.21 0.41 25.89
C ALA F 44 44.05 -0.86 25.87
N PRO F 45 45.25 -0.80 25.28
CA PRO F 45 46.16 -1.95 25.27
C PRO F 45 46.46 -2.45 26.69
N GLY F 46 46.29 -3.76 26.89
CA GLY F 46 46.58 -4.35 28.18
C GLY F 46 45.41 -4.32 29.16
N SER F 47 44.34 -3.61 28.81
CA SER F 47 43.17 -3.50 29.68
C SER F 47 42.31 -4.77 29.61
N ASP F 48 41.43 -4.93 30.58
CA ASP F 48 40.49 -6.05 30.60
C ASP F 48 39.47 -5.90 29.49
N TYR F 49 38.94 -7.02 29.02
CA TYR F 49 37.87 -7.01 28.03
C TYR F 49 36.57 -6.53 28.66
N PRO F 50 35.99 -5.45 28.10
CA PRO F 50 34.61 -5.07 28.46
C PRO F 50 33.63 -6.19 28.16
N SER F 51 32.46 -6.14 28.80
CA SER F 51 31.44 -7.14 28.56
C SER F 51 30.16 -6.51 28.04
N THR F 52 29.37 -7.30 27.32
CA THR F 52 28.04 -6.87 26.89
C THR F 52 26.96 -7.55 27.73
N HIS F 53 27.31 -8.69 28.32
CA HIS F 53 26.46 -9.35 29.31
C HIS F 53 27.33 -10.08 30.33
N PRO F 54 26.75 -10.47 31.49
CA PRO F 54 27.52 -11.19 32.51
C PRO F 54 28.07 -12.51 32.00
N PRO F 55 29.12 -13.04 32.65
CA PRO F 55 29.65 -14.36 32.27
C PRO F 55 28.56 -15.44 32.32
N LEU F 56 28.70 -16.43 31.44
CA LEU F 56 27.74 -17.53 31.38
C LEU F 56 27.58 -18.21 32.74
N ALA F 57 28.69 -18.33 33.47
CA ALA F 57 28.69 -18.97 34.78
C ALA F 57 27.88 -18.19 35.80
N GLU F 58 27.81 -16.87 35.63
CA GLU F 58 27.06 -16.01 36.55
C GLU F 58 25.57 -16.04 36.21
N MET F 59 25.24 -15.85 34.93
CA MET F 59 23.86 -15.84 34.47
C MET F 59 23.20 -17.21 34.60
N GLY F 60 23.96 -18.24 34.26
CA GLY F 60 23.38 -19.53 33.96
C GLY F 60 22.81 -19.53 32.54
N GLU F 61 22.66 -20.72 31.97
CA GLU F 61 22.01 -20.86 30.67
C GLU F 61 21.18 -22.13 30.62
N PRO F 62 20.17 -22.18 29.72
CA PRO F 62 19.32 -23.37 29.54
C PRO F 62 20.10 -24.66 29.31
N ALA F 63 19.54 -25.76 29.77
CA ALA F 63 20.25 -27.03 29.81
C ALA F 63 19.99 -27.94 28.60
N OCS F 64 19.79 -27.33 27.43
CA OCS F 64 19.56 -28.10 26.21
CB OCS F 64 18.90 -27.24 25.12
SG OCS F 64 19.96 -25.92 24.62
C OCS F 64 20.85 -28.74 25.69
O OCS F 64 21.95 -28.34 26.08
OD1 OCS F 64 20.41 -25.15 25.84
OD2 OCS F 64 19.21 -24.98 23.70
OD3 OCS F 64 21.15 -26.47 23.88
N SER F 65 20.72 -29.71 24.80
CA SER F 65 21.84 -30.53 24.35
C SER F 65 22.88 -29.77 23.54
N THR F 66 22.45 -28.74 22.82
CA THR F 66 23.37 -27.95 22.00
C THR F 66 24.35 -27.15 22.87
N ARG F 67 23.82 -26.54 23.94
CA ARG F 67 24.65 -25.80 24.86
C ARG F 67 25.55 -26.78 25.61
N GLU F 68 25.09 -27.99 25.87
CA GLU F 68 25.92 -28.99 26.53
C GLU F 68 27.00 -29.56 25.61
N ASN F 69 26.65 -29.79 24.34
CA ASN F 69 27.54 -30.43 23.39
C ASN F 69 28.47 -29.44 22.68
N VAL F 70 28.01 -28.20 22.53
CA VAL F 70 28.83 -27.16 21.90
C VAL F 70 29.48 -26.26 22.96
N ALA F 71 30.79 -26.36 23.08
CA ALA F 71 31.55 -25.58 24.04
C ALA F 71 31.58 -24.10 23.67
N ALA F 72 31.22 -23.25 24.61
CA ALA F 72 31.35 -21.81 24.42
C ALA F 72 32.83 -21.44 24.34
N THR F 73 33.16 -20.52 23.44
CA THR F 73 34.50 -19.98 23.35
C THR F 73 34.85 -19.24 24.65
N PRO F 74 36.14 -18.93 24.86
CA PRO F 74 36.52 -18.11 26.02
C PRO F 74 35.83 -16.74 26.05
N GLY F 75 35.66 -16.16 24.87
CA GLY F 75 34.99 -14.87 24.76
C GLY F 75 33.49 -14.93 25.06
N ALA F 76 32.84 -16.00 24.63
CA ALA F 76 31.44 -16.22 24.93
C ALA F 76 31.24 -16.44 26.42
N ALA F 77 32.10 -17.28 27.00
CA ALA F 77 32.06 -17.60 28.43
C ALA F 77 32.20 -16.33 29.28
N ALA F 78 33.06 -15.42 28.83
CA ALA F 78 33.35 -14.20 29.58
C ALA F 78 32.30 -13.11 29.34
N GLY F 79 31.48 -13.28 28.30
CA GLY F 79 30.47 -12.29 27.98
C GLY F 79 31.02 -11.07 27.26
N ASP F 80 32.14 -11.23 26.57
CA ASP F 80 32.78 -10.14 25.81
C ASP F 80 31.79 -9.46 24.88
N ARG F 81 31.98 -8.16 24.63
CA ARG F 81 31.38 -7.57 23.44
C ARG F 81 31.82 -8.32 22.17
N VAL F 82 30.96 -8.26 21.16
CA VAL F 82 31.32 -8.68 19.81
C VAL F 82 31.97 -7.49 19.11
N ARG F 83 33.27 -7.60 18.85
CA ARG F 83 34.03 -6.58 18.14
C ARG F 83 34.61 -7.18 16.86
N TYR F 84 35.45 -6.43 16.16
CA TYR F 84 35.80 -6.79 14.78
C TYR F 84 37.22 -6.44 14.38
N ILE F 85 37.69 -7.09 13.31
CA ILE F 85 38.81 -6.59 12.53
C ILE F 85 38.39 -6.62 11.05
N GLN F 86 38.74 -5.55 10.34
CA GLN F 86 38.33 -5.41 8.95
C GLN F 86 39.49 -5.00 8.05
N PHE F 87 39.61 -5.67 6.91
CA PHE F 87 40.69 -5.42 5.96
C PHE F 87 40.16 -4.92 4.63
N ALA F 88 40.91 -4.02 4.01
CA ALA F 88 40.80 -3.76 2.58
C ALA F 88 42.01 -4.40 1.91
N ASP F 89 41.81 -4.99 0.74
CA ASP F 89 42.90 -5.69 0.04
C ASP F 89 42.96 -5.22 -1.41
N SER F 90 44.14 -4.79 -1.85
CA SER F 90 44.32 -4.35 -3.23
C SER F 90 44.06 -5.46 -4.24
N MET F 91 43.42 -5.12 -5.34
CA MET F 91 43.21 -6.08 -6.42
C MET F 91 44.46 -6.25 -7.26
N TYR F 92 45.51 -5.49 -6.92
CA TYR F 92 46.80 -5.64 -7.56
C TYR F 92 47.67 -6.63 -6.78
N ASN F 93 47.16 -7.85 -6.67
CA ASN F 93 47.90 -8.98 -6.12
C ASN F 93 48.24 -8.89 -4.63
N ALA F 94 47.33 -8.30 -3.85
CA ALA F 94 47.35 -8.52 -2.40
C ALA F 94 47.18 -10.02 -2.18
N PRO F 95 47.93 -10.60 -1.22
CA PRO F 95 47.80 -12.03 -0.92
C PRO F 95 46.35 -12.44 -0.70
N ALA F 96 45.60 -11.60 0.01
CA ALA F 96 44.23 -11.90 0.38
C ALA F 96 43.21 -11.38 -0.64
N THR F 97 42.14 -12.15 -0.81
CA THR F 97 40.91 -11.67 -1.44
C THR F 97 39.78 -11.86 -0.44
N PRO F 98 38.76 -10.99 -0.47
CA PRO F 98 37.74 -10.93 0.58
C PRO F 98 37.09 -12.28 0.91
N TYR F 99 36.63 -13.02 -0.10
CA TYR F 99 35.96 -14.29 0.14
C TYR F 99 36.86 -15.30 0.82
N PHE F 100 38.15 -15.27 0.48
CA PHE F 100 39.07 -16.26 1.01
C PHE F 100 39.61 -15.92 2.40
N ARG F 101 39.57 -14.64 2.75
CA ARG F 101 39.65 -14.27 4.16
C ARG F 101 38.44 -14.85 4.93
N SER F 102 37.24 -14.74 4.36
CA SER F 102 36.05 -15.21 5.04
C SER F 102 36.01 -16.73 5.18
N TYR F 103 36.50 -17.45 4.16
CA TYR F 103 36.63 -18.91 4.24
C TYR F 103 37.65 -19.28 5.31
N PHE F 104 38.79 -18.58 5.31
CA PHE F 104 39.81 -18.78 6.32
C PHE F 104 39.24 -18.71 7.73
N ALA F 105 38.46 -17.67 8.00
CA ALA F 105 37.84 -17.48 9.31
C ALA F 105 36.81 -18.57 9.61
N ALA F 106 35.93 -18.83 8.65
CA ALA F 106 34.84 -19.79 8.83
C ALA F 106 35.33 -21.22 9.05
N ILE F 107 36.45 -21.56 8.41
CA ILE F 107 36.98 -22.93 8.48
C ILE F 107 37.86 -23.14 9.72
N ASN F 108 38.59 -22.09 10.12
CA ASN F 108 39.65 -22.28 11.11
C ASN F 108 39.38 -21.69 12.49
N PHE F 109 38.29 -20.95 12.63
CA PHE F 109 37.97 -20.32 13.91
C PHE F 109 36.54 -20.58 14.35
N ARG F 110 36.35 -20.77 15.65
CA ARG F 110 35.03 -21.06 16.20
C ARG F 110 34.30 -19.75 16.53
N GLY F 111 32.97 -19.78 16.42
CA GLY F 111 32.16 -18.65 16.82
C GLY F 111 32.53 -17.35 16.13
N VAL F 112 32.59 -17.38 14.81
CA VAL F 112 32.95 -16.19 14.04
C VAL F 112 31.83 -15.75 13.10
N ASP F 113 31.79 -14.45 12.81
CA ASP F 113 30.78 -13.88 11.94
C ASP F 113 31.48 -13.09 10.83
N PRO F 114 32.03 -13.80 9.83
CA PRO F 114 32.74 -13.15 8.72
C PRO F 114 31.80 -12.53 7.70
N GLY F 115 32.20 -11.39 7.16
CA GLY F 115 31.44 -10.74 6.09
C GLY F 115 32.34 -10.37 4.93
N THR F 116 31.88 -10.66 3.72
CA THR F 116 32.64 -10.38 2.51
C THR F 116 31.98 -9.29 1.68
N LEU F 117 32.79 -8.29 1.33
CA LEU F 117 32.38 -7.24 0.39
C LEU F 117 33.57 -7.03 -0.55
N SER F 118 33.39 -6.23 -1.60
CA SER F 118 34.47 -6.03 -2.56
C SER F 118 35.64 -5.23 -1.99
N GLY F 119 35.34 -4.18 -1.22
CA GLY F 119 36.37 -3.30 -0.72
C GLY F 119 36.71 -3.47 0.75
N ARG F 120 36.06 -4.42 1.40
CA ARG F 120 36.21 -4.65 2.82
C ARG F 120 35.79 -6.09 3.14
N GLN F 121 36.55 -6.70 4.06
CA GLN F 121 36.20 -8.00 4.62
C GLN F 121 36.35 -7.90 6.13
N ILE F 122 35.40 -8.49 6.85
CA ILE F 122 35.31 -8.29 8.29
C ILE F 122 35.08 -9.61 9.03
N VAL F 123 35.69 -9.73 10.20
CA VAL F 123 35.35 -10.81 11.11
C VAL F 123 34.86 -10.22 12.42
N GLU F 124 33.57 -10.41 12.71
CA GLU F 124 33.02 -10.10 14.01
C GLU F 124 33.03 -11.35 14.89
N ALA F 125 33.48 -11.19 16.12
CA ALA F 125 33.44 -12.27 17.11
C ALA F 125 33.58 -11.66 18.49
N ARG F 126 33.31 -12.46 19.53
CA ARG F 126 33.60 -12.04 20.89
C ARG F 126 35.02 -11.48 20.94
N GLU F 127 35.22 -10.37 21.65
CA GLU F 127 36.45 -9.60 21.48
C GLU F 127 37.72 -10.42 21.61
N ARG F 128 37.86 -11.23 22.65
CA ARG F 128 39.12 -11.97 22.78
C ARG F 128 39.23 -13.05 21.72
N ASP F 129 38.12 -13.65 21.30
CA ASP F 129 38.17 -14.63 20.20
C ASP F 129 38.62 -13.93 18.93
N MET F 130 38.05 -12.75 18.68
CA MET F 130 38.35 -11.95 17.49
C MET F 130 39.84 -11.62 17.42
N GLU F 131 40.46 -11.32 18.55
CA GLU F 131 41.88 -10.95 18.60
C GLU F 131 42.81 -12.11 18.20
N GLN F 132 42.40 -13.34 18.51
CA GLN F 132 43.16 -14.52 18.10
C GLN F 132 43.19 -14.64 16.58
N CYS F 133 42.02 -14.47 15.97
CA CYS F 133 41.89 -14.49 14.51
C CYS F 133 42.64 -13.32 13.89
N ALA F 134 42.48 -12.14 14.49
CA ALA F 134 43.17 -10.93 14.04
C ALA F 134 44.70 -11.10 14.05
N LYS F 135 45.22 -11.72 15.10
CA LYS F 135 46.67 -11.93 15.24
C LYS F 135 47.23 -12.73 14.08
N VAL F 136 46.56 -13.82 13.72
CA VAL F 136 46.97 -14.67 12.62
C VAL F 136 46.93 -13.90 11.30
N GLN F 137 45.87 -13.12 11.10
CA GLN F 137 45.72 -12.32 9.89
C GLN F 137 46.79 -11.23 9.79
N MET F 138 47.18 -10.69 10.94
CA MET F 138 48.19 -9.63 10.97
C MET F 138 49.61 -10.16 10.76
N GLU F 139 49.85 -11.40 11.19
CA GLU F 139 51.21 -11.96 11.24
C GLU F 139 51.59 -12.83 10.05
N THR F 140 50.60 -13.45 9.42
CA THR F 140 50.88 -14.41 8.35
C THR F 140 50.79 -13.82 6.95
N GLU F 141 51.07 -14.65 5.96
CA GLU F 141 51.14 -14.24 4.56
C GLU F 141 49.79 -13.82 3.97
N ILE F 142 48.70 -14.10 4.69
CA ILE F 142 47.37 -13.72 4.24
C ILE F 142 47.26 -12.19 4.11
N THR F 143 48.12 -11.49 4.84
CA THR F 143 48.18 -10.03 4.75
C THR F 143 49.55 -9.53 4.35
N ASP F 144 49.58 -8.70 3.31
CA ASP F 144 50.72 -7.80 3.09
C ASP F 144 50.25 -6.41 3.49
N HIS F 145 51.05 -5.72 4.29
CA HIS F 145 50.59 -4.48 4.89
C HIS F 145 50.83 -3.23 4.04
N ALA F 146 51.35 -3.43 2.83
CA ALA F 146 51.38 -2.38 1.82
C ALA F 146 50.13 -2.49 0.95
N LEU F 147 49.86 -3.71 0.48
CA LEU F 147 48.74 -3.97 -0.43
C LEU F 147 47.41 -4.10 0.31
N ALA F 148 47.48 -4.26 1.63
CA ALA F 148 46.28 -4.34 2.46
C ALA F 148 46.32 -3.29 3.55
N GLY F 149 45.17 -3.04 4.18
CA GLY F 149 45.12 -2.14 5.30
C GLY F 149 43.99 -2.49 6.24
N VAL F 150 44.24 -2.36 7.55
CA VAL F 150 43.19 -2.57 8.54
C VAL F 150 42.34 -1.31 8.65
N ARG F 151 41.09 -1.42 8.25
CA ARG F 151 40.22 -0.26 8.08
C ARG F 151 38.78 -0.63 8.50
N GLY F 152 38.34 -0.07 9.63
CA GLY F 152 36.99 -0.31 10.10
C GLY F 152 35.98 0.64 9.48
N ALA F 153 36.48 1.68 8.81
CA ALA F 153 35.61 2.65 8.13
C ALA F 153 36.44 3.40 7.09
N THR F 154 35.75 3.93 6.07
CA THR F 154 36.39 4.63 4.96
C THR F 154 37.44 3.73 4.28
N VAL F 155 36.94 2.68 3.63
CA VAL F 155 37.79 1.57 3.20
C VAL F 155 38.35 1.72 1.79
N HIS F 156 37.80 2.67 1.04
CA HIS F 156 38.15 2.92 -0.37
C HIS F 156 39.63 2.70 -0.67
N GLY F 157 39.91 1.84 -1.65
CA GLY F 157 41.29 1.60 -2.03
C GLY F 157 41.57 0.34 -2.83
N HIS F 158 40.76 -0.70 -2.63
CA HIS F 158 41.05 -2.01 -3.24
C HIS F 158 41.13 -1.98 -4.76
N SER F 159 40.37 -1.09 -5.38
CA SER F 159 40.28 -1.01 -6.82
C SER F 159 41.01 0.20 -7.39
N VAL F 160 41.54 1.03 -6.51
CA VAL F 160 42.27 2.24 -6.90
C VAL F 160 43.68 1.88 -7.34
N ARG F 161 44.22 2.60 -8.33
CA ARG F 161 45.65 2.43 -8.71
C ARG F 161 46.54 2.49 -7.50
N LEU F 162 47.56 1.64 -7.48
CA LEU F 162 48.52 1.65 -6.37
C LEU F 162 49.31 2.96 -6.37
N GLN F 163 49.78 3.38 -5.19
CA GLN F 163 50.75 4.47 -5.11
C GLN F 163 52.07 4.00 -5.73
N GLU F 164 52.94 4.95 -6.06
CA GLU F 164 54.22 4.62 -6.69
C GLU F 164 55.12 3.77 -5.80
N ASP F 165 54.90 3.81 -4.49
CA ASP F 165 55.68 3.02 -3.54
C ASP F 165 55.08 1.65 -3.26
N GLY F 166 54.04 1.29 -4.00
CA GLY F 166 53.43 -0.02 -3.88
C GLY F 166 52.38 -0.13 -2.78
N VAL F 167 52.10 0.97 -2.10
CA VAL F 167 51.13 0.99 -1.01
C VAL F 167 49.75 1.40 -1.52
N MET F 168 48.71 0.70 -1.05
CA MET F 168 47.34 0.98 -1.47
C MET F 168 46.81 2.26 -0.82
N PHE F 169 46.17 3.10 -1.62
CA PHE F 169 45.58 4.36 -1.16
C PHE F 169 44.72 4.19 0.08
N ASP F 170 44.98 5.04 1.07
CA ASP F 170 44.12 5.19 2.23
C ASP F 170 43.72 6.66 2.35
N MET F 171 42.42 6.93 2.27
CA MET F 171 41.91 8.29 2.38
C MET F 171 42.33 8.91 3.71
N LEU F 172 42.42 8.08 4.75
CA LEU F 172 42.68 8.56 6.10
C LEU F 172 44.09 8.25 6.57
N ASP F 173 44.92 7.74 5.66
CA ASP F 173 46.36 7.63 5.87
C ASP F 173 46.71 6.99 7.23
N ARG F 174 46.24 5.77 7.46
CA ARG F 174 46.43 5.10 8.73
C ARG F 174 47.78 4.38 8.83
N ARG F 175 48.27 3.99 7.66
CA ARG F 175 49.55 3.27 7.58
C ARG F 175 50.25 3.66 6.28
N ARG F 176 51.58 3.59 6.29
CA ARG F 176 52.33 4.00 5.11
C ARG F 176 53.74 3.43 5.25
N LEU F 177 54.45 3.39 4.11
CA LEU F 177 55.86 3.04 4.02
C LEU F 177 56.72 4.15 4.61
N GLU F 178 57.51 3.81 5.62
CA GLU F 178 58.50 4.72 6.17
C GLU F 178 59.82 3.97 6.33
N ASN F 179 60.82 4.37 5.55
CA ASN F 179 62.15 3.75 5.58
C ASN F 179 62.13 2.26 5.26
N GLY F 180 61.33 1.89 4.27
CA GLY F 180 61.30 0.50 3.81
C GLY F 180 60.42 -0.42 4.63
N THR F 181 59.77 0.12 5.67
CA THR F 181 58.87 -0.68 6.49
C THR F 181 57.51 -0.01 6.65
N ILE F 182 56.46 -0.81 6.76
CA ILE F 182 55.11 -0.28 6.93
C ILE F 182 54.88 0.13 8.39
N ILE F 183 54.53 1.39 8.58
CA ILE F 183 54.20 1.92 9.90
C ILE F 183 52.71 2.24 9.98
N MET F 184 52.06 1.76 11.05
CA MET F 184 50.68 2.13 11.34
C MET F 184 50.62 2.91 12.65
N ASP F 185 50.20 4.17 12.57
CA ASP F 185 50.18 5.05 13.73
C ASP F 185 48.77 5.56 14.07
N LYS F 186 47.76 4.94 13.47
CA LYS F 186 46.36 5.20 13.83
C LYS F 186 45.67 3.85 13.96
N ASP F 187 44.59 3.78 14.73
CA ASP F 187 43.81 2.55 14.78
C ASP F 187 42.98 2.37 13.52
N GLN F 188 42.18 1.32 13.44
CA GLN F 188 41.51 0.97 12.19
C GLN F 188 40.38 1.93 11.81
N VAL F 189 39.98 2.81 12.74
CA VAL F 189 39.09 3.91 12.38
C VAL F 189 39.78 5.27 12.44
N ALA F 190 41.10 5.25 12.24
CA ALA F 190 41.90 6.45 11.99
C ALA F 190 42.03 7.41 13.18
N ILE F 191 41.89 6.89 14.38
CA ILE F 191 42.21 7.65 15.59
C ILE F 191 43.69 7.44 15.89
N PRO F 192 44.45 8.54 16.04
CA PRO F 192 45.90 8.49 16.22
C PRO F 192 46.32 7.61 17.40
N LEU F 193 47.34 6.77 17.18
CA LEU F 193 47.79 5.84 18.20
C LEU F 193 48.75 6.47 19.21
N ASP F 194 48.67 5.94 20.42
CA ASP F 194 49.69 6.08 21.47
C ASP F 194 51.12 5.95 20.92
N ARG F 195 51.31 4.90 20.13
CA ARG F 195 52.61 4.44 19.69
C ARG F 195 52.51 3.78 18.31
N LYS F 196 53.38 4.19 17.39
CA LYS F 196 53.40 3.65 16.04
C LYS F 196 53.71 2.15 16.03
N VAL F 197 53.06 1.42 15.14
CA VAL F 197 53.22 -0.02 15.05
C VAL F 197 53.95 -0.39 13.76
N ASP F 198 55.08 -1.07 13.91
CA ASP F 198 55.86 -1.54 12.77
C ASP F 198 55.25 -2.83 12.24
N LEU F 199 54.73 -2.78 11.02
CA LEU F 199 54.11 -3.95 10.40
C LEU F 199 55.01 -4.63 9.38
N GLY F 200 56.31 -4.33 9.45
CA GLY F 200 57.29 -5.06 8.66
C GLY F 200 57.50 -4.56 7.23
N LYS F 201 58.52 -5.11 6.57
CA LYS F 201 58.78 -4.82 5.17
C LYS F 201 57.68 -5.40 4.30
N PRO F 202 57.20 -4.63 3.32
CA PRO F 202 56.26 -5.14 2.31
C PRO F 202 56.88 -6.19 1.39
N MET F 203 56.02 -7.05 0.85
CA MET F 203 56.42 -7.99 -0.20
C MET F 203 56.79 -7.21 -1.46
N SER F 204 57.74 -7.73 -2.23
CA SER F 204 57.99 -7.20 -3.56
C SER F 204 56.76 -7.51 -4.41
N SER F 205 56.59 -6.80 -5.52
CA SER F 205 55.52 -7.09 -6.46
C SER F 205 55.63 -8.54 -6.95
N GLU F 206 56.86 -9.04 -7.07
CA GLU F 206 57.12 -10.41 -7.49
C GLU F 206 56.61 -11.43 -6.47
N GLU F 207 56.90 -11.20 -5.19
CA GLU F 207 56.45 -12.12 -4.14
C GLU F 207 54.93 -12.08 -3.98
N ALA F 208 54.37 -10.87 -4.08
CA ALA F 208 52.92 -10.70 -3.98
C ALA F 208 52.21 -11.48 -5.07
N ALA F 209 52.76 -11.44 -6.28
CA ALA F 209 52.19 -12.14 -7.44
C ALA F 209 52.21 -13.66 -7.24
N LYS F 210 53.21 -14.14 -6.50
CA LYS F 210 53.33 -15.56 -6.20
C LYS F 210 52.44 -16.00 -5.03
N ARG F 211 52.12 -15.07 -4.13
CA ARG F 211 51.36 -15.40 -2.93
C ARG F 211 49.88 -15.07 -3.05
N THR F 212 49.49 -14.37 -4.12
CA THR F 212 48.14 -13.84 -4.22
C THR F 212 47.07 -14.90 -4.52
N THR F 213 45.88 -14.69 -3.97
CA THR F 213 44.71 -15.51 -4.26
C THR F 213 43.82 -14.88 -5.32
N ILE F 214 44.25 -13.77 -5.91
CA ILE F 214 43.50 -13.15 -6.99
C ILE F 214 44.07 -13.54 -8.35
N TYR F 215 43.18 -13.83 -9.29
CA TYR F 215 43.55 -14.00 -10.70
C TYR F 215 43.64 -12.64 -11.37
N ARG F 216 44.61 -12.48 -12.26
CA ARG F 216 44.72 -11.29 -13.09
C ARG F 216 45.37 -11.70 -14.41
N VAL F 217 44.94 -11.09 -15.51
CA VAL F 217 45.41 -11.46 -16.83
C VAL F 217 46.92 -11.23 -17.03
N ASP F 218 47.49 -10.33 -16.23
CA ASP F 218 48.92 -10.03 -16.31
C ASP F 218 49.75 -10.73 -15.23
N ASN F 219 49.16 -11.73 -14.57
CA ASN F 219 49.88 -12.57 -13.64
C ASN F 219 49.49 -14.04 -13.89
N VAL F 220 48.40 -14.47 -13.26
CA VAL F 220 47.80 -15.77 -13.54
C VAL F 220 46.34 -15.54 -13.92
N ALA F 221 46.04 -15.69 -15.20
CA ALA F 221 44.71 -15.39 -15.72
C ALA F 221 43.68 -16.42 -15.26
N PHE F 222 42.49 -15.94 -14.90
CA PHE F 222 41.39 -16.82 -14.51
C PHE F 222 41.05 -17.78 -15.65
N ARG F 223 41.06 -17.26 -16.86
CA ARG F 223 40.81 -18.04 -18.07
C ARG F 223 41.76 -19.23 -18.17
N ASP F 224 42.93 -19.13 -17.55
CA ASP F 224 43.95 -20.18 -17.66
C ASP F 224 43.91 -21.24 -16.57
N ASP F 225 43.01 -21.07 -15.60
CA ASP F 225 42.71 -22.16 -14.67
C ASP F 225 41.38 -22.78 -15.07
N ALA F 226 41.39 -23.54 -16.16
CA ALA F 226 40.18 -24.10 -16.77
C ALA F 226 39.37 -24.92 -15.78
N GLU F 227 40.07 -25.52 -14.82
CA GLU F 227 39.47 -26.33 -13.77
C GLU F 227 38.46 -25.54 -12.92
N VAL F 228 38.84 -24.32 -12.57
CA VAL F 228 38.01 -23.44 -11.75
C VAL F 228 36.83 -22.91 -12.55
N VAL F 229 37.05 -22.63 -13.83
CA VAL F 229 35.97 -22.25 -14.73
C VAL F 229 34.96 -23.39 -14.90
N GLU F 230 35.48 -24.62 -14.95
CA GLU F 230 34.63 -25.81 -15.06
C GLU F 230 33.81 -25.99 -13.78
N TRP F 231 34.42 -25.71 -12.63
CA TRP F 231 33.73 -25.77 -11.36
C TRP F 231 32.52 -24.82 -11.37
N VAL F 232 32.73 -23.60 -11.84
CA VAL F 232 31.65 -22.62 -11.95
C VAL F 232 30.56 -23.12 -12.89
N HIS F 233 30.98 -23.66 -14.04
CA HIS F 233 30.04 -24.21 -15.01
C HIS F 233 29.20 -25.35 -14.44
N ARG F 234 29.83 -26.22 -13.66
CA ARG F 234 29.12 -27.34 -13.05
C ARG F 234 28.12 -26.87 -11.99
N ILE F 235 28.53 -25.92 -11.15
CA ILE F 235 27.64 -25.34 -10.15
C ILE F 235 26.44 -24.65 -10.82
N PHE F 236 26.73 -23.87 -11.85
CA PHE F 236 25.71 -23.16 -12.63
C PHE F 236 24.70 -24.13 -13.25
N ASP F 237 25.21 -25.14 -13.97
CA ASP F 237 24.37 -26.12 -14.64
C ASP F 237 23.45 -26.82 -13.64
N GLN F 238 24.03 -27.31 -12.55
CA GLN F 238 23.29 -28.05 -11.55
C GLN F 238 22.25 -27.17 -10.87
N ARG F 239 22.64 -25.94 -10.51
CA ARG F 239 21.68 -25.04 -9.84
C ARG F 239 20.51 -24.75 -10.76
N THR F 240 20.81 -24.51 -12.04
CA THR F 240 19.78 -24.20 -13.03
C THR F 240 18.85 -25.39 -13.27
N LYS F 241 19.43 -26.57 -13.45
CA LYS F 241 18.65 -27.79 -13.67
C LYS F 241 17.72 -28.11 -12.50
N PHE F 242 18.26 -28.04 -11.28
CA PHE F 242 17.53 -28.48 -10.10
C PHE F 242 16.47 -27.46 -9.65
N GLY F 243 16.63 -26.22 -10.10
CA GLY F 243 15.59 -25.23 -9.88
C GLY F 243 14.35 -25.50 -10.71
N PHE F 244 14.57 -26.05 -11.90
CA PHE F 244 13.48 -26.52 -12.75
C PHE F 244 12.89 -27.80 -12.14
N GLN F 245 13.72 -28.83 -12.01
CA GLN F 245 13.31 -30.08 -11.36
C GLN F 245 14.51 -30.70 -10.67
N PRO F 246 14.44 -30.88 -9.34
CA PRO F 246 15.55 -31.43 -8.56
C PRO F 246 15.74 -32.92 -8.78
N LYS F 247 16.29 -33.28 -9.93
CA LYS F 247 16.56 -34.67 -10.31
C LYS F 247 17.72 -34.75 -11.30
NI F43 G . 28.09 2.12 0.51
NA F43 G . 26.56 3.44 1.27
CHA F43 G . 25.87 4.16 -1.05
C1A F43 G . 26.03 4.21 0.45
C2A F43 G . 25.39 5.52 1.15
C3A F43 G . 26.26 5.45 2.46
C4A F43 G . 26.40 3.95 2.60
C5A F43 G . 23.89 5.28 1.48
C6A F43 G . 23.28 6.52 2.19
O7A F43 G . 22.95 7.54 1.50
N8A F43 G . 23.10 6.53 3.48
C9A F43 G . 25.63 6.74 0.31
CAA F43 G . 27.69 6.20 2.39
CBA F43 G . 27.55 7.70 2.49
CCA F43 G . 28.48 8.32 3.49
ODA F43 G . 29.73 8.21 3.32
OEA F43 G . 28.00 8.95 4.46
NB F43 G . 28.34 1.46 2.46
CHB F43 G . 27.53 3.50 3.56
C1B F43 G . 27.65 2.10 3.69
C2B F43 G . 28.50 1.56 5.02
C3B F43 G . 29.79 0.90 4.30
C4B F43 G . 29.31 0.89 2.86
N5B F43 G . 26.36 1.32 3.99
C6B F43 G . 26.34 0.51 5.01
O7B F43 G . 25.33 -0.11 5.35
C8B F43 G . 27.70 0.48 5.68
C9B F43 G . 28.77 2.67 6.01
CAB F43 G . 31.05 1.92 4.55
CBB F43 G . 32.31 1.41 3.91
CCB F43 G . 33.44 2.33 4.28
ODB F43 G . 33.70 2.37 5.50
OEB F43 G . 34.05 3.01 3.44
NC F43 G . 29.72 1.07 -0.19
CHC F43 G . 30.27 0.09 1.95
C1C F43 G . 30.41 0.22 0.62
C2C F43 G . 31.38 -0.64 -0.13
C3C F43 G . 31.31 0.00 -1.55
C4C F43 G . 30.19 0.94 -1.47
C5C F43 G . 30.89 -2.11 -0.24
C6C F43 G . 31.86 -2.98 -0.98
O7C F43 G . 33.05 -3.02 -0.55
O8C F43 G . 31.48 -3.64 -1.99
C8C F43 G . 32.58 0.86 -1.81
C9C F43 G . 33.89 0.06 -1.97
CAC F43 G . 35.13 0.94 -2.21
OBC F43 G . 35.04 2.19 -2.26
OCC F43 G . 36.23 0.34 -2.36
ND F43 G . 28.14 3.03 -1.28
CHD F43 G . 29.78 1.63 -2.53
C5D F43 G . 28.37 2.87 -4.87
C6D F43 G . 29.65 2.15 -5.16
C7D F43 G . 30.13 1.33 -4.00
O8D F43 G . 30.85 0.36 -4.33
C9D F43 G . 27.15 5.84 -3.60
CAD F43 G . 26.82 6.03 -5.01
OBD F43 G . 27.17 7.09 -5.61
OCD F43 G . 26.17 5.11 -5.63
C1D F43 G . 28.70 2.77 -2.41
C2D F43 G . 28.45 3.62 -3.60
C3D F43 G . 27.22 4.44 -3.12
C4D F43 G . 27.28 4.28 -1.66
N TP7 H . -12.77 6.00 -4.36
P TP7 H . -13.36 2.10 -6.54
O1P TP7 H . -14.74 1.60 -6.45
O2P TP7 H . -12.40 1.14 -5.94
O3P TP7 H . -13.02 2.37 -7.97
O4P TP7 H . -13.30 3.53 -5.72
CB TP7 H . -13.28 3.60 -4.35
C TP7 H . -10.92 4.34 -4.47
O TP7 H . -10.55 4.92 -5.53
OXT TP7 H . -10.22 3.50 -3.85
CA TP7 H . -12.33 4.70 -3.92
CG TP7 H . -14.70 3.87 -3.88
O1 TP7 H . -13.49 6.63 -2.29
C1 TP7 H . -13.10 7.00 -3.44
C2 TP7 H . -13.00 8.32 -3.85
C3 TP7 H . -13.36 9.42 -2.86
C4 TP7 H . -13.05 10.92 -3.15
C5 TP7 H . -13.99 11.40 -4.29
C6 TP7 H . -15.47 11.46 -3.82
C7 TP7 H . -15.59 12.35 -2.63
S7 TP7 H . -17.25 12.55 -1.91
C1 COM I . -21.15 15.69 -5.77
C2 COM I . -21.26 14.43 -6.66
S1 COM I . -19.56 16.49 -6.03
S2 COM I . -22.95 13.83 -6.74
O1S COM I . -23.54 13.90 -5.37
O2S COM I . -22.94 12.40 -7.24
O3S COM I . -23.75 14.69 -7.69
C1 GOL J . -14.11 13.87 31.08
O1 GOL J . -15.02 13.88 29.98
C2 GOL J . -13.12 15.10 31.02
O2 GOL J . -12.20 15.09 32.10
C3 GOL J . -13.82 16.51 31.02
O3 GOL J . -12.92 17.54 31.43
C1 GOL K . 5.85 1.45 13.38
O1 GOL K . 7.27 1.61 13.46
C2 GOL K . 5.13 2.72 13.96
O2 GOL K . 3.72 2.59 13.90
C3 GOL K . 5.51 4.06 13.25
O3 GOL K . 4.62 5.11 13.62
NI F43 L . -20.06 18.24 -7.77
NA F43 L . -18.26 17.59 -8.78
CHA F43 L . -16.78 18.82 -7.17
C1A F43 L . -17.21 18.13 -8.43
C2A F43 L . -16.07 18.08 -9.59
C3A F43 L . -17.07 17.85 -10.80
C4A F43 L . -18.13 17.04 -10.11
C5A F43 L . -15.17 16.81 -9.41
C6A F43 L . -14.11 16.75 -10.53
O7A F43 L . -13.12 17.53 -10.49
N8A F43 L . -14.23 15.91 -11.50
C9A F43 L . -15.28 19.35 -9.63
CAA F43 L . -17.67 19.21 -11.46
CBA F43 L . -16.66 19.91 -12.34
CCA F43 L . -17.20 20.31 -13.66
ODA F43 L . -18.12 21.17 -13.71
OEA F43 L . -16.72 19.79 -14.69
NB F43 L . -21.09 16.94 -9.04
CHB F43 L . -19.47 16.97 -10.87
C1B F43 L . -20.45 16.20 -10.21
C2B F43 L . -21.71 15.68 -11.16
C3B F43 L . -22.95 16.50 -10.51
C4B F43 L . -22.26 17.01 -9.25
N5B F43 L . -20.03 14.81 -9.73
C6B F43 L . -20.73 13.77 -10.08
O7B F43 L . -20.43 12.62 -9.79
C8B F43 L . -21.92 14.21 -10.92
C9B F43 L . -21.45 15.92 -12.63
CAB F43 L . -23.34 17.69 -11.54
CBB F43 L . -24.49 18.52 -11.03
CCB F43 L . -24.84 19.53 -12.07
ODB F43 L . -25.33 19.06 -13.11
OEB F43 L . -24.64 20.76 -11.91
NC F43 L . -21.77 19.05 -7.00
CHC F43 L . -23.28 17.65 -8.28
C1C F43 L . -23.00 18.54 -7.32
C2C F43 L . -24.10 19.09 -6.46
C3C F43 L . -23.34 20.19 -5.65
C4C F43 L . -21.92 19.97 -5.99
C5C F43 L . -24.62 18.01 -5.45
C6C F43 L . -25.72 18.55 -4.59
O7C F43 L . -26.75 19.02 -5.17
O8C F43 L . -25.61 18.52 -3.34
C8C F43 L . -23.72 21.59 -6.20
C9C F43 L . -25.14 22.07 -5.86
CAC F43 L . -25.49 23.45 -6.42
OBC F43 L . -24.66 24.11 -7.10
OCC F43 L . -26.64 23.89 -6.17
ND F43 L . -19.13 19.74 -6.86
CHD F43 L . -20.96 20.68 -5.44
C5D F43 L . -18.60 21.79 -3.95
C6D F43 L . -19.93 22.34 -3.59
C7D F43 L . -21.08 21.55 -4.17
O8D F43 L . -22.13 21.63 -3.51
C9D F43 L . -16.14 21.97 -6.39
CAD F43 L . -15.47 22.67 -5.28
OBD F43 L . -14.93 23.80 -5.48
OCD F43 L . -15.44 22.12 -4.13
C1D F43 L . -19.47 20.57 -5.93
C2D F43 L . -18.48 21.55 -5.40
C3D F43 L . -17.15 20.97 -5.97
C4D F43 L . -17.63 20.12 -7.07
N TP7 M . 14.27 -2.09 2.92
P TP7 M . 12.79 -3.46 6.96
O1P TP7 M . 13.47 -4.68 7.46
O2P TP7 M . 11.35 -3.70 6.77
O3P TP7 M . 13.03 -2.32 7.90
O4P TP7 M . 13.47 -3.09 5.50
CB TP7 M . 13.21 -3.78 4.35
C TP7 M . 11.89 -1.84 3.54
O TP7 M . 12.18 -0.71 4.02
OXT TP7 M . 10.71 -2.21 3.33
CA TP7 M . 13.06 -2.80 3.20
CG TP7 M . 14.35 -4.76 4.10
O1 TP7 M . 14.80 -3.34 1.08
C1 TP7 M . 14.94 -2.24 1.69
C2 TP7 M . 15.72 -1.18 1.23
C3 TP7 M . 16.44 -1.35 -0.11
C4 TP7 M . 17.26 -0.20 -0.76
C5 TP7 M . 18.49 0.11 0.14
C6 TP7 M . 19.55 -1.04 0.05
C7 TP7 M . 19.96 -1.26 -1.37
S7 TP7 M . 21.17 -2.57 -1.69
C1 COM N . 26.80 -1.15 0.55
C2 COM N . 26.37 -1.36 2.02
S1 COM N . 26.24 0.47 -0.01
S2 COM N . 27.32 -2.69 2.78
O1S COM N . 27.46 -3.80 1.79
O2S COM N . 26.56 -3.17 4.01
O3S COM N . 28.67 -2.17 3.19
C1 GOL O . 12.34 -18.20 -29.45
O1 GOL O . 13.20 -18.05 -28.31
C2 GOL O . 12.41 -16.93 -30.39
O2 GOL O . 11.55 -17.07 -31.50
C3 GOL O . 13.84 -16.58 -30.96
O3 GOL O . 13.76 -15.69 -32.06
#